data_3HE3
#
_entry.id   3HE3
#
_cell.length_a   134.050
_cell.length_b   176.874
_cell.length_c   222.920
_cell.angle_alpha   90.00
_cell.angle_beta   90.00
_cell.angle_gamma   90.00
#
_symmetry.space_group_name_H-M   'P 21 21 21'
#
loop_
_entity.id
_entity.type
_entity.pdbx_description
1 polymer 'UDP-galactopyranose mutase'
2 non-polymer "URIDINE-5'-DIPHOSPHATE"
3 non-polymer 'FLAVIN-ADENINE DINUCLEOTIDE'
4 water water
#
_entity_poly.entity_id   1
_entity_poly.type   'polypeptide(L)'
_entity_poly.pdbx_seq_one_letter_code
;MPMTDLPSAVTNERTEQTNTTNEQQESKGFDYLIVGAGFAGSVLAERLASSGQRVLIVDRRPHIGGNAYDCYDDAGVLIH
PYGPHIFHTNSKDVFEYLSRFTEWRPYQHRVLASVDGQLLPIPINLDTVNRLYGLNLTSFQVEEFFASVAEKVEQVRTSE
DVVVSKVGRDLYNKFFRGYTRKQWGLDPSELDASVTARVPTRTNRDNRYFADTYQAMPLHGYTRMFQNMLSSPNIKVMLN
TDYREIADFIPFQHMIYTGPVDAFFDFCYGKLPYRSLEFRHETHDTEQLLPTGTVNYPNDYAYTRVSEFKHITGQRHHQT
SVVYEYPRAEGDPYYPVPRPENAELYKKYEALADAAQDVTFVGRLATYRYYNMDQVVAQALATFRRLQGQPEQGNAE
;
_entity_poly.pdbx_strand_id   A,B,C,D,E,F,G,H,I,J
#
loop_
_chem_comp.id
_chem_comp.type
_chem_comp.name
_chem_comp.formula
FAD non-polymer 'FLAVIN-ADENINE DINUCLEOTIDE' 'C27 H33 N9 O15 P2'
UDP RNA linking URIDINE-5'-DIPHOSPHATE 'C9 H14 N2 O12 P2'
#
# COMPACT_ATOMS: atom_id res chain seq x y z
N GLN A 25 -51.73 16.68 53.70
CA GLN A 25 -53.02 16.88 53.02
C GLN A 25 -52.98 16.41 51.57
N GLU A 26 -51.95 16.85 50.85
CA GLU A 26 -51.82 16.58 49.42
C GLU A 26 -50.56 15.75 49.10
N SER A 27 -50.49 15.23 47.88
CA SER A 27 -49.42 14.33 47.46
C SER A 27 -48.00 14.85 47.69
N LYS A 28 -47.15 14.00 48.25
CA LYS A 28 -45.74 14.34 48.48
C LYS A 28 -44.93 14.40 47.19
N GLY A 29 -45.20 13.46 46.28
CA GLY A 29 -44.48 13.38 45.02
C GLY A 29 -43.03 12.95 45.20
N PHE A 30 -42.14 13.54 44.39
CA PHE A 30 -40.72 13.23 44.46
C PHE A 30 -40.04 13.87 45.66
N ASP A 31 -39.14 13.13 46.31
CA ASP A 31 -38.39 13.68 47.43
C ASP A 31 -37.53 14.84 46.95
N TYR A 32 -37.05 14.74 45.71
CA TYR A 32 -36.21 15.79 45.12
C TYR A 32 -36.55 16.04 43.66
N LEU A 33 -36.64 17.31 43.28
CA LEU A 33 -36.65 17.69 41.87
C LEU A 33 -35.32 18.36 41.57
N ILE A 34 -34.61 17.83 40.58
CA ILE A 34 -33.33 18.39 40.21
C ILE A 34 -33.37 19.06 38.84
N VAL A 35 -33.11 20.36 38.83
CA VAL A 35 -33.08 21.15 37.60
C VAL A 35 -31.67 21.17 37.04
N GLY A 36 -31.49 20.57 35.87
CA GLY A 36 -30.19 20.45 35.25
C GLY A 36 -29.67 19.03 35.34
N ALA A 37 -29.27 18.45 34.22
CA ALA A 37 -28.72 17.09 34.21
C ALA A 37 -27.22 17.05 33.93
N GLY A 38 -26.53 18.16 34.21
CA GLY A 38 -25.09 18.18 34.09
C GLY A 38 -24.44 17.49 35.29
N PHE A 39 -23.15 17.71 35.48
CA PHE A 39 -22.43 17.13 36.60
C PHE A 39 -23.11 17.43 37.93
N ALA A 40 -23.53 18.69 38.13
CA ALA A 40 -24.13 19.10 39.39
C ALA A 40 -25.38 18.30 39.74
N GLY A 41 -26.34 18.27 38.82
CA GLY A 41 -27.58 17.57 39.05
C GLY A 41 -27.42 16.05 39.09
N SER A 42 -26.61 15.53 38.19
CA SER A 42 -26.46 14.09 38.04
C SER A 42 -25.72 13.43 39.21
N VAL A 43 -24.67 14.09 39.71
CA VAL A 43 -23.96 13.58 40.87
C VAL A 43 -24.89 13.52 42.08
N LEU A 44 -25.62 14.62 42.32
CA LEU A 44 -26.58 14.67 43.40
C LEU A 44 -27.71 13.67 43.21
N ALA A 45 -28.18 13.51 41.97
CA ALA A 45 -29.23 12.54 41.69
C ALA A 45 -28.75 11.13 42.01
N GLU A 46 -27.52 10.82 41.62
CA GLU A 46 -26.95 9.50 41.85
C GLU A 46 -26.83 9.21 43.35
N ARG A 47 -26.26 10.15 44.08
CA ARG A 47 -26.11 10.02 45.52
C ARG A 47 -27.46 9.92 46.21
N LEU A 48 -28.31 10.92 45.97
CA LEU A 48 -29.64 10.96 46.56
C LEU A 48 -30.40 9.66 46.33
N ALA A 49 -30.31 9.14 45.12
CA ALA A 49 -31.03 7.92 44.74
C ALA A 49 -30.47 6.70 45.48
N SER A 50 -29.16 6.61 45.55
CA SER A 50 -28.52 5.48 46.21
C SER A 50 -28.89 5.44 47.69
N SER A 51 -29.31 6.58 48.24
CA SER A 51 -29.74 6.61 49.63
C SER A 51 -31.26 6.47 49.78
N GLY A 52 -31.94 6.14 48.69
CA GLY A 52 -33.35 5.77 48.76
C GLY A 52 -34.35 6.87 48.49
N GLN A 53 -33.89 8.02 48.02
CA GLN A 53 -34.77 9.13 47.68
C GLN A 53 -35.30 8.98 46.26
N ARG A 54 -36.55 9.37 46.04
CA ARG A 54 -37.11 9.41 44.70
C ARG A 54 -36.73 10.71 44.01
N VAL A 55 -36.03 10.60 42.90
CA VAL A 55 -35.51 11.77 42.22
C VAL A 55 -36.09 11.94 40.84
N LEU A 56 -36.60 13.14 40.56
CA LEU A 56 -36.97 13.53 39.22
C LEU A 56 -35.94 14.53 38.71
N ILE A 57 -35.14 14.12 37.73
CA ILE A 57 -34.15 15.03 37.16
C ILE A 57 -34.67 15.62 35.85
N VAL A 58 -34.59 16.94 35.75
CA VAL A 58 -35.19 17.68 34.65
C VAL A 58 -34.18 18.57 33.95
N ASP A 59 -34.21 18.57 32.61
CA ASP A 59 -33.35 19.45 31.82
C ASP A 59 -34.10 19.93 30.58
N ARG A 60 -33.95 21.21 30.25
CA ARG A 60 -34.67 21.79 29.13
C ARG A 60 -34.06 21.35 27.79
N ARG A 61 -32.91 20.69 27.88
CA ARG A 61 -32.24 20.14 26.70
C ARG A 61 -32.74 18.73 26.39
N PRO A 62 -32.56 18.29 25.14
CA PRO A 62 -33.04 16.97 24.71
C PRO A 62 -32.15 15.84 25.21
N HIS A 63 -31.11 16.15 25.96
CA HIS A 63 -30.14 15.14 26.42
C HIS A 63 -29.65 15.41 27.84
N ILE A 64 -28.96 14.42 28.40
CA ILE A 64 -28.33 14.56 29.71
C ILE A 64 -26.90 15.06 29.55
N GLY A 65 -26.25 15.41 30.67
CA GLY A 65 -24.83 15.73 30.63
C GLY A 65 -24.43 17.20 30.61
N GLY A 66 -25.39 18.09 30.39
CA GLY A 66 -25.08 19.51 30.32
C GLY A 66 -24.04 19.81 29.27
N ASN A 67 -23.09 20.67 29.58
CA ASN A 67 -22.01 21.03 28.65
C ASN A 67 -21.11 19.86 28.29
N ALA A 68 -21.06 18.85 29.14
CA ALA A 68 -20.08 17.77 28.98
C ALA A 68 -20.59 16.68 28.07
N TYR A 69 -21.81 16.86 27.59
CA TYR A 69 -22.44 15.91 26.69
C TYR A 69 -21.58 15.64 25.46
N ASP A 70 -21.55 14.40 25.01
CA ASP A 70 -20.91 14.08 23.74
C ASP A 70 -21.72 13.08 22.93
N CYS A 71 -21.44 13.02 21.63
CA CYS A 71 -22.21 12.17 20.74
C CYS A 71 -21.46 12.02 19.42
N TYR A 72 -21.83 10.99 18.67
CA TYR A 72 -21.23 10.74 17.37
C TYR A 72 -21.91 11.61 16.33
N ASP A 73 -21.12 12.30 15.51
CA ASP A 73 -21.68 13.18 14.49
C ASP A 73 -22.05 12.42 13.21
N ASP A 74 -22.47 13.15 12.19
CA ASP A 74 -22.92 12.52 10.95
C ASP A 74 -21.85 11.62 10.36
N ALA A 75 -20.58 12.00 10.52
CA ALA A 75 -19.47 11.26 9.95
C ALA A 75 -19.08 10.02 10.77
N GLY A 76 -19.55 9.95 12.01
CA GLY A 76 -19.23 8.81 12.87
C GLY A 76 -18.09 9.11 13.82
N VAL A 77 -17.81 10.40 13.98
CA VAL A 77 -16.75 10.87 14.88
C VAL A 77 -17.34 11.26 16.23
N LEU A 78 -16.71 10.82 17.31
CA LEU A 78 -17.14 11.19 18.65
C LEU A 78 -16.74 12.63 18.93
N ILE A 79 -17.73 13.49 19.19
CA ILE A 79 -17.45 14.92 19.38
C ILE A 79 -18.11 15.50 20.63
N HIS A 80 -17.63 16.65 21.08
CA HIS A 80 -18.32 17.41 22.12
C HIS A 80 -19.05 18.59 21.47
N PRO A 81 -20.39 18.53 21.43
CA PRO A 81 -21.20 19.61 20.86
C PRO A 81 -20.93 20.98 21.47
N TYR A 82 -20.47 21.01 22.72
CA TYR A 82 -20.32 22.28 23.43
C TYR A 82 -18.86 22.63 23.73
N GLY A 83 -17.96 22.29 22.81
CA GLY A 83 -16.56 22.60 22.97
C GLY A 83 -15.80 21.49 23.66
N PRO A 84 -14.47 21.49 23.55
CA PRO A 84 -13.64 20.39 24.05
C PRO A 84 -13.69 20.30 25.56
N HIS A 85 -13.96 19.11 26.09
CA HIS A 85 -14.05 18.92 27.53
C HIS A 85 -13.02 17.88 28.03
N ILE A 86 -11.89 18.38 28.52
CA ILE A 86 -10.83 17.50 29.03
C ILE A 86 -10.94 17.36 30.53
N PHE A 87 -11.05 16.13 31.01
CA PHE A 87 -11.18 15.90 32.43
C PHE A 87 -9.84 15.84 33.14
N HIS A 88 -9.76 16.46 34.31
CA HIS A 88 -8.53 16.53 35.09
C HIS A 88 -8.84 16.92 36.52
N THR A 89 -8.10 16.35 37.47
CA THR A 89 -8.31 16.66 38.87
C THR A 89 -7.08 16.30 39.67
N ASN A 90 -6.86 17.01 40.78
CA ASN A 90 -5.86 16.61 41.75
C ASN A 90 -6.52 15.81 42.86
N SER A 91 -7.84 15.73 42.81
CA SER A 91 -8.62 15.07 43.86
C SER A 91 -8.81 13.57 43.63
N LYS A 92 -8.20 12.78 44.49
CA LYS A 92 -8.35 11.33 44.45
C LYS A 92 -9.81 10.92 44.65
N ASP A 93 -10.53 11.66 45.50
CA ASP A 93 -11.92 11.32 45.79
C ASP A 93 -12.85 11.52 44.60
N VAL A 94 -12.71 12.64 43.92
CA VAL A 94 -13.47 12.90 42.70
C VAL A 94 -13.17 11.82 41.66
N PHE A 95 -11.89 11.57 41.43
CA PHE A 95 -11.49 10.61 40.42
C PHE A 95 -12.02 9.20 40.70
N GLU A 96 -11.87 8.72 41.92
CA GLU A 96 -12.35 7.39 42.26
C GLU A 96 -13.87 7.28 42.19
N TYR A 97 -14.55 8.38 42.54
CA TYR A 97 -16.01 8.41 42.46
C TYR A 97 -16.47 8.23 41.01
N LEU A 98 -15.94 9.05 40.12
CA LEU A 98 -16.26 8.95 38.70
C LEU A 98 -15.89 7.59 38.13
N SER A 99 -14.84 6.99 38.69
CA SER A 99 -14.38 5.67 38.26
C SER A 99 -15.44 4.58 38.48
N ARG A 100 -16.51 4.93 39.21
CA ARG A 100 -17.59 3.99 39.44
C ARG A 100 -18.52 3.90 38.23
N PHE A 101 -18.36 4.83 37.29
CA PHE A 101 -19.30 4.95 36.18
C PHE A 101 -18.65 4.92 34.80
N THR A 102 -17.32 4.87 34.77
CA THR A 102 -16.60 4.87 33.51
C THR A 102 -15.19 4.34 33.69
N GLU A 103 -14.63 3.80 32.62
CA GLU A 103 -13.21 3.48 32.59
C GLU A 103 -12.47 4.62 31.92
N TRP A 104 -11.15 4.57 31.93
CA TRP A 104 -10.38 5.74 31.55
C TRP A 104 -9.39 5.51 30.42
N ARG A 105 -9.22 6.54 29.61
CA ARG A 105 -8.12 6.60 28.65
C ARG A 105 -7.19 7.72 29.09
N PRO A 106 -5.98 7.36 29.54
CA PRO A 106 -4.99 8.36 29.95
C PRO A 106 -4.72 9.36 28.84
N TYR A 107 -4.77 10.65 29.17
CA TYR A 107 -4.57 11.70 28.19
C TYR A 107 -4.14 12.97 28.89
N GLN A 108 -3.08 13.57 28.36
CA GLN A 108 -2.58 14.82 28.92
C GLN A 108 -2.63 15.91 27.86
N HIS A 109 -3.69 16.71 27.93
CA HIS A 109 -3.98 17.76 26.98
C HIS A 109 -2.78 18.69 26.80
N ARG A 110 -2.52 19.08 25.56
CA ARG A 110 -1.48 20.06 25.26
C ARG A 110 -2.03 21.08 24.27
N VAL A 111 -1.78 22.35 24.53
CA VAL A 111 -2.31 23.42 23.71
C VAL A 111 -1.20 24.27 23.10
N LEU A 112 -1.38 24.68 21.86
CA LEU A 112 -0.45 25.58 21.18
C LEU A 112 -1.12 26.91 20.87
N ALA A 113 -0.37 28.00 21.01
CA ALA A 113 -0.89 29.32 20.70
C ALA A 113 -0.27 29.89 19.42
N SER A 114 -1.12 30.33 18.50
CA SER A 114 -0.67 30.92 17.25
C SER A 114 -0.22 32.36 17.46
N VAL A 115 1.09 32.55 17.57
CA VAL A 115 1.67 33.85 17.83
C VAL A 115 2.81 34.10 16.84
N ASP A 116 2.85 35.30 16.27
CA ASP A 116 3.88 35.63 15.29
C ASP A 116 4.12 34.48 14.32
N GLY A 117 3.04 33.94 13.76
CA GLY A 117 3.13 32.89 12.76
C GLY A 117 3.64 31.55 13.27
N GLN A 118 3.87 31.46 14.57
CA GLN A 118 4.38 30.23 15.16
C GLN A 118 3.35 29.58 16.08
N LEU A 119 3.47 28.28 16.27
CA LEU A 119 2.67 27.59 17.28
C LEU A 119 3.53 27.32 18.51
N LEU A 120 3.40 28.18 19.51
CA LEU A 120 4.18 28.07 20.73
C LEU A 120 3.37 27.44 21.87
N PRO A 121 4.06 26.79 22.82
CA PRO A 121 3.37 26.21 23.98
C PRO A 121 2.71 27.27 24.86
N ILE A 122 1.51 26.97 25.35
CA ILE A 122 0.82 27.78 26.34
C ILE A 122 0.21 26.80 27.35
N PRO A 123 0.43 27.01 28.65
CA PRO A 123 1.08 28.13 29.35
C PRO A 123 2.48 28.44 28.84
N ILE A 124 2.84 29.72 28.88
CA ILE A 124 4.18 30.16 28.53
C ILE A 124 5.22 29.44 29.39
N ASN A 125 6.15 28.73 28.75
CA ASN A 125 7.26 28.09 29.46
C ASN A 125 8.61 28.44 28.84
N LEU A 126 9.66 27.72 29.25
CA LEU A 126 11.02 27.98 28.78
C LEU A 126 11.07 28.01 27.27
N ASP A 127 10.50 26.99 26.64
CA ASP A 127 10.54 26.87 25.19
C ASP A 127 9.79 28.01 24.49
N THR A 128 8.71 28.48 25.11
CA THR A 128 7.91 29.54 24.51
C THR A 128 8.74 30.80 24.29
N VAL A 129 9.42 31.23 25.35
CA VAL A 129 10.26 32.42 25.31
C VAL A 129 11.45 32.23 24.37
N ASN A 130 12.10 31.06 24.48
CA ASN A 130 13.23 30.75 23.62
C ASN A 130 12.87 30.77 22.14
N ARG A 131 11.78 30.12 21.77
CA ARG A 131 11.39 30.02 20.36
C ARG A 131 10.84 31.33 19.80
N LEU A 132 10.18 32.11 20.66
CA LEU A 132 9.58 33.37 20.25
C LEU A 132 10.65 34.43 19.95
N TYR A 133 11.66 34.50 20.80
CA TYR A 133 12.68 35.54 20.72
C TYR A 133 14.01 35.04 20.11
N GLY A 134 14.11 33.74 19.90
CA GLY A 134 15.34 33.17 19.37
C GLY A 134 16.43 33.12 20.42
N LEU A 135 16.03 33.00 21.68
CA LEU A 135 16.99 32.94 22.78
C LEU A 135 17.45 31.51 23.04
N ASN A 136 18.38 31.37 23.98
CA ASN A 136 18.90 30.06 24.37
C ASN A 136 19.01 29.95 25.88
N LEU A 137 18.08 30.57 26.59
CA LEU A 137 18.11 30.58 28.05
C LEU A 137 17.92 29.18 28.64
N THR A 138 18.50 28.97 29.82
CA THR A 138 18.23 27.79 30.61
C THR A 138 17.13 28.15 31.59
N SER A 139 16.59 27.16 32.28
CA SER A 139 15.52 27.42 33.25
C SER A 139 15.89 28.48 34.27
N PHE A 140 17.12 28.44 34.77
CA PHE A 140 17.55 29.37 35.81
C PHE A 140 17.59 30.80 35.30
N GLN A 141 18.04 30.97 34.06
CA GLN A 141 18.14 32.29 33.46
C GLN A 141 16.79 32.89 33.11
N VAL A 142 15.81 32.02 32.83
CA VAL A 142 14.52 32.50 32.37
C VAL A 142 13.77 33.14 33.52
N GLU A 143 14.00 32.64 34.72
CA GLU A 143 13.42 33.20 35.91
C GLU A 143 13.88 34.65 36.08
N GLU A 144 15.16 34.88 35.76
CA GLU A 144 15.74 36.21 35.85
C GLU A 144 15.26 37.09 34.72
N PHE A 145 15.01 36.48 33.57
CA PHE A 145 14.52 37.21 32.40
C PHE A 145 13.16 37.81 32.70
N PHE A 146 12.30 37.01 33.34
CA PHE A 146 10.96 37.48 33.71
C PHE A 146 11.06 38.60 34.75
N ALA A 147 11.90 38.40 35.74
CA ALA A 147 12.15 39.41 36.76
C ALA A 147 12.68 40.68 36.10
N SER A 148 13.37 40.50 34.98
CA SER A 148 13.94 41.61 34.22
C SER A 148 12.88 42.47 33.55
N VAL A 149 11.75 41.88 33.23
CA VAL A 149 10.73 42.60 32.50
C VAL A 149 9.45 42.76 33.27
N ALA A 150 9.34 42.10 34.40
CA ALA A 150 8.14 42.14 35.18
C ALA A 150 7.81 43.55 35.61
N GLU A 151 6.53 43.87 35.66
CA GLU A 151 6.08 45.19 36.04
C GLU A 151 5.61 45.18 37.46
N LYS A 152 6.16 46.03 38.32
CA LYS A 152 5.86 46.01 39.74
C LYS A 152 4.44 46.40 40.03
N VAL A 153 3.74 45.60 40.81
CA VAL A 153 2.39 45.93 41.13
C VAL A 153 2.14 45.98 42.61
N GLU A 154 1.80 47.16 43.09
CA GLU A 154 1.50 47.36 44.46
C GLU A 154 0.64 46.22 44.99
N GLN A 155 -0.60 46.13 44.54
CA GLN A 155 -1.45 45.00 44.91
C GLN A 155 -2.15 44.42 43.71
N VAL A 156 -2.09 43.11 43.55
CA VAL A 156 -2.63 42.44 42.37
C VAL A 156 -4.14 42.22 42.46
N ARG A 157 -4.87 42.81 41.51
CA ARG A 157 -6.34 42.81 41.56
C ARG A 157 -6.94 42.23 40.29
N THR A 158 -6.39 42.62 39.14
CA THR A 158 -6.98 42.31 37.85
C THR A 158 -6.21 41.25 37.07
N SER A 159 -6.81 40.79 35.97
CA SER A 159 -6.19 39.81 35.11
C SER A 159 -4.94 40.35 34.42
N GLU A 160 -4.94 41.64 34.12
CA GLU A 160 -3.74 42.31 33.64
C GLU A 160 -2.61 42.18 34.68
N ASP A 161 -2.96 42.39 35.95
CA ASP A 161 -1.95 42.43 37.00
C ASP A 161 -1.27 41.09 37.26
N VAL A 162 -2.02 40.00 37.11
CA VAL A 162 -1.48 38.68 37.42
C VAL A 162 -0.46 38.25 36.37
N VAL A 163 -0.62 38.77 35.17
CA VAL A 163 0.24 38.41 34.05
C VAL A 163 1.41 39.38 33.95
N VAL A 164 1.09 40.66 33.89
CA VAL A 164 2.07 41.72 33.72
C VAL A 164 3.13 41.74 34.83
N SER A 165 2.71 41.36 36.04
CA SER A 165 3.62 41.34 37.18
C SER A 165 4.52 40.11 37.20
N LYS A 166 4.19 39.12 36.37
CA LYS A 166 4.99 37.89 36.30
C LYS A 166 5.90 37.82 35.08
N VAL A 167 5.38 38.22 33.92
CA VAL A 167 6.11 38.01 32.66
C VAL A 167 6.29 39.27 31.81
N GLY A 168 5.82 40.41 32.30
CA GLY A 168 6.02 41.66 31.60
C GLY A 168 4.91 42.01 30.62
N ARG A 169 5.01 43.22 30.07
CA ARG A 169 3.99 43.80 29.21
C ARG A 169 3.97 43.16 27.82
N ASP A 170 5.14 42.79 27.33
CA ASP A 170 5.26 42.28 25.96
C ASP A 170 4.63 40.90 25.78
N LEU A 171 5.01 39.96 26.64
CA LEU A 171 4.41 38.63 26.61
C LEU A 171 2.93 38.67 26.96
N TYR A 172 2.52 39.68 27.71
CA TYR A 172 1.12 39.87 28.06
C TYR A 172 0.32 40.24 26.81
N ASN A 173 0.83 41.22 26.06
CA ASN A 173 0.21 41.66 24.82
C ASN A 173 0.08 40.55 23.78
N LYS A 174 1.10 39.69 23.69
CA LYS A 174 1.14 38.66 22.68
C LYS A 174 0.24 37.46 22.99
N PHE A 175 0.14 37.11 24.26
CA PHE A 175 -0.54 35.88 24.65
C PHE A 175 -1.89 36.06 25.36
N PHE A 176 -2.06 37.19 26.05
CA PHE A 176 -3.23 37.35 26.91
C PHE A 176 -4.20 38.47 26.52
N ARG A 177 -3.70 39.69 26.35
CA ARG A 177 -4.58 40.82 26.07
C ARG A 177 -5.55 40.53 24.94
N GLY A 178 -5.02 40.09 23.81
CA GLY A 178 -5.82 39.84 22.63
C GLY A 178 -6.90 38.79 22.86
N TYR A 179 -6.51 37.67 23.46
CA TYR A 179 -7.41 36.55 23.69
C TYR A 179 -8.54 36.95 24.63
N THR A 180 -8.14 37.54 25.76
CA THR A 180 -9.08 37.98 26.79
C THR A 180 -10.13 38.95 26.25
N ARG A 181 -9.69 40.02 25.59
CA ARG A 181 -10.64 40.95 24.99
C ARG A 181 -11.63 40.21 24.09
N LYS A 182 -11.12 39.23 23.35
CA LYS A 182 -11.94 38.50 22.39
C LYS A 182 -12.90 37.52 23.09
N GLN A 183 -12.42 36.86 24.14
CA GLN A 183 -13.21 35.86 24.83
C GLN A 183 -14.26 36.47 25.75
N TRP A 184 -13.92 37.60 26.37
CA TRP A 184 -14.79 38.20 27.38
C TRP A 184 -15.50 39.47 26.91
N GLY A 185 -14.98 40.07 25.85
CA GLY A 185 -15.49 41.37 25.43
C GLY A 185 -15.11 42.41 26.45
N LEU A 186 -14.05 42.13 27.20
CA LEU A 186 -13.57 42.97 28.30
C LEU A 186 -12.05 42.94 28.38
N ASP A 187 -11.42 44.07 28.66
CA ASP A 187 -9.98 44.11 28.86
C ASP A 187 -9.60 43.43 30.17
N PRO A 188 -8.45 42.75 30.21
CA PRO A 188 -7.98 42.06 31.42
C PRO A 188 -8.00 42.94 32.67
N SER A 189 -7.85 44.25 32.50
CA SER A 189 -7.90 45.17 33.63
C SER A 189 -9.33 45.29 34.17
N GLU A 190 -10.30 44.85 33.37
CA GLU A 190 -11.71 44.86 33.77
C GLU A 190 -12.17 43.51 34.32
N LEU A 191 -11.23 42.59 34.55
CA LEU A 191 -11.57 41.27 35.08
C LEU A 191 -10.81 40.95 36.36
N ASP A 192 -11.42 40.14 37.21
CA ASP A 192 -10.76 39.70 38.42
C ASP A 192 -9.49 38.92 38.06
N ALA A 193 -8.50 38.97 38.94
CA ALA A 193 -7.21 38.34 38.66
C ALA A 193 -7.34 36.83 38.48
N SER A 194 -8.37 36.25 39.07
CA SER A 194 -8.56 34.80 39.05
C SER A 194 -8.78 34.24 37.64
N VAL A 195 -9.16 35.09 36.71
CA VAL A 195 -9.41 34.62 35.36
C VAL A 195 -8.11 34.17 34.68
N THR A 196 -7.20 35.11 34.42
CA THR A 196 -5.94 34.79 33.76
C THR A 196 -5.00 33.97 34.63
N ALA A 197 -5.19 34.02 35.94
CA ALA A 197 -4.36 33.23 36.84
C ALA A 197 -4.63 31.74 36.65
N ARG A 198 -5.60 31.40 35.81
CA ARG A 198 -5.87 30.00 35.47
C ARG A 198 -4.76 29.40 34.60
N VAL A 199 -4.11 30.25 33.82
CA VAL A 199 -3.01 29.82 32.96
C VAL A 199 -1.68 30.41 33.45
N PRO A 200 -1.12 29.84 34.52
CA PRO A 200 0.09 30.39 35.15
C PRO A 200 1.32 30.19 34.28
N THR A 201 2.35 30.99 34.53
CA THR A 201 3.58 30.90 33.77
C THR A 201 4.58 29.96 34.44
N ARG A 202 5.27 29.17 33.62
CA ARG A 202 6.26 28.23 34.10
C ARG A 202 7.65 28.67 33.67
N THR A 203 8.66 28.27 34.44
CA THR A 203 10.04 28.50 34.07
C THR A 203 10.69 27.20 33.59
N ASN A 204 9.94 26.10 33.69
CA ASN A 204 10.43 24.81 33.22
C ASN A 204 9.98 24.53 31.80
N ARG A 205 10.07 23.27 31.36
CA ARG A 205 9.78 22.94 29.96
C ARG A 205 8.57 22.03 29.83
N ASP A 206 7.68 22.12 30.80
CA ASP A 206 6.43 21.38 30.81
C ASP A 206 5.46 22.04 29.83
N ASN A 207 4.98 21.28 28.85
CA ASN A 207 4.07 21.83 27.84
C ASN A 207 2.63 21.35 27.97
N ARG A 208 2.31 20.69 29.09
CA ARG A 208 0.94 20.25 29.36
C ARG A 208 0.07 21.43 29.79
N TYR A 209 -1.20 21.40 29.42
CA TYR A 209 -2.08 22.46 29.85
C TYR A 209 -2.39 22.33 31.35
N PHE A 210 -2.45 21.08 31.84
CA PHE A 210 -2.71 20.84 33.25
C PHE A 210 -1.57 20.05 33.89
N ALA A 211 -1.31 20.33 35.16
CA ALA A 211 -0.27 19.61 35.89
C ALA A 211 -0.90 18.61 36.86
N ASP A 212 -2.23 18.57 36.87
CA ASP A 212 -2.99 17.72 37.78
C ASP A 212 -2.50 16.27 37.83
N THR A 213 -2.76 15.63 38.96
CA THR A 213 -2.34 14.26 39.22
C THR A 213 -3.10 13.25 38.34
N TYR A 214 -4.41 13.45 38.21
CA TYR A 214 -5.24 12.54 37.43
C TYR A 214 -5.75 13.20 36.16
N GLN A 215 -5.20 12.78 35.03
CA GLN A 215 -5.61 13.32 33.74
C GLN A 215 -6.02 12.17 32.83
N ALA A 216 -7.32 12.02 32.61
CA ALA A 216 -7.84 10.93 31.79
C ALA A 216 -9.19 11.29 31.18
N MET A 217 -9.49 10.67 30.05
CA MET A 217 -10.80 10.82 29.43
C MET A 217 -11.64 9.58 29.68
N PRO A 218 -12.96 9.77 29.85
CA PRO A 218 -13.91 8.66 29.96
C PRO A 218 -13.82 7.82 28.71
N LEU A 219 -13.40 6.57 28.86
CA LEU A 219 -13.06 5.70 27.73
C LEU A 219 -14.10 5.70 26.60
N HIS A 220 -15.37 5.78 26.95
CA HIS A 220 -16.43 5.70 25.96
C HIS A 220 -17.23 6.99 25.88
N GLY A 221 -16.63 8.07 26.38
CA GLY A 221 -17.26 9.38 26.33
C GLY A 221 -18.03 9.70 27.60
N TYR A 222 -18.41 10.97 27.73
CA TYR A 222 -19.13 11.43 28.90
C TYR A 222 -20.54 10.87 28.99
N THR A 223 -21.26 10.90 27.88
CA THR A 223 -22.66 10.49 27.86
C THR A 223 -22.84 9.09 28.41
N ARG A 224 -21.98 8.17 27.98
CA ARG A 224 -22.01 6.81 28.50
C ARG A 224 -21.81 6.82 30.02
N MET A 225 -20.90 7.66 30.50
CA MET A 225 -20.66 7.81 31.93
C MET A 225 -21.91 8.32 32.65
N PHE A 226 -22.54 9.35 32.09
CA PHE A 226 -23.75 9.92 32.68
C PHE A 226 -24.89 8.92 32.72
N GLN A 227 -25.04 8.15 31.66
CA GLN A 227 -26.11 7.16 31.64
C GLN A 227 -25.99 6.18 32.80
N ASN A 228 -24.77 5.74 33.12
CA ASN A 228 -24.58 4.90 34.29
C ASN A 228 -24.94 5.64 35.58
N MET A 229 -24.63 6.93 35.64
CA MET A 229 -24.91 7.73 36.83
C MET A 229 -26.39 7.87 37.13
N LEU A 230 -27.20 7.96 36.07
CA LEU A 230 -28.63 8.17 36.23
C LEU A 230 -29.42 6.86 36.07
N SER A 231 -28.71 5.74 36.16
CA SER A 231 -29.28 4.43 35.84
C SER A 231 -30.23 3.90 36.91
N SER A 232 -30.05 4.36 38.14
CA SER A 232 -30.86 3.89 39.27
C SER A 232 -32.37 3.90 39.00
N PRO A 233 -33.08 2.86 39.47
CA PRO A 233 -34.54 2.83 39.38
C PRO A 233 -35.18 4.04 40.07
N ASN A 234 -34.49 4.62 41.04
CA ASN A 234 -35.02 5.74 41.80
C ASN A 234 -35.00 7.08 41.04
N ILE A 235 -34.33 7.11 39.89
CA ILE A 235 -34.19 8.35 39.13
C ILE A 235 -35.07 8.40 37.88
N LYS A 236 -35.99 9.36 37.85
CA LYS A 236 -36.75 9.65 36.62
C LYS A 236 -36.05 10.78 35.86
N VAL A 237 -35.88 10.58 34.56
CA VAL A 237 -35.18 11.54 33.71
C VAL A 237 -36.16 12.21 32.76
N MET A 238 -36.24 13.54 32.82
CA MET A 238 -37.18 14.28 31.99
C MET A 238 -36.46 15.31 31.13
N LEU A 239 -36.53 15.13 29.82
CA LEU A 239 -35.81 15.98 28.88
C LEU A 239 -36.74 16.90 28.12
N ASN A 240 -36.20 18.00 27.62
CA ASN A 240 -36.97 18.95 26.81
C ASN A 240 -38.01 19.66 27.68
N THR A 241 -37.67 19.84 28.94
CA THR A 241 -38.62 20.39 29.90
C THR A 241 -37.97 21.44 30.79
N ASP A 242 -38.45 22.68 30.68
CA ASP A 242 -38.04 23.72 31.62
C ASP A 242 -38.75 23.42 32.93
N TYR A 243 -38.03 23.53 34.04
CA TYR A 243 -38.60 23.16 35.33
C TYR A 243 -39.89 23.92 35.61
N ARG A 244 -40.00 25.11 35.03
CA ARG A 244 -41.18 25.94 35.22
C ARG A 244 -42.41 25.40 34.49
N GLU A 245 -42.19 24.53 33.52
CA GLU A 245 -43.31 23.96 32.75
C GLU A 245 -44.04 22.88 33.54
N ILE A 246 -43.43 22.39 34.62
CA ILE A 246 -43.99 21.27 35.38
C ILE A 246 -44.07 21.55 36.87
N ALA A 247 -43.51 22.67 37.31
CA ALA A 247 -43.40 22.97 38.74
C ALA A 247 -44.76 23.18 39.39
N ASP A 248 -45.74 23.64 38.61
CA ASP A 248 -47.06 23.94 39.16
C ASP A 248 -47.90 22.70 39.48
N PHE A 249 -47.65 21.59 38.81
CA PHE A 249 -48.49 20.40 39.02
C PHE A 249 -47.76 19.13 39.46
N ILE A 250 -46.45 19.09 39.31
CA ILE A 250 -45.70 17.92 39.79
C ILE A 250 -45.26 18.13 41.23
N PRO A 251 -45.70 17.24 42.13
CA PRO A 251 -45.41 17.31 43.57
C PRO A 251 -43.95 16.94 43.89
N PHE A 252 -43.22 17.83 44.56
CA PHE A 252 -41.89 17.52 45.07
C PHE A 252 -41.64 18.20 46.41
N GLN A 253 -40.74 17.63 47.20
CA GLN A 253 -40.47 18.08 48.57
C GLN A 253 -39.30 19.04 48.67
N HIS A 254 -38.32 18.88 47.79
CA HIS A 254 -37.15 19.74 47.81
C HIS A 254 -36.64 19.92 46.40
N MET A 255 -35.97 21.03 46.13
CA MET A 255 -35.46 21.30 44.80
C MET A 255 -33.96 21.57 44.81
N ILE A 256 -33.27 20.95 43.88
CA ILE A 256 -31.87 21.22 43.63
C ILE A 256 -31.80 21.94 42.29
N TYR A 257 -31.35 23.18 42.31
CA TYR A 257 -31.33 24.01 41.11
C TYR A 257 -29.88 24.23 40.65
N THR A 258 -29.63 24.01 39.37
CA THR A 258 -28.27 24.17 38.85
C THR A 258 -28.21 25.07 37.61
N GLY A 259 -29.25 25.87 37.39
CA GLY A 259 -29.25 26.85 36.32
C GLY A 259 -28.70 28.19 36.81
N PRO A 260 -28.88 29.25 36.00
CA PRO A 260 -28.44 30.60 36.37
C PRO A 260 -29.22 31.13 37.57
N VAL A 261 -28.54 31.75 38.53
CA VAL A 261 -29.21 32.26 39.72
C VAL A 261 -30.25 33.32 39.38
N ASP A 262 -29.84 34.30 38.59
CA ASP A 262 -30.70 35.44 38.28
C ASP A 262 -32.06 35.03 37.77
N ALA A 263 -32.09 34.11 36.81
CA ALA A 263 -33.35 33.69 36.21
C ALA A 263 -34.29 33.03 37.20
N PHE A 264 -33.74 32.27 38.14
CA PHE A 264 -34.54 31.62 39.18
C PHE A 264 -35.29 32.63 40.03
N PHE A 265 -34.70 33.81 40.21
CA PHE A 265 -35.33 34.85 41.01
C PHE A 265 -35.93 35.95 40.12
N ASP A 266 -36.24 35.57 38.90
CA ASP A 266 -36.89 36.47 37.93
C ASP A 266 -36.14 37.79 37.75
N PHE A 267 -34.82 37.71 37.70
CA PHE A 267 -33.97 38.87 37.47
C PHE A 267 -34.37 40.06 38.34
N CYS A 268 -34.77 39.76 39.57
CA CYS A 268 -35.31 40.78 40.47
C CYS A 268 -34.31 41.88 40.82
N TYR A 269 -33.01 41.58 40.73
CA TYR A 269 -31.98 42.59 40.98
C TYR A 269 -31.29 43.03 39.69
N GLY A 270 -31.69 42.44 38.56
CA GLY A 270 -31.07 42.75 37.28
C GLY A 270 -30.39 41.53 36.66
N LYS A 271 -29.90 41.70 35.44
CA LYS A 271 -29.30 40.59 34.70
C LYS A 271 -27.88 40.31 35.15
N LEU A 272 -27.66 39.14 35.74
CA LEU A 272 -26.31 38.73 36.13
C LEU A 272 -25.58 38.34 34.84
N PRO A 273 -24.46 39.01 34.56
CA PRO A 273 -23.77 38.77 33.29
C PRO A 273 -23.19 37.36 33.17
N TYR A 274 -23.62 36.64 32.13
CA TYR A 274 -23.00 35.37 31.76
C TYR A 274 -22.47 35.49 30.32
N ARG A 275 -21.29 34.94 30.09
CA ARG A 275 -20.70 34.94 28.76
C ARG A 275 -21.09 33.66 28.01
N SER A 276 -21.36 33.81 26.71
CA SER A 276 -21.85 32.70 25.91
C SER A 276 -20.90 32.33 24.76
N LEU A 277 -21.27 31.30 24.00
CA LEU A 277 -20.43 30.81 22.91
C LEU A 277 -21.26 30.37 21.71
N GLU A 278 -20.68 30.51 20.53
CA GLU A 278 -21.24 29.93 19.31
C GLU A 278 -20.25 28.88 18.83
N PHE A 279 -20.74 27.71 18.44
CA PHE A 279 -19.86 26.61 18.03
C PHE A 279 -20.06 26.24 16.57
N ARG A 280 -18.98 26.22 15.80
CA ARG A 280 -19.06 25.75 14.41
C ARG A 280 -18.25 24.48 14.19
N HIS A 281 -18.95 23.36 14.02
CA HIS A 281 -18.32 22.08 13.81
C HIS A 281 -18.08 21.81 12.33
N GLU A 282 -16.96 21.14 12.03
CA GLU A 282 -16.61 20.79 10.66
C GLU A 282 -15.96 19.43 10.59
N THR A 283 -16.21 18.72 9.49
CA THR A 283 -15.63 17.41 9.26
C THR A 283 -14.76 17.43 8.02
N HIS A 284 -13.51 17.03 8.15
CA HIS A 284 -12.58 17.05 7.03
C HIS A 284 -12.16 15.65 6.60
N ASP A 285 -12.03 15.45 5.29
CA ASP A 285 -11.67 14.15 4.74
C ASP A 285 -10.16 13.92 4.83
N THR A 286 -9.69 13.76 6.06
CA THR A 286 -8.29 13.48 6.32
C THR A 286 -8.21 13.00 7.76
N GLU A 287 -7.13 12.32 8.11
CA GLU A 287 -7.02 11.74 9.45
C GLU A 287 -6.65 12.75 10.52
N GLN A 288 -5.87 13.76 10.16
CA GLN A 288 -5.47 14.78 11.13
C GLN A 288 -5.37 16.17 10.54
N LEU A 289 -5.87 17.16 11.29
CA LEU A 289 -5.84 18.55 10.85
C LEU A 289 -4.94 19.39 11.73
N LEU A 290 -4.89 19.08 13.03
CA LEU A 290 -4.10 19.86 13.98
C LEU A 290 -2.97 19.02 14.59
N PRO A 291 -1.88 19.70 14.98
CA PRO A 291 -0.71 19.10 15.66
C PRO A 291 -1.02 18.63 17.09
N THR A 292 -1.92 19.34 17.78
CA THR A 292 -2.34 18.95 19.13
C THR A 292 -3.85 18.98 19.27
N GLY A 293 -4.32 18.84 20.50
CA GLY A 293 -5.74 18.85 20.79
C GLY A 293 -6.44 20.15 20.46
N THR A 294 -5.80 21.27 20.80
CA THR A 294 -6.38 22.59 20.58
C THR A 294 -5.33 23.63 20.18
N VAL A 295 -5.71 24.56 19.32
CA VAL A 295 -4.85 25.66 18.94
C VAL A 295 -5.54 26.99 19.29
N ASN A 296 -4.91 27.79 20.17
CA ASN A 296 -5.45 29.09 20.58
C ASN A 296 -5.06 30.20 19.60
N TYR A 297 -5.95 31.16 19.40
CA TYR A 297 -5.68 32.29 18.50
C TYR A 297 -5.82 33.65 19.19
N PRO A 298 -4.81 34.04 19.98
CA PRO A 298 -4.85 35.29 20.75
C PRO A 298 -4.95 36.55 19.88
N ASN A 299 -4.40 36.50 18.67
CA ASN A 299 -4.21 37.72 17.90
C ASN A 299 -4.79 37.68 16.50
N ASP A 300 -5.49 36.60 16.17
CA ASP A 300 -6.04 36.43 14.83
C ASP A 300 -7.46 35.86 14.88
N TYR A 301 -8.23 36.13 13.83
CA TYR A 301 -9.53 35.50 13.62
C TYR A 301 -10.59 35.89 14.64
N ALA A 302 -11.84 35.53 14.35
CA ALA A 302 -12.96 35.85 15.23
C ALA A 302 -13.14 34.81 16.31
N TYR A 303 -12.79 33.56 16.01
CA TYR A 303 -12.85 32.50 17.00
C TYR A 303 -11.63 32.53 17.90
N THR A 304 -11.77 31.95 19.09
CA THR A 304 -10.69 31.96 20.07
C THR A 304 -9.77 30.75 19.90
N ARG A 305 -10.33 29.64 19.42
CA ARG A 305 -9.57 28.40 19.33
C ARG A 305 -10.23 27.33 18.46
N VAL A 306 -9.41 26.48 17.86
CA VAL A 306 -9.89 25.29 17.15
C VAL A 306 -9.51 24.06 17.94
N SER A 307 -10.37 23.05 17.93
CA SER A 307 -10.08 21.79 18.61
C SER A 307 -10.36 20.58 17.71
N GLU A 308 -9.56 19.55 17.86
CA GLU A 308 -9.72 18.33 17.07
C GLU A 308 -9.94 17.13 17.98
N PHE A 309 -11.18 16.67 18.03
CA PHE A 309 -11.62 15.71 19.04
C PHE A 309 -10.86 14.39 19.10
N LYS A 310 -10.47 13.86 17.94
CA LYS A 310 -9.75 12.59 17.89
C LYS A 310 -8.49 12.57 18.75
N HIS A 311 -7.80 13.71 18.85
CA HIS A 311 -6.66 13.82 19.75
C HIS A 311 -7.12 13.52 21.17
N ILE A 312 -8.30 14.03 21.51
CA ILE A 312 -8.82 13.96 22.88
C ILE A 312 -9.44 12.60 23.22
N THR A 313 -10.17 12.03 22.26
CA THR A 313 -10.90 10.78 22.48
C THR A 313 -10.07 9.54 22.15
N GLY A 314 -9.05 9.71 21.33
CA GLY A 314 -8.23 8.60 20.90
C GLY A 314 -8.90 7.75 19.84
N GLN A 315 -9.98 8.27 19.28
CA GLN A 315 -10.73 7.53 18.27
C GLN A 315 -9.95 7.40 16.97
N ARG A 316 -10.05 6.22 16.36
CA ARG A 316 -9.49 6.00 15.03
C ARG A 316 -10.60 6.13 14.00
N HIS A 317 -10.32 6.84 12.92
CA HIS A 317 -11.34 7.14 11.91
C HIS A 317 -10.64 7.66 10.66
N HIS A 318 -11.26 7.49 9.50
CA HIS A 318 -10.62 7.94 8.25
C HIS A 318 -10.77 9.45 8.05
N GLN A 319 -11.67 10.06 8.80
CA GLN A 319 -11.86 11.50 8.74
C GLN A 319 -11.65 12.11 10.11
N THR A 320 -11.71 13.43 10.19
CA THR A 320 -11.57 14.11 11.48
C THR A 320 -12.60 15.23 11.63
N SER A 321 -13.00 15.49 12.88
CA SER A 321 -13.93 16.57 13.15
C SER A 321 -13.33 17.59 14.11
N VAL A 322 -13.62 18.87 13.85
CA VAL A 322 -13.08 19.96 14.65
C VAL A 322 -14.17 20.95 15.01
N VAL A 323 -13.89 21.82 15.99
CA VAL A 323 -14.85 22.85 16.35
C VAL A 323 -14.18 24.21 16.57
N TYR A 324 -14.77 25.24 16.01
CA TYR A 324 -14.30 26.60 16.23
C TYR A 324 -15.24 27.30 17.19
N GLU A 325 -14.67 27.99 18.18
CA GLU A 325 -15.47 28.64 19.21
C GLU A 325 -15.52 30.15 19.02
N TYR A 326 -16.73 30.69 18.95
CA TYR A 326 -16.92 32.13 18.82
C TYR A 326 -17.57 32.69 20.07
N PRO A 327 -16.88 33.59 20.75
CA PRO A 327 -17.45 34.26 21.93
C PRO A 327 -18.67 35.11 21.56
N ARG A 328 -19.75 34.94 22.33
CA ARG A 328 -20.99 35.67 22.08
C ARG A 328 -21.44 36.43 23.32
N ALA A 329 -22.09 37.57 23.12
CA ALA A 329 -22.64 38.34 24.22
C ALA A 329 -23.94 37.72 24.72
N GLU A 330 -24.81 37.33 23.78
CA GLU A 330 -26.07 36.71 24.16
C GLU A 330 -26.15 35.22 23.78
N GLY A 331 -27.07 34.51 24.42
CA GLY A 331 -27.22 33.07 24.21
C GLY A 331 -27.16 32.28 25.51
N ASP A 332 -27.02 30.96 25.40
CA ASP A 332 -26.91 30.09 26.57
C ASP A 332 -25.72 30.49 27.45
N PRO A 333 -25.91 30.49 28.78
CA PRO A 333 -24.85 30.89 29.71
C PRO A 333 -23.79 29.80 29.87
N TYR A 334 -22.54 30.12 29.57
CA TYR A 334 -21.48 29.15 29.74
C TYR A 334 -20.44 29.63 30.76
N TYR A 335 -20.23 30.93 30.84
CA TYR A 335 -19.24 31.50 31.75
C TYR A 335 -19.84 32.56 32.67
N PRO A 336 -19.56 32.46 33.97
CA PRO A 336 -19.73 33.63 34.84
C PRO A 336 -18.67 34.66 34.43
N VAL A 337 -18.88 35.93 34.74
CA VAL A 337 -17.91 36.96 34.38
C VAL A 337 -17.30 37.59 35.63
N PRO A 338 -16.22 36.98 36.16
CA PRO A 338 -15.64 37.42 37.42
C PRO A 338 -15.05 38.82 37.35
N ARG A 339 -15.74 39.77 37.98
CA ARG A 339 -15.28 41.15 38.12
C ARG A 339 -16.06 41.77 39.27
N PRO A 340 -15.53 42.85 39.85
CA PRO A 340 -16.15 43.53 40.99
C PRO A 340 -17.65 43.84 40.82
N GLU A 341 -18.06 44.40 39.69
CA GLU A 341 -19.48 44.74 39.52
C GLU A 341 -20.40 43.53 39.44
N ASN A 342 -19.87 42.40 38.98
CA ASN A 342 -20.69 41.19 38.88
C ASN A 342 -20.72 40.38 40.18
N ALA A 343 -19.60 40.40 40.91
CA ALA A 343 -19.54 39.76 42.23
C ALA A 343 -20.42 40.50 43.23
N GLU A 344 -20.66 41.78 42.92
CA GLU A 344 -21.53 42.64 43.73
C GLU A 344 -22.99 42.23 43.51
N LEU A 345 -23.33 41.97 42.26
CA LEU A 345 -24.69 41.60 41.90
C LEU A 345 -25.00 40.20 42.40
N TYR A 346 -24.06 39.27 42.23
CA TYR A 346 -24.28 37.91 42.69
C TYR A 346 -24.50 37.88 44.20
N LYS A 347 -23.85 38.81 44.90
CA LYS A 347 -23.97 38.94 46.33
C LYS A 347 -25.44 39.00 46.77
N LYS A 348 -26.24 39.76 46.05
CA LYS A 348 -27.66 39.91 46.38
C LYS A 348 -28.43 38.64 46.08
N TYR A 349 -28.14 38.01 44.95
CA TYR A 349 -28.80 36.77 44.59
C TYR A 349 -28.41 35.65 45.56
N GLU A 350 -27.17 35.70 46.03
CA GLU A 350 -26.70 34.70 46.98
C GLU A 350 -27.50 34.78 48.28
N ALA A 351 -27.85 35.99 48.68
CA ALA A 351 -28.62 36.17 49.91
C ALA A 351 -30.02 35.55 49.80
N LEU A 352 -30.69 35.80 48.69
CA LEU A 352 -31.99 35.18 48.45
C LEU A 352 -31.86 33.65 48.45
N ALA A 353 -30.85 33.14 47.75
CA ALA A 353 -30.64 31.70 47.63
C ALA A 353 -30.41 31.01 48.98
N ASP A 354 -29.64 31.66 49.86
CA ASP A 354 -29.42 31.13 51.20
C ASP A 354 -30.73 31.12 51.97
N ALA A 355 -31.52 32.17 51.81
CA ALA A 355 -32.79 32.29 52.50
C ALA A 355 -33.86 31.35 51.93
N ALA A 356 -33.65 30.86 50.71
CA ALA A 356 -34.60 29.96 50.07
C ALA A 356 -34.78 28.67 50.88
N GLN A 357 -35.98 28.50 51.44
CA GLN A 357 -36.27 27.36 52.30
C GLN A 357 -35.94 25.99 51.70
N ASP A 358 -36.75 25.57 50.73
CA ASP A 358 -36.59 24.23 50.16
C ASP A 358 -35.93 24.23 48.79
N VAL A 359 -34.88 25.02 48.63
CA VAL A 359 -34.10 25.02 47.40
C VAL A 359 -32.62 25.09 47.70
N THR A 360 -31.87 24.17 47.09
CA THR A 360 -30.42 24.12 47.23
C THR A 360 -29.78 24.46 45.90
N PHE A 361 -28.86 25.41 45.90
CA PHE A 361 -28.21 25.85 44.66
C PHE A 361 -26.82 25.23 44.51
N VAL A 362 -26.53 24.68 43.34
CA VAL A 362 -25.24 24.03 43.10
C VAL A 362 -24.84 24.04 41.62
N GLY A 363 -23.53 24.09 41.35
CA GLY A 363 -23.03 24.07 39.99
C GLY A 363 -22.42 25.39 39.54
N ARG A 364 -21.73 25.36 38.39
CA ARG A 364 -21.08 26.54 37.85
C ARG A 364 -22.03 27.74 37.74
N LEU A 365 -23.19 27.52 37.14
CA LEU A 365 -24.16 28.59 36.87
C LEU A 365 -24.93 29.06 38.10
N ALA A 366 -25.34 28.13 38.96
CA ALA A 366 -26.19 28.48 40.10
C ALA A 366 -25.43 29.20 41.21
N THR A 367 -24.14 28.92 41.34
CA THR A 367 -23.34 29.56 42.37
C THR A 367 -22.35 30.58 41.80
N TYR A 368 -22.51 30.89 40.51
CA TYR A 368 -21.68 31.89 39.85
C TYR A 368 -20.17 31.66 40.05
N ARG A 369 -19.74 30.41 39.87
CA ARG A 369 -18.34 30.02 40.03
C ARG A 369 -17.72 29.59 38.71
N TYR A 370 -16.55 30.14 38.40
CA TYR A 370 -15.78 29.69 37.23
C TYR A 370 -15.15 28.32 37.55
N TYR A 371 -15.96 27.28 37.53
CA TYR A 371 -15.56 25.94 37.98
C TYR A 371 -15.27 24.96 36.87
N ASN A 372 -14.27 24.09 37.09
CA ASN A 372 -14.01 22.97 36.20
C ASN A 372 -14.84 21.76 36.59
N MET A 373 -14.89 20.76 35.71
CA MET A 373 -15.73 19.58 35.95
C MET A 373 -15.47 18.94 37.32
N ASP A 374 -14.21 18.71 37.64
CA ASP A 374 -13.88 18.05 38.91
C ASP A 374 -14.32 18.88 40.11
N GLN A 375 -14.33 20.20 39.95
CA GLN A 375 -14.72 21.10 41.01
C GLN A 375 -16.22 21.07 41.28
N VAL A 376 -17.01 20.97 40.20
CA VAL A 376 -18.46 20.91 40.33
C VAL A 376 -18.88 19.59 40.95
N VAL A 377 -18.22 18.50 40.54
CA VAL A 377 -18.45 17.20 41.15
C VAL A 377 -18.19 17.27 42.65
N ALA A 378 -17.04 17.84 43.01
CA ALA A 378 -16.66 17.96 44.41
C ALA A 378 -17.66 18.84 45.16
N GLN A 379 -18.15 19.89 44.51
CA GLN A 379 -19.16 20.77 45.12
C GLN A 379 -20.45 20.02 45.38
N ALA A 380 -20.79 19.10 44.48
CA ALA A 380 -22.02 18.33 44.60
C ALA A 380 -21.93 17.33 45.73
N LEU A 381 -20.81 16.61 45.79
CA LEU A 381 -20.54 15.64 46.85
C LEU A 381 -20.62 16.29 48.22
N ALA A 382 -20.04 17.48 48.34
CA ALA A 382 -20.06 18.21 49.60
C ALA A 382 -21.47 18.66 49.96
N THR A 383 -22.25 19.00 48.95
CA THR A 383 -23.64 19.41 49.14
C THR A 383 -24.46 18.21 49.61
N PHE A 384 -24.12 17.03 49.10
CA PHE A 384 -24.81 15.81 49.48
C PHE A 384 -24.59 15.48 50.96
N ARG A 385 -23.41 15.80 51.49
CA ARG A 385 -23.14 15.53 52.91
C ARG A 385 -23.96 16.44 53.81
N ARG A 386 -24.21 17.66 53.36
CA ARG A 386 -25.04 18.60 54.10
C ARG A 386 -26.50 18.22 54.06
N LEU A 387 -26.95 17.70 52.91
CA LEU A 387 -28.32 17.22 52.79
C LEU A 387 -28.52 15.99 53.68
N GLN A 388 -27.48 15.18 53.80
CA GLN A 388 -27.50 14.00 54.65
C GLN A 388 -27.31 14.41 56.11
N GLY A 389 -27.00 15.66 56.36
CA GLY A 389 -27.08 16.15 57.71
C GLY A 389 -25.83 16.51 58.46
N GLN A 390 -24.77 16.84 57.74
CA GLN A 390 -23.51 17.18 58.38
C GLN A 390 -23.72 18.14 59.54
N SER B 27 24.21 28.42 -59.67
CA SER B 27 25.09 27.60 -58.84
C SER B 27 24.38 26.36 -58.29
N LYS B 28 25.13 25.26 -58.22
CA LYS B 28 24.55 23.98 -57.80
C LYS B 28 25.21 23.47 -56.53
N GLY B 29 24.39 23.00 -55.59
CA GLY B 29 24.92 22.40 -54.38
C GLY B 29 24.46 23.10 -53.12
N PHE B 30 25.42 23.40 -52.24
CA PHE B 30 25.12 24.04 -50.97
C PHE B 30 25.91 25.33 -50.79
N ASP B 31 25.32 26.29 -50.10
CA ASP B 31 26.02 27.52 -49.75
C ASP B 31 27.03 27.19 -48.67
N TYR B 32 26.61 26.41 -47.68
CA TYR B 32 27.47 26.06 -46.55
C TYR B 32 27.51 24.56 -46.32
N LEU B 33 28.72 24.07 -46.07
CA LEU B 33 28.91 22.72 -45.56
C LEU B 33 29.39 22.83 -44.11
N ILE B 34 28.57 22.36 -43.19
CA ILE B 34 28.91 22.46 -41.77
C ILE B 34 29.39 21.11 -41.24
N VAL B 35 30.59 21.10 -40.67
CA VAL B 35 31.20 19.88 -40.18
C VAL B 35 31.03 19.76 -38.67
N GLY B 36 30.25 18.78 -38.24
CA GLY B 36 29.92 18.60 -36.83
C GLY B 36 28.52 19.10 -36.52
N ALA B 37 27.71 18.25 -35.90
CA ALA B 37 26.32 18.61 -35.61
C ALA B 37 26.04 18.84 -34.13
N GLY B 38 27.06 19.27 -33.39
CA GLY B 38 26.88 19.66 -32.00
C GLY B 38 26.25 21.05 -31.92
N PHE B 39 26.45 21.74 -30.80
CA PHE B 39 25.89 23.08 -30.64
C PHE B 39 26.43 24.08 -31.65
N ALA B 40 27.74 24.04 -31.90
CA ALA B 40 28.33 25.01 -32.83
C ALA B 40 27.78 24.87 -34.24
N GLY B 41 27.70 23.63 -34.73
CA GLY B 41 27.25 23.37 -36.08
C GLY B 41 25.76 23.51 -36.26
N SER B 42 24.99 22.99 -35.31
CA SER B 42 23.54 23.03 -35.37
C SER B 42 22.99 24.45 -35.22
N VAL B 43 23.62 25.27 -34.39
CA VAL B 43 23.15 26.64 -34.20
C VAL B 43 23.31 27.43 -35.50
N LEU B 44 24.49 27.34 -36.11
CA LEU B 44 24.76 27.99 -37.39
C LEU B 44 23.92 27.44 -38.53
N ALA B 45 23.68 26.14 -38.50
CA ALA B 45 22.82 25.50 -39.49
C ALA B 45 21.43 26.14 -39.45
N GLU B 46 20.93 26.36 -38.23
CA GLU B 46 19.59 26.92 -38.05
C GLU B 46 19.51 28.38 -38.47
N ARG B 47 20.48 29.18 -38.06
CA ARG B 47 20.53 30.58 -38.44
C ARG B 47 20.66 30.72 -39.95
N LEU B 48 21.71 30.14 -40.50
CA LEU B 48 21.95 30.16 -41.95
C LEU B 48 20.72 29.73 -42.76
N ALA B 49 20.08 28.64 -42.33
CA ALA B 49 18.97 28.07 -43.07
C ALA B 49 17.74 28.97 -43.08
N SER B 50 17.56 29.76 -42.03
CA SER B 50 16.40 30.64 -41.94
C SER B 50 16.64 31.96 -42.69
N SER B 51 17.86 32.13 -43.18
CA SER B 51 18.20 33.31 -43.97
C SER B 51 18.26 32.96 -45.45
N GLY B 52 17.70 31.80 -45.81
CA GLY B 52 17.57 31.39 -47.19
C GLY B 52 18.70 30.54 -47.75
N GLN B 53 19.71 30.28 -46.94
CA GLN B 53 20.88 29.51 -47.38
C GLN B 53 20.59 28.01 -47.42
N ARG B 54 21.26 27.30 -48.34
CA ARG B 54 21.16 25.84 -48.39
C ARG B 54 22.32 25.25 -47.60
N VAL B 55 21.99 24.45 -46.58
CA VAL B 55 22.99 23.92 -45.68
C VAL B 55 23.06 22.40 -45.73
N LEU B 56 24.28 21.88 -45.83
CA LEU B 56 24.53 20.47 -45.61
C LEU B 56 25.36 20.34 -44.34
N ILE B 57 24.79 19.69 -43.33
CA ILE B 57 25.51 19.47 -42.08
C ILE B 57 25.83 17.99 -41.94
N VAL B 58 27.09 17.69 -41.69
CA VAL B 58 27.56 16.31 -41.64
C VAL B 58 28.29 16.06 -40.33
N ASP B 59 28.15 14.84 -39.80
CA ASP B 59 28.84 14.46 -38.58
C ASP B 59 29.30 13.03 -38.72
N ARG B 60 30.48 12.73 -38.19
CA ARG B 60 31.03 11.39 -38.30
C ARG B 60 30.34 10.42 -37.34
N ARG B 61 29.62 10.96 -36.37
CA ARG B 61 28.83 10.14 -35.47
C ARG B 61 27.52 9.75 -36.14
N PRO B 62 26.92 8.64 -35.67
CA PRO B 62 25.65 8.17 -36.21
C PRO B 62 24.45 8.93 -35.65
N HIS B 63 24.70 10.12 -35.10
CA HIS B 63 23.64 10.91 -34.48
C HIS B 63 23.97 12.40 -34.47
N ILE B 64 22.96 13.22 -34.25
CA ILE B 64 23.16 14.66 -34.11
C ILE B 64 23.38 15.00 -32.63
N GLY B 65 23.73 16.26 -32.35
CA GLY B 65 23.86 16.72 -30.98
C GLY B 65 25.27 16.84 -30.43
N GLY B 66 26.22 16.15 -31.04
CA GLY B 66 27.58 16.15 -30.50
C GLY B 66 27.61 15.52 -29.12
N ASN B 67 28.31 16.15 -28.19
CA ASN B 67 28.40 15.66 -26.81
C ASN B 67 27.06 15.72 -26.09
N ALA B 68 26.22 16.67 -26.48
CA ALA B 68 24.98 16.95 -25.77
C ALA B 68 23.89 15.93 -26.07
N TYR B 69 24.13 15.09 -27.07
CA TYR B 69 23.20 14.04 -27.45
C TYR B 69 22.70 13.28 -26.23
N ASP B 70 21.38 13.08 -26.16
CA ASP B 70 20.81 12.21 -25.13
C ASP B 70 19.86 11.18 -25.76
N CYS B 71 19.60 10.10 -25.02
CA CYS B 71 18.82 9.00 -25.55
C CYS B 71 18.34 8.08 -24.44
N TYR B 72 17.34 7.28 -24.75
CA TYR B 72 16.83 6.30 -23.79
C TYR B 72 17.69 5.03 -23.85
N ASP B 73 18.11 4.55 -22.68
CA ASP B 73 18.92 3.34 -22.61
C ASP B 73 18.03 2.10 -22.57
N ASP B 74 18.64 0.93 -22.42
CA ASP B 74 17.91 -0.32 -22.47
C ASP B 74 16.71 -0.35 -21.53
N ALA B 75 16.87 0.27 -20.36
CA ALA B 75 15.87 0.23 -19.31
C ALA B 75 14.73 1.24 -19.51
N GLY B 76 14.90 2.13 -20.48
CA GLY B 76 13.90 3.16 -20.71
C GLY B 76 14.18 4.40 -19.89
N VAL B 77 15.42 4.55 -19.43
CA VAL B 77 15.83 5.74 -18.70
C VAL B 77 16.56 6.71 -19.62
N LEU B 78 16.11 7.97 -19.62
CA LEU B 78 16.78 9.01 -20.39
C LEU B 78 18.18 9.26 -19.83
N ILE B 79 19.20 9.08 -20.66
CA ILE B 79 20.59 9.24 -20.22
C ILE B 79 21.39 10.10 -21.19
N HIS B 80 22.54 10.57 -20.71
CA HIS B 80 23.51 11.24 -21.58
C HIS B 80 24.73 10.33 -21.78
N PRO B 81 24.89 9.80 -23.00
CA PRO B 81 25.97 8.85 -23.31
C PRO B 81 27.38 9.40 -23.07
N TYR B 82 27.57 10.70 -23.21
CA TYR B 82 28.89 11.30 -23.04
C TYR B 82 29.01 12.10 -21.75
N GLY B 83 28.37 11.63 -20.69
CA GLY B 83 28.44 12.29 -19.41
C GLY B 83 27.39 13.38 -19.26
N PRO B 84 27.07 13.72 -18.00
CA PRO B 84 26.01 14.66 -17.64
C PRO B 84 26.22 16.06 -18.22
N HIS B 85 25.21 16.57 -18.92
CA HIS B 85 25.25 17.92 -19.45
C HIS B 85 24.15 18.76 -18.82
N ILE B 86 24.54 19.60 -17.87
CA ILE B 86 23.60 20.48 -17.19
C ILE B 86 23.65 21.86 -17.85
N PHE B 87 22.55 22.28 -18.45
CA PHE B 87 22.53 23.58 -19.11
C PHE B 87 22.41 24.73 -18.12
N HIS B 88 23.20 25.78 -18.35
CA HIS B 88 23.16 26.98 -17.53
C HIS B 88 23.73 28.17 -18.30
N THR B 89 23.27 29.37 -17.98
CA THR B 89 23.72 30.55 -18.71
C THR B 89 23.29 31.85 -18.01
N ASN B 90 24.14 32.88 -18.12
CA ASN B 90 23.78 34.21 -17.65
C ASN B 90 23.23 35.04 -18.78
N SER B 91 23.37 34.53 -20.00
CA SER B 91 22.95 35.26 -21.19
C SER B 91 21.46 35.11 -21.48
N LYS B 92 20.72 36.19 -21.30
CA LYS B 92 19.31 36.19 -21.61
C LYS B 92 19.08 35.92 -23.09
N ASP B 93 19.97 36.40 -23.94
CA ASP B 93 19.85 36.13 -25.38
C ASP B 93 19.99 34.63 -25.71
N VAL B 94 21.04 34.00 -25.17
CA VAL B 94 21.25 32.58 -25.42
C VAL B 94 20.03 31.79 -24.99
N PHE B 95 19.51 32.10 -23.81
CA PHE B 95 18.35 31.39 -23.28
C PHE B 95 17.10 31.58 -24.16
N GLU B 96 16.85 32.81 -24.59
CA GLU B 96 15.70 33.09 -25.44
C GLU B 96 15.83 32.44 -26.81
N TYR B 97 17.06 32.36 -27.32
CA TYR B 97 17.30 31.68 -28.60
C TYR B 97 16.97 30.19 -28.49
N LEU B 98 17.49 29.54 -27.47
CA LEU B 98 17.25 28.11 -27.28
C LEU B 98 15.79 27.82 -26.97
N SER B 99 15.05 28.83 -26.50
CA SER B 99 13.65 28.63 -26.12
C SER B 99 12.75 28.38 -27.33
N ARG B 100 13.24 28.72 -28.51
CA ARG B 100 12.46 28.54 -29.72
C ARG B 100 12.40 27.07 -30.12
N PHE B 101 13.26 26.25 -29.55
CA PHE B 101 13.38 24.86 -29.97
C PHE B 101 13.05 23.86 -28.87
N THR B 102 12.74 24.36 -27.68
CA THR B 102 12.49 23.47 -26.55
C THR B 102 11.81 24.21 -25.40
N GLU B 103 11.10 23.46 -24.58
CA GLU B 103 10.60 23.99 -23.32
C GLU B 103 11.56 23.58 -22.22
N TRP B 104 11.37 24.12 -21.02
CA TRP B 104 12.34 23.92 -19.95
C TRP B 104 11.81 23.25 -18.70
N ARG B 105 12.63 22.38 -18.14
CA ARG B 105 12.43 21.86 -16.80
C ARG B 105 13.42 22.57 -15.87
N PRO B 106 12.93 23.49 -15.03
CA PRO B 106 13.79 24.25 -14.11
C PRO B 106 14.64 23.33 -13.25
N TYR B 107 15.93 23.63 -13.13
CA TYR B 107 16.85 22.75 -12.40
C TYR B 107 18.14 23.45 -12.02
N GLN B 108 18.46 23.42 -10.74
CA GLN B 108 19.72 23.96 -10.24
C GLN B 108 20.59 22.83 -9.70
N HIS B 109 21.63 22.51 -10.45
CA HIS B 109 22.47 21.34 -10.20
C HIS B 109 23.21 21.45 -8.87
N ARG B 110 23.28 20.34 -8.15
CA ARG B 110 24.01 20.28 -6.89
C ARG B 110 24.98 19.11 -6.86
N VAL B 111 26.21 19.37 -6.44
CA VAL B 111 27.25 18.36 -6.40
C VAL B 111 27.84 18.23 -5.01
N LEU B 112 27.98 16.99 -4.55
CA LEU B 112 28.66 16.68 -3.30
C LEU B 112 30.03 16.09 -3.61
N ALA B 113 30.97 16.28 -2.69
CA ALA B 113 32.30 15.72 -2.86
C ALA B 113 32.62 14.78 -1.71
N SER B 114 33.16 13.61 -2.04
CA SER B 114 33.51 12.61 -1.03
C SER B 114 34.88 12.90 -0.44
N VAL B 115 34.90 13.39 0.80
CA VAL B 115 36.13 13.78 1.46
C VAL B 115 36.08 13.40 2.94
N ASP B 116 37.10 12.69 3.41
CA ASP B 116 37.16 12.28 4.82
C ASP B 116 35.91 11.51 5.21
N GLY B 117 35.34 10.74 4.29
CA GLY B 117 34.19 9.92 4.59
C GLY B 117 32.87 10.66 4.72
N GLN B 118 32.87 11.92 4.31
CA GLN B 118 31.65 12.72 4.35
C GLN B 118 31.29 13.17 2.94
N LEU B 119 30.05 13.61 2.77
CA LEU B 119 29.63 14.17 1.49
C LEU B 119 29.39 15.66 1.66
N LEU B 120 30.38 16.45 1.27
CA LEU B 120 30.36 17.89 1.52
C LEU B 120 30.12 18.68 0.23
N PRO B 121 29.59 19.90 0.36
CA PRO B 121 29.29 20.71 -0.83
C PRO B 121 30.57 21.16 -1.53
N ILE B 122 30.58 21.05 -2.85
CA ILE B 122 31.60 21.64 -3.70
C ILE B 122 30.81 22.45 -4.74
N PRO B 123 31.19 23.72 -4.99
CA PRO B 123 32.31 24.53 -4.49
C PRO B 123 32.37 24.63 -2.98
N ILE B 124 33.56 24.86 -2.45
CA ILE B 124 33.75 25.03 -1.02
C ILE B 124 32.97 26.24 -0.54
N ASN B 125 32.14 26.04 0.48
CA ASN B 125 31.39 27.15 1.06
C ASN B 125 31.40 27.11 2.59
N LEU B 126 30.64 28.00 3.22
CA LEU B 126 30.61 28.10 4.66
C LEU B 126 30.32 26.73 5.25
N ASP B 127 29.32 26.06 4.68
CA ASP B 127 28.88 24.77 5.21
C ASP B 127 29.94 23.69 4.99
N THR B 128 30.72 23.82 3.93
CA THR B 128 31.82 22.90 3.64
C THR B 128 32.87 22.95 4.76
N VAL B 129 33.39 24.15 5.00
CA VAL B 129 34.42 24.38 6.01
C VAL B 129 33.94 23.97 7.41
N ASN B 130 32.72 24.35 7.76
CA ASN B 130 32.18 24.04 9.08
C ASN B 130 32.04 22.55 9.35
N ARG B 131 31.43 21.84 8.40
CA ARG B 131 31.19 20.41 8.56
C ARG B 131 32.49 19.60 8.53
N LEU B 132 33.44 20.02 7.70
CA LEU B 132 34.72 19.33 7.60
C LEU B 132 35.52 19.38 8.89
N TYR B 133 35.59 20.57 9.50
CA TYR B 133 36.47 20.80 10.65
C TYR B 133 35.72 20.82 11.98
N GLY B 134 34.39 20.78 11.93
CA GLY B 134 33.59 20.85 13.14
C GLY B 134 33.52 22.26 13.71
N LEU B 135 33.58 23.24 12.83
CA LEU B 135 33.55 24.64 13.24
C LEU B 135 32.13 25.21 13.25
N ASN B 136 32.01 26.45 13.71
CA ASN B 136 30.73 27.15 13.72
C ASN B 136 30.88 28.58 13.21
N LEU B 137 31.68 28.76 12.18
CA LEU B 137 31.98 30.09 11.65
C LEU B 137 30.78 30.70 10.95
N THR B 138 30.63 32.02 11.10
CA THR B 138 29.66 32.77 10.32
C THR B 138 30.31 33.14 9.00
N SER B 139 29.54 33.69 8.07
CA SER B 139 30.11 34.11 6.80
C SER B 139 31.25 35.09 7.00
N PHE B 140 31.07 36.03 7.92
CA PHE B 140 32.07 37.05 8.18
C PHE B 140 33.37 36.46 8.71
N GLN B 141 33.25 35.42 9.52
CA GLN B 141 34.42 34.78 10.11
C GLN B 141 35.16 33.90 9.11
N VAL B 142 34.42 33.06 8.39
CA VAL B 142 35.04 32.13 7.44
C VAL B 142 35.86 32.90 6.41
N GLU B 143 35.47 34.14 6.15
CA GLU B 143 36.22 34.98 5.24
C GLU B 143 37.59 35.31 5.84
N GLU B 144 37.62 35.54 7.14
CA GLU B 144 38.85 35.81 7.87
C GLU B 144 39.63 34.52 8.09
N PHE B 145 38.92 33.39 8.01
CA PHE B 145 39.55 32.09 8.15
C PHE B 145 40.35 31.74 6.90
N PHE B 146 39.79 32.02 5.73
CA PHE B 146 40.49 31.82 4.48
C PHE B 146 41.70 32.74 4.41
N ALA B 147 41.51 33.98 4.83
CA ALA B 147 42.60 34.95 4.89
C ALA B 147 43.76 34.42 5.73
N SER B 148 43.45 33.62 6.74
CA SER B 148 44.45 33.14 7.69
C SER B 148 45.12 31.83 7.26
N VAL B 149 44.70 31.26 6.14
CA VAL B 149 45.35 30.05 5.64
C VAL B 149 45.86 30.25 4.22
N ALA B 150 45.33 31.25 3.54
CA ALA B 150 45.71 31.51 2.15
C ALA B 150 47.19 31.86 2.01
N GLU B 151 47.86 31.18 1.08
CA GLU B 151 49.26 31.47 0.77
C GLU B 151 49.35 32.69 -0.13
N LYS B 152 50.47 33.41 -0.06
CA LYS B 152 50.66 34.60 -0.88
C LYS B 152 51.30 34.26 -2.22
N VAL B 153 50.64 34.66 -3.30
CA VAL B 153 51.17 34.45 -4.64
C VAL B 153 51.32 35.79 -5.36
N GLU B 154 52.57 36.15 -5.68
CA GLU B 154 52.87 37.42 -6.35
C GLU B 154 52.09 37.53 -7.66
N GLN B 155 52.23 36.51 -8.51
CA GLN B 155 51.50 36.47 -9.77
C GLN B 155 50.76 35.13 -9.92
N VAL B 156 49.43 35.18 -9.96
CA VAL B 156 48.63 33.97 -10.10
C VAL B 156 48.59 33.50 -11.55
N ARG B 157 49.19 32.35 -11.83
CA ARG B 157 49.22 31.82 -13.19
C ARG B 157 48.61 30.42 -13.32
N THR B 158 48.90 29.54 -12.36
CA THR B 158 48.49 28.15 -12.48
C THR B 158 47.19 27.83 -11.74
N SER B 159 46.66 26.64 -11.98
CA SER B 159 45.46 26.17 -11.31
C SER B 159 45.72 25.92 -9.85
N GLU B 160 47.00 25.87 -9.47
CA GLU B 160 47.38 25.71 -8.07
C GLU B 160 47.36 27.06 -7.37
N ASP B 161 47.75 28.11 -8.08
CA ASP B 161 47.81 29.44 -7.51
C ASP B 161 46.44 30.01 -7.16
N VAL B 162 45.45 29.75 -8.02
CA VAL B 162 44.11 30.29 -7.80
C VAL B 162 43.45 29.71 -6.56
N VAL B 163 43.72 28.43 -6.29
CA VAL B 163 43.11 27.76 -5.15
C VAL B 163 43.87 28.05 -3.86
N VAL B 164 45.17 27.76 -3.87
CA VAL B 164 46.01 27.91 -2.69
C VAL B 164 46.05 29.34 -2.14
N SER B 165 45.90 30.32 -3.02
CA SER B 165 45.98 31.72 -2.62
C SER B 165 44.63 32.25 -2.10
N LYS B 166 43.61 31.41 -2.17
CA LYS B 166 42.28 31.77 -1.70
C LYS B 166 41.91 31.03 -0.42
N VAL B 167 42.03 29.70 -0.44
CA VAL B 167 41.56 28.88 0.67
C VAL B 167 42.66 28.06 1.34
N GLY B 168 43.91 28.31 0.95
CA GLY B 168 45.03 27.66 1.61
C GLY B 168 45.34 26.26 1.12
N ARG B 169 46.45 25.72 1.62
CA ARG B 169 47.00 24.45 1.16
C ARG B 169 46.17 23.23 1.54
N ASP B 170 45.63 23.19 2.75
CA ASP B 170 44.93 21.99 3.19
C ASP B 170 43.66 21.70 2.39
N LEU B 171 42.84 22.73 2.19
CA LEU B 171 41.61 22.56 1.42
C LEU B 171 41.91 22.24 -0.04
N TYR B 172 42.98 22.83 -0.55
CA TYR B 172 43.46 22.55 -1.90
C TYR B 172 43.81 21.07 -2.03
N ASN B 173 44.50 20.55 -1.02
CA ASN B 173 44.89 19.14 -1.02
C ASN B 173 43.70 18.18 -0.92
N LYS B 174 42.62 18.63 -0.29
CA LYS B 174 41.48 17.75 -0.05
C LYS B 174 40.46 17.68 -1.19
N PHE B 175 40.29 18.79 -1.89
CA PHE B 175 39.23 18.89 -2.88
C PHE B 175 39.75 19.03 -4.31
N PHE B 176 40.97 19.54 -4.47
CA PHE B 176 41.44 19.97 -5.78
C PHE B 176 42.63 19.21 -6.36
N ARG B 177 43.65 18.94 -5.55
CA ARG B 177 44.88 18.33 -6.06
C ARG B 177 44.68 16.89 -6.56
N GLY B 178 44.00 16.08 -5.75
CA GLY B 178 43.71 14.72 -6.13
C GLY B 178 42.78 14.62 -7.33
N TYR B 179 41.77 15.49 -7.38
CA TYR B 179 40.84 15.49 -8.48
C TYR B 179 41.52 15.89 -9.78
N THR B 180 42.22 17.02 -9.74
CA THR B 180 42.90 17.54 -10.92
C THR B 180 43.94 16.57 -11.47
N ARG B 181 44.73 15.98 -10.57
CA ARG B 181 45.74 15.00 -10.98
C ARG B 181 45.12 13.80 -11.69
N LYS B 182 43.95 13.38 -11.22
CA LYS B 182 43.27 12.23 -11.82
C LYS B 182 42.59 12.60 -13.14
N GLN B 183 41.83 13.69 -13.12
CA GLN B 183 41.10 14.14 -14.31
C GLN B 183 42.02 14.52 -15.46
N TRP B 184 43.13 15.20 -15.17
CA TRP B 184 43.98 15.74 -16.23
C TRP B 184 45.26 14.94 -16.51
N GLY B 185 45.70 14.16 -15.53
CA GLY B 185 46.97 13.47 -15.65
C GLY B 185 48.09 14.50 -15.58
N LEU B 186 47.81 15.59 -14.88
CA LEU B 186 48.72 16.73 -14.75
C LEU B 186 48.51 17.36 -13.37
N ASP B 187 49.57 17.86 -12.76
CA ASP B 187 49.44 18.56 -11.49
C ASP B 187 48.77 19.91 -11.77
N PRO B 188 48.01 20.45 -10.80
CA PRO B 188 47.39 21.75 -11.03
C PRO B 188 48.43 22.83 -11.32
N SER B 189 49.64 22.63 -10.83
CA SER B 189 50.74 23.55 -11.06
C SER B 189 51.14 23.61 -12.53
N GLU B 190 50.68 22.63 -13.30
CA GLU B 190 51.02 22.53 -14.71
C GLU B 190 49.83 22.88 -15.59
N LEU B 191 48.75 23.33 -14.95
CA LEU B 191 47.57 23.77 -15.67
C LEU B 191 47.39 25.27 -15.52
N ASP B 192 46.78 25.88 -16.53
CA ASP B 192 46.48 27.29 -16.48
C ASP B 192 45.48 27.53 -15.35
N ALA B 193 45.51 28.74 -14.78
CA ALA B 193 44.64 29.07 -13.66
C ALA B 193 43.16 28.98 -14.04
N SER B 194 42.87 29.10 -15.33
CA SER B 194 41.49 29.12 -15.79
C SER B 194 40.75 27.83 -15.46
N VAL B 195 41.49 26.74 -15.28
CA VAL B 195 40.88 25.44 -15.05
C VAL B 195 40.17 25.37 -13.70
N THR B 196 40.93 25.47 -12.61
CA THR B 196 40.34 25.40 -11.28
C THR B 196 39.58 26.68 -10.94
N ALA B 197 39.74 27.70 -11.77
CA ALA B 197 38.99 28.95 -11.57
C ALA B 197 37.50 28.74 -11.86
N ARG B 198 37.18 27.70 -12.63
CA ARG B 198 35.80 27.34 -12.93
C ARG B 198 35.00 26.98 -11.69
N VAL B 199 35.70 26.52 -10.64
CA VAL B 199 35.06 26.06 -9.42
C VAL B 199 35.49 26.92 -8.24
N PRO B 200 34.93 28.13 -8.15
CA PRO B 200 35.37 29.18 -7.20
C PRO B 200 34.79 28.96 -5.81
N THR B 201 35.60 29.25 -4.80
CA THR B 201 35.20 29.12 -3.40
C THR B 201 34.23 30.22 -3.01
N ARG B 202 33.26 29.90 -2.15
CA ARG B 202 32.30 30.88 -1.65
C ARG B 202 32.43 31.05 -0.16
N THR B 203 32.00 32.21 0.35
CA THR B 203 31.91 32.40 1.80
C THR B 203 30.46 32.40 2.28
N ASN B 204 29.53 32.36 1.34
CA ASN B 204 28.11 32.25 1.70
C ASN B 204 27.71 30.79 1.89
N ARG B 205 26.43 30.50 1.77
CA ARG B 205 25.94 29.14 1.99
C ARG B 205 25.28 28.56 0.74
N ASP B 206 25.58 29.17 -0.39
CA ASP B 206 25.10 28.69 -1.68
C ASP B 206 25.73 27.33 -2.00
N ASN B 207 24.90 26.31 -2.19
CA ASN B 207 25.41 24.98 -2.52
C ASN B 207 25.10 24.53 -3.96
N ARG B 208 24.67 25.47 -4.80
CA ARG B 208 24.49 25.22 -6.23
C ARG B 208 25.86 25.10 -6.90
N TYR B 209 25.98 24.25 -7.92
CA TYR B 209 27.24 24.17 -8.64
C TYR B 209 27.48 25.42 -9.48
N PHE B 210 26.40 25.98 -10.01
CA PHE B 210 26.46 27.22 -10.78
C PHE B 210 25.59 28.30 -10.16
N ALA B 211 25.98 29.55 -10.31
CA ALA B 211 25.18 30.67 -9.82
C ALA B 211 24.53 31.45 -10.96
N ASP B 212 24.54 30.87 -12.16
CA ASP B 212 24.00 31.53 -13.36
C ASP B 212 22.52 31.88 -13.20
N THR B 213 22.11 32.97 -13.84
CA THR B 213 20.74 33.45 -13.82
C THR B 213 19.74 32.41 -14.33
N TYR B 214 20.05 31.82 -15.48
CA TYR B 214 19.16 30.85 -16.11
C TYR B 214 19.67 29.42 -15.94
N GLN B 215 18.91 28.61 -15.23
CA GLN B 215 19.28 27.22 -15.02
C GLN B 215 18.09 26.31 -15.25
N ALA B 216 18.13 25.56 -16.35
CA ALA B 216 17.05 24.67 -16.71
C ALA B 216 17.52 23.62 -17.70
N MET B 217 16.85 22.48 -17.71
CA MET B 217 17.16 21.41 -18.65
C MET B 217 16.14 21.41 -19.77
N PRO B 218 16.57 21.02 -20.98
CA PRO B 218 15.60 20.86 -22.07
C PRO B 218 14.55 19.84 -21.66
N LEU B 219 13.28 20.26 -21.61
CA LEU B 219 12.20 19.43 -21.09
C LEU B 219 12.20 17.97 -21.57
N HIS B 220 12.37 17.75 -22.87
CA HIS B 220 12.35 16.39 -23.40
C HIS B 220 13.73 15.94 -23.88
N GLY B 221 14.77 16.56 -23.33
CA GLY B 221 16.13 16.20 -23.69
C GLY B 221 16.73 17.06 -24.79
N TYR B 222 18.05 17.03 -24.88
CA TYR B 222 18.78 17.80 -25.89
C TYR B 222 18.44 17.36 -27.30
N THR B 223 18.33 16.05 -27.52
CA THR B 223 18.13 15.51 -28.85
C THR B 223 16.83 16.01 -29.49
N ARG B 224 15.76 16.05 -28.70
CA ARG B 224 14.49 16.58 -29.19
C ARG B 224 14.65 18.04 -29.57
N MET B 225 15.43 18.77 -28.78
CA MET B 225 15.76 20.16 -29.07
C MET B 225 16.52 20.29 -30.39
N PHE B 226 17.54 19.45 -30.56
CA PHE B 226 18.38 19.50 -31.74
C PHE B 226 17.59 19.19 -33.01
N GLN B 227 16.63 18.28 -32.89
CA GLN B 227 15.80 17.91 -34.01
C GLN B 227 15.02 19.12 -34.54
N ASN B 228 14.46 19.90 -33.63
CA ASN B 228 13.75 21.12 -34.01
C ASN B 228 14.69 22.12 -34.68
N MET B 229 15.91 22.21 -34.16
CA MET B 229 16.89 23.17 -34.64
C MET B 229 17.31 22.88 -36.08
N LEU B 230 17.23 21.62 -36.49
CA LEU B 230 17.69 21.21 -37.80
C LEU B 230 16.54 20.86 -38.78
N SER B 231 15.32 21.20 -38.41
CA SER B 231 14.13 20.72 -39.14
C SER B 231 13.83 21.47 -40.45
N SER B 232 14.41 22.65 -40.62
CA SER B 232 14.21 23.44 -41.83
C SER B 232 14.42 22.63 -43.10
N PRO B 233 13.58 22.86 -44.12
CA PRO B 233 13.74 22.20 -45.42
C PRO B 233 15.05 22.58 -46.08
N ASN B 234 15.75 23.58 -45.54
CA ASN B 234 17.02 24.02 -46.09
C ASN B 234 18.22 23.28 -45.51
N ILE B 235 17.97 22.42 -44.54
CA ILE B 235 19.05 21.70 -43.88
C ILE B 235 19.03 20.22 -44.24
N LYS B 236 20.11 19.75 -44.86
CA LYS B 236 20.28 18.33 -45.13
C LYS B 236 21.26 17.75 -44.11
N VAL B 237 20.91 16.60 -43.54
CA VAL B 237 21.70 16.04 -42.46
C VAL B 237 22.39 14.74 -42.89
N MET B 238 23.70 14.71 -42.71
CA MET B 238 24.49 13.57 -43.13
C MET B 238 25.23 12.96 -41.95
N LEU B 239 25.01 11.68 -41.71
CA LEU B 239 25.49 11.02 -40.51
C LEU B 239 26.39 9.84 -40.80
N ASN B 240 27.17 9.43 -39.79
CA ASN B 240 28.15 8.38 -39.95
C ASN B 240 29.11 8.76 -41.08
N THR B 241 29.48 10.04 -41.13
CA THR B 241 30.23 10.54 -42.27
C THR B 241 31.30 11.56 -41.89
N ASP B 242 32.57 11.17 -42.04
CA ASP B 242 33.66 12.13 -41.96
C ASP B 242 33.55 13.05 -43.15
N TYR B 243 33.67 14.36 -42.93
CA TYR B 243 33.49 15.33 -44.01
C TYR B 243 34.46 15.09 -45.17
N ARG B 244 35.59 14.46 -44.86
CA ARG B 244 36.62 14.25 -45.87
C ARG B 244 36.23 13.19 -46.91
N GLU B 245 35.23 12.39 -46.58
CA GLU B 245 34.75 11.34 -47.47
C GLU B 245 33.86 11.90 -48.58
N ILE B 246 33.40 13.14 -48.44
CA ILE B 246 32.46 13.71 -49.41
C ILE B 246 32.81 15.12 -49.87
N ALA B 247 33.89 15.67 -49.35
CA ALA B 247 34.23 17.08 -49.62
C ALA B 247 34.66 17.34 -51.07
N ASP B 248 35.31 16.35 -51.67
CA ASP B 248 35.82 16.49 -53.03
C ASP B 248 34.70 16.66 -54.07
N PHE B 249 33.65 15.86 -53.95
CA PHE B 249 32.63 15.82 -54.99
C PHE B 249 31.28 16.47 -54.64
N ILE B 250 31.18 17.13 -53.49
CA ILE B 250 29.96 17.85 -53.16
C ILE B 250 30.21 19.37 -53.13
N PRO B 251 29.56 20.10 -54.04
CA PRO B 251 29.75 21.54 -54.22
C PRO B 251 29.25 22.37 -53.04
N PHE B 252 30.08 23.27 -52.54
CA PHE B 252 29.70 24.21 -51.49
C PHE B 252 30.54 25.47 -51.56
N GLN B 253 29.99 26.60 -51.16
CA GLN B 253 30.68 27.89 -51.26
C GLN B 253 31.52 28.21 -50.03
N HIS B 254 31.16 27.63 -48.88
CA HIS B 254 31.84 27.94 -47.62
C HIS B 254 31.72 26.79 -46.63
N MET B 255 32.67 26.69 -45.71
CA MET B 255 32.67 25.61 -44.72
C MET B 255 32.72 26.12 -43.28
N ILE B 256 31.85 25.57 -42.43
CA ILE B 256 31.93 25.81 -40.99
C ILE B 256 32.51 24.56 -40.35
N TYR B 257 33.74 24.65 -39.85
CA TYR B 257 34.38 23.49 -39.23
C TYR B 257 34.30 23.54 -37.71
N THR B 258 33.81 22.46 -37.09
CA THR B 258 33.70 22.43 -35.63
C THR B 258 34.45 21.25 -35.01
N GLY B 259 35.24 20.54 -35.80
CA GLY B 259 36.07 19.46 -35.28
C GLY B 259 37.37 19.97 -34.72
N PRO B 260 38.29 19.05 -34.38
CA PRO B 260 39.61 19.42 -33.85
C PRO B 260 40.46 20.18 -34.89
N VAL B 261 41.09 21.27 -34.45
CA VAL B 261 41.83 22.17 -35.35
C VAL B 261 43.06 21.53 -35.99
N ASP B 262 43.81 20.76 -35.20
CA ASP B 262 45.05 20.19 -35.72
C ASP B 262 44.75 19.18 -36.82
N ALA B 263 43.69 18.40 -36.66
CA ALA B 263 43.30 17.41 -37.65
C ALA B 263 42.95 18.05 -38.98
N PHE B 264 42.29 19.21 -38.93
CA PHE B 264 41.92 19.91 -40.15
C PHE B 264 43.16 20.23 -40.99
N PHE B 265 44.24 20.63 -40.32
CA PHE B 265 45.48 20.96 -40.99
C PHE B 265 46.49 19.81 -40.97
N ASP B 266 45.98 18.58 -40.88
CA ASP B 266 46.82 17.39 -40.99
C ASP B 266 47.97 17.34 -39.99
N PHE B 267 47.79 17.99 -38.84
CA PHE B 267 48.79 17.97 -37.78
C PHE B 267 50.14 18.49 -38.24
N CYS B 268 50.15 19.40 -39.20
CA CYS B 268 51.40 19.89 -39.76
C CYS B 268 52.35 20.41 -38.67
N TYR B 269 51.79 20.99 -37.61
CA TYR B 269 52.60 21.53 -36.53
C TYR B 269 52.74 20.55 -35.36
N GLY B 270 52.21 19.34 -35.53
CA GLY B 270 52.20 18.37 -34.45
C GLY B 270 50.83 18.26 -33.80
N LYS B 271 50.65 17.26 -32.96
CA LYS B 271 49.36 16.98 -32.37
C LYS B 271 49.02 17.86 -31.15
N LEU B 272 47.91 18.58 -31.23
CA LEU B 272 47.40 19.32 -30.08
C LEU B 272 46.79 18.37 -29.07
N PRO B 273 47.26 18.43 -27.82
CA PRO B 273 46.74 17.55 -26.77
C PRO B 273 45.28 17.83 -26.43
N TYR B 274 44.47 16.79 -26.52
CA TYR B 274 43.11 16.82 -26.02
C TYR B 274 42.98 15.73 -24.97
N ARG B 275 42.10 15.91 -24.01
CA ARG B 275 41.91 14.93 -22.95
C ARG B 275 40.61 14.20 -23.20
N SER B 276 40.61 12.88 -22.98
CA SER B 276 39.44 12.07 -23.28
C SER B 276 38.80 11.49 -22.01
N LEU B 277 37.80 10.65 -22.21
CA LEU B 277 37.09 10.02 -21.11
C LEU B 277 36.51 8.68 -21.52
N GLU B 278 36.46 7.75 -20.58
CA GLU B 278 35.71 6.51 -20.75
C GLU B 278 34.51 6.53 -19.81
N PHE B 279 33.32 6.22 -20.33
CA PHE B 279 32.12 6.21 -19.51
C PHE B 279 31.63 4.79 -19.23
N ARG B 280 31.48 4.46 -17.96
CA ARG B 280 30.86 3.18 -17.58
C ARG B 280 29.44 3.40 -17.07
N HIS B 281 28.46 3.00 -17.86
CA HIS B 281 27.05 3.18 -17.53
C HIS B 281 26.50 2.00 -16.73
N GLU B 282 25.53 2.25 -15.85
CA GLU B 282 24.93 1.19 -15.04
C GLU B 282 23.48 1.48 -14.68
N THR B 283 22.65 0.43 -14.67
CA THR B 283 21.26 0.56 -14.24
C THR B 283 20.99 -0.26 -12.98
N HIS B 284 20.33 0.37 -12.01
CA HIS B 284 20.04 -0.29 -10.74
C HIS B 284 18.54 -0.44 -10.51
N ASP B 285 18.15 -1.59 -9.95
CA ASP B 285 16.75 -1.85 -9.64
C ASP B 285 16.34 -1.13 -8.37
N THR B 286 16.39 0.19 -8.42
CA THR B 286 16.03 1.05 -7.29
C THR B 286 15.73 2.44 -7.81
N GLU B 287 14.91 3.20 -7.08
CA GLU B 287 14.47 4.50 -7.56
C GLU B 287 15.54 5.59 -7.46
N GLN B 288 16.44 5.47 -6.49
CA GLN B 288 17.46 6.49 -6.27
C GLN B 288 18.75 5.95 -5.63
N LEU B 289 19.87 6.19 -6.29
CA LEU B 289 21.17 5.70 -5.84
C LEU B 289 22.02 6.75 -5.14
N LEU B 290 21.83 8.02 -5.52
CA LEU B 290 22.64 9.13 -5.00
C LEU B 290 21.78 10.24 -4.40
N PRO B 291 22.34 11.02 -3.47
CA PRO B 291 21.62 12.11 -2.81
C PRO B 291 21.52 13.38 -3.66
N THR B 292 22.33 13.48 -4.72
CA THR B 292 22.28 14.59 -5.67
C THR B 292 22.67 14.14 -7.07
N GLY B 293 22.65 15.09 -8.00
CA GLY B 293 22.97 14.81 -9.39
C GLY B 293 24.32 14.15 -9.62
N THR B 294 25.36 14.68 -8.98
CA THR B 294 26.71 14.14 -9.16
C THR B 294 27.46 14.07 -7.84
N VAL B 295 28.27 13.02 -7.69
CA VAL B 295 29.17 12.91 -6.55
C VAL B 295 30.60 12.84 -7.05
N ASN B 296 31.44 13.75 -6.56
CA ASN B 296 32.85 13.79 -6.94
C ASN B 296 33.75 13.03 -5.97
N TYR B 297 34.79 12.40 -6.51
CA TYR B 297 35.73 11.64 -5.71
C TYR B 297 37.17 12.12 -5.89
N PRO B 298 37.56 13.15 -5.14
CA PRO B 298 38.90 13.74 -5.26
C PRO B 298 40.02 12.78 -4.86
N ASN B 299 39.73 11.84 -3.96
CA ASN B 299 40.81 11.10 -3.29
C ASN B 299 40.60 9.61 -3.20
N ASP B 300 39.66 9.09 -3.98
CA ASP B 300 39.37 7.67 -3.96
C ASP B 300 38.99 7.17 -5.35
N TYR B 301 39.24 5.89 -5.60
CA TYR B 301 38.78 5.23 -6.82
C TYR B 301 39.44 5.78 -8.10
N ALA B 302 39.27 5.05 -9.19
CA ALA B 302 39.86 5.43 -10.48
C ALA B 302 39.00 6.45 -11.21
N TYR B 303 37.71 6.49 -10.89
CA TYR B 303 36.81 7.47 -11.50
C TYR B 303 36.79 8.80 -10.74
N THR B 304 36.43 9.87 -11.44
CA THR B 304 36.38 11.19 -10.83
C THR B 304 35.02 11.48 -10.21
N ARG B 305 33.96 10.93 -10.80
CA ARG B 305 32.62 11.20 -10.29
C ARG B 305 31.57 10.21 -10.79
N VAL B 306 30.44 10.17 -10.09
CA VAL B 306 29.27 9.39 -10.51
C VAL B 306 28.11 10.37 -10.72
N SER B 307 27.36 10.18 -11.80
CA SER B 307 26.18 11.00 -12.05
C SER B 307 24.93 10.14 -12.16
N GLU B 308 23.81 10.66 -11.68
CA GLU B 308 22.53 9.97 -11.76
C GLU B 308 21.54 10.82 -12.55
N PHE B 309 21.12 10.31 -13.70
CA PHE B 309 20.38 11.14 -14.64
C PHE B 309 18.98 11.55 -14.20
N LYS B 310 18.28 10.66 -13.51
CA LYS B 310 16.94 11.02 -13.02
C LYS B 310 16.93 12.35 -12.25
N HIS B 311 17.97 12.62 -11.48
CA HIS B 311 18.08 13.89 -10.76
C HIS B 311 18.06 15.06 -11.73
N ILE B 312 18.62 14.84 -12.90
CA ILE B 312 18.82 15.90 -13.90
C ILE B 312 17.63 16.05 -14.82
N THR B 313 17.05 14.93 -15.24
CA THR B 313 15.94 14.96 -16.19
C THR B 313 14.60 15.08 -15.46
N GLY B 314 14.60 14.76 -14.18
CA GLY B 314 13.37 14.75 -13.42
C GLY B 314 12.48 13.58 -13.81
N GLN B 315 13.01 12.68 -14.65
CA GLN B 315 12.23 11.54 -15.11
C GLN B 315 11.78 10.65 -13.96
N ARG B 316 10.58 10.11 -14.09
CA ARG B 316 10.06 9.15 -13.14
C ARG B 316 10.18 7.73 -13.69
N HIS B 317 10.75 6.83 -12.90
CA HIS B 317 11.05 5.47 -13.35
C HIS B 317 11.23 4.61 -12.10
N HIS B 318 10.95 3.31 -12.21
CA HIS B 318 11.11 2.42 -11.05
C HIS B 318 12.56 1.98 -10.91
N GLN B 319 13.37 2.31 -11.90
CA GLN B 319 14.81 2.03 -11.86
C GLN B 319 15.59 3.32 -12.08
N THR B 320 16.91 3.20 -12.12
CA THR B 320 17.76 4.38 -12.20
C THR B 320 19.06 4.03 -12.91
N SER B 321 19.53 4.94 -13.76
CA SER B 321 20.80 4.74 -14.45
C SER B 321 21.82 5.75 -13.97
N VAL B 322 23.05 5.29 -13.81
CA VAL B 322 24.15 6.17 -13.42
C VAL B 322 25.30 5.98 -14.39
N VAL B 323 26.28 6.88 -14.33
CA VAL B 323 27.46 6.76 -15.16
C VAL B 323 28.71 7.17 -14.39
N TYR B 324 29.72 6.31 -14.44
CA TYR B 324 31.01 6.60 -13.84
C TYR B 324 31.95 7.13 -14.92
N GLU B 325 32.72 8.17 -14.60
CA GLU B 325 33.67 8.72 -15.54
C GLU B 325 35.11 8.35 -15.22
N TYR B 326 35.80 7.77 -16.21
CA TYR B 326 37.22 7.49 -16.11
C TYR B 326 37.99 8.33 -17.12
N PRO B 327 38.91 9.18 -16.63
CA PRO B 327 39.72 10.00 -17.54
C PRO B 327 40.64 9.15 -18.40
N ARG B 328 40.78 9.53 -19.67
CA ARG B 328 41.63 8.80 -20.62
C ARG B 328 42.56 9.76 -21.37
N ALA B 329 43.77 9.28 -21.66
CA ALA B 329 44.72 10.04 -22.46
C ALA B 329 44.38 9.90 -23.94
N GLU B 330 43.94 8.71 -24.33
CA GLU B 330 43.57 8.45 -25.71
C GLU B 330 42.06 8.29 -25.91
N GLY B 331 41.57 8.73 -27.07
CA GLY B 331 40.17 8.61 -27.42
C GLY B 331 39.61 9.88 -28.02
N ASP B 332 38.30 9.90 -28.24
CA ASP B 332 37.63 11.09 -28.73
C ASP B 332 37.97 12.28 -27.84
N PRO B 333 38.36 13.39 -28.46
CA PRO B 333 38.75 14.63 -27.77
C PRO B 333 37.56 15.29 -27.07
N TYR B 334 37.62 15.44 -25.75
CA TYR B 334 36.54 16.09 -25.01
C TYR B 334 36.98 17.42 -24.40
N TYR B 335 38.23 17.50 -23.95
CA TYR B 335 38.73 18.72 -23.34
C TYR B 335 40.01 19.22 -24.02
N PRO B 336 40.10 20.54 -24.26
CA PRO B 336 41.40 21.16 -24.55
C PRO B 336 42.21 21.10 -23.27
N VAL B 337 43.54 21.14 -23.36
CA VAL B 337 44.38 21.11 -22.17
C VAL B 337 45.07 22.45 -21.97
N PRO B 338 44.43 23.36 -21.20
CA PRO B 338 44.92 24.73 -21.06
C PRO B 338 46.22 24.84 -20.27
N ARG B 339 47.31 25.16 -20.97
CA ARG B 339 48.61 25.40 -20.37
C ARG B 339 49.52 26.08 -21.39
N PRO B 340 50.56 26.79 -20.92
CA PRO B 340 51.42 27.58 -21.79
C PRO B 340 51.89 26.87 -23.07
N GLU B 341 52.40 25.64 -22.96
CA GLU B 341 52.95 24.96 -24.13
C GLU B 341 51.90 24.58 -25.16
N ASN B 342 50.66 24.39 -24.71
CA ASN B 342 49.55 24.08 -25.60
C ASN B 342 48.95 25.34 -26.23
N ALA B 343 48.89 26.43 -25.46
CA ALA B 343 48.46 27.70 -26.02
C ALA B 343 49.41 28.14 -27.12
N GLU B 344 50.69 27.82 -26.95
CA GLU B 344 51.70 28.11 -27.97
C GLU B 344 51.45 27.30 -29.24
N LEU B 345 51.07 26.03 -29.08
CA LEU B 345 50.76 25.19 -30.23
C LEU B 345 49.50 25.70 -30.94
N TYR B 346 48.41 25.83 -30.20
CA TYR B 346 47.16 26.26 -30.82
C TYR B 346 47.30 27.60 -31.54
N LYS B 347 48.10 28.49 -30.99
CA LYS B 347 48.31 29.80 -31.60
C LYS B 347 48.75 29.68 -33.06
N LYS B 348 49.55 28.67 -33.36
CA LYS B 348 50.02 28.44 -34.72
C LYS B 348 48.91 27.94 -35.65
N TYR B 349 48.11 26.99 -35.16
CA TYR B 349 46.98 26.49 -35.92
C TYR B 349 45.92 27.57 -36.12
N GLU B 350 45.78 28.43 -35.11
CA GLU B 350 44.80 29.50 -35.17
C GLU B 350 45.14 30.49 -36.29
N ALA B 351 46.44 30.69 -36.55
CA ALA B 351 46.85 31.61 -37.60
C ALA B 351 46.53 31.03 -38.99
N LEU B 352 46.68 29.71 -39.12
CA LEU B 352 46.24 29.02 -40.34
C LEU B 352 44.73 29.12 -40.48
N ALA B 353 44.02 28.99 -39.37
CA ALA B 353 42.57 29.07 -39.35
C ALA B 353 42.10 30.45 -39.80
N ASP B 354 42.77 31.48 -39.30
CA ASP B 354 42.42 32.86 -39.64
C ASP B 354 42.76 33.18 -41.09
N ALA B 355 43.67 32.40 -41.67
CA ALA B 355 44.06 32.60 -43.06
C ALA B 355 43.26 31.70 -43.98
N ALA B 356 42.51 30.77 -43.40
CA ALA B 356 41.64 29.91 -44.19
C ALA B 356 40.65 30.76 -44.96
N GLN B 357 40.66 30.65 -46.28
CA GLN B 357 39.89 31.55 -47.13
C GLN B 357 38.38 31.37 -46.98
N ASP B 358 37.90 30.16 -47.16
CA ASP B 358 36.46 29.89 -47.07
C ASP B 358 36.16 28.86 -46.00
N VAL B 359 36.80 29.01 -44.84
CA VAL B 359 36.50 28.15 -43.70
C VAL B 359 36.35 29.00 -42.45
N THR B 360 35.30 28.71 -41.68
CA THR B 360 35.08 29.36 -40.39
C THR B 360 35.17 28.32 -39.28
N PHE B 361 36.02 28.58 -38.30
CA PHE B 361 36.21 27.65 -37.20
C PHE B 361 35.42 28.15 -35.99
N VAL B 362 34.69 27.24 -35.35
CA VAL B 362 33.85 27.59 -34.22
C VAL B 362 33.54 26.36 -33.36
N GLY B 363 33.45 26.56 -32.05
CA GLY B 363 33.19 25.46 -31.13
C GLY B 363 34.34 25.12 -30.19
N ARG B 364 34.07 24.20 -29.27
CA ARG B 364 35.03 23.79 -28.24
C ARG B 364 36.34 23.29 -28.83
N LEU B 365 36.24 22.36 -29.77
CA LEU B 365 37.41 21.73 -30.36
C LEU B 365 38.07 22.60 -31.42
N ALA B 366 37.26 23.20 -32.29
CA ALA B 366 37.78 23.98 -33.42
C ALA B 366 38.51 25.26 -33.00
N THR B 367 38.22 25.77 -31.81
CA THR B 367 38.93 26.96 -31.33
C THR B 367 39.71 26.71 -30.03
N TYR B 368 39.75 25.45 -29.62
CA TYR B 368 40.56 25.01 -28.46
C TYR B 368 40.23 25.80 -27.20
N ARG B 369 38.94 25.93 -26.93
CA ARG B 369 38.47 26.65 -25.76
C ARG B 369 37.65 25.77 -24.83
N TYR B 370 37.96 25.82 -23.54
CA TYR B 370 37.23 25.09 -22.52
C TYR B 370 35.89 25.79 -22.33
N TYR B 371 34.98 25.60 -23.29
CA TYR B 371 33.70 26.29 -23.32
C TYR B 371 32.54 25.43 -22.80
N ASN B 372 31.57 26.10 -22.17
CA ASN B 372 30.33 25.46 -21.80
C ASN B 372 29.33 25.55 -22.96
N MET B 373 28.20 24.87 -22.84
CA MET B 373 27.23 24.83 -23.93
C MET B 373 26.71 26.21 -24.31
N ASP B 374 26.37 27.02 -23.31
CA ASP B 374 25.84 28.35 -23.58
C ASP B 374 26.87 29.22 -24.27
N GLN B 375 28.14 28.97 -23.96
CA GLN B 375 29.23 29.75 -24.53
C GLN B 375 29.43 29.44 -26.01
N VAL B 376 29.31 28.18 -26.37
CA VAL B 376 29.42 27.77 -27.76
C VAL B 376 28.28 28.36 -28.58
N VAL B 377 27.07 28.34 -28.02
CA VAL B 377 25.91 28.92 -28.67
C VAL B 377 26.12 30.41 -28.94
N ALA B 378 26.68 31.11 -27.97
CA ALA B 378 26.94 32.53 -28.13
C ALA B 378 28.03 32.77 -29.18
N GLN B 379 29.07 31.93 -29.17
CA GLN B 379 30.13 32.04 -30.16
C GLN B 379 29.58 31.83 -31.57
N ALA B 380 28.67 30.88 -31.71
CA ALA B 380 28.07 30.58 -33.00
C ALA B 380 27.14 31.70 -33.48
N LEU B 381 26.43 32.32 -32.56
CA LEU B 381 25.52 33.41 -32.92
C LEU B 381 26.31 34.61 -33.42
N ALA B 382 27.41 34.93 -32.74
CA ALA B 382 28.26 36.03 -33.14
C ALA B 382 28.91 35.77 -34.51
N THR B 383 29.34 34.53 -34.73
CA THR B 383 29.88 34.13 -36.01
C THR B 383 28.87 34.39 -37.12
N PHE B 384 27.62 34.02 -36.85
CA PHE B 384 26.52 34.21 -37.79
C PHE B 384 26.39 35.68 -38.19
N ARG B 385 26.41 36.57 -37.21
CA ARG B 385 26.31 38.01 -37.49
C ARG B 385 27.46 38.48 -38.37
N ARG B 386 28.66 37.96 -38.13
CA ARG B 386 29.82 38.33 -38.92
C ARG B 386 29.67 37.86 -40.36
N LEU B 387 29.13 36.65 -40.52
CA LEU B 387 28.91 36.09 -41.84
C LEU B 387 27.87 36.88 -42.63
N GLN B 388 26.99 37.58 -41.92
CA GLN B 388 25.92 38.33 -42.57
C GLN B 388 26.26 39.81 -42.71
N GLY B 389 27.50 40.16 -42.41
CA GLY B 389 27.92 41.56 -42.45
C GLY B 389 27.74 42.22 -41.10
N GLN B 390 26.53 42.12 -40.56
CA GLN B 390 26.18 42.73 -39.26
C GLN B 390 27.40 42.84 -38.34
N LYS C 28 57.03 -36.26 -14.76
CA LYS C 28 55.58 -36.38 -14.93
C LYS C 28 54.82 -35.86 -13.71
N GLY C 29 53.50 -35.96 -13.76
CA GLY C 29 52.65 -35.42 -12.72
C GLY C 29 52.38 -33.95 -12.94
N PHE C 30 52.52 -33.17 -11.87
CA PHE C 30 52.29 -31.73 -11.96
C PHE C 30 53.58 -30.95 -11.76
N ASP C 31 53.66 -29.80 -12.41
CA ASP C 31 54.75 -28.88 -12.14
C ASP C 31 54.65 -28.42 -10.69
N TYR C 32 53.46 -28.01 -10.27
CA TYR C 32 53.24 -27.48 -8.92
C TYR C 32 52.09 -28.16 -8.18
N LEU C 33 52.32 -28.45 -6.91
CA LEU C 33 51.24 -28.83 -6.00
C LEU C 33 51.03 -27.69 -5.00
N ILE C 34 49.83 -27.09 -5.02
CA ILE C 34 49.53 -25.96 -4.16
C ILE C 34 48.54 -26.35 -3.05
N VAL C 35 48.97 -26.21 -1.80
CA VAL C 35 48.16 -26.62 -0.66
C VAL C 35 47.38 -25.44 -0.08
N GLY C 36 46.10 -25.37 -0.41
CA GLY C 36 45.24 -24.28 0.04
C GLY C 36 44.65 -23.52 -1.12
N ALA C 37 43.34 -23.35 -1.11
CA ALA C 37 42.65 -22.65 -2.19
C ALA C 37 42.14 -21.28 -1.76
N GLY C 38 42.74 -20.74 -0.70
CA GLY C 38 42.46 -19.38 -0.29
C GLY C 38 43.15 -18.41 -1.23
N PHE C 39 43.23 -17.15 -0.85
CA PHE C 39 43.85 -16.12 -1.69
C PHE C 39 45.29 -16.48 -2.07
N ALA C 40 46.09 -16.87 -1.08
CA ALA C 40 47.49 -17.21 -1.32
C ALA C 40 47.64 -18.21 -2.46
N GLY C 41 47.05 -19.38 -2.28
CA GLY C 41 47.18 -20.46 -3.24
C GLY C 41 46.52 -20.19 -4.57
N SER C 42 45.35 -19.54 -4.56
CA SER C 42 44.59 -19.31 -5.78
C SER C 42 45.25 -18.30 -6.70
N VAL C 43 45.86 -17.27 -6.12
CA VAL C 43 46.56 -16.28 -6.91
C VAL C 43 47.79 -16.88 -7.59
N LEU C 44 48.59 -17.64 -6.84
CA LEU C 44 49.75 -18.29 -7.44
C LEU C 44 49.36 -19.28 -8.52
N ALA C 45 48.33 -20.08 -8.25
CA ALA C 45 47.81 -21.02 -9.23
C ALA C 45 47.44 -20.29 -10.53
N GLU C 46 46.65 -19.22 -10.41
CA GLU C 46 46.22 -18.44 -11.57
C GLU C 46 47.41 -17.89 -12.35
N ARG C 47 48.45 -17.46 -11.62
CA ARG C 47 49.65 -16.93 -12.25
C ARG C 47 50.43 -18.05 -12.93
N LEU C 48 50.81 -19.05 -12.14
CA LEU C 48 51.55 -20.20 -12.65
C LEU C 48 50.89 -20.84 -13.87
N ALA C 49 49.57 -21.01 -13.82
CA ALA C 49 48.84 -21.66 -14.91
C ALA C 49 48.84 -20.84 -16.19
N SER C 50 48.91 -19.51 -16.07
CA SER C 50 48.91 -18.65 -17.23
C SER C 50 50.29 -18.59 -17.89
N SER C 51 51.32 -19.00 -17.16
CA SER C 51 52.67 -19.08 -17.72
C SER C 51 52.99 -20.49 -18.17
N GLY C 52 51.95 -21.30 -18.38
CA GLY C 52 52.14 -22.64 -18.93
C GLY C 52 52.51 -23.75 -17.96
N GLN C 53 52.34 -23.49 -16.67
CA GLN C 53 52.61 -24.51 -15.65
C GLN C 53 51.38 -25.39 -15.43
N ARG C 54 51.61 -26.67 -15.14
CA ARG C 54 50.53 -27.59 -14.79
C ARG C 54 50.33 -27.58 -13.28
N VAL C 55 49.15 -27.16 -12.84
CA VAL C 55 48.92 -26.94 -11.42
C VAL C 55 47.84 -27.83 -10.80
N LEU C 56 48.18 -28.42 -9.66
CA LEU C 56 47.21 -29.13 -8.84
C LEU C 56 47.02 -28.37 -7.53
N ILE C 57 45.85 -27.78 -7.35
CA ILE C 57 45.54 -27.06 -6.11
C ILE C 57 44.61 -27.90 -5.24
N VAL C 58 45.00 -28.11 -3.98
CA VAL C 58 44.27 -28.98 -3.06
C VAL C 58 43.83 -28.24 -1.80
N ASP C 59 42.64 -28.55 -1.30
CA ASP C 59 42.18 -28.00 -0.03
C ASP C 59 41.38 -29.04 0.76
N ARG C 60 41.55 -29.04 2.07
CA ARG C 60 40.86 -29.97 2.95
C ARG C 60 39.37 -29.62 3.06
N ARG C 61 39.06 -28.38 2.72
CA ARG C 61 37.67 -27.90 2.72
C ARG C 61 36.95 -28.32 1.44
N PRO C 62 35.61 -28.40 1.49
CA PRO C 62 34.80 -28.83 0.34
C PRO C 62 34.59 -27.70 -0.65
N HIS C 63 35.26 -26.57 -0.46
CA HIS C 63 35.10 -25.42 -1.34
C HIS C 63 36.43 -24.69 -1.50
N ILE C 64 36.47 -23.76 -2.44
CA ILE C 64 37.63 -22.92 -2.65
C ILE C 64 37.45 -21.60 -1.91
N GLY C 65 38.46 -20.74 -1.98
CA GLY C 65 38.35 -19.39 -1.44
C GLY C 65 38.81 -19.22 0.00
N GLY C 66 39.03 -20.32 0.71
CA GLY C 66 39.47 -20.26 2.09
C GLY C 66 38.52 -19.44 2.96
N ASN C 67 39.09 -18.63 3.83
CA ASN C 67 38.30 -17.75 4.71
C ASN C 67 37.35 -16.83 3.96
N ALA C 68 37.70 -16.50 2.72
CA ALA C 68 36.92 -15.52 1.95
C ALA C 68 35.76 -16.13 1.19
N TYR C 69 35.64 -17.46 1.28
CA TYR C 69 34.55 -18.18 0.63
C TYR C 69 33.19 -17.63 1.07
N ASP C 70 32.28 -17.44 0.12
CA ASP C 70 30.92 -17.06 0.47
C ASP C 70 29.87 -17.91 -0.24
N CYS C 71 28.65 -17.88 0.27
CA CYS C 71 27.58 -18.70 -0.28
C CYS C 71 26.20 -18.23 0.14
N TYR C 72 25.18 -18.81 -0.46
CA TYR C 72 23.80 -18.50 -0.13
C TYR C 72 23.30 -19.47 0.93
N ASP C 73 22.67 -18.92 1.97
CA ASP C 73 22.18 -19.76 3.07
C ASP C 73 20.78 -20.28 2.77
N ASP C 74 20.17 -20.93 3.75
CA ASP C 74 18.86 -21.52 3.56
C ASP C 74 17.77 -20.50 3.23
N ALA C 75 18.02 -19.24 3.54
CA ALA C 75 17.03 -18.19 3.29
C ALA C 75 17.22 -17.54 1.92
N GLY C 76 18.36 -17.81 1.28
CA GLY C 76 18.66 -17.21 0.00
C GLY C 76 19.48 -15.95 0.13
N VAL C 77 19.96 -15.68 1.34
CA VAL C 77 20.81 -14.52 1.58
C VAL C 77 22.28 -14.89 1.39
N LEU C 78 23.01 -14.03 0.69
CA LEU C 78 24.44 -14.24 0.47
C LEU C 78 25.23 -13.90 1.74
N ILE C 79 25.99 -14.87 2.25
CA ILE C 79 26.68 -14.72 3.54
C ILE C 79 28.14 -15.16 3.49
N HIS C 80 28.87 -14.80 4.54
CA HIS C 80 30.26 -15.23 4.71
C HIS C 80 30.39 -16.18 5.90
N PRO C 81 30.51 -17.49 5.62
CA PRO C 81 30.58 -18.53 6.65
C PRO C 81 31.66 -18.28 7.71
N TYR C 82 32.78 -17.66 7.33
CA TYR C 82 33.87 -17.45 8.27
C TYR C 82 34.02 -15.98 8.66
N GLY C 83 32.89 -15.34 8.96
CA GLY C 83 32.91 -13.94 9.36
C GLY C 83 33.00 -13.03 8.16
N PRO C 84 32.63 -11.76 8.34
CA PRO C 84 32.57 -10.75 7.29
C PRO C 84 33.94 -10.46 6.68
N HIS C 85 34.04 -10.54 5.36
CA HIS C 85 35.27 -10.20 4.66
C HIS C 85 35.06 -8.98 3.76
N ILE C 86 35.56 -7.82 4.22
CA ILE C 86 35.41 -6.57 3.48
C ILE C 86 36.70 -6.24 2.73
N PHE C 87 36.61 -6.12 1.41
CA PHE C 87 37.81 -5.85 0.62
C PHE C 87 38.17 -4.38 0.55
N HIS C 88 39.43 -4.10 0.86
CA HIS C 88 39.94 -2.74 0.82
C HIS C 88 41.41 -2.79 0.47
N THR C 89 41.87 -1.82 -0.31
CA THR C 89 43.28 -1.77 -0.66
C THR C 89 43.71 -0.39 -1.14
N ASN C 90 44.95 -0.04 -0.84
CA ASN C 90 45.55 1.17 -1.36
C ASN C 90 46.35 0.86 -2.62
N SER C 91 46.58 -0.42 -2.86
CA SER C 91 47.39 -0.85 -4.00
C SER C 91 46.59 -0.89 -5.31
N LYS C 92 47.00 -0.05 -6.26
CA LYS C 92 46.37 0.00 -7.58
C LYS C 92 46.64 -1.29 -8.35
N ASP C 93 47.85 -1.83 -8.19
CA ASP C 93 48.22 -3.09 -8.82
C ASP C 93 47.34 -4.26 -8.35
N VAL C 94 47.20 -4.40 -7.04
CA VAL C 94 46.36 -5.45 -6.48
C VAL C 94 44.92 -5.30 -6.97
N PHE C 95 44.39 -4.08 -6.87
CA PHE C 95 43.00 -3.85 -7.27
C PHE C 95 42.76 -4.17 -8.75
N GLU C 96 43.73 -3.81 -9.59
CA GLU C 96 43.61 -4.07 -11.03
C GLU C 96 43.77 -5.55 -11.35
N TYR C 97 44.52 -6.27 -10.52
CA TYR C 97 44.68 -7.71 -10.73
C TYR C 97 43.36 -8.42 -10.48
N LEU C 98 42.79 -8.23 -9.31
CA LEU C 98 41.48 -8.79 -8.97
C LEU C 98 40.39 -8.36 -9.94
N SER C 99 40.55 -7.18 -10.54
CA SER C 99 39.57 -6.68 -11.52
C SER C 99 39.43 -7.64 -12.68
N ARG C 100 40.51 -8.35 -12.99
CA ARG C 100 40.52 -9.35 -14.05
C ARG C 100 39.50 -10.46 -13.83
N PHE C 101 39.07 -10.63 -12.58
CA PHE C 101 38.25 -11.80 -12.24
C PHE C 101 36.89 -11.47 -11.63
N THR C 102 36.55 -10.19 -11.55
CA THR C 102 35.28 -9.80 -10.94
C THR C 102 34.94 -8.34 -11.19
N GLU C 103 33.65 -8.04 -11.15
CA GLU C 103 33.19 -6.66 -11.12
C GLU C 103 32.95 -6.21 -9.69
N TRP C 104 32.85 -4.90 -9.48
CA TRP C 104 32.88 -4.35 -8.14
C TRP C 104 31.59 -3.62 -7.75
N ARG C 105 31.19 -3.81 -6.50
CA ARG C 105 30.15 -3.00 -5.87
C ARG C 105 30.84 -2.05 -4.90
N PRO C 106 30.90 -0.76 -5.24
CA PRO C 106 31.55 0.22 -4.36
C PRO C 106 30.96 0.11 -2.95
N TYR C 107 31.82 0.14 -1.93
CA TYR C 107 31.36 -0.01 -0.56
C TYR C 107 32.44 0.41 0.43
N GLN C 108 32.05 1.28 1.36
CA GLN C 108 32.94 1.74 2.40
C GLN C 108 32.41 1.32 3.77
N HIS C 109 33.03 0.29 4.34
CA HIS C 109 32.59 -0.33 5.57
C HIS C 109 32.55 0.66 6.72
N ARG C 110 31.49 0.60 7.52
CA ARG C 110 31.40 1.44 8.72
C ARG C 110 31.05 0.60 9.94
N VAL C 111 31.83 0.80 11.00
CA VAL C 111 31.62 0.06 12.24
C VAL C 111 31.11 0.98 13.34
N LEU C 112 30.20 0.45 14.15
CA LEU C 112 29.71 1.15 15.32
C LEU C 112 30.08 0.35 16.57
N ALA C 113 30.54 1.04 17.60
CA ALA C 113 30.90 0.38 18.85
C ALA C 113 29.85 0.67 19.91
N SER C 114 29.41 -0.39 20.60
CA SER C 114 28.39 -0.25 21.63
C SER C 114 29.04 0.13 22.95
N VAL C 115 29.06 1.41 23.24
CA VAL C 115 29.71 1.92 24.44
C VAL C 115 28.74 2.79 25.22
N ASP C 116 28.53 2.46 26.50
CA ASP C 116 27.62 3.21 27.34
C ASP C 116 26.27 3.42 26.67
N GLY C 117 25.66 2.33 26.22
CA GLY C 117 24.33 2.38 25.64
C GLY C 117 24.21 3.24 24.39
N GLN C 118 25.33 3.55 23.77
CA GLN C 118 25.31 4.30 22.52
C GLN C 118 26.00 3.52 21.40
N LEU C 119 25.78 3.98 20.17
CA LEU C 119 26.48 3.43 19.02
C LEU C 119 27.41 4.50 18.47
N LEU C 120 28.69 4.34 18.78
CA LEU C 120 29.69 5.36 18.50
C LEU C 120 30.66 4.91 17.42
N PRO C 121 31.09 5.84 16.56
CA PRO C 121 32.05 5.54 15.50
C PRO C 121 33.38 5.03 16.05
N ILE C 122 33.79 3.84 15.60
CA ILE C 122 35.14 3.31 15.82
C ILE C 122 35.70 3.09 14.42
N PRO C 123 36.95 3.55 14.15
CA PRO C 123 37.96 4.18 15.00
C PRO C 123 37.47 5.45 15.67
N ILE C 124 38.02 5.74 16.84
CA ILE C 124 37.67 6.94 17.59
C ILE C 124 37.98 8.19 16.76
N ASN C 125 36.97 9.03 16.57
CA ASN C 125 37.16 10.31 15.87
C ASN C 125 36.55 11.46 16.66
N LEU C 126 36.43 12.62 16.01
CA LEU C 126 35.87 13.80 16.66
C LEU C 126 34.48 13.51 17.22
N ASP C 127 33.64 12.90 16.39
CA ASP C 127 32.26 12.63 16.78
C ASP C 127 32.16 11.60 17.90
N THR C 128 33.10 10.68 17.97
CA THR C 128 33.15 9.70 19.06
C THR C 128 33.36 10.41 20.39
N VAL C 129 34.29 11.35 20.41
CA VAL C 129 34.64 12.07 21.62
C VAL C 129 33.50 13.01 22.01
N ASN C 130 33.11 13.89 21.09
CA ASN C 130 32.01 14.81 21.35
C ASN C 130 30.74 14.11 21.82
N ARG C 131 30.35 13.05 21.14
CA ARG C 131 29.10 12.35 21.46
C ARG C 131 29.17 11.59 22.79
N LEU C 132 30.31 10.98 23.08
CA LEU C 132 30.49 10.19 24.30
C LEU C 132 30.49 11.04 25.57
N TYR C 133 31.20 12.16 25.54
CA TYR C 133 31.36 13.01 26.72
C TYR C 133 30.42 14.22 26.67
N GLY C 134 29.67 14.36 25.58
CA GLY C 134 28.79 15.49 25.41
C GLY C 134 29.56 16.78 25.19
N LEU C 135 30.65 16.70 24.44
CA LEU C 135 31.50 17.87 24.18
C LEU C 135 31.13 18.55 22.86
N ASN C 136 31.75 19.69 22.62
CA ASN C 136 31.59 20.40 21.36
C ASN C 136 32.91 20.91 20.80
N LEU C 137 33.92 20.04 20.81
CA LEU C 137 35.23 20.39 20.31
C LEU C 137 35.24 20.49 18.79
N THR C 138 36.20 21.25 18.28
CA THR C 138 36.49 21.25 16.86
C THR C 138 37.62 20.26 16.63
N SER C 139 37.95 20.03 15.36
CA SER C 139 39.05 19.14 15.01
C SER C 139 40.36 19.64 15.59
N PHE C 140 40.55 20.96 15.60
CA PHE C 140 41.78 21.55 16.11
C PHE C 140 41.87 21.41 17.64
N GLN C 141 40.71 21.38 18.30
CA GLN C 141 40.70 21.29 19.76
C GLN C 141 40.79 19.87 20.27
N VAL C 142 40.28 18.91 19.50
CA VAL C 142 40.28 17.53 19.93
C VAL C 142 41.73 17.03 20.01
N GLU C 143 42.58 17.64 19.21
CA GLU C 143 44.01 17.31 19.22
C GLU C 143 44.57 17.62 20.60
N GLU C 144 44.20 18.78 21.13
CA GLU C 144 44.63 19.18 22.47
C GLU C 144 44.01 18.28 23.53
N PHE C 145 42.74 17.93 23.37
CA PHE C 145 42.07 17.07 24.33
C PHE C 145 42.80 15.74 24.51
N PHE C 146 43.16 15.12 23.39
CA PHE C 146 43.93 13.88 23.43
C PHE C 146 45.25 14.07 24.15
N ALA C 147 45.94 15.17 23.88
CA ALA C 147 47.20 15.48 24.54
C ALA C 147 47.05 15.58 26.06
N SER C 148 45.93 16.15 26.50
CA SER C 148 45.72 16.43 27.91
C SER C 148 45.32 15.21 28.73
N VAL C 149 45.00 14.09 28.07
CA VAL C 149 44.63 12.88 28.79
C VAL C 149 45.54 11.71 28.43
N ALA C 150 46.38 11.89 27.42
CA ALA C 150 47.28 10.85 26.96
C ALA C 150 48.40 10.60 27.98
N GLU C 151 48.78 9.33 28.13
CA GLU C 151 49.86 8.97 29.05
C GLU C 151 51.20 8.99 28.34
N LYS C 152 52.24 9.28 29.10
CA LYS C 152 53.61 9.26 28.61
C LYS C 152 54.21 7.88 28.68
N VAL C 153 54.81 7.45 27.58
CA VAL C 153 55.33 6.11 27.47
C VAL C 153 56.73 6.11 26.85
N GLU C 154 57.71 5.61 27.57
CA GLU C 154 59.06 5.52 27.10
C GLU C 154 59.14 5.00 25.67
N GLN C 155 58.91 3.71 25.51
CA GLN C 155 58.90 3.06 24.22
C GLN C 155 57.64 2.24 23.98
N VAL C 156 56.96 2.49 22.88
CA VAL C 156 55.70 1.84 22.54
C VAL C 156 55.91 0.39 22.11
N ARG C 157 55.80 -0.53 23.06
CA ARG C 157 56.12 -1.93 22.79
C ARG C 157 54.92 -2.86 22.75
N THR C 158 53.87 -2.54 23.52
CA THR C 158 52.69 -3.40 23.57
C THR C 158 51.45 -2.71 23.00
N SER C 159 50.36 -3.47 22.91
CA SER C 159 49.10 -2.96 22.40
C SER C 159 48.44 -1.99 23.36
N GLU C 160 48.70 -2.14 24.66
CA GLU C 160 48.21 -1.19 25.64
C GLU C 160 48.89 0.16 25.44
N ASP C 161 50.18 0.11 25.09
CA ASP C 161 50.98 1.32 24.91
C ASP C 161 50.48 2.20 23.77
N VAL C 162 50.12 1.58 22.64
CA VAL C 162 49.75 2.33 21.45
C VAL C 162 48.50 3.18 21.67
N VAL C 163 47.50 2.61 22.35
CA VAL C 163 46.24 3.30 22.53
C VAL C 163 46.36 4.37 23.62
N VAL C 164 46.92 3.97 24.74
CA VAL C 164 47.02 4.84 25.91
C VAL C 164 47.84 6.11 25.64
N SER C 165 48.85 6.00 24.77
CA SER C 165 49.70 7.15 24.45
C SER C 165 49.03 8.08 23.43
N LYS C 166 47.97 7.59 22.80
CA LYS C 166 47.17 8.39 21.88
C LYS C 166 46.03 9.10 22.61
N VAL C 167 45.14 8.30 23.19
CA VAL C 167 43.85 8.79 23.65
C VAL C 167 43.63 8.68 25.16
N GLY C 168 44.60 8.10 25.87
CA GLY C 168 44.52 8.08 27.32
C GLY C 168 43.83 6.85 27.90
N ARG C 169 43.80 6.78 29.23
CA ARG C 169 43.38 5.59 29.95
C ARG C 169 41.88 5.29 29.83
N ASP C 170 41.03 6.31 29.99
CA ASP C 170 39.58 6.10 29.95
C ASP C 170 39.10 5.57 28.60
N LEU C 171 39.44 6.27 27.53
CA LEU C 171 39.06 5.84 26.19
C LEU C 171 39.64 4.45 25.88
N TYR C 172 40.83 4.18 26.38
CA TYR C 172 41.43 2.85 26.24
C TYR C 172 40.57 1.80 26.91
N ASN C 173 40.08 2.09 28.11
CA ASN C 173 39.25 1.13 28.85
C ASN C 173 37.90 0.92 28.19
N LYS C 174 37.38 1.98 27.60
CA LYS C 174 35.99 1.99 27.11
C LYS C 174 35.84 1.34 25.73
N PHE C 175 36.91 1.36 24.95
CA PHE C 175 36.84 0.91 23.56
C PHE C 175 37.76 -0.28 23.27
N PHE C 176 38.91 -0.33 23.94
CA PHE C 176 39.96 -1.26 23.56
C PHE C 176 40.23 -2.41 24.55
N ARG C 177 40.45 -2.10 25.82
CA ARG C 177 40.87 -3.13 26.75
C ARG C 177 39.92 -4.32 26.80
N GLY C 178 38.63 -4.04 27.00
CA GLY C 178 37.63 -5.09 27.08
C GLY C 178 37.55 -5.94 25.82
N TYR C 179 37.43 -5.27 24.68
CA TYR C 179 37.33 -5.96 23.41
C TYR C 179 38.50 -6.92 23.23
N THR C 180 39.71 -6.40 23.40
CA THR C 180 40.92 -7.18 23.22
C THR C 180 40.99 -8.38 24.17
N ARG C 181 40.68 -8.15 25.44
CA ARG C 181 40.62 -9.25 26.39
C ARG C 181 39.68 -10.35 25.92
N LYS C 182 38.57 -9.96 25.32
CA LYS C 182 37.58 -10.91 24.83
C LYS C 182 38.06 -11.63 23.56
N GLN C 183 38.62 -10.88 22.63
CA GLN C 183 39.08 -11.41 21.35
C GLN C 183 40.27 -12.37 21.47
N TRP C 184 41.25 -11.99 22.28
CA TRP C 184 42.53 -12.70 22.33
C TRP C 184 42.70 -13.60 23.56
N GLY C 185 42.03 -13.26 24.65
CA GLY C 185 42.22 -13.99 25.89
C GLY C 185 43.45 -13.46 26.61
N LEU C 186 43.95 -12.32 26.12
CA LEU C 186 45.14 -11.67 26.68
C LEU C 186 44.84 -10.18 26.87
N ASP C 187 45.46 -9.59 27.89
CA ASP C 187 45.37 -8.14 28.06
C ASP C 187 46.23 -7.48 27.00
N PRO C 188 45.79 -6.32 26.49
CA PRO C 188 46.53 -5.57 25.48
C PRO C 188 48.02 -5.42 25.82
N SER C 189 48.36 -5.49 27.10
CA SER C 189 49.76 -5.40 27.52
C SER C 189 50.54 -6.68 27.21
N GLU C 190 49.82 -7.73 26.82
CA GLU C 190 50.43 -9.01 26.51
C GLU C 190 50.50 -9.26 25.00
N LEU C 191 50.20 -8.24 24.22
CA LEU C 191 50.26 -8.34 22.77
C LEU C 191 51.20 -7.29 22.18
N ASP C 192 51.80 -7.62 21.04
CA ASP C 192 52.63 -6.66 20.31
C ASP C 192 51.81 -5.43 19.93
N ALA C 193 52.50 -4.30 19.75
CA ALA C 193 51.83 -3.05 19.43
C ALA C 193 51.07 -3.11 18.11
N SER C 194 51.40 -4.11 17.28
CA SER C 194 50.83 -4.22 15.94
C SER C 194 49.33 -4.53 15.93
N VAL C 195 48.85 -5.23 16.96
CA VAL C 195 47.45 -5.68 16.99
C VAL C 195 46.43 -4.53 17.13
N THR C 196 46.60 -3.68 18.14
CA THR C 196 45.67 -2.56 18.30
C THR C 196 46.04 -1.36 17.41
N ALA C 197 47.26 -1.37 16.88
CA ALA C 197 47.67 -0.31 15.96
C ALA C 197 46.94 -0.41 14.62
N ARG C 198 46.20 -1.49 14.43
CA ARG C 198 45.41 -1.66 13.21
C ARG C 198 44.25 -0.69 13.16
N VAL C 199 43.84 -0.20 14.33
CA VAL C 199 42.72 0.73 14.43
C VAL C 199 43.19 2.06 14.98
N PRO C 200 43.70 2.94 14.12
CA PRO C 200 44.29 4.21 14.53
C PRO C 200 43.21 5.14 15.07
N THR C 201 43.63 6.31 15.57
CA THR C 201 42.70 7.31 16.06
C THR C 201 42.71 8.52 15.14
N ARG C 202 41.55 9.15 14.99
CA ARG C 202 41.41 10.28 14.08
C ARG C 202 41.00 11.56 14.81
N THR C 203 41.43 12.71 14.29
CA THR C 203 40.99 13.99 14.82
C THR C 203 39.93 14.64 13.92
N ASN C 204 39.74 14.08 12.73
CA ASN C 204 38.70 14.56 11.82
C ASN C 204 37.42 13.77 12.04
N ARG C 205 36.45 13.94 11.15
CA ARG C 205 35.15 13.30 11.31
C ARG C 205 34.91 12.17 10.33
N ASP C 206 35.97 11.46 9.97
CA ASP C 206 35.86 10.31 9.09
C ASP C 206 35.41 9.09 9.89
N ASN C 207 34.24 8.55 9.55
CA ASN C 207 33.70 7.40 10.25
C ASN C 207 33.85 6.08 9.48
N ARG C 208 34.72 6.05 8.49
CA ARG C 208 34.99 4.81 7.74
C ARG C 208 35.99 3.96 8.49
N TYR C 209 35.74 2.65 8.58
CA TYR C 209 36.71 1.77 9.22
C TYR C 209 38.03 1.82 8.44
N PHE C 210 37.93 1.83 7.11
CA PHE C 210 39.10 1.90 6.25
C PHE C 210 39.17 3.23 5.50
N ALA C 211 40.37 3.78 5.40
CA ALA C 211 40.56 5.01 4.64
C ALA C 211 41.29 4.72 3.34
N ASP C 212 41.09 3.50 2.82
CA ASP C 212 41.81 3.04 1.64
C ASP C 212 41.23 3.61 0.34
N THR C 213 42.08 3.71 -0.67
CA THR C 213 41.70 4.30 -1.95
C THR C 213 40.66 3.47 -2.68
N TYR C 214 40.81 2.15 -2.64
CA TYR C 214 39.90 1.27 -3.35
C TYR C 214 39.09 0.42 -2.38
N GLN C 215 37.80 0.69 -2.32
CA GLN C 215 36.91 -0.02 -1.43
C GLN C 215 35.67 -0.49 -2.18
N ALA C 216 35.61 -1.78 -2.44
CA ALA C 216 34.46 -2.39 -3.09
C ALA C 216 34.42 -3.88 -2.80
N MET C 217 33.27 -4.49 -3.08
CA MET C 217 33.09 -5.92 -2.91
C MET C 217 32.87 -6.57 -4.27
N PRO C 218 33.38 -7.80 -4.44
CA PRO C 218 33.10 -8.53 -5.68
C PRO C 218 31.60 -8.52 -5.93
N LEU C 219 31.19 -8.00 -7.08
CA LEU C 219 29.76 -7.79 -7.36
C LEU C 219 28.87 -9.00 -7.06
N HIS C 220 29.37 -10.20 -7.34
CA HIS C 220 28.59 -11.42 -7.13
C HIS C 220 29.26 -12.35 -6.13
N GLY C 221 30.04 -11.78 -5.21
CA GLY C 221 30.67 -12.57 -4.17
C GLY C 221 32.06 -13.05 -4.52
N TYR C 222 32.77 -13.49 -3.49
CA TYR C 222 34.15 -13.96 -3.62
C TYR C 222 34.25 -15.26 -4.39
N THR C 223 33.32 -16.17 -4.13
CA THR C 223 33.36 -17.50 -4.73
C THR C 223 33.34 -17.43 -6.25
N ARG C 224 32.49 -16.55 -6.78
CA ARG C 224 32.41 -16.36 -8.22
C ARG C 224 33.75 -15.86 -8.75
N MET C 225 34.36 -14.95 -8.01
CA MET C 225 35.66 -14.41 -8.38
C MET C 225 36.74 -15.50 -8.37
N PHE C 226 36.72 -16.33 -7.33
CA PHE C 226 37.68 -17.43 -7.23
C PHE C 226 37.52 -18.43 -8.37
N GLN C 227 36.28 -18.69 -8.77
CA GLN C 227 36.01 -19.59 -9.89
C GLN C 227 36.69 -19.09 -11.16
N ASN C 228 36.56 -17.79 -11.42
CA ASN C 228 37.22 -17.19 -12.57
C ASN C 228 38.73 -17.28 -12.46
N MET C 229 39.23 -17.22 -11.23
CA MET C 229 40.66 -17.23 -10.97
C MET C 229 41.28 -18.62 -11.20
N LEU C 230 40.45 -19.65 -11.11
CA LEU C 230 40.95 -21.03 -11.24
C LEU C 230 40.39 -21.75 -12.47
N SER C 231 39.98 -20.99 -13.48
CA SER C 231 39.29 -21.56 -14.62
C SER C 231 40.21 -22.04 -15.75
N SER C 232 41.51 -21.88 -15.55
CA SER C 232 42.50 -22.32 -16.54
C SER C 232 42.46 -23.83 -16.76
N PRO C 233 42.72 -24.26 -18.00
CA PRO C 233 42.88 -25.68 -18.31
C PRO C 233 44.04 -26.27 -17.54
N ASN C 234 45.01 -25.43 -17.18
CA ASN C 234 46.20 -25.90 -16.49
C ASN C 234 46.04 -26.02 -14.97
N ILE C 235 44.82 -25.79 -14.49
CA ILE C 235 44.54 -25.90 -13.06
C ILE C 235 43.57 -27.04 -12.75
N LYS C 236 43.97 -27.91 -11.84
CA LYS C 236 43.10 -28.99 -11.37
C LYS C 236 42.77 -28.77 -9.91
N VAL C 237 41.48 -28.78 -9.60
CA VAL C 237 41.03 -28.46 -8.25
C VAL C 237 40.62 -29.71 -7.48
N MET C 238 41.33 -29.99 -6.40
CA MET C 238 41.04 -31.14 -5.57
C MET C 238 40.57 -30.68 -4.21
N LEU C 239 39.34 -31.06 -3.85
CA LEU C 239 38.72 -30.57 -2.62
C LEU C 239 38.49 -31.69 -1.63
N ASN C 240 38.30 -31.32 -0.36
CA ASN C 240 38.08 -32.27 0.71
C ASN C 240 39.29 -33.19 0.88
N THR C 241 40.46 -32.67 0.52
CA THR C 241 41.69 -33.45 0.52
C THR C 241 42.78 -32.81 1.37
N ASP C 242 43.45 -33.62 2.18
CA ASP C 242 44.61 -33.16 2.92
C ASP C 242 45.84 -33.47 2.07
N TYR C 243 46.70 -32.48 1.83
CA TYR C 243 47.83 -32.70 0.94
C TYR C 243 48.55 -33.98 1.32
N ARG C 244 48.54 -34.30 2.60
CA ARG C 244 49.24 -35.48 3.11
C ARG C 244 48.66 -36.80 2.60
N GLU C 245 47.39 -36.79 2.21
CA GLU C 245 46.73 -38.00 1.74
C GLU C 245 47.08 -38.33 0.28
N ILE C 246 47.62 -37.36 -0.44
CA ILE C 246 47.95 -37.58 -1.85
C ILE C 246 49.44 -37.39 -2.15
N ALA C 247 50.14 -36.70 -1.26
CA ALA C 247 51.54 -36.34 -1.50
C ALA C 247 52.44 -37.54 -1.75
N ASP C 248 52.07 -38.69 -1.20
CA ASP C 248 52.90 -39.89 -1.30
C ASP C 248 52.88 -40.54 -2.69
N PHE C 249 51.85 -40.28 -3.47
CA PHE C 249 51.73 -40.96 -4.76
C PHE C 249 51.43 -40.04 -5.95
N ILE C 250 51.10 -38.78 -5.68
CA ILE C 250 50.94 -37.82 -6.75
C ILE C 250 52.25 -37.10 -7.02
N PRO C 251 52.71 -37.13 -8.28
CA PRO C 251 54.00 -36.53 -8.66
C PRO C 251 53.91 -35.04 -8.85
N PHE C 252 54.78 -34.29 -8.18
CA PHE C 252 54.87 -32.85 -8.36
C PHE C 252 56.30 -32.38 -8.20
N GLN C 253 56.71 -31.42 -9.02
CA GLN C 253 58.06 -30.89 -8.95
C GLN C 253 58.24 -30.01 -7.72
N HIS C 254 57.27 -29.15 -7.46
CA HIS C 254 57.37 -28.15 -6.40
C HIS C 254 56.06 -28.00 -5.62
N MET C 255 56.17 -27.67 -4.34
CA MET C 255 54.98 -27.45 -3.51
C MET C 255 54.89 -26.02 -3.00
N ILE C 256 53.69 -25.46 -3.07
CA ILE C 256 53.41 -24.17 -2.44
C ILE C 256 52.41 -24.40 -1.31
N TYR C 257 52.86 -24.23 -0.07
CA TYR C 257 52.05 -24.53 1.09
C TYR C 257 51.52 -23.26 1.76
N THR C 258 50.21 -23.24 2.04
CA THR C 258 49.58 -22.07 2.62
C THR C 258 48.88 -22.38 3.94
N GLY C 259 49.08 -23.60 4.47
CA GLY C 259 48.52 -23.98 5.75
C GLY C 259 49.33 -23.41 6.91
N PRO C 260 48.97 -23.76 8.15
CA PRO C 260 49.76 -23.31 9.31
C PRO C 260 51.13 -24.00 9.36
N VAL C 261 52.17 -23.30 9.80
CA VAL C 261 53.52 -23.85 9.80
C VAL C 261 53.73 -25.04 10.73
N ASP C 262 53.30 -24.91 11.98
CA ASP C 262 53.58 -25.97 12.95
C ASP C 262 53.04 -27.33 12.51
N ALA C 263 51.86 -27.36 11.89
CA ALA C 263 51.31 -28.61 11.41
C ALA C 263 52.20 -29.26 10.36
N PHE C 264 52.80 -28.42 9.52
CA PHE C 264 53.63 -28.92 8.42
C PHE C 264 54.83 -29.72 8.93
N PHE C 265 55.31 -29.37 10.12
CA PHE C 265 56.44 -30.05 10.72
C PHE C 265 56.01 -30.84 11.96
N ASP C 266 54.77 -31.33 11.92
CA ASP C 266 54.24 -32.20 12.97
C ASP C 266 54.46 -31.65 14.37
N PHE C 267 54.21 -30.37 14.55
CA PHE C 267 54.31 -29.73 15.85
C PHE C 267 55.56 -30.19 16.60
N CYS C 268 56.70 -30.20 15.90
CA CYS C 268 57.92 -30.73 16.48
C CYS C 268 58.49 -29.85 17.61
N TYR C 269 58.17 -28.56 17.60
CA TYR C 269 58.66 -27.66 18.65
C TYR C 269 57.57 -27.26 19.62
N GLY C 270 56.40 -27.86 19.48
CA GLY C 270 55.24 -27.48 20.29
C GLY C 270 54.23 -26.73 19.42
N LYS C 271 53.03 -26.55 19.97
CA LYS C 271 51.94 -25.91 19.24
C LYS C 271 52.19 -24.42 19.06
N LEU C 272 52.08 -23.94 17.82
CA LEU C 272 52.15 -22.51 17.55
C LEU C 272 50.77 -21.91 17.79
N PRO C 273 50.66 -20.98 18.76
CA PRO C 273 49.36 -20.44 19.14
C PRO C 273 48.63 -19.71 18.02
N TYR C 274 47.49 -20.27 17.60
CA TYR C 274 46.55 -19.56 16.73
C TYR C 274 45.25 -19.37 17.51
N ARG C 275 44.66 -18.19 17.39
CA ARG C 275 43.38 -17.92 18.03
C ARG C 275 42.26 -18.29 17.07
N SER C 276 41.11 -18.71 17.60
CA SER C 276 40.04 -19.19 16.74
C SER C 276 38.70 -18.50 17.00
N LEU C 277 37.73 -18.81 16.16
CA LEU C 277 36.38 -18.26 16.30
C LEU C 277 35.32 -19.32 16.18
N GLU C 278 34.16 -19.05 16.76
CA GLU C 278 32.97 -19.82 16.51
C GLU C 278 31.90 -18.86 16.00
N PHE C 279 31.27 -19.22 14.89
CA PHE C 279 30.28 -18.33 14.26
C PHE C 279 28.86 -18.81 14.48
N ARG C 280 28.00 -17.89 14.93
CA ARG C 280 26.59 -18.19 15.11
C ARG C 280 25.79 -17.42 14.07
N HIS C 281 25.22 -18.15 13.11
CA HIS C 281 24.47 -17.54 12.02
C HIS C 281 22.96 -17.52 12.29
N GLU C 282 22.33 -16.38 12.01
CA GLU C 282 20.90 -16.18 12.26
C GLU C 282 20.24 -15.49 11.08
N THR C 283 18.96 -15.79 10.87
CA THR C 283 18.17 -15.15 9.83
C THR C 283 16.90 -14.56 10.44
N HIS C 284 16.68 -13.26 10.24
CA HIS C 284 15.50 -12.62 10.81
C HIS C 284 14.48 -12.20 9.75
N ASP C 285 13.21 -12.31 10.09
CA ASP C 285 12.12 -11.98 9.19
C ASP C 285 11.92 -10.47 9.15
N THR C 286 12.92 -9.78 8.62
CA THR C 286 12.87 -8.33 8.48
C THR C 286 13.98 -7.89 7.54
N GLU C 287 13.86 -6.67 7.03
CA GLU C 287 14.80 -6.19 6.01
C GLU C 287 16.14 -5.75 6.57
N GLN C 288 16.15 -5.26 7.80
CA GLN C 288 17.37 -4.68 8.38
C GLN C 288 17.39 -4.76 9.89
N LEU C 289 18.53 -5.20 10.44
CA LEU C 289 18.67 -5.41 11.87
C LEU C 289 19.66 -4.42 12.51
N LEU C 290 20.69 -4.06 11.76
CA LEU C 290 21.74 -3.16 12.25
C LEU C 290 21.81 -1.89 11.42
N PRO C 291 22.22 -0.78 12.03
CA PRO C 291 22.39 0.52 11.37
C PRO C 291 23.57 0.53 10.38
N THR C 292 24.58 -0.29 10.64
CA THR C 292 25.72 -0.43 9.73
C THR C 292 26.10 -1.89 9.57
N GLY C 293 27.18 -2.12 8.82
CA GLY C 293 27.61 -3.47 8.50
C GLY C 293 28.01 -4.32 9.69
N THR C 294 28.64 -3.71 10.69
CA THR C 294 29.11 -4.43 11.86
C THR C 294 29.02 -3.58 13.13
N VAL C 295 28.56 -4.19 14.22
CA VAL C 295 28.53 -3.54 15.53
C VAL C 295 29.43 -4.29 16.50
N ASN C 296 30.41 -3.59 17.08
CA ASN C 296 31.32 -4.20 18.05
C ASN C 296 30.84 -4.09 19.49
N TYR C 297 31.21 -5.06 20.30
CA TYR C 297 30.79 -5.10 21.70
C TYR C 297 31.99 -5.24 22.63
N PRO C 298 32.67 -4.13 22.89
CA PRO C 298 33.87 -4.11 23.74
C PRO C 298 33.58 -4.52 25.18
N ASN C 299 32.41 -4.17 25.69
CA ASN C 299 32.16 -4.28 27.13
C ASN C 299 30.94 -5.12 27.49
N ASP C 300 30.33 -5.73 26.49
CA ASP C 300 29.10 -6.48 26.72
C ASP C 300 29.10 -7.81 25.97
N TYR C 301 28.48 -8.82 26.56
CA TYR C 301 28.18 -10.07 25.86
C TYR C 301 29.40 -10.98 25.63
N ALA C 302 29.11 -12.22 25.21
CA ALA C 302 30.15 -13.21 24.95
C ALA C 302 30.76 -13.04 23.56
N TYR C 303 29.94 -12.62 22.60
CA TYR C 303 30.43 -12.34 21.26
C TYR C 303 31.17 -11.00 21.19
N THR C 304 32.09 -10.90 20.24
CA THR C 304 32.83 -9.65 20.04
C THR C 304 32.08 -8.67 19.15
N ARG C 305 31.28 -9.19 18.21
CA ARG C 305 30.58 -8.33 17.26
C ARG C 305 29.48 -9.02 16.45
N VAL C 306 28.61 -8.21 15.85
CA VAL C 306 27.55 -8.69 14.97
C VAL C 306 27.71 -8.07 13.59
N SER C 307 27.43 -8.83 12.54
CA SER C 307 27.52 -8.29 11.19
C SER C 307 26.32 -8.71 10.35
N GLU C 308 25.80 -7.76 9.57
CA GLU C 308 24.65 -8.01 8.72
C GLU C 308 25.08 -7.94 7.26
N PHE C 309 24.98 -9.06 6.56
CA PHE C 309 25.60 -9.21 5.24
C PHE C 309 25.00 -8.37 4.12
N LYS C 310 23.69 -8.12 4.18
CA LYS C 310 23.03 -7.34 3.15
C LYS C 310 23.60 -5.92 3.05
N HIS C 311 24.17 -5.44 4.16
CA HIS C 311 24.83 -4.14 4.18
C HIS C 311 26.08 -4.20 3.33
N ILE C 312 26.74 -5.34 3.38
CA ILE C 312 28.06 -5.53 2.76
C ILE C 312 27.96 -5.90 1.29
N THR C 313 26.99 -6.75 0.97
CA THR C 313 26.81 -7.25 -0.39
C THR C 313 25.95 -6.30 -1.21
N GLY C 314 25.02 -5.61 -0.56
CA GLY C 314 24.09 -4.74 -1.24
C GLY C 314 22.90 -5.53 -1.75
N GLN C 315 22.79 -6.78 -1.32
CA GLN C 315 21.70 -7.66 -1.76
C GLN C 315 20.34 -7.18 -1.28
N ARG C 316 19.32 -7.43 -2.11
CA ARG C 316 17.94 -7.11 -1.76
C ARG C 316 17.21 -8.39 -1.41
N HIS C 317 16.46 -8.36 -0.31
CA HIS C 317 15.82 -9.56 0.22
C HIS C 317 14.76 -9.15 1.22
N HIS C 318 13.73 -9.99 1.39
CA HIS C 318 12.69 -9.68 2.34
C HIS C 318 13.12 -10.04 3.76
N GLN C 319 14.17 -10.84 3.88
CA GLN C 319 14.72 -11.19 5.18
C GLN C 319 16.17 -10.72 5.29
N THR C 320 16.77 -10.94 6.44
CA THR C 320 18.16 -10.53 6.64
C THR C 320 18.93 -11.56 7.44
N SER C 321 20.21 -11.74 7.11
CA SER C 321 21.05 -12.69 7.84
C SER C 321 22.24 -12.02 8.49
N VAL C 322 22.44 -12.32 9.77
CA VAL C 322 23.53 -11.76 10.55
C VAL C 322 24.40 -12.88 11.13
N VAL C 323 25.58 -12.51 11.63
CA VAL C 323 26.47 -13.47 12.28
C VAL C 323 27.12 -12.91 13.55
N TYR C 324 27.02 -13.66 14.64
CA TYR C 324 27.71 -13.30 15.88
C TYR C 324 29.02 -14.07 16.01
N GLU C 325 30.11 -13.37 16.35
CA GLU C 325 31.41 -14.00 16.46
C GLU C 325 31.87 -14.26 17.91
N TYR C 326 32.26 -15.49 18.19
CA TYR C 326 32.74 -15.87 19.52
C TYR C 326 34.21 -16.31 19.49
N PRO C 327 35.06 -15.59 20.22
CA PRO C 327 36.47 -16.01 20.35
C PRO C 327 36.59 -17.40 20.98
N ARG C 328 37.54 -18.19 20.49
CA ARG C 328 37.78 -19.54 21.01
C ARG C 328 39.27 -19.83 21.06
N ALA C 329 39.69 -20.58 22.07
CA ALA C 329 41.08 -21.01 22.17
C ALA C 329 41.32 -22.23 21.30
N GLU C 330 40.26 -23.01 21.10
CA GLU C 330 40.36 -24.22 20.30
C GLU C 330 39.47 -24.16 19.06
N GLY C 331 39.93 -24.77 17.97
CA GLY C 331 39.23 -24.73 16.69
C GLY C 331 40.21 -24.42 15.57
N ASP C 332 39.71 -24.35 14.33
CA ASP C 332 40.57 -24.00 13.19
C ASP C 332 41.31 -22.70 13.44
N PRO C 333 42.55 -22.60 12.93
CA PRO C 333 43.41 -21.42 13.09
C PRO C 333 42.94 -20.25 12.23
N TYR C 334 42.71 -19.08 12.83
CA TYR C 334 42.36 -17.89 12.06
C TYR C 334 43.34 -16.74 12.31
N TYR C 335 43.81 -16.62 13.54
CA TYR C 335 44.65 -15.51 13.97
C TYR C 335 45.99 -15.95 14.52
N PRO C 336 47.08 -15.46 13.93
CA PRO C 336 48.38 -15.53 14.62
C PRO C 336 48.29 -14.69 15.89
N VAL C 337 48.93 -15.12 16.97
CA VAL C 337 48.91 -14.35 18.20
C VAL C 337 50.25 -13.63 18.38
N PRO C 338 50.35 -12.38 17.91
CA PRO C 338 51.59 -11.62 17.90
C PRO C 338 52.06 -11.19 19.30
N ARG C 339 52.99 -11.93 19.86
CA ARG C 339 53.64 -11.55 21.12
C ARG C 339 55.07 -12.10 21.14
N PRO C 340 55.94 -11.51 21.96
CA PRO C 340 57.37 -11.85 21.96
C PRO C 340 57.67 -13.36 21.96
N GLU C 341 57.06 -14.12 22.86
CA GLU C 341 57.35 -15.55 22.99
C GLU C 341 56.94 -16.36 21.75
N ASN C 342 55.77 -16.06 21.20
CA ASN C 342 55.30 -16.75 20.00
C ASN C 342 56.17 -16.44 18.78
N ALA C 343 56.79 -15.27 18.77
CA ALA C 343 57.71 -14.91 17.70
C ALA C 343 58.97 -15.77 17.78
N GLU C 344 59.40 -16.07 19.01
CA GLU C 344 60.56 -16.93 19.24
C GLU C 344 60.30 -18.32 18.68
N LEU C 345 59.09 -18.82 18.91
CA LEU C 345 58.71 -20.15 18.48
C LEU C 345 58.59 -20.20 16.96
N TYR C 346 57.90 -19.23 16.38
CA TYR C 346 57.75 -19.20 14.93
C TYR C 346 59.12 -19.22 14.26
N LYS C 347 60.10 -18.57 14.87
CA LYS C 347 61.45 -18.51 14.33
C LYS C 347 62.03 -19.90 14.09
N LYS C 348 61.83 -20.80 15.04
CA LYS C 348 62.32 -22.17 14.88
C LYS C 348 61.64 -22.85 13.69
N TYR C 349 60.31 -22.72 13.60
CA TYR C 349 59.58 -23.27 12.47
C TYR C 349 59.99 -22.60 11.17
N GLU C 350 60.25 -21.29 11.24
CA GLU C 350 60.65 -20.54 10.07
C GLU C 350 62.02 -20.99 9.57
N ALA C 351 62.86 -21.44 10.50
CA ALA C 351 64.17 -21.97 10.14
C ALA C 351 64.03 -23.22 9.29
N LEU C 352 63.18 -24.15 9.72
CA LEU C 352 62.94 -25.39 8.98
C LEU C 352 62.38 -25.12 7.60
N ALA C 353 61.49 -24.13 7.51
CA ALA C 353 60.80 -23.83 6.26
C ALA C 353 61.78 -23.42 5.16
N ASP C 354 62.76 -22.59 5.52
CA ASP C 354 63.72 -22.12 4.54
C ASP C 354 64.72 -23.22 4.20
N ALA C 355 64.87 -24.18 5.10
CA ALA C 355 65.64 -25.38 4.81
C ALA C 355 64.87 -26.25 3.82
N ALA C 356 63.57 -26.36 4.02
CA ALA C 356 62.71 -27.13 3.13
C ALA C 356 62.98 -26.75 1.68
N GLN C 357 63.40 -27.75 0.90
CA GLN C 357 63.95 -27.54 -0.43
C GLN C 357 62.92 -27.10 -1.46
N ASP C 358 61.97 -27.97 -1.72
CA ASP C 358 61.00 -27.75 -2.80
C ASP C 358 59.66 -27.24 -2.29
N VAL C 359 59.70 -26.49 -1.19
CA VAL C 359 58.48 -25.97 -0.59
C VAL C 359 58.55 -24.46 -0.37
N THR C 360 57.58 -23.74 -0.93
CA THR C 360 57.46 -22.32 -0.71
C THR C 360 56.25 -22.02 0.18
N PHE C 361 56.50 -21.32 1.28
CA PHE C 361 55.45 -20.98 2.23
C PHE C 361 54.93 -19.58 1.92
N VAL C 362 53.60 -19.43 1.95
CA VAL C 362 52.99 -18.14 1.65
C VAL C 362 51.60 -18.04 2.27
N GLY C 363 51.22 -16.84 2.69
CA GLY C 363 49.89 -16.61 3.24
C GLY C 363 49.89 -16.32 4.74
N ARG C 364 48.69 -16.08 5.26
CA ARG C 364 48.51 -15.69 6.66
C ARG C 364 49.03 -16.72 7.65
N LEU C 365 48.59 -17.96 7.50
CA LEU C 365 48.90 -19.03 8.44
C LEU C 365 50.30 -19.61 8.22
N ALA C 366 50.70 -19.64 6.96
CA ALA C 366 51.96 -20.26 6.57
C ALA C 366 53.18 -19.45 7.01
N THR C 367 53.05 -18.12 7.00
CA THR C 367 54.15 -17.25 7.40
C THR C 367 53.87 -16.54 8.73
N TYR C 368 52.78 -16.93 9.38
CA TYR C 368 52.44 -16.44 10.73
C TYR C 368 52.37 -14.91 10.80
N ARG C 369 51.48 -14.33 10.01
CA ARG C 369 51.31 -12.89 9.96
C ARG C 369 49.84 -12.49 9.93
N TYR C 370 49.52 -11.42 10.65
CA TYR C 370 48.18 -10.87 10.70
C TYR C 370 47.89 -10.10 9.41
N TYR C 371 47.59 -10.82 8.33
CA TYR C 371 47.48 -10.21 7.00
C TYR C 371 46.04 -10.00 6.53
N ASN C 372 45.82 -8.90 5.81
CA ASN C 372 44.56 -8.65 5.12
C ASN C 372 44.58 -9.30 3.75
N MET C 373 43.40 -9.40 3.13
CA MET C 373 43.28 -10.02 1.82
C MET C 373 44.22 -9.39 0.79
N ASP C 374 44.14 -8.07 0.63
CA ASP C 374 44.97 -7.39 -0.35
C ASP C 374 46.47 -7.61 -0.08
N GLN C 375 46.83 -7.80 1.18
CA GLN C 375 48.21 -8.01 1.56
C GLN C 375 48.72 -9.38 1.13
N VAL C 376 47.89 -10.41 1.33
CA VAL C 376 48.26 -11.76 0.92
C VAL C 376 48.36 -11.84 -0.60
N VAL C 377 47.43 -11.19 -1.31
CA VAL C 377 47.43 -11.15 -2.77
C VAL C 377 48.72 -10.53 -3.29
N ALA C 378 49.16 -9.45 -2.63
CA ALA C 378 50.40 -8.80 -3.02
C ALA C 378 51.60 -9.71 -2.71
N GLN C 379 51.50 -10.43 -1.61
CA GLN C 379 52.56 -11.35 -1.19
C GLN C 379 52.72 -12.46 -2.22
N ALA C 380 51.61 -13.00 -2.71
CA ALA C 380 51.62 -14.06 -3.72
C ALA C 380 52.05 -13.53 -5.10
N LEU C 381 51.60 -12.34 -5.45
CA LEU C 381 52.02 -11.71 -6.70
C LEU C 381 53.53 -11.49 -6.68
N ALA C 382 54.07 -11.27 -5.49
CA ALA C 382 55.51 -11.07 -5.33
C ALA C 382 56.24 -12.41 -5.30
N THR C 383 55.65 -13.41 -4.65
CA THR C 383 56.22 -14.74 -4.63
C THR C 383 56.31 -15.28 -6.06
N PHE C 384 55.31 -14.97 -6.87
CA PHE C 384 55.29 -15.45 -8.26
C PHE C 384 56.48 -14.93 -9.06
N ARG C 385 56.79 -13.64 -8.89
CA ARG C 385 57.95 -13.05 -9.53
C ARG C 385 59.23 -13.77 -9.09
N ARG C 386 59.33 -14.02 -7.79
CA ARG C 386 60.48 -14.71 -7.23
C ARG C 386 60.67 -16.08 -7.88
N LEU C 387 59.56 -16.72 -8.21
CA LEU C 387 59.61 -18.05 -8.83
C LEU C 387 60.07 -17.99 -10.28
N GLN C 388 59.81 -16.87 -10.96
CA GLN C 388 60.19 -16.71 -12.35
C GLN C 388 61.53 -15.96 -12.48
N GLY C 389 62.03 -15.48 -11.36
CA GLY C 389 63.29 -14.76 -11.35
C GLY C 389 63.29 -13.56 -12.27
N LYS D 28 -6.07 -39.49 55.65
CA LYS D 28 -6.30 -38.40 54.71
C LYS D 28 -6.42 -38.91 53.28
N GLY D 29 -5.57 -38.43 52.39
CA GLY D 29 -5.59 -38.82 51.00
C GLY D 29 -6.65 -38.08 50.20
N PHE D 30 -7.12 -38.72 49.13
CA PHE D 30 -8.18 -38.16 48.28
C PHE D 30 -9.32 -39.15 48.14
N ASP D 31 -10.48 -38.65 47.76
CA ASP D 31 -11.60 -39.51 47.43
C ASP D 31 -11.39 -40.19 46.09
N TYR D 32 -10.74 -39.47 45.18
CA TYR D 32 -10.55 -39.97 43.82
C TYR D 32 -9.17 -39.71 43.25
N LEU D 33 -8.56 -40.76 42.71
CA LEU D 33 -7.36 -40.63 41.90
C LEU D 33 -7.71 -40.82 40.43
N ILE D 34 -7.72 -39.73 39.68
CA ILE D 34 -8.06 -39.79 38.26
C ILE D 34 -6.79 -39.85 37.41
N VAL D 35 -6.63 -40.93 36.67
CA VAL D 35 -5.44 -41.14 35.85
C VAL D 35 -5.66 -40.69 34.42
N GLY D 36 -4.99 -39.60 34.05
CA GLY D 36 -5.14 -39.03 32.72
C GLY D 36 -5.94 -37.75 32.74
N ALA D 37 -5.36 -36.69 32.19
CA ALA D 37 -6.00 -35.37 32.21
C ALA D 37 -6.61 -35.00 30.85
N GLY D 38 -7.02 -36.02 30.10
CA GLY D 38 -7.72 -35.78 28.85
C GLY D 38 -9.16 -35.46 29.13
N PHE D 39 -10.00 -35.50 28.10
CA PHE D 39 -11.43 -35.23 28.27
C PHE D 39 -12.08 -36.16 29.29
N ALA D 40 -11.79 -37.45 29.20
CA ALA D 40 -12.37 -38.42 30.12
C ALA D 40 -12.06 -38.05 31.57
N GLY D 41 -10.78 -37.83 31.86
CA GLY D 41 -10.34 -37.54 33.21
C GLY D 41 -10.80 -36.19 33.73
N SER D 42 -10.58 -35.16 32.94
CA SER D 42 -10.92 -33.79 33.35
C SER D 42 -12.40 -33.65 33.68
N VAL D 43 -13.27 -34.13 32.78
CA VAL D 43 -14.71 -33.98 32.98
C VAL D 43 -15.15 -34.62 34.29
N LEU D 44 -14.62 -35.80 34.58
CA LEU D 44 -14.92 -36.46 35.85
C LEU D 44 -14.36 -35.69 37.05
N ALA D 45 -13.14 -35.19 36.89
CA ALA D 45 -12.52 -34.41 37.96
C ALA D 45 -13.37 -33.19 38.30
N GLU D 46 -13.84 -32.49 37.26
CA GLU D 46 -14.67 -31.30 37.45
C GLU D 46 -16.01 -31.64 38.09
N ARG D 47 -16.64 -32.73 37.65
CA ARG D 47 -17.94 -33.14 38.19
C ARG D 47 -17.83 -33.54 39.66
N LEU D 48 -16.90 -34.44 39.96
CA LEU D 48 -16.65 -34.88 41.34
C LEU D 48 -16.27 -33.71 42.24
N ALA D 49 -15.34 -32.88 41.78
CA ALA D 49 -14.87 -31.75 42.56
C ALA D 49 -16.02 -30.83 42.90
N SER D 50 -16.94 -30.65 41.94
CA SER D 50 -18.07 -29.77 42.12
C SER D 50 -19.03 -30.31 43.18
N SER D 51 -18.90 -31.60 43.47
CA SER D 51 -19.77 -32.25 44.45
C SER D 51 -19.10 -32.38 45.81
N GLY D 52 -17.93 -31.75 45.95
CA GLY D 52 -17.24 -31.72 47.23
C GLY D 52 -16.19 -32.79 47.41
N GLN D 53 -15.94 -33.57 46.36
CA GLN D 53 -14.94 -34.63 46.41
C GLN D 53 -13.52 -34.08 46.30
N ARG D 54 -12.59 -34.73 46.99
CA ARG D 54 -11.17 -34.38 46.90
C ARG D 54 -10.51 -35.20 45.80
N VAL D 55 -10.16 -34.54 44.70
CA VAL D 55 -9.62 -35.23 43.53
C VAL D 55 -8.14 -34.96 43.31
N LEU D 56 -7.40 -36.02 43.00
CA LEU D 56 -6.04 -35.90 42.49
C LEU D 56 -6.02 -36.40 41.06
N ILE D 57 -5.63 -35.53 40.13
CA ILE D 57 -5.55 -35.92 38.73
C ILE D 57 -4.10 -35.86 38.25
N VAL D 58 -3.64 -36.98 37.71
CA VAL D 58 -2.23 -37.12 37.33
C VAL D 58 -2.08 -37.57 35.89
N ASP D 59 -1.05 -37.07 35.22
CA ASP D 59 -0.79 -37.44 33.84
C ASP D 59 0.70 -37.56 33.61
N ARG D 60 1.11 -38.54 32.81
CA ARG D 60 2.52 -38.78 32.53
C ARG D 60 3.12 -37.70 31.63
N ARG D 61 2.27 -37.03 30.86
CA ARG D 61 2.69 -35.90 30.05
C ARG D 61 2.88 -34.66 30.92
N PRO D 62 3.62 -33.67 30.43
CA PRO D 62 3.86 -32.43 31.17
C PRO D 62 2.73 -31.41 31.00
N HIS D 63 1.56 -31.85 30.58
CA HIS D 63 0.43 -30.94 30.36
C HIS D 63 -0.90 -31.65 30.55
N ILE D 64 -1.95 -30.85 30.67
CA ILE D 64 -3.31 -31.36 30.76
C ILE D 64 -3.92 -31.43 29.37
N GLY D 65 -5.08 -32.08 29.26
CA GLY D 65 -5.82 -32.09 28.02
C GLY D 65 -5.62 -33.31 27.14
N GLY D 66 -4.65 -34.15 27.51
CA GLY D 66 -4.33 -35.31 26.72
C GLY D 66 -4.08 -34.95 25.26
N ASN D 67 -4.73 -35.66 24.35
CA ASN D 67 -4.60 -35.42 22.92
C ASN D 67 -5.02 -34.02 22.47
N ALA D 68 -6.04 -33.48 23.13
CA ALA D 68 -6.63 -32.22 22.71
C ALA D 68 -5.82 -30.99 23.14
N TYR D 69 -4.75 -31.22 23.90
CA TYR D 69 -3.87 -30.14 24.33
C TYR D 69 -3.41 -29.29 23.15
N ASP D 70 -3.43 -27.97 23.33
CA ASP D 70 -2.91 -27.08 22.31
C ASP D 70 -1.96 -26.04 22.89
N CYS D 71 -1.18 -25.39 22.03
CA CYS D 71 -0.16 -24.48 22.51
C CYS D 71 0.39 -23.62 21.38
N TYR D 72 1.08 -22.55 21.74
CA TYR D 72 1.70 -21.68 20.75
C TYR D 72 3.09 -22.21 20.38
N ASP D 73 3.37 -22.27 19.08
CA ASP D 73 4.67 -22.76 18.63
C ASP D 73 5.71 -21.65 18.70
N ASP D 74 6.88 -21.90 18.14
CA ASP D 74 7.98 -20.94 18.24
C ASP D 74 7.65 -19.64 17.50
N ALA D 75 6.86 -19.76 16.45
CA ALA D 75 6.51 -18.61 15.63
C ALA D 75 5.35 -17.82 16.23
N GLY D 76 4.68 -18.40 17.23
CA GLY D 76 3.57 -17.74 17.88
C GLY D 76 2.21 -18.10 17.29
N VAL D 77 2.20 -19.11 16.42
CA VAL D 77 0.95 -19.65 15.88
C VAL D 77 0.38 -20.67 16.86
N LEU D 78 -0.93 -20.65 17.07
CA LEU D 78 -1.59 -21.63 17.93
C LEU D 78 -1.79 -22.93 17.18
N ILE D 79 -1.29 -24.04 17.73
CA ILE D 79 -1.33 -25.33 17.03
C ILE D 79 -1.78 -26.46 17.94
N HIS D 80 -2.12 -27.60 17.34
CA HIS D 80 -2.36 -28.81 18.10
C HIS D 80 -1.21 -29.79 17.85
N PRO D 81 -0.39 -30.04 18.88
CA PRO D 81 0.77 -30.91 18.77
C PRO D 81 0.42 -32.31 18.30
N TYR D 82 -0.76 -32.80 18.63
CA TYR D 82 -1.15 -34.16 18.29
C TYR D 82 -2.20 -34.21 17.18
N GLY D 83 -1.99 -33.43 16.13
CA GLY D 83 -2.92 -33.41 15.02
C GLY D 83 -4.10 -32.48 15.27
N PRO D 84 -4.83 -32.12 14.20
CA PRO D 84 -5.93 -31.16 14.34
C PRO D 84 -7.11 -31.77 15.06
N HIS D 85 -7.60 -31.08 16.08
CA HIS D 85 -8.79 -31.52 16.78
C HIS D 85 -9.92 -30.54 16.53
N ILE D 86 -10.90 -30.98 15.73
CA ILE D 86 -12.06 -30.16 15.44
C ILE D 86 -13.22 -30.63 16.29
N PHE D 87 -13.80 -29.72 17.07
CA PHE D 87 -14.92 -30.09 17.91
C PHE D 87 -16.23 -30.05 17.13
N HIS D 88 -17.07 -31.05 17.37
CA HIS D 88 -18.39 -31.11 16.75
C HIS D 88 -19.28 -32.03 17.59
N THR D 89 -20.57 -31.75 17.62
CA THR D 89 -21.46 -32.56 18.43
C THR D 89 -22.94 -32.34 18.10
N ASN D 90 -23.72 -33.40 18.27
CA ASN D 90 -25.16 -33.33 18.11
C ASN D 90 -25.82 -33.23 19.48
N SER D 91 -25.00 -33.25 20.52
CA SER D 91 -25.50 -33.24 21.89
C SER D 91 -25.63 -31.82 22.44
N LYS D 92 -26.86 -31.36 22.58
CA LYS D 92 -27.14 -30.10 23.25
C LYS D 92 -26.56 -30.15 24.66
N ASP D 93 -26.65 -31.33 25.30
CA ASP D 93 -26.11 -31.53 26.64
C ASP D 93 -24.61 -31.29 26.71
N VAL D 94 -23.86 -32.09 25.97
CA VAL D 94 -22.41 -31.97 25.90
C VAL D 94 -22.00 -30.54 25.58
N PHE D 95 -22.61 -29.97 24.55
CA PHE D 95 -22.24 -28.64 24.09
C PHE D 95 -22.46 -27.55 25.15
N GLU D 96 -23.56 -27.67 25.90
CA GLU D 96 -23.83 -26.70 26.96
C GLU D 96 -22.89 -26.90 28.14
N TYR D 97 -22.55 -28.15 28.42
CA TYR D 97 -21.64 -28.45 29.51
C TYR D 97 -20.27 -27.83 29.23
N LEU D 98 -19.75 -28.05 28.03
CA LEU D 98 -18.47 -27.46 27.65
C LEU D 98 -18.56 -25.94 27.62
N SER D 99 -19.76 -25.41 27.40
CA SER D 99 -19.95 -23.97 27.32
C SER D 99 -19.67 -23.23 28.63
N ARG D 100 -19.65 -23.95 29.75
CA ARG D 100 -19.38 -23.31 31.03
C ARG D 100 -17.91 -22.95 31.17
N PHE D 101 -17.07 -23.57 30.34
CA PHE D 101 -15.62 -23.44 30.49
C PHE D 101 -14.93 -22.73 29.33
N THR D 102 -15.70 -22.29 28.34
CA THR D 102 -15.12 -21.63 27.18
C THR D 102 -16.17 -20.94 26.30
N GLU D 103 -15.78 -19.83 25.69
CA GLU D 103 -16.58 -19.22 24.63
C GLU D 103 -16.31 -20.02 23.37
N TRP D 104 -17.07 -19.78 22.32
CA TRP D 104 -16.92 -20.54 21.09
C TRP D 104 -16.65 -19.67 19.86
N ARG D 105 -15.94 -20.24 18.90
CA ARG D 105 -15.82 -19.66 17.56
C ARG D 105 -16.48 -20.61 16.58
N PRO D 106 -17.60 -20.18 15.97
CA PRO D 106 -18.30 -21.05 15.01
C PRO D 106 -17.34 -21.47 13.92
N TYR D 107 -17.31 -22.77 13.62
CA TYR D 107 -16.43 -23.29 12.58
C TYR D 107 -16.91 -24.64 12.06
N GLN D 108 -17.03 -24.75 10.75
CA GLN D 108 -17.40 -26.00 10.10
C GLN D 108 -16.24 -26.50 9.23
N HIS D 109 -15.57 -27.54 9.70
CA HIS D 109 -14.40 -28.10 9.03
C HIS D 109 -14.73 -28.59 7.61
N ARG D 110 -13.86 -28.28 6.68
CA ARG D 110 -14.00 -28.77 5.31
C ARG D 110 -12.70 -29.43 4.86
N VAL D 111 -12.82 -30.60 4.24
CA VAL D 111 -11.65 -31.37 3.83
C VAL D 111 -11.66 -31.68 2.34
N LEU D 112 -10.52 -31.47 1.69
CA LEU D 112 -10.34 -31.80 0.28
C LEU D 112 -9.43 -33.01 0.15
N ALA D 113 -9.73 -33.88 -0.80
CA ALA D 113 -8.90 -35.05 -1.06
C ALA D 113 -8.17 -34.89 -2.38
N SER D 114 -6.84 -35.07 -2.36
CA SER D 114 -6.05 -34.96 -3.57
C SER D 114 -6.18 -36.21 -4.43
N VAL D 115 -6.98 -36.12 -5.49
CA VAL D 115 -7.19 -37.27 -6.38
C VAL D 115 -7.12 -36.84 -7.83
N ASP D 116 -6.36 -37.59 -8.63
CA ASP D 116 -6.21 -37.28 -10.05
C ASP D 116 -5.76 -35.84 -10.23
N GLY D 117 -4.91 -35.37 -9.34
CA GLY D 117 -4.40 -34.02 -9.42
C GLY D 117 -5.43 -32.91 -9.23
N GLN D 118 -6.56 -33.22 -8.59
CA GLN D 118 -7.55 -32.20 -8.24
C GLN D 118 -7.82 -32.21 -6.75
N LEU D 119 -8.33 -31.11 -6.21
CA LEU D 119 -8.76 -31.07 -4.82
C LEU D 119 -10.28 -31.21 -4.72
N LEU D 120 -10.72 -32.41 -4.36
CA LEU D 120 -12.15 -32.75 -4.38
C LEU D 120 -12.73 -32.89 -2.97
N PRO D 121 -14.01 -32.57 -2.82
CA PRO D 121 -14.66 -32.73 -1.51
C PRO D 121 -14.70 -34.19 -1.06
N ILE D 122 -14.35 -34.41 0.20
CA ILE D 122 -14.59 -35.68 0.87
C ILE D 122 -15.26 -35.25 2.18
N PRO D 123 -16.37 -35.91 2.57
CA PRO D 123 -17.08 -37.05 1.99
C PRO D 123 -17.46 -36.85 0.53
N ILE D 124 -17.51 -37.94 -0.22
CA ILE D 124 -17.92 -37.90 -1.61
C ILE D 124 -19.33 -37.36 -1.71
N ASN D 125 -19.51 -36.34 -2.55
CA ASN D 125 -20.84 -35.79 -2.77
C ASN D 125 -21.10 -35.49 -4.25
N LEU D 126 -22.24 -34.85 -4.54
CA LEU D 126 -22.66 -34.59 -5.91
C LEU D 126 -21.51 -34.00 -6.71
N ASP D 127 -20.87 -32.98 -6.13
CA ASP D 127 -19.82 -32.23 -6.81
C ASP D 127 -18.53 -33.04 -6.98
N THR D 128 -18.25 -33.91 -6.01
CA THR D 128 -17.12 -34.82 -6.12
C THR D 128 -17.20 -35.63 -7.41
N VAL D 129 -18.35 -36.27 -7.63
CA VAL D 129 -18.56 -37.12 -8.80
C VAL D 129 -18.59 -36.33 -10.10
N ASN D 130 -19.40 -35.27 -10.13
CA ASN D 130 -19.46 -34.40 -11.30
C ASN D 130 -18.09 -33.89 -11.72
N ARG D 131 -17.28 -33.49 -10.75
CA ARG D 131 -15.96 -32.93 -11.05
C ARG D 131 -14.93 -34.01 -11.42
N LEU D 132 -14.98 -35.15 -10.73
CA LEU D 132 -14.05 -36.24 -10.98
C LEU D 132 -14.21 -36.82 -12.39
N TYR D 133 -15.44 -37.09 -12.79
CA TYR D 133 -15.72 -37.74 -14.06
C TYR D 133 -16.10 -36.77 -15.17
N GLY D 134 -16.28 -35.51 -14.82
CA GLY D 134 -16.68 -34.51 -15.80
C GLY D 134 -18.15 -34.63 -16.16
N LEU D 135 -18.94 -35.08 -15.19
CA LEU D 135 -20.37 -35.29 -15.37
C LEU D 135 -21.20 -34.06 -15.03
N ASN D 136 -22.51 -34.19 -15.23
CA ASN D 136 -23.45 -33.11 -14.94
C ASN D 136 -24.72 -33.63 -14.26
N LEU D 137 -24.56 -34.64 -13.40
CA LEU D 137 -25.71 -35.22 -12.71
C LEU D 137 -26.37 -34.22 -11.75
N THR D 138 -27.68 -34.34 -11.60
CA THR D 138 -28.41 -33.66 -10.54
C THR D 138 -28.42 -34.61 -9.35
N SER D 139 -28.85 -34.13 -8.19
CA SER D 139 -28.87 -34.97 -6.99
C SER D 139 -29.71 -36.24 -7.18
N PHE D 140 -30.85 -36.10 -7.85
CA PHE D 140 -31.73 -37.24 -8.08
C PHE D 140 -31.07 -38.29 -8.97
N GLN D 141 -30.24 -37.85 -9.90
CA GLN D 141 -29.57 -38.74 -10.83
C GLN D 141 -28.40 -39.50 -10.19
N VAL D 142 -27.63 -38.81 -9.35
CA VAL D 142 -26.43 -39.40 -8.75
C VAL D 142 -26.77 -40.61 -7.89
N GLU D 143 -28.00 -40.66 -7.40
CA GLU D 143 -28.49 -41.83 -6.69
C GLU D 143 -28.43 -43.05 -7.61
N GLU D 144 -29.09 -42.92 -8.76
CA GLU D 144 -29.17 -43.99 -9.73
C GLU D 144 -27.77 -44.39 -10.22
N PHE D 145 -26.93 -43.39 -10.48
CA PHE D 145 -25.55 -43.65 -10.87
C PHE D 145 -24.82 -44.52 -9.85
N PHE D 146 -24.87 -44.12 -8.59
CA PHE D 146 -24.28 -44.93 -7.53
C PHE D 146 -24.87 -46.34 -7.61
N ALA D 147 -26.19 -46.40 -7.49
CA ALA D 147 -26.89 -47.69 -7.50
C ALA D 147 -26.45 -48.57 -8.66
N SER D 148 -26.05 -47.95 -9.77
CA SER D 148 -25.67 -48.69 -10.96
C SER D 148 -24.26 -49.25 -10.89
N VAL D 149 -23.39 -48.60 -10.12
CA VAL D 149 -22.01 -49.08 -10.00
C VAL D 149 -21.79 -49.89 -8.73
N ALA D 150 -22.71 -49.76 -7.78
CA ALA D 150 -22.59 -50.44 -6.50
C ALA D 150 -22.50 -51.96 -6.66
N GLU D 151 -21.56 -52.56 -5.94
CA GLU D 151 -21.47 -54.01 -5.86
C GLU D 151 -22.48 -54.52 -4.84
N LYS D 152 -23.03 -55.71 -5.11
CA LYS D 152 -23.99 -56.32 -4.22
C LYS D 152 -23.25 -57.11 -3.14
N VAL D 153 -23.36 -56.64 -1.90
CA VAL D 153 -22.83 -57.37 -0.76
C VAL D 153 -23.98 -57.77 0.14
N GLU D 154 -24.09 -59.06 0.43
CA GLU D 154 -25.25 -59.61 1.11
C GLU D 154 -25.27 -59.24 2.59
N GLN D 155 -24.10 -59.30 3.22
CA GLN D 155 -23.96 -58.86 4.61
C GLN D 155 -22.73 -57.97 4.78
N VAL D 156 -22.94 -56.79 5.37
CA VAL D 156 -21.88 -55.80 5.52
C VAL D 156 -21.12 -55.95 6.84
N ARG D 157 -19.86 -56.35 6.75
CA ARG D 157 -19.03 -56.56 7.93
C ARG D 157 -17.79 -55.66 7.92
N THR D 158 -17.20 -55.49 6.73
CA THR D 158 -15.90 -54.83 6.61
C THR D 158 -15.97 -53.40 6.07
N SER D 159 -14.85 -52.68 6.20
CA SER D 159 -14.75 -51.31 5.72
C SER D 159 -14.78 -51.25 4.20
N GLU D 160 -14.41 -52.35 3.56
CA GLU D 160 -14.54 -52.44 2.10
C GLU D 160 -16.02 -52.55 1.72
N ASP D 161 -16.75 -53.39 2.45
CA ASP D 161 -18.18 -53.59 2.22
C ASP D 161 -18.97 -52.29 2.29
N VAL D 162 -18.73 -51.48 3.32
CA VAL D 162 -19.54 -50.28 3.57
C VAL D 162 -19.43 -49.29 2.42
N VAL D 163 -18.25 -49.20 1.82
CA VAL D 163 -18.02 -48.24 0.74
C VAL D 163 -18.43 -48.83 -0.62
N VAL D 164 -17.95 -50.03 -0.90
CA VAL D 164 -18.20 -50.69 -2.18
C VAL D 164 -19.68 -50.82 -2.50
N SER D 165 -20.49 -51.14 -1.49
CA SER D 165 -21.91 -51.38 -1.69
C SER D 165 -22.72 -50.10 -1.88
N LYS D 166 -22.12 -48.95 -1.57
CA LYS D 166 -22.82 -47.66 -1.73
C LYS D 166 -22.39 -46.94 -3.00
N VAL D 167 -21.09 -46.88 -3.26
CA VAL D 167 -20.55 -46.01 -4.31
C VAL D 167 -19.75 -46.73 -5.40
N GLY D 168 -19.61 -48.04 -5.28
CA GLY D 168 -18.93 -48.80 -6.31
C GLY D 168 -17.44 -49.01 -6.04
N ARG D 169 -16.78 -49.65 -7.00
CA ARG D 169 -15.39 -50.08 -6.86
C ARG D 169 -14.36 -48.99 -7.19
N ASP D 170 -14.67 -48.18 -8.21
CA ASP D 170 -13.72 -47.16 -8.66
C ASP D 170 -13.61 -45.98 -7.69
N LEU D 171 -14.73 -45.58 -7.09
CA LEU D 171 -14.71 -44.54 -6.08
C LEU D 171 -14.08 -45.07 -4.80
N TYR D 172 -14.32 -46.35 -4.51
CA TYR D 172 -13.68 -47.00 -3.38
C TYR D 172 -12.16 -46.99 -3.54
N ASN D 173 -11.70 -47.33 -4.74
CA ASN D 173 -10.27 -47.32 -5.03
C ASN D 173 -9.67 -45.91 -5.04
N LYS D 174 -10.49 -44.93 -5.42
CA LYS D 174 -9.99 -43.56 -5.53
C LYS D 174 -9.86 -42.81 -4.21
N PHE D 175 -10.76 -43.09 -3.26
CA PHE D 175 -10.79 -42.33 -2.04
C PHE D 175 -10.45 -43.13 -0.78
N PHE D 176 -10.78 -44.43 -0.78
CA PHE D 176 -10.70 -45.20 0.46
C PHE D 176 -9.57 -46.23 0.54
N ARG D 177 -9.48 -47.13 -0.42
CA ARG D 177 -8.52 -48.23 -0.34
C ARG D 177 -7.10 -47.72 -0.04
N GLY D 178 -6.66 -46.75 -0.81
CA GLY D 178 -5.32 -46.20 -0.65
C GLY D 178 -5.10 -45.53 0.68
N TYR D 179 -6.06 -44.69 1.08
CA TYR D 179 -5.96 -43.97 2.33
C TYR D 179 -5.92 -44.94 3.52
N THR D 180 -6.88 -45.86 3.56
CA THR D 180 -7.00 -46.83 4.66
C THR D 180 -5.76 -47.71 4.83
N ARG D 181 -5.26 -48.25 3.72
CA ARG D 181 -4.07 -49.10 3.77
C ARG D 181 -2.88 -48.35 4.37
N LYS D 182 -2.79 -47.06 4.05
CA LYS D 182 -1.72 -46.23 4.56
C LYS D 182 -1.94 -45.92 6.04
N GLN D 183 -3.14 -45.47 6.37
CA GLN D 183 -3.48 -45.12 7.74
C GLN D 183 -3.37 -46.28 8.72
N TRP D 184 -3.95 -47.42 8.38
CA TRP D 184 -4.05 -48.53 9.32
C TRP D 184 -3.01 -49.65 9.09
N GLY D 185 -2.29 -49.58 7.98
CA GLY D 185 -1.39 -50.66 7.62
C GLY D 185 -2.18 -51.93 7.39
N LEU D 186 -3.48 -51.76 7.19
CA LEU D 186 -4.40 -52.87 6.92
C LEU D 186 -5.30 -52.55 5.73
N ASP D 187 -5.78 -53.57 5.04
CA ASP D 187 -6.75 -53.39 3.97
C ASP D 187 -8.15 -53.23 4.57
N PRO D 188 -8.98 -52.37 3.97
CA PRO D 188 -10.33 -52.09 4.46
C PRO D 188 -11.13 -53.37 4.71
N SER D 189 -10.80 -54.44 4.01
CA SER D 189 -11.49 -55.71 4.18
C SER D 189 -11.14 -56.37 5.51
N GLU D 190 -10.03 -55.95 6.10
CA GLU D 190 -9.59 -56.50 7.37
C GLU D 190 -9.98 -55.61 8.54
N LEU D 191 -10.89 -54.68 8.29
CA LEU D 191 -11.38 -53.78 9.32
C LEU D 191 -12.89 -53.84 9.48
N ASP D 192 -13.38 -53.39 10.62
CA ASP D 192 -14.82 -53.35 10.88
C ASP D 192 -15.47 -52.27 10.03
N ALA D 193 -16.72 -52.51 9.64
CA ALA D 193 -17.44 -51.56 8.79
C ALA D 193 -17.50 -50.18 9.43
N SER D 194 -17.31 -50.13 10.75
CA SER D 194 -17.42 -48.88 11.49
C SER D 194 -16.35 -47.84 11.13
N VAL D 195 -15.19 -48.30 10.68
CA VAL D 195 -14.09 -47.41 10.35
C VAL D 195 -14.44 -46.47 9.19
N THR D 196 -14.69 -47.05 8.02
CA THR D 196 -14.98 -46.24 6.84
C THR D 196 -16.42 -45.72 6.80
N ALA D 197 -17.26 -46.23 7.69
CA ALA D 197 -18.61 -45.72 7.84
C ALA D 197 -18.63 -44.37 8.55
N ARG D 198 -17.47 -43.95 9.06
CA ARG D 198 -17.35 -42.62 9.67
C ARG D 198 -17.43 -41.52 8.61
N VAL D 199 -16.99 -41.84 7.40
CA VAL D 199 -17.09 -40.90 6.28
C VAL D 199 -18.10 -41.41 5.27
N PRO D 200 -19.39 -41.17 5.53
CA PRO D 200 -20.50 -41.66 4.71
C PRO D 200 -20.64 -40.84 3.44
N THR D 201 -21.25 -41.43 2.41
CA THR D 201 -21.37 -40.74 1.13
C THR D 201 -22.67 -39.94 1.06
N ARG D 202 -22.68 -38.91 0.24
CA ARG D 202 -23.84 -38.04 0.12
C ARG D 202 -24.26 -37.87 -1.34
N THR D 203 -25.53 -37.57 -1.54
CA THR D 203 -26.04 -37.30 -2.89
C THR D 203 -26.28 -35.80 -3.06
N ASN D 204 -26.00 -35.03 -2.01
CA ASN D 204 -26.21 -33.58 -2.05
C ASN D 204 -24.91 -32.81 -2.28
N ARG D 205 -24.97 -31.48 -2.14
CA ARG D 205 -23.80 -30.65 -2.42
C ARG D 205 -23.14 -30.15 -1.14
N ASP D 206 -23.41 -30.84 -0.04
CA ASP D 206 -22.83 -30.50 1.25
C ASP D 206 -21.36 -30.92 1.31
N ASN D 207 -20.48 -29.99 1.62
CA ASN D 207 -19.04 -30.27 1.65
C ASN D 207 -18.40 -30.13 3.04
N ARG D 208 -19.23 -29.98 4.06
CA ARG D 208 -18.73 -29.96 5.43
C ARG D 208 -18.32 -31.38 5.78
N TYR D 209 -17.22 -31.52 6.52
CA TYR D 209 -16.80 -32.84 6.93
C TYR D 209 -17.84 -33.43 7.87
N PHE D 210 -18.36 -32.59 8.77
CA PHE D 210 -19.40 -33.02 9.71
C PHE D 210 -20.74 -32.36 9.39
N ALA D 211 -21.81 -33.02 9.78
CA ALA D 211 -23.16 -32.49 9.59
C ALA D 211 -23.82 -32.25 10.94
N ASP D 212 -23.01 -32.24 11.99
CA ASP D 212 -23.49 -32.06 13.36
C ASP D 212 -24.13 -30.69 13.57
N THR D 213 -25.05 -30.62 14.53
CA THR D 213 -25.79 -29.40 14.84
C THR D 213 -24.90 -28.32 15.41
N TYR D 214 -23.98 -28.73 16.26
CA TYR D 214 -23.09 -27.80 16.94
C TYR D 214 -21.66 -28.01 16.48
N GLN D 215 -21.11 -27.02 15.78
CA GLN D 215 -19.74 -27.07 15.34
C GLN D 215 -19.06 -25.75 15.67
N ALA D 216 -18.08 -25.81 16.56
CA ALA D 216 -17.32 -24.62 16.93
C ALA D 216 -16.06 -24.98 17.72
N MET D 217 -15.03 -24.15 17.57
CA MET D 217 -13.79 -24.31 18.29
C MET D 217 -13.81 -23.49 19.58
N PRO D 218 -13.09 -23.95 20.61
CA PRO D 218 -12.94 -23.14 21.83
C PRO D 218 -12.23 -21.84 21.49
N LEU D 219 -12.84 -20.71 21.81
CA LEU D 219 -12.36 -19.41 21.35
C LEU D 219 -10.86 -19.19 21.55
N HIS D 220 -10.35 -19.63 22.70
CA HIS D 220 -8.95 -19.40 23.05
C HIS D 220 -8.16 -20.69 23.18
N GLY D 221 -8.69 -21.76 22.59
CA GLY D 221 -7.98 -23.03 22.56
C GLY D 221 -8.44 -24.00 23.63
N TYR D 222 -8.07 -25.27 23.45
CA TYR D 222 -8.48 -26.34 24.35
C TYR D 222 -7.84 -26.20 25.73
N THR D 223 -6.55 -25.87 25.76
CA THR D 223 -5.83 -25.83 27.03
C THR D 223 -6.48 -24.84 28.00
N ARG D 224 -6.91 -23.71 27.47
CA ARG D 224 -7.59 -22.71 28.29
C ARG D 224 -8.89 -23.27 28.85
N MET D 225 -9.60 -24.04 28.02
CA MET D 225 -10.83 -24.70 28.43
C MET D 225 -10.55 -25.71 29.55
N PHE D 226 -9.49 -26.50 29.38
CA PHE D 226 -9.13 -27.50 30.37
C PHE D 226 -8.68 -26.87 31.69
N GLN D 227 -7.99 -25.74 31.61
CA GLN D 227 -7.56 -25.02 32.80
C GLN D 227 -8.77 -24.54 33.62
N ASN D 228 -9.77 -24.01 32.93
CA ASN D 228 -11.01 -23.63 33.59
C ASN D 228 -11.68 -24.85 34.21
N MET D 229 -11.74 -25.92 33.43
CA MET D 229 -12.38 -27.15 33.88
C MET D 229 -11.77 -27.67 35.19
N LEU D 230 -10.47 -27.47 35.35
CA LEU D 230 -9.74 -28.05 36.49
C LEU D 230 -9.36 -27.06 37.58
N SER D 231 -10.02 -25.91 37.63
CA SER D 231 -9.60 -24.83 38.54
C SER D 231 -10.06 -25.00 40.00
N SER D 232 -11.12 -25.78 40.21
CA SER D 232 -11.63 -26.05 41.56
C SER D 232 -10.55 -26.38 42.57
N PRO D 233 -10.64 -25.79 43.77
CA PRO D 233 -9.71 -26.01 44.88
C PRO D 233 -9.65 -27.47 45.31
N ASN D 234 -10.66 -28.25 44.94
CA ASN D 234 -10.71 -29.67 45.28
C ASN D 234 -9.93 -30.55 44.32
N ILE D 235 -9.28 -29.92 43.33
CA ILE D 235 -8.53 -30.68 42.34
C ILE D 235 -7.04 -30.36 42.38
N LYS D 236 -6.26 -31.35 42.79
CA LYS D 236 -4.81 -31.25 42.75
C LYS D 236 -4.32 -31.86 41.46
N VAL D 237 -3.50 -31.12 40.72
CA VAL D 237 -3.02 -31.58 39.42
C VAL D 237 -1.58 -32.01 39.50
N MET D 238 -1.33 -33.27 39.18
CA MET D 238 0.03 -33.80 39.17
C MET D 238 0.44 -34.14 37.75
N LEU D 239 1.64 -33.70 37.38
CA LEU D 239 2.11 -33.84 36.00
C LEU D 239 3.47 -34.51 35.92
N ASN D 240 3.77 -35.05 34.74
CA ASN D 240 5.01 -35.75 34.50
C ASN D 240 5.11 -36.96 35.40
N THR D 241 3.95 -37.54 35.71
CA THR D 241 3.84 -38.57 36.73
C THR D 241 3.03 -39.78 36.25
N ASP D 242 3.70 -40.92 36.10
CA ASP D 242 2.99 -42.16 35.85
C ASP D 242 2.25 -42.54 37.14
N TYR D 243 0.96 -42.88 37.04
CA TYR D 243 0.17 -43.14 38.23
C TYR D 243 0.80 -44.21 39.12
N ARG D 244 1.58 -45.10 38.51
CA ARG D 244 2.20 -46.19 39.26
C ARG D 244 3.26 -45.70 40.23
N GLU D 245 3.95 -44.62 39.87
CA GLU D 245 5.03 -44.08 40.68
C GLU D 245 4.54 -43.56 42.03
N ILE D 246 3.27 -43.16 42.10
CA ILE D 246 2.75 -42.55 43.32
C ILE D 246 1.58 -43.33 43.94
N ALA D 247 1.11 -44.36 43.24
CA ALA D 247 -0.02 -45.15 43.70
C ALA D 247 0.26 -45.86 45.01
N ASP D 248 1.55 -46.05 45.32
CA ASP D 248 1.94 -46.81 46.51
C ASP D 248 1.73 -46.08 47.83
N PHE D 249 2.08 -44.79 47.86
CA PHE D 249 2.01 -44.05 49.12
C PHE D 249 0.86 -43.04 49.24
N ILE D 250 0.31 -42.61 48.11
CA ILE D 250 -0.79 -41.65 48.16
C ILE D 250 -2.15 -42.35 48.20
N PRO D 251 -2.93 -42.09 49.27
CA PRO D 251 -4.22 -42.73 49.56
C PRO D 251 -5.38 -42.20 48.72
N PHE D 252 -6.14 -43.12 48.12
CA PHE D 252 -7.32 -42.76 47.34
C PHE D 252 -8.40 -43.84 47.46
N GLN D 253 -9.63 -43.40 47.71
CA GLN D 253 -10.74 -44.34 47.91
C GLN D 253 -11.17 -45.05 46.63
N HIS D 254 -11.15 -44.33 45.52
CA HIS D 254 -11.53 -44.90 44.24
C HIS D 254 -10.58 -44.41 43.14
N MET D 255 -10.35 -45.25 42.14
CA MET D 255 -9.55 -44.84 40.98
C MET D 255 -10.38 -44.78 39.70
N ILE D 256 -10.17 -43.72 38.93
CA ILE D 256 -10.72 -43.62 37.59
C ILE D 256 -9.55 -43.62 36.61
N TYR D 257 -9.53 -44.62 35.73
CA TYR D 257 -8.42 -44.83 34.81
C TYR D 257 -8.82 -44.58 33.36
N THR D 258 -7.97 -43.84 32.63
CA THR D 258 -8.29 -43.49 31.26
C THR D 258 -7.18 -43.85 30.27
N GLY D 259 -6.17 -44.57 30.72
CA GLY D 259 -5.12 -45.06 29.84
C GLY D 259 -5.58 -46.32 29.12
N PRO D 260 -4.67 -46.99 28.39
CA PRO D 260 -5.02 -48.24 27.71
C PRO D 260 -5.31 -49.37 28.70
N VAL D 261 -6.39 -50.14 28.48
CA VAL D 261 -6.75 -51.22 29.39
C VAL D 261 -5.67 -52.30 29.51
N ASP D 262 -5.10 -52.69 28.37
CA ASP D 262 -4.17 -53.80 28.34
C ASP D 262 -3.00 -53.58 29.28
N ALA D 263 -2.50 -52.35 29.34
CA ALA D 263 -1.34 -52.01 30.16
C ALA D 263 -1.69 -52.03 31.66
N PHE D 264 -2.91 -51.64 31.98
CA PHE D 264 -3.37 -51.60 33.38
C PHE D 264 -3.34 -52.99 34.00
N PHE D 265 -3.48 -54.02 33.16
CA PHE D 265 -3.47 -55.39 33.62
C PHE D 265 -2.18 -56.11 33.22
N ASP D 266 -1.11 -55.33 33.06
CA ASP D 266 0.22 -55.87 32.80
C ASP D 266 0.26 -56.84 31.62
N PHE D 267 -0.49 -56.53 30.57
CA PHE D 267 -0.49 -57.32 29.33
C PHE D 267 -0.61 -58.84 29.55
N CYS D 268 -1.50 -59.23 30.45
CA CYS D 268 -1.73 -60.64 30.73
C CYS D 268 -2.07 -61.44 29.47
N TYR D 269 -2.97 -60.92 28.65
CA TYR D 269 -3.36 -61.62 27.43
C TYR D 269 -2.57 -61.16 26.21
N GLY D 270 -1.61 -60.27 26.42
CA GLY D 270 -0.79 -59.76 25.33
C GLY D 270 -1.20 -58.36 24.93
N LYS D 271 -0.51 -57.82 23.93
CA LYS D 271 -0.70 -56.43 23.52
C LYS D 271 -2.00 -56.24 22.73
N LEU D 272 -2.88 -55.35 23.24
CA LEU D 272 -4.01 -54.88 22.45
C LEU D 272 -3.50 -53.96 21.36
N PRO D 273 -3.84 -54.26 20.10
CA PRO D 273 -3.38 -53.42 18.99
C PRO D 273 -3.91 -52.00 19.07
N TYR D 274 -3.01 -51.04 19.21
CA TYR D 274 -3.33 -49.63 19.11
C TYR D 274 -2.49 -49.06 17.97
N ARG D 275 -3.02 -48.07 17.26
CA ARG D 275 -2.32 -47.49 16.13
C ARG D 275 -1.83 -46.08 16.47
N SER D 276 -0.69 -45.69 15.92
CA SER D 276 -0.07 -44.42 16.29
C SER D 276 0.13 -43.44 15.13
N LEU D 277 0.76 -42.32 15.43
CA LEU D 277 1.07 -41.29 14.43
C LEU D 277 2.37 -40.59 14.80
N GLU D 278 3.06 -40.09 13.78
CA GLU D 278 4.14 -39.15 14.01
C GLU D 278 3.77 -37.87 13.27
N PHE D 279 4.05 -36.73 13.88
CA PHE D 279 3.65 -35.45 13.32
C PHE D 279 4.89 -34.65 12.91
N ARG D 280 4.84 -34.04 11.73
CA ARG D 280 5.90 -33.12 11.32
C ARG D 280 5.33 -31.72 11.13
N HIS D 281 5.70 -30.82 12.04
CA HIS D 281 5.21 -29.45 12.02
C HIS D 281 6.15 -28.57 11.23
N GLU D 282 5.58 -27.66 10.46
CA GLU D 282 6.35 -26.71 9.69
C GLU D 282 5.69 -25.34 9.72
N THR D 283 6.51 -24.30 9.72
CA THR D 283 6.02 -22.93 9.61
C THR D 283 6.53 -22.35 8.31
N HIS D 284 5.64 -21.66 7.59
CA HIS D 284 6.00 -21.06 6.31
C HIS D 284 5.80 -19.55 6.37
N ASP D 285 6.62 -18.81 5.63
CA ASP D 285 6.55 -17.36 5.64
C ASP D 285 5.46 -16.83 4.70
N THR D 286 4.23 -17.27 4.93
CA THR D 286 3.08 -16.83 4.16
C THR D 286 1.80 -16.98 5.00
N GLU D 287 0.75 -16.25 4.65
CA GLU D 287 -0.48 -16.25 5.46
C GLU D 287 -1.30 -17.52 5.27
N GLN D 288 -1.33 -18.04 4.05
CA GLN D 288 -2.10 -19.24 3.77
C GLN D 288 -1.34 -20.19 2.85
N LEU D 289 -1.51 -21.49 3.10
CA LEU D 289 -0.80 -22.51 2.35
C LEU D 289 -1.77 -23.51 1.74
N LEU D 290 -2.85 -23.81 2.45
CA LEU D 290 -3.86 -24.74 1.97
C LEU D 290 -5.16 -24.01 1.65
N PRO D 291 -5.92 -24.51 0.65
CA PRO D 291 -7.18 -23.86 0.27
C PRO D 291 -8.23 -24.06 1.35
N THR D 292 -8.00 -25.04 2.22
CA THR D 292 -8.97 -25.41 3.24
C THR D 292 -8.24 -25.87 4.50
N GLY D 293 -8.98 -26.40 5.47
CA GLY D 293 -8.38 -26.80 6.74
C GLY D 293 -7.45 -28.00 6.64
N THR D 294 -7.88 -29.02 5.91
CA THR D 294 -7.14 -30.25 5.79
C THR D 294 -7.17 -30.76 4.36
N VAL D 295 -6.07 -31.36 3.92
CA VAL D 295 -6.02 -32.01 2.62
C VAL D 295 -5.62 -33.47 2.80
N ASN D 296 -6.45 -34.37 2.30
CA ASN D 296 -6.18 -35.81 2.39
C ASN D 296 -5.35 -36.30 1.22
N TYR D 297 -4.41 -37.21 1.47
CA TYR D 297 -3.63 -37.79 0.39
C TYR D 297 -3.81 -39.30 0.35
N PRO D 298 -4.86 -39.77 -0.34
CA PRO D 298 -5.19 -41.19 -0.41
C PRO D 298 -4.14 -41.99 -1.19
N ASN D 299 -3.61 -41.39 -2.26
CA ASN D 299 -2.81 -42.15 -3.22
C ASN D 299 -1.40 -41.61 -3.47
N ASP D 300 -0.98 -40.62 -2.69
CA ASP D 300 0.34 -40.04 -2.88
C ASP D 300 1.03 -39.85 -1.54
N TYR D 301 2.35 -39.86 -1.57
CA TYR D 301 3.15 -39.49 -0.41
C TYR D 301 3.09 -40.49 0.74
N ALA D 302 3.97 -40.30 1.72
CA ALA D 302 3.99 -41.14 2.92
C ALA D 302 2.96 -40.67 3.94
N TYR D 303 2.63 -39.39 3.90
CA TYR D 303 1.68 -38.82 4.84
C TYR D 303 0.23 -38.96 4.38
N THR D 304 -0.69 -39.13 5.34
CA THR D 304 -2.10 -39.27 5.00
C THR D 304 -2.76 -37.92 4.76
N ARG D 305 -2.25 -36.87 5.39
CA ARG D 305 -2.88 -35.56 5.27
C ARG D 305 -2.06 -34.38 5.80
N VAL D 306 -2.46 -33.18 5.39
CA VAL D 306 -1.86 -31.94 5.87
C VAL D 306 -2.96 -31.07 6.45
N SER D 307 -2.64 -30.36 7.52
CA SER D 307 -3.61 -29.45 8.12
C SER D 307 -2.97 -28.11 8.44
N GLU D 308 -3.75 -27.03 8.27
CA GLU D 308 -3.26 -25.69 8.52
C GLU D 308 -4.07 -25.07 9.63
N PHE D 309 -3.44 -24.82 10.77
CA PHE D 309 -4.19 -24.49 11.98
C PHE D 309 -4.98 -23.18 11.93
N LYS D 310 -4.47 -22.18 11.23
CA LYS D 310 -5.18 -20.90 11.15
C LYS D 310 -6.62 -21.03 10.65
N HIS D 311 -6.86 -21.96 9.71
CA HIS D 311 -8.24 -22.21 9.25
C HIS D 311 -9.10 -22.62 10.42
N ILE D 312 -8.51 -23.42 11.30
CA ILE D 312 -9.20 -24.04 12.42
C ILE D 312 -9.41 -23.09 13.59
N THR D 313 -8.36 -22.33 13.94
CA THR D 313 -8.43 -21.42 15.09
C THR D 313 -8.99 -20.04 14.75
N GLY D 314 -8.78 -19.61 13.52
CA GLY D 314 -9.17 -18.28 13.11
C GLY D 314 -8.16 -17.22 13.47
N GLN D 315 -6.98 -17.63 13.91
CA GLN D 315 -5.94 -16.69 14.33
C GLN D 315 -5.40 -15.86 13.18
N ARG D 316 -5.07 -14.60 13.48
CA ARG D 316 -4.41 -13.74 12.52
C ARG D 316 -2.90 -13.80 12.77
N HIS D 317 -2.12 -13.90 11.71
CA HIS D 317 -0.68 -14.06 11.82
C HIS D 317 -0.04 -13.80 10.46
N HIS D 318 1.19 -13.30 10.46
CA HIS D 318 1.91 -13.06 9.21
C HIS D 318 2.55 -14.35 8.68
N GLN D 319 2.49 -15.41 9.48
CA GLN D 319 2.98 -16.70 9.04
C GLN D 319 1.93 -17.78 9.21
N THR D 320 2.30 -19.02 8.95
CA THR D 320 1.36 -20.11 9.07
C THR D 320 2.05 -21.42 9.45
N SER D 321 1.34 -22.26 10.20
CA SER D 321 1.91 -23.49 10.70
C SER D 321 1.05 -24.68 10.32
N VAL D 322 1.69 -25.67 9.73
CA VAL D 322 0.99 -26.87 9.26
C VAL D 322 1.56 -28.09 9.94
N VAL D 323 0.84 -29.21 9.82
CA VAL D 323 1.33 -30.48 10.32
C VAL D 323 1.05 -31.60 9.32
N TYR D 324 2.07 -32.40 9.04
CA TYR D 324 1.92 -33.58 8.22
C TYR D 324 1.81 -34.81 9.12
N GLU D 325 0.82 -35.66 8.86
CA GLU D 325 0.62 -36.85 9.66
C GLU D 325 1.18 -38.10 8.97
N TYR D 326 2.04 -38.84 9.68
CA TYR D 326 2.57 -40.10 9.19
C TYR D 326 2.13 -41.25 10.07
N PRO D 327 1.40 -42.22 9.49
CA PRO D 327 0.99 -43.41 10.24
C PRO D 327 2.18 -44.20 10.78
N ARG D 328 2.03 -44.74 11.99
CA ARG D 328 3.04 -45.56 12.63
C ARG D 328 2.36 -46.73 13.34
N ALA D 329 3.05 -47.87 13.41
CA ALA D 329 2.51 -49.04 14.09
C ALA D 329 2.86 -49.02 15.59
N GLU D 330 4.01 -48.44 15.91
CA GLU D 330 4.45 -48.33 17.30
C GLU D 330 4.55 -46.87 17.74
N GLY D 331 4.24 -46.61 19.01
CA GLY D 331 4.29 -45.27 19.56
C GLY D 331 3.18 -45.04 20.56
N ASP D 332 2.87 -43.78 20.83
CA ASP D 332 1.73 -43.45 21.70
C ASP D 332 0.44 -43.97 21.07
N PRO D 333 -0.42 -44.58 21.88
CA PRO D 333 -1.68 -45.14 21.39
C PRO D 333 -2.69 -44.06 21.05
N TYR D 334 -3.06 -43.94 19.77
CA TYR D 334 -4.04 -42.95 19.36
C TYR D 334 -5.33 -43.58 18.85
N TYR D 335 -5.21 -44.74 18.19
CA TYR D 335 -6.37 -45.40 17.61
C TYR D 335 -6.50 -46.85 18.05
N PRO D 336 -7.67 -47.23 18.55
CA PRO D 336 -7.99 -48.66 18.65
C PRO D 336 -8.11 -49.20 17.23
N VAL D 337 -7.85 -50.49 17.04
CA VAL D 337 -7.95 -51.09 15.72
C VAL D 337 -9.15 -52.03 15.65
N PRO D 338 -10.30 -51.50 15.21
CA PRO D 338 -11.59 -52.21 15.19
C PRO D 338 -11.65 -53.33 14.16
N ARG D 339 -11.30 -54.54 14.60
CA ARG D 339 -11.46 -55.74 13.78
C ARG D 339 -11.81 -56.91 14.70
N PRO D 340 -12.61 -57.86 14.19
CA PRO D 340 -13.14 -58.99 14.97
C PRO D 340 -12.16 -59.59 15.98
N GLU D 341 -10.94 -59.90 15.56
CA GLU D 341 -9.95 -60.52 16.44
C GLU D 341 -9.53 -59.61 17.59
N ASN D 342 -9.45 -58.31 17.33
CA ASN D 342 -9.11 -57.33 18.35
C ASN D 342 -10.28 -57.10 19.29
N ALA D 343 -11.50 -57.15 18.75
CA ALA D 343 -12.71 -57.02 19.54
C ALA D 343 -12.84 -58.18 20.53
N GLU D 344 -12.33 -59.34 20.11
CA GLU D 344 -12.37 -60.54 20.93
C GLU D 344 -11.37 -60.43 22.08
N LEU D 345 -10.14 -60.06 21.75
CA LEU D 345 -9.11 -59.88 22.77
C LEU D 345 -9.60 -58.89 23.82
N TYR D 346 -10.17 -57.78 23.36
CA TYR D 346 -10.61 -56.75 24.29
C TYR D 346 -11.56 -57.30 25.35
N LYS D 347 -12.61 -58.00 24.92
CA LYS D 347 -13.60 -58.56 25.85
C LYS D 347 -12.93 -59.23 27.04
N LYS D 348 -11.84 -59.94 26.78
CA LYS D 348 -11.04 -60.56 27.83
C LYS D 348 -10.64 -59.53 28.88
N TYR D 349 -9.97 -58.46 28.44
CA TYR D 349 -9.54 -57.41 29.35
C TYR D 349 -10.74 -56.74 30.00
N GLU D 350 -11.83 -56.63 29.25
CA GLU D 350 -13.03 -55.99 29.74
C GLU D 350 -13.59 -56.72 30.95
N ALA D 351 -13.61 -58.05 30.88
CA ALA D 351 -14.11 -58.86 31.98
C ALA D 351 -13.30 -58.60 33.26
N LEU D 352 -11.99 -58.42 33.10
CA LEU D 352 -11.14 -58.04 34.21
C LEU D 352 -11.53 -56.66 34.73
N ALA D 353 -11.66 -55.71 33.81
CA ALA D 353 -12.00 -54.33 34.17
C ALA D 353 -13.30 -54.26 34.96
N ASP D 354 -14.30 -55.04 34.54
CA ASP D 354 -15.58 -55.10 35.23
C ASP D 354 -15.43 -55.67 36.64
N ALA D 355 -14.55 -56.66 36.77
CA ALA D 355 -14.31 -57.29 38.07
C ALA D 355 -13.47 -56.39 38.98
N ALA D 356 -12.73 -55.46 38.37
CA ALA D 356 -11.88 -54.55 39.12
C ALA D 356 -12.67 -53.78 40.19
N GLN D 357 -12.39 -54.11 41.44
CA GLN D 357 -13.11 -53.59 42.61
C GLN D 357 -13.40 -52.08 42.60
N ASP D 358 -12.37 -51.27 42.85
CA ASP D 358 -12.55 -49.83 43.02
C ASP D 358 -11.91 -49.02 41.91
N VAL D 359 -12.00 -49.52 40.69
CA VAL D 359 -11.48 -48.82 39.52
C VAL D 359 -12.58 -48.66 38.49
N THR D 360 -12.78 -47.44 38.00
CA THR D 360 -13.73 -47.19 36.92
C THR D 360 -12.98 -46.88 35.62
N PHE D 361 -13.42 -47.49 34.52
CA PHE D 361 -12.76 -47.32 33.22
C PHE D 361 -13.58 -46.47 32.26
N VAL D 362 -13.02 -45.34 31.84
CA VAL D 362 -13.68 -44.44 30.90
C VAL D 362 -12.67 -43.78 29.95
N GLY D 363 -13.05 -43.66 28.69
CA GLY D 363 -12.21 -42.98 27.70
C GLY D 363 -11.97 -43.78 26.44
N ARG D 364 -11.35 -43.15 25.44
CA ARG D 364 -11.05 -43.80 24.17
C ARG D 364 -10.14 -45.01 24.34
N LEU D 365 -9.10 -44.86 25.17
CA LEU D 365 -8.16 -45.94 25.38
C LEU D 365 -8.69 -46.98 26.36
N ALA D 366 -9.19 -46.51 27.50
CA ALA D 366 -9.59 -47.38 28.60
C ALA D 366 -10.77 -48.30 28.28
N THR D 367 -11.54 -47.96 27.25
CA THR D 367 -12.68 -48.79 26.86
C THR D 367 -12.58 -49.23 25.41
N TYR D 368 -11.43 -48.95 24.80
CA TYR D 368 -11.12 -49.39 23.44
C TYR D 368 -12.21 -49.00 22.44
N ARG D 369 -12.44 -47.69 22.29
CA ARG D 369 -13.48 -47.21 21.38
C ARG D 369 -12.97 -46.08 20.48
N TYR D 370 -13.40 -46.11 19.22
CA TYR D 370 -13.08 -45.05 18.27
C TYR D 370 -13.94 -43.83 18.55
N TYR D 371 -13.64 -43.12 19.64
CA TYR D 371 -14.49 -42.04 20.11
C TYR D 371 -14.01 -40.65 19.75
N ASN D 372 -14.96 -39.80 19.36
CA ASN D 372 -14.70 -38.38 19.16
C ASN D 372 -14.71 -37.65 20.50
N MET D 373 -14.28 -36.39 20.50
CA MET D 373 -14.21 -35.62 21.73
C MET D 373 -15.57 -35.54 22.41
N ASP D 374 -16.62 -35.29 21.64
CA ASP D 374 -17.95 -35.12 22.22
C ASP D 374 -18.53 -36.43 22.76
N GLN D 375 -18.08 -37.54 22.22
CA GLN D 375 -18.52 -38.85 22.69
C GLN D 375 -17.89 -39.20 24.04
N VAL D 376 -16.58 -39.02 24.14
CA VAL D 376 -15.88 -39.26 25.39
C VAL D 376 -16.49 -38.40 26.49
N VAL D 377 -16.72 -37.12 26.19
CA VAL D 377 -17.31 -36.21 27.17
C VAL D 377 -18.63 -36.75 27.70
N ALA D 378 -19.50 -37.17 26.78
CA ALA D 378 -20.79 -37.73 27.15
C ALA D 378 -20.62 -39.01 27.98
N GLN D 379 -19.67 -39.85 27.57
CA GLN D 379 -19.39 -41.08 28.28
C GLN D 379 -19.03 -40.78 29.73
N ALA D 380 -18.19 -39.76 29.91
CA ALA D 380 -17.73 -39.38 31.24
C ALA D 380 -18.87 -38.83 32.08
N LEU D 381 -19.76 -38.09 31.42
CA LEU D 381 -20.92 -37.52 32.11
C LEU D 381 -21.84 -38.61 32.62
N ALA D 382 -22.00 -39.68 31.83
CA ALA D 382 -22.79 -40.82 32.26
C ALA D 382 -22.13 -41.56 33.42
N THR D 383 -20.81 -41.70 33.36
CA THR D 383 -20.06 -42.37 34.42
C THR D 383 -20.24 -41.66 35.75
N PHE D 384 -20.31 -40.33 35.71
CA PHE D 384 -20.50 -39.54 36.91
C PHE D 384 -21.89 -39.75 37.50
N ARG D 385 -22.88 -39.91 36.63
CA ARG D 385 -24.24 -40.18 37.07
C ARG D 385 -24.42 -41.60 37.57
N ARG D 386 -23.59 -42.52 37.07
CA ARG D 386 -23.55 -43.89 37.60
C ARG D 386 -23.09 -43.88 39.05
N LEU D 387 -21.90 -43.37 39.30
CA LEU D 387 -21.54 -42.99 40.66
C LEU D 387 -22.71 -42.08 41.04
N GLN D 388 -22.95 -41.85 42.32
CA GLN D 388 -24.21 -41.22 42.72
C GLN D 388 -25.36 -42.18 42.37
N GLY D 389 -26.50 -41.63 41.97
CA GLY D 389 -27.64 -42.44 41.59
C GLY D 389 -28.46 -41.82 40.47
N GLU E 26 -26.02 48.80 -40.10
CA GLU E 26 -27.26 49.22 -40.73
C GLU E 26 -28.05 50.15 -39.82
N SER E 27 -28.23 49.74 -38.57
CA SER E 27 -29.00 50.50 -37.60
C SER E 27 -28.58 50.15 -36.18
N LYS E 28 -29.16 50.82 -35.20
CA LYS E 28 -28.83 50.59 -33.80
C LYS E 28 -29.21 49.17 -33.38
N GLY E 29 -28.44 48.61 -32.45
CA GLY E 29 -28.78 47.34 -31.84
C GLY E 29 -28.19 46.10 -32.49
N PHE E 30 -29.00 45.04 -32.55
CA PHE E 30 -28.52 43.75 -33.04
C PHE E 30 -29.35 43.24 -34.21
N ASP E 31 -28.71 42.46 -35.07
CA ASP E 31 -29.40 41.80 -36.16
C ASP E 31 -30.33 40.74 -35.59
N TYR E 32 -29.81 39.99 -34.63
CA TYR E 32 -30.58 38.92 -34.00
C TYR E 32 -30.61 39.02 -32.49
N LEU E 33 -31.78 38.74 -31.93
CA LEU E 33 -31.90 38.55 -30.49
C LEU E 33 -32.32 37.10 -30.26
N ILE E 34 -31.43 36.33 -29.65
CA ILE E 34 -31.68 34.91 -29.44
C ILE E 34 -32.09 34.65 -28.00
N VAL E 35 -33.25 34.03 -27.84
CA VAL E 35 -33.80 33.75 -26.51
C VAL E 35 -33.52 32.29 -26.14
N GLY E 36 -32.59 32.10 -25.21
CA GLY E 36 -32.16 30.77 -24.81
C GLY E 36 -30.75 30.47 -25.28
N ALA E 37 -29.91 30.02 -24.36
CA ALA E 37 -28.51 29.74 -24.66
C ALA E 37 -28.17 28.24 -24.57
N GLY E 38 -29.13 27.41 -24.94
CA GLY E 38 -28.89 25.98 -25.03
C GLY E 38 -28.35 25.62 -26.41
N PHE E 39 -28.49 24.37 -26.81
CA PHE E 39 -28.03 23.92 -28.12
C PHE E 39 -28.72 24.68 -29.25
N ALA E 40 -30.03 24.77 -29.20
CA ALA E 40 -30.81 25.49 -30.21
C ALA E 40 -30.31 26.92 -30.40
N GLY E 41 -30.31 27.71 -29.32
CA GLY E 41 -29.92 29.10 -29.39
C GLY E 41 -28.44 29.33 -29.68
N SER E 42 -27.57 28.55 -29.04
CA SER E 42 -26.14 28.75 -29.14
C SER E 42 -25.55 28.36 -30.50
N VAL E 43 -26.10 27.31 -31.12
CA VAL E 43 -25.66 26.90 -32.44
C VAL E 43 -25.92 28.01 -33.45
N LEU E 44 -27.14 28.55 -33.44
CA LEU E 44 -27.50 29.66 -34.31
C LEU E 44 -26.65 30.90 -34.03
N ALA E 45 -26.48 31.21 -32.74
CA ALA E 45 -25.66 32.37 -32.36
C ALA E 45 -24.26 32.29 -32.99
N GLU E 46 -23.70 31.08 -33.05
CA GLU E 46 -22.37 30.89 -33.62
C GLU E 46 -22.38 30.96 -35.15
N ARG E 47 -23.43 30.42 -35.75
CA ARG E 47 -23.58 30.42 -37.20
C ARG E 47 -23.83 31.83 -37.74
N LEU E 48 -24.77 32.53 -37.12
CA LEU E 48 -25.08 33.90 -37.52
C LEU E 48 -23.87 34.81 -37.35
N ALA E 49 -23.15 34.65 -36.25
CA ALA E 49 -22.02 35.53 -35.95
C ALA E 49 -20.80 35.25 -36.83
N SER E 50 -20.59 33.99 -37.16
CA SER E 50 -19.51 33.62 -38.08
C SER E 50 -19.84 34.23 -39.44
N SER E 51 -21.12 34.45 -39.66
CA SER E 51 -21.63 35.03 -40.89
C SER E 51 -21.62 36.57 -40.85
N GLY E 52 -21.15 37.12 -39.74
CA GLY E 52 -20.99 38.57 -39.63
C GLY E 52 -22.16 39.29 -38.98
N GLN E 53 -23.17 38.55 -38.55
CA GLN E 53 -24.33 39.14 -37.88
C GLN E 53 -23.98 39.60 -36.48
N ARG E 54 -24.58 40.72 -36.05
CA ARG E 54 -24.50 41.15 -34.66
C ARG E 54 -25.56 40.39 -33.86
N VAL E 55 -25.13 39.64 -32.86
CA VAL E 55 -26.04 38.76 -32.13
C VAL E 55 -26.04 38.99 -30.63
N LEU E 56 -27.24 39.14 -30.07
CA LEU E 56 -27.40 39.15 -28.62
C LEU E 56 -28.10 37.86 -28.20
N ILE E 57 -27.45 37.08 -27.35
CA ILE E 57 -28.06 35.85 -26.84
C ILE E 57 -28.39 35.99 -25.36
N VAL E 58 -29.58 35.56 -25.00
CA VAL E 58 -30.12 35.86 -23.67
C VAL E 58 -30.64 34.58 -23.00
N ASP E 59 -30.59 34.53 -21.68
CA ASP E 59 -31.15 33.40 -20.94
C ASP E 59 -31.51 33.80 -19.51
N ARG E 60 -32.69 33.40 -19.08
CA ARG E 60 -33.16 33.71 -17.73
C ARG E 60 -32.27 33.05 -16.68
N ARG E 61 -31.63 31.95 -17.07
CA ARG E 61 -30.68 31.26 -16.21
C ARG E 61 -29.38 32.05 -16.08
N PRO E 62 -28.63 31.82 -15.01
CA PRO E 62 -27.39 32.55 -14.74
C PRO E 62 -26.18 31.92 -15.45
N HIS E 63 -26.44 31.02 -16.38
CA HIS E 63 -25.37 30.31 -17.09
C HIS E 63 -25.80 29.97 -18.51
N ILE E 64 -24.82 29.66 -19.35
CA ILE E 64 -25.09 29.22 -20.71
C ILE E 64 -25.27 27.70 -20.73
N GLY E 65 -25.56 27.14 -21.91
CA GLY E 65 -25.61 25.71 -22.08
C GLY E 65 -26.97 25.04 -21.88
N GLY E 66 -27.94 25.78 -21.34
CA GLY E 66 -29.26 25.25 -21.11
C GLY E 66 -29.26 23.97 -20.27
N ASN E 67 -30.11 23.02 -20.63
CA ASN E 67 -30.16 21.72 -19.96
C ASN E 67 -28.81 21.01 -19.96
N ALA E 68 -27.95 21.35 -20.93
CA ALA E 68 -26.73 20.59 -21.16
C ALA E 68 -25.56 21.11 -20.33
N TYR E 69 -25.82 22.11 -19.52
CA TYR E 69 -24.80 22.77 -18.72
C TYR E 69 -24.15 21.82 -17.72
N ASP E 70 -22.82 21.82 -17.65
CA ASP E 70 -22.14 21.13 -16.56
C ASP E 70 -21.22 22.03 -15.76
N CYS E 71 -20.87 21.57 -14.57
CA CYS E 71 -20.04 22.33 -13.66
C CYS E 71 -19.50 21.43 -12.57
N TYR E 72 -18.54 21.96 -11.84
CA TYR E 72 -17.93 21.24 -10.73
C TYR E 72 -18.70 21.51 -9.44
N ASP E 73 -19.05 20.45 -8.72
CA ASP E 73 -19.77 20.58 -7.46
C ASP E 73 -18.83 20.89 -6.30
N ASP E 74 -19.39 20.95 -5.09
CA ASP E 74 -18.62 21.30 -3.89
C ASP E 74 -17.42 20.38 -3.65
N ALA E 75 -17.52 19.13 -4.10
CA ALA E 75 -16.49 18.14 -3.84
C ALA E 75 -15.43 18.08 -4.93
N GLY E 76 -15.61 18.85 -5.99
CA GLY E 76 -14.65 18.89 -7.08
C GLY E 76 -14.93 17.85 -8.14
N VAL E 77 -16.15 17.34 -8.16
CA VAL E 77 -16.56 16.38 -9.17
C VAL E 77 -17.36 17.09 -10.27
N LEU E 78 -17.17 16.65 -11.51
CA LEU E 78 -17.85 17.23 -12.65
C LEU E 78 -19.23 16.58 -12.84
N ILE E 79 -20.29 17.38 -12.80
CA ILE E 79 -21.65 16.84 -12.83
C ILE E 79 -22.56 17.59 -13.80
N HIS E 80 -23.77 17.06 -13.98
CA HIS E 80 -24.82 17.77 -14.72
C HIS E 80 -25.98 18.13 -13.79
N PRO E 81 -26.14 19.42 -13.50
CA PRO E 81 -27.22 19.91 -12.63
C PRO E 81 -28.61 19.47 -13.06
N TYR E 82 -28.84 19.30 -14.36
CA TYR E 82 -30.16 18.92 -14.86
C TYR E 82 -30.20 17.50 -15.40
N GLY E 83 -29.46 16.59 -14.78
CA GLY E 83 -29.50 15.20 -15.15
C GLY E 83 -28.45 14.81 -16.19
N PRO E 84 -28.33 13.50 -16.45
CA PRO E 84 -27.27 12.94 -17.30
C PRO E 84 -27.50 13.24 -18.78
N HIS E 85 -26.56 13.94 -19.39
CA HIS E 85 -26.60 14.20 -20.82
C HIS E 85 -25.48 13.45 -21.51
N ILE E 86 -25.84 12.35 -22.17
CA ILE E 86 -24.89 11.55 -22.92
C ILE E 86 -25.03 11.87 -24.40
N PHE E 87 -23.95 12.31 -25.03
CA PHE E 87 -24.02 12.66 -26.44
C PHE E 87 -23.90 11.45 -27.34
N HIS E 88 -24.77 11.37 -28.34
CA HIS E 88 -24.75 10.28 -29.32
C HIS E 88 -25.38 10.78 -30.62
N THR E 89 -24.87 10.32 -31.75
CA THR E 89 -25.43 10.71 -33.04
C THR E 89 -25.06 9.73 -34.15
N ASN E 90 -25.82 9.78 -35.24
CA ASN E 90 -25.47 9.08 -36.46
C ASN E 90 -25.05 10.09 -37.53
N SER E 91 -25.23 11.37 -37.22
CA SER E 91 -24.93 12.43 -38.17
C SER E 91 -23.46 12.85 -38.13
N LYS E 92 -22.73 12.47 -39.17
CA LYS E 92 -21.34 12.87 -39.30
C LYS E 92 -21.23 14.39 -39.31
N ASP E 93 -22.24 15.05 -39.86
CA ASP E 93 -22.23 16.51 -39.98
C ASP E 93 -22.36 17.20 -38.63
N VAL E 94 -23.26 16.70 -37.79
CA VAL E 94 -23.43 17.23 -36.44
C VAL E 94 -22.16 17.02 -35.63
N PHE E 95 -21.62 15.80 -35.69
CA PHE E 95 -20.43 15.45 -34.94
C PHE E 95 -19.21 16.27 -35.33
N GLU E 96 -19.10 16.57 -36.63
CA GLU E 96 -17.98 17.36 -37.12
C GLU E 96 -18.14 18.84 -36.79
N TYR E 97 -19.38 19.34 -36.82
CA TYR E 97 -19.64 20.72 -36.41
C TYR E 97 -19.25 20.93 -34.95
N LEU E 98 -19.66 19.99 -34.10
CA LEU E 98 -19.35 20.07 -32.67
C LEU E 98 -17.86 19.88 -32.41
N SER E 99 -17.21 19.07 -33.24
CA SER E 99 -15.77 18.82 -33.14
C SER E 99 -14.96 20.10 -33.29
N ARG E 100 -15.61 21.18 -33.71
CA ARG E 100 -14.90 22.45 -33.88
C ARG E 100 -14.72 23.17 -32.55
N PHE E 101 -15.51 22.79 -31.55
CA PHE E 101 -15.50 23.51 -30.28
C PHE E 101 -15.15 22.62 -29.07
N THR E 102 -14.81 21.36 -29.33
CA THR E 102 -14.47 20.44 -28.25
C THR E 102 -13.72 19.22 -28.74
N GLU E 103 -12.85 18.69 -27.90
CA GLU E 103 -12.28 17.36 -28.12
C GLU E 103 -13.21 16.34 -27.47
N TRP E 104 -12.94 15.06 -27.71
CA TRP E 104 -13.88 14.03 -27.31
C TRP E 104 -13.31 12.96 -26.39
N ARG E 105 -14.18 12.43 -25.53
CA ARG E 105 -13.86 11.26 -24.75
C ARG E 105 -14.79 10.15 -25.21
N PRO E 106 -14.26 9.18 -25.97
CA PRO E 106 -15.10 8.07 -26.44
C PRO E 106 -15.82 7.43 -25.27
N TYR E 107 -17.10 7.14 -25.44
CA TYR E 107 -17.88 6.55 -24.37
C TYR E 107 -19.21 6.04 -24.90
N GLN E 108 -19.50 4.79 -24.58
CA GLN E 108 -20.77 4.20 -24.95
C GLN E 108 -21.58 3.89 -23.70
N HIS E 109 -22.60 4.70 -23.48
CA HIS E 109 -23.45 4.62 -22.29
C HIS E 109 -24.07 3.23 -22.14
N ARG E 110 -24.21 2.78 -20.89
CA ARG E 110 -24.86 1.50 -20.60
C ARG E 110 -25.76 1.60 -19.38
N VAL E 111 -27.00 1.16 -19.53
CA VAL E 111 -27.99 1.28 -18.47
C VAL E 111 -28.48 -0.08 -17.97
N LEU E 112 -28.52 -0.23 -16.65
CA LEU E 112 -29.09 -1.41 -16.02
C LEU E 112 -30.44 -1.07 -15.40
N ALA E 113 -31.37 -2.00 -15.48
CA ALA E 113 -32.69 -1.81 -14.88
C ALA E 113 -32.86 -2.75 -13.70
N SER E 114 -33.25 -2.19 -12.56
CA SER E 114 -33.49 -2.99 -11.37
C SER E 114 -34.85 -3.69 -11.47
N VAL E 115 -34.82 -4.97 -11.74
CA VAL E 115 -36.04 -5.74 -11.92
C VAL E 115 -35.92 -7.08 -11.21
N ASP E 116 -36.87 -7.38 -10.34
CA ASP E 116 -36.86 -8.63 -9.59
C ASP E 116 -35.54 -8.80 -8.84
N GLY E 117 -35.05 -7.70 -8.28
CA GLY E 117 -33.83 -7.73 -7.48
C GLY E 117 -32.57 -8.01 -8.29
N GLN E 118 -32.67 -7.86 -9.60
CA GLN E 118 -31.51 -7.99 -10.46
C GLN E 118 -31.27 -6.72 -11.24
N LEU E 119 -30.05 -6.56 -11.74
CA LEU E 119 -29.75 -5.47 -12.65
C LEU E 119 -29.64 -6.06 -14.05
N LEU E 120 -30.67 -5.88 -14.86
CA LEU E 120 -30.68 -6.44 -16.21
C LEU E 120 -30.46 -5.37 -17.27
N PRO E 121 -29.94 -5.77 -18.43
CA PRO E 121 -29.77 -4.80 -19.51
C PRO E 121 -31.10 -4.24 -20.01
N ILE E 122 -31.10 -2.94 -20.27
CA ILE E 122 -32.20 -2.26 -20.94
C ILE E 122 -31.52 -1.34 -21.95
N PRO E 123 -31.94 -1.38 -23.22
CA PRO E 123 -33.06 -2.12 -23.83
C PRO E 123 -32.99 -3.62 -23.60
N ILE E 124 -34.15 -4.26 -23.58
CA ILE E 124 -34.25 -5.70 -23.44
C ILE E 124 -33.48 -6.38 -24.57
N ASN E 125 -32.66 -7.37 -24.22
CA ASN E 125 -31.95 -8.16 -25.22
C ASN E 125 -31.90 -9.64 -24.85
N LEU E 126 -31.13 -10.42 -25.60
CA LEU E 126 -31.03 -11.86 -25.36
C LEU E 126 -30.71 -12.16 -23.90
N ASP E 127 -29.73 -11.43 -23.36
CA ASP E 127 -29.27 -11.67 -22.00
C ASP E 127 -30.34 -11.34 -20.96
N THR E 128 -31.11 -10.28 -21.20
CA THR E 128 -32.20 -9.89 -20.29
C THR E 128 -33.21 -11.03 -20.12
N VAL E 129 -33.65 -11.58 -21.24
CA VAL E 129 -34.62 -12.68 -21.22
C VAL E 129 -34.06 -13.90 -20.49
N ASN E 130 -32.87 -14.34 -20.89
CA ASN E 130 -32.28 -15.55 -20.31
C ASN E 130 -32.02 -15.40 -18.80
N ARG E 131 -31.57 -14.22 -18.41
CA ARG E 131 -31.25 -13.94 -17.01
C ARG E 131 -32.52 -13.79 -16.18
N LEU E 132 -33.54 -13.17 -16.77
CA LEU E 132 -34.81 -12.94 -16.08
C LEU E 132 -35.56 -14.24 -15.76
N TYR E 133 -35.61 -15.14 -16.75
CA TYR E 133 -36.40 -16.37 -16.63
C TYR E 133 -35.56 -17.60 -16.39
N GLY E 134 -34.25 -17.45 -16.43
CA GLY E 134 -33.35 -18.58 -16.27
C GLY E 134 -33.37 -19.49 -17.48
N LEU E 135 -33.42 -18.89 -18.66
CA LEU E 135 -33.43 -19.63 -19.92
C LEU E 135 -32.04 -19.67 -20.54
N ASN E 136 -31.94 -20.37 -21.66
CA ASN E 136 -30.72 -20.44 -22.44
C ASN E 136 -30.99 -20.37 -23.94
N LEU E 137 -31.79 -19.39 -24.33
CA LEU E 137 -32.12 -19.20 -25.73
C LEU E 137 -30.95 -18.63 -26.51
N THR E 138 -30.85 -18.99 -27.77
CA THR E 138 -29.90 -18.36 -28.68
C THR E 138 -30.57 -17.13 -29.27
N SER E 139 -29.81 -16.34 -30.02
CA SER E 139 -30.37 -15.15 -30.67
C SER E 139 -31.46 -15.52 -31.68
N PHE E 140 -31.41 -16.74 -32.19
CA PHE E 140 -32.41 -17.18 -33.17
C PHE E 140 -33.67 -17.66 -32.48
N GLN E 141 -33.53 -18.22 -31.28
CA GLN E 141 -34.68 -18.73 -30.54
C GLN E 141 -35.47 -17.63 -29.84
N VAL E 142 -34.79 -16.55 -29.45
CA VAL E 142 -35.47 -15.50 -28.70
C VAL E 142 -36.45 -14.73 -29.58
N GLU E 143 -36.28 -14.87 -30.89
CA GLU E 143 -37.24 -14.30 -31.84
C GLU E 143 -38.57 -15.04 -31.80
N GLU E 144 -38.49 -16.37 -31.79
CA GLU E 144 -39.69 -17.20 -31.72
C GLU E 144 -40.41 -16.97 -30.40
N PHE E 145 -39.63 -16.80 -29.34
CA PHE E 145 -40.16 -16.52 -28.01
C PHE E 145 -40.89 -15.18 -27.97
N PHE E 146 -40.24 -14.12 -28.42
CA PHE E 146 -40.87 -12.80 -28.48
C PHE E 146 -42.16 -12.89 -29.30
N ALA E 147 -42.10 -13.66 -30.39
CA ALA E 147 -43.26 -13.82 -31.25
C ALA E 147 -44.34 -14.66 -30.57
N SER E 148 -43.93 -15.60 -29.72
CA SER E 148 -44.86 -16.51 -29.07
C SER E 148 -45.67 -15.84 -27.96
N VAL E 149 -45.24 -14.70 -27.49
CA VAL E 149 -45.97 -14.04 -26.43
C VAL E 149 -46.52 -12.70 -26.85
N ALA E 150 -45.98 -12.17 -27.93
CA ALA E 150 -46.41 -10.92 -28.47
C ALA E 150 -47.90 -10.86 -28.66
N GLU E 151 -48.48 -9.70 -28.45
CA GLU E 151 -49.88 -9.48 -28.68
C GLU E 151 -50.09 -8.85 -30.02
N LYS E 152 -51.02 -9.38 -30.78
CA LYS E 152 -51.38 -8.87 -32.07
C LYS E 152 -52.09 -7.56 -31.94
N VAL E 153 -51.58 -6.53 -32.59
CA VAL E 153 -52.22 -5.23 -32.58
C VAL E 153 -52.69 -4.68 -33.94
N GLU E 154 -53.99 -4.60 -34.17
CA GLU E 154 -54.48 -3.96 -35.37
C GLU E 154 -53.48 -2.99 -35.95
N GLN E 155 -53.62 -1.75 -35.51
CA GLN E 155 -52.70 -0.68 -35.84
C GLN E 155 -52.10 -0.21 -34.56
N VAL E 156 -50.81 0.09 -34.60
CA VAL E 156 -50.08 0.50 -33.42
C VAL E 156 -50.15 1.99 -33.23
N ARG E 157 -50.75 2.44 -32.15
CA ARG E 157 -50.87 3.87 -31.88
C ARG E 157 -50.25 4.36 -30.57
N THR E 158 -50.18 3.50 -29.57
CA THR E 158 -49.85 3.95 -28.26
C THR E 158 -48.58 3.38 -27.79
N SER E 159 -47.98 4.01 -26.81
CA SER E 159 -46.73 3.50 -26.25
C SER E 159 -46.92 2.10 -25.69
N GLU E 160 -48.14 1.78 -25.28
CA GLU E 160 -48.46 0.41 -24.85
C GLU E 160 -48.35 -0.54 -26.04
N ASP E 161 -48.89 -0.12 -27.17
CA ASP E 161 -48.91 -0.93 -28.39
C ASP E 161 -47.51 -1.32 -28.87
N VAL E 162 -46.64 -0.33 -29.04
CA VAL E 162 -45.30 -0.58 -29.54
C VAL E 162 -44.58 -1.66 -28.73
N VAL E 163 -44.73 -1.63 -27.41
CA VAL E 163 -44.04 -2.59 -26.58
C VAL E 163 -44.71 -3.95 -26.61
N VAL E 164 -46.01 -3.97 -26.35
CA VAL E 164 -46.75 -5.24 -26.19
C VAL E 164 -46.79 -6.10 -27.46
N SER E 165 -46.77 -5.45 -28.63
CA SER E 165 -46.84 -6.18 -29.90
C SER E 165 -45.51 -6.82 -30.28
N LYS E 166 -44.43 -6.41 -29.63
CA LYS E 166 -43.10 -6.96 -29.92
C LYS E 166 -42.69 -8.02 -28.90
N VAL E 167 -42.87 -7.72 -27.62
CA VAL E 167 -42.32 -8.56 -26.55
C VAL E 167 -43.35 -9.14 -25.58
N GLY E 168 -44.62 -8.77 -25.75
CA GLY E 168 -45.67 -9.35 -24.93
C GLY E 168 -46.00 -8.58 -23.66
N ARG E 169 -47.04 -9.03 -22.97
CA ARG E 169 -47.58 -8.32 -21.82
C ARG E 169 -46.67 -8.36 -20.59
N ASP E 170 -46.10 -9.53 -20.28
CA ASP E 170 -45.32 -9.67 -19.06
C ASP E 170 -44.05 -8.82 -19.04
N LEU E 171 -43.31 -8.80 -20.14
CA LEU E 171 -42.10 -7.98 -20.21
C LEU E 171 -42.44 -6.50 -20.24
N TYR E 172 -43.64 -6.18 -20.71
CA TYR E 172 -44.15 -4.81 -20.72
C TYR E 172 -44.39 -4.32 -19.29
N ASN E 173 -45.03 -5.17 -18.50
CA ASN E 173 -45.31 -4.83 -17.11
C ASN E 173 -44.05 -4.63 -16.28
N LYS E 174 -43.03 -5.45 -16.56
CA LYS E 174 -41.80 -5.42 -15.77
C LYS E 174 -40.90 -4.24 -16.10
N PHE E 175 -40.84 -3.85 -17.36
CA PHE E 175 -39.86 -2.84 -17.78
C PHE E 175 -40.46 -1.49 -18.15
N PHE E 176 -41.68 -1.50 -18.69
CA PHE E 176 -42.21 -0.29 -19.33
C PHE E 176 -43.39 0.37 -18.61
N ARG E 177 -44.36 -0.43 -18.17
CA ARG E 177 -45.57 0.16 -17.61
C ARG E 177 -45.35 1.00 -16.37
N GLY E 178 -44.60 0.45 -15.42
CA GLY E 178 -44.35 1.14 -14.17
C GLY E 178 -43.49 2.38 -14.33
N TYR E 179 -42.38 2.23 -15.05
CA TYR E 179 -41.48 3.33 -15.32
C TYR E 179 -42.25 4.48 -15.96
N THR E 180 -43.00 4.16 -17.01
CA THR E 180 -43.74 5.14 -17.77
C THR E 180 -44.75 5.90 -16.91
N ARG E 181 -45.52 5.17 -16.11
CA ARG E 181 -46.50 5.77 -15.22
C ARG E 181 -45.83 6.71 -14.22
N LYS E 182 -44.65 6.30 -13.75
CA LYS E 182 -43.91 7.10 -12.79
C LYS E 182 -43.31 8.32 -13.47
N GLN E 183 -42.79 8.14 -14.67
CA GLN E 183 -42.10 9.20 -15.41
C GLN E 183 -43.05 10.26 -15.96
N TRP E 184 -44.18 9.82 -16.51
CA TRP E 184 -45.09 10.72 -17.22
C TRP E 184 -46.32 11.10 -16.41
N GLY E 185 -46.77 10.21 -15.54
CA GLY E 185 -48.01 10.42 -14.81
C GLY E 185 -49.18 9.91 -15.62
N LEU E 186 -48.87 9.28 -16.75
CA LEU E 186 -49.87 8.66 -17.61
C LEU E 186 -49.56 7.18 -17.79
N ASP E 187 -50.55 6.42 -18.24
CA ASP E 187 -50.30 5.05 -18.67
C ASP E 187 -49.63 5.13 -20.03
N PRO E 188 -48.87 4.10 -20.42
CA PRO E 188 -48.28 4.10 -21.77
C PRO E 188 -49.35 4.17 -22.86
N SER E 189 -50.58 3.78 -22.53
CA SER E 189 -51.69 3.82 -23.49
C SER E 189 -52.19 5.24 -23.71
N GLU E 190 -51.94 6.12 -22.75
CA GLU E 190 -52.31 7.53 -22.89
C GLU E 190 -51.21 8.31 -23.61
N LEU E 191 -50.15 7.62 -24.02
CA LEU E 191 -49.03 8.27 -24.69
C LEU E 191 -48.83 7.78 -26.13
N ASP E 192 -48.43 8.72 -26.99
CA ASP E 192 -48.10 8.39 -28.37
C ASP E 192 -47.11 7.24 -28.41
N ALA E 193 -47.22 6.39 -29.43
CA ALA E 193 -46.30 5.27 -29.55
C ALA E 193 -44.85 5.72 -29.69
N SER E 194 -44.65 6.98 -30.07
CA SER E 194 -43.30 7.49 -30.26
C SER E 194 -42.48 7.42 -28.96
N VAL E 195 -43.15 7.60 -27.82
CA VAL E 195 -42.47 7.69 -26.54
C VAL E 195 -41.61 6.45 -26.21
N THR E 196 -42.25 5.30 -26.03
CA THR E 196 -41.52 4.09 -25.67
C THR E 196 -40.79 3.45 -26.86
N ALA E 197 -41.15 3.88 -28.06
CA ALA E 197 -40.46 3.39 -29.24
C ALA E 197 -39.01 3.85 -29.24
N ARG E 198 -38.70 4.81 -28.36
CA ARG E 198 -37.33 5.27 -28.20
C ARG E 198 -36.41 4.16 -27.71
N VAL E 199 -36.93 3.29 -26.85
CA VAL E 199 -36.16 2.17 -26.30
C VAL E 199 -36.55 0.86 -26.97
N PRO E 200 -36.01 0.61 -28.17
CA PRO E 200 -36.34 -0.56 -28.99
C PRO E 200 -35.82 -1.85 -28.37
N THR E 201 -36.55 -2.95 -28.54
CA THR E 201 -36.11 -4.25 -28.05
C THR E 201 -35.06 -4.84 -28.99
N ARG E 202 -34.17 -5.66 -28.46
CA ARG E 202 -33.16 -6.34 -29.27
C ARG E 202 -33.25 -7.85 -29.10
N THR E 203 -32.64 -8.58 -30.03
CA THR E 203 -32.56 -10.03 -29.93
C THR E 203 -31.09 -10.50 -29.95
N ASN E 204 -30.19 -9.54 -30.09
CA ASN E 204 -28.77 -9.82 -29.97
C ASN E 204 -28.32 -9.58 -28.54
N ARG E 205 -27.01 -9.46 -28.33
CA ARG E 205 -26.48 -9.29 -26.99
C ARG E 205 -25.82 -7.93 -26.81
N ASP E 206 -26.27 -6.96 -27.60
CA ASP E 206 -25.81 -5.59 -27.47
C ASP E 206 -26.40 -4.96 -26.21
N ASN E 207 -25.57 -4.33 -25.40
CA ASN E 207 -26.03 -3.74 -24.14
C ASN E 207 -25.85 -2.23 -24.04
N ARG E 208 -25.43 -1.59 -25.13
CA ARG E 208 -25.36 -0.13 -25.15
C ARG E 208 -26.77 0.44 -25.25
N TYR E 209 -27.00 1.58 -24.61
CA TYR E 209 -28.31 2.23 -24.69
C TYR E 209 -28.50 2.86 -26.06
N PHE E 210 -27.39 3.14 -26.74
CA PHE E 210 -27.41 3.65 -28.12
C PHE E 210 -26.54 2.80 -29.04
N ALA E 211 -27.00 2.61 -30.27
CA ALA E 211 -26.18 1.95 -31.28
C ALA E 211 -25.79 2.97 -32.36
N ASP E 212 -25.74 4.24 -31.98
CA ASP E 212 -25.35 5.30 -32.89
C ASP E 212 -23.90 5.14 -33.32
N THR E 213 -23.54 5.81 -34.41
CA THR E 213 -22.20 5.67 -34.97
C THR E 213 -21.16 6.46 -34.18
N TYR E 214 -21.55 7.66 -33.75
CA TYR E 214 -20.67 8.51 -32.98
C TYR E 214 -21.18 8.67 -31.55
N GLN E 215 -20.54 7.95 -30.63
CA GLN E 215 -20.87 8.07 -29.22
C GLN E 215 -19.63 8.54 -28.46
N ALA E 216 -19.71 9.74 -27.90
CA ALA E 216 -18.58 10.35 -27.21
C ALA E 216 -19.03 11.56 -26.42
N MET E 217 -18.31 11.87 -25.36
CA MET E 217 -18.61 13.02 -24.50
C MET E 217 -17.53 14.07 -24.65
N PRO E 218 -17.92 15.35 -24.62
CA PRO E 218 -16.97 16.46 -24.68
C PRO E 218 -15.88 16.31 -23.63
N LEU E 219 -14.63 16.31 -24.07
CA LEU E 219 -13.48 16.03 -23.21
C LEU E 219 -13.47 16.82 -21.89
N HIS E 220 -13.82 18.10 -21.95
CA HIS E 220 -13.80 18.94 -20.75
C HIS E 220 -15.18 19.46 -20.37
N GLY E 221 -16.21 18.76 -20.80
CA GLY E 221 -17.58 19.13 -20.43
C GLY E 221 -18.27 20.04 -21.43
N TYR E 222 -19.60 20.08 -21.34
CA TYR E 222 -20.42 20.86 -22.25
C TYR E 222 -20.16 22.36 -22.12
N THR E 223 -20.05 22.83 -20.88
CA THR E 223 -19.87 24.26 -20.63
C THR E 223 -18.65 24.82 -21.34
N ARG E 224 -17.55 24.08 -21.29
CA ARG E 224 -16.34 24.47 -22.02
C ARG E 224 -16.60 24.48 -23.52
N MET E 225 -17.39 23.52 -23.99
CA MET E 225 -17.75 23.43 -25.40
C MET E 225 -18.62 24.60 -25.81
N PHE E 226 -19.60 24.95 -24.96
CA PHE E 226 -20.49 26.06 -25.24
C PHE E 226 -19.76 27.40 -25.23
N GLN E 227 -18.78 27.54 -24.34
CA GLN E 227 -18.01 28.79 -24.25
C GLN E 227 -17.24 29.08 -25.54
N ASN E 228 -16.73 28.05 -26.19
CA ASN E 228 -16.08 28.21 -27.49
C ASN E 228 -17.12 28.61 -28.53
N MET E 229 -18.24 27.90 -28.53
CA MET E 229 -19.35 28.16 -29.43
C MET E 229 -19.78 29.63 -29.40
N LEU E 230 -19.63 30.28 -28.24
CA LEU E 230 -20.13 31.64 -28.06
C LEU E 230 -19.03 32.69 -27.95
N SER E 231 -17.81 32.36 -28.39
CA SER E 231 -16.64 33.21 -28.11
C SER E 231 -16.39 34.32 -29.14
N SER E 232 -17.16 34.34 -30.22
CA SER E 232 -17.02 35.37 -31.26
C SER E 232 -17.23 36.78 -30.71
N PRO E 233 -16.53 37.77 -31.29
CA PRO E 233 -16.69 39.17 -30.90
C PRO E 233 -18.07 39.68 -31.29
N ASN E 234 -18.72 38.99 -32.23
CA ASN E 234 -20.06 39.35 -32.68
C ASN E 234 -21.17 38.90 -31.73
N ILE E 235 -20.82 38.11 -30.72
CA ILE E 235 -21.80 37.59 -29.79
C ILE E 235 -21.71 38.24 -28.41
N LYS E 236 -22.85 38.74 -27.94
CA LYS E 236 -22.97 39.27 -26.59
C LYS E 236 -23.87 38.34 -25.79
N VAL E 237 -23.38 37.91 -24.62
CA VAL E 237 -24.14 36.99 -23.78
C VAL E 237 -24.79 37.74 -22.62
N MET E 238 -26.11 37.59 -22.49
CA MET E 238 -26.83 38.20 -21.39
C MET E 238 -27.49 37.15 -20.50
N LEU E 239 -27.19 37.23 -19.21
CA LEU E 239 -27.61 36.18 -18.27
C LEU E 239 -28.49 36.72 -17.15
N ASN E 240 -29.26 35.81 -16.53
CA ASN E 240 -30.22 36.17 -15.50
C ASN E 240 -31.26 37.12 -16.08
N THR E 241 -31.60 36.91 -17.36
CA THR E 241 -32.46 37.82 -18.09
C THR E 241 -33.59 37.10 -18.82
N ASP E 242 -34.82 37.48 -18.50
CA ASP E 242 -35.95 37.06 -19.31
C ASP E 242 -36.02 38.04 -20.48
N TYR E 243 -36.15 37.51 -21.70
CA TYR E 243 -36.16 38.36 -22.89
C TYR E 243 -37.17 39.50 -22.77
N ARG E 244 -38.26 39.25 -22.06
CA ARG E 244 -39.31 40.25 -21.89
C ARG E 244 -38.86 41.46 -21.08
N GLU E 245 -37.81 41.28 -20.27
CA GLU E 245 -37.32 42.37 -19.44
C GLU E 245 -36.55 43.41 -20.24
N ILE E 246 -36.03 43.00 -21.39
CA ILE E 246 -35.18 43.89 -22.18
C ILE E 246 -35.68 44.12 -23.62
N ALA E 247 -36.56 43.24 -24.08
CA ALA E 247 -37.02 43.30 -25.46
C ALA E 247 -37.65 44.64 -25.81
N ASP E 248 -38.02 45.41 -24.78
CA ASP E 248 -38.68 46.69 -24.97
C ASP E 248 -37.73 47.81 -25.38
N PHE E 249 -36.58 47.90 -24.71
CA PHE E 249 -35.65 49.02 -24.96
C PHE E 249 -34.37 48.62 -25.70
N ILE E 250 -34.27 47.38 -26.14
CA ILE E 250 -33.13 46.93 -26.91
C ILE E 250 -33.52 46.60 -28.35
N PRO E 251 -32.92 47.31 -29.31
CA PRO E 251 -33.20 47.20 -30.75
C PRO E 251 -32.65 45.92 -31.39
N PHE E 252 -33.53 45.11 -31.95
CA PHE E 252 -33.12 43.91 -32.69
C PHE E 252 -34.02 43.71 -33.89
N GLN E 253 -33.42 43.33 -35.02
CA GLN E 253 -34.18 43.19 -36.27
C GLN E 253 -34.91 41.86 -36.40
N HIS E 254 -34.42 40.83 -35.72
CA HIS E 254 -35.07 39.53 -35.75
C HIS E 254 -34.89 38.79 -34.44
N MET E 255 -35.83 37.91 -34.10
CA MET E 255 -35.77 37.16 -32.85
C MET E 255 -35.88 35.65 -33.06
N ILE E 256 -35.01 34.92 -32.37
CA ILE E 256 -35.06 33.46 -32.34
C ILE E 256 -35.41 32.98 -30.93
N TYR E 257 -36.58 32.39 -30.79
CA TYR E 257 -37.09 31.95 -29.50
C TYR E 257 -36.88 30.44 -29.33
N THR E 258 -36.31 30.05 -28.20
CA THR E 258 -36.07 28.63 -27.95
C THR E 258 -36.73 28.15 -26.66
N GLY E 259 -37.55 29.01 -26.06
CA GLY E 259 -38.31 28.65 -24.88
C GLY E 259 -39.58 27.91 -25.24
N PRO E 260 -40.49 27.74 -24.28
CA PRO E 260 -41.81 27.10 -24.46
C PRO E 260 -42.73 27.95 -25.33
N VAL E 261 -43.64 27.33 -26.07
CA VAL E 261 -44.53 28.08 -26.97
C VAL E 261 -45.72 28.70 -26.27
N ASP E 262 -46.50 27.86 -25.59
CA ASP E 262 -47.66 28.34 -24.86
C ASP E 262 -47.34 29.58 -24.05
N ALA E 263 -46.11 29.66 -23.55
CA ALA E 263 -45.68 30.81 -22.76
C ALA E 263 -45.39 32.05 -23.61
N PHE E 264 -44.92 31.83 -24.83
CA PHE E 264 -44.58 32.94 -25.72
C PHE E 264 -45.84 33.71 -26.13
N PHE E 265 -46.94 32.98 -26.27
CA PHE E 265 -48.23 33.58 -26.65
C PHE E 265 -49.16 33.69 -25.45
N ASP E 266 -48.58 33.90 -24.28
CA ASP E 266 -49.33 34.17 -23.06
C ASP E 266 -50.44 33.16 -22.79
N PHE E 267 -50.17 31.89 -23.11
CA PHE E 267 -51.07 30.79 -22.80
C PHE E 267 -52.48 31.07 -23.30
N CYS E 268 -52.60 31.89 -24.33
CA CYS E 268 -53.92 32.29 -24.83
C CYS E 268 -54.84 31.08 -25.02
N TYR E 269 -54.29 29.97 -25.48
CA TYR E 269 -55.07 28.75 -25.68
C TYR E 269 -54.97 27.80 -24.49
N GLY E 270 -54.46 28.30 -23.37
CA GLY E 270 -54.28 27.46 -22.19
C GLY E 270 -52.89 26.86 -22.14
N LYS E 271 -52.65 26.00 -21.14
CA LYS E 271 -51.31 25.48 -20.91
C LYS E 271 -51.01 24.25 -21.75
N LEU E 272 -49.96 24.36 -22.58
CA LEU E 272 -49.42 23.22 -23.30
C LEU E 272 -48.61 22.42 -22.29
N PRO E 273 -49.02 21.18 -22.01
CA PRO E 273 -48.38 20.35 -20.98
C PRO E 273 -46.93 19.97 -21.24
N TYR E 274 -46.01 20.44 -20.41
CA TYR E 274 -44.64 19.94 -20.39
C TYR E 274 -44.40 19.21 -19.07
N ARG E 275 -43.81 18.02 -19.15
CA ARG E 275 -43.46 17.27 -17.94
C ARG E 275 -42.14 17.80 -17.36
N SER E 276 -42.06 17.88 -16.03
CA SER E 276 -40.90 18.43 -15.36
C SER E 276 -40.18 17.42 -14.48
N LEU E 277 -39.12 17.87 -13.83
CA LEU E 277 -38.27 16.99 -13.02
C LEU E 277 -37.66 17.68 -11.83
N GLU E 278 -37.43 16.91 -10.76
CA GLU E 278 -36.62 17.37 -9.65
C GLU E 278 -35.38 16.48 -9.52
N PHE E 279 -34.23 17.10 -9.26
CA PHE E 279 -32.97 16.37 -9.15
C PHE E 279 -32.42 16.44 -7.73
N ARG E 280 -31.99 15.31 -7.20
CA ARG E 280 -31.33 15.29 -5.90
C ARG E 280 -29.91 14.74 -6.02
N HIS E 281 -28.95 15.66 -5.91
CA HIS E 281 -27.55 15.32 -6.03
C HIS E 281 -26.97 14.92 -4.69
N GLU E 282 -26.06 13.95 -4.71
CA GLU E 282 -25.38 13.49 -3.51
C GLU E 282 -23.95 13.13 -3.81
N THR E 283 -23.08 13.31 -2.83
CA THR E 283 -21.68 12.95 -2.97
C THR E 283 -21.30 11.92 -1.92
N HIS E 284 -20.65 10.85 -2.37
CA HIS E 284 -20.28 9.75 -1.48
C HIS E 284 -18.76 9.60 -1.36
N ASP E 285 -18.29 9.30 -0.15
CA ASP E 285 -16.87 9.09 0.10
C ASP E 285 -16.43 7.69 -0.34
N THR E 286 -16.62 7.41 -1.63
CA THR E 286 -16.16 6.17 -2.25
C THR E 286 -15.91 6.42 -3.73
N GLU E 287 -15.07 5.61 -4.35
CA GLU E 287 -14.72 5.83 -5.75
C GLU E 287 -15.83 5.44 -6.73
N GLN E 288 -16.64 4.47 -6.35
CA GLN E 288 -17.69 4.00 -7.24
C GLN E 288 -18.93 3.51 -6.49
N LEU E 289 -20.10 3.97 -6.93
CA LEU E 289 -21.36 3.62 -6.29
C LEU E 289 -22.19 2.65 -7.14
N LEU E 290 -22.29 2.93 -8.44
CA LEU E 290 -23.06 2.09 -9.36
C LEU E 290 -22.14 1.26 -10.26
N PRO E 291 -22.66 0.17 -10.82
CA PRO E 291 -21.93 -0.66 -11.79
C PRO E 291 -21.85 0.03 -13.16
N THR E 292 -22.87 0.80 -13.50
CA THR E 292 -22.89 1.55 -14.75
C THR E 292 -23.15 3.02 -14.51
N GLY E 293 -23.28 3.78 -15.59
CA GLY E 293 -23.57 5.20 -15.51
C GLY E 293 -24.94 5.45 -14.93
N THR E 294 -25.91 4.59 -15.28
CA THR E 294 -27.29 4.77 -14.83
C THR E 294 -27.98 3.45 -14.50
N VAL E 295 -28.74 3.46 -13.40
CA VAL E 295 -29.62 2.35 -13.06
C VAL E 295 -31.07 2.82 -13.04
N ASN E 296 -31.92 2.18 -13.82
CA ASN E 296 -33.35 2.51 -13.88
C ASN E 296 -34.15 1.77 -12.82
N TYR E 297 -35.19 2.42 -12.30
CA TYR E 297 -36.06 1.78 -11.32
C TYR E 297 -37.51 1.77 -11.81
N PRO E 298 -37.86 0.76 -12.61
CA PRO E 298 -39.19 0.62 -13.20
C PRO E 298 -40.27 0.34 -12.15
N ASN E 299 -39.92 -0.42 -11.11
CA ASN E 299 -40.92 -0.96 -10.20
C ASN E 299 -40.79 -0.54 -8.73
N ASP E 300 -39.71 0.16 -8.40
CA ASP E 300 -39.46 0.55 -7.02
C ASP E 300 -39.10 2.03 -6.93
N TYR E 301 -39.31 2.61 -5.75
CA TYR E 301 -38.84 3.97 -5.44
C TYR E 301 -39.60 5.10 -6.14
N ALA E 302 -39.42 6.32 -5.62
CA ALA E 302 -40.07 7.51 -6.17
C ALA E 302 -39.28 8.04 -7.36
N TYR E 303 -37.97 7.83 -7.34
CA TYR E 303 -37.13 8.27 -8.45
C TYR E 303 -37.18 7.27 -9.59
N THR E 304 -36.87 7.73 -10.80
CA THR E 304 -36.90 6.86 -11.97
C THR E 304 -35.55 6.18 -12.15
N ARG E 305 -34.49 6.84 -11.71
CA ARG E 305 -33.14 6.37 -11.97
C ARG E 305 -32.07 7.14 -11.19
N VAL E 306 -30.91 6.50 -11.05
CA VAL E 306 -29.74 7.12 -10.45
C VAL E 306 -28.64 7.13 -11.49
N SER E 307 -27.90 8.23 -11.57
CA SER E 307 -26.78 8.33 -12.50
C SER E 307 -25.51 8.67 -11.74
N GLU E 308 -24.38 8.10 -12.19
CA GLU E 308 -23.09 8.39 -11.59
C GLU E 308 -22.17 9.03 -12.61
N PHE E 309 -21.87 10.31 -12.40
CA PHE E 309 -21.20 11.11 -13.41
C PHE E 309 -19.79 10.67 -13.79
N LYS E 310 -19.05 10.08 -12.86
CA LYS E 310 -17.68 9.64 -13.15
C LYS E 310 -17.63 8.58 -14.27
N HIS E 311 -18.63 7.71 -14.33
CA HIS E 311 -18.73 6.73 -15.42
C HIS E 311 -18.79 7.45 -16.76
N ILE E 312 -19.49 8.57 -16.77
CA ILE E 312 -19.77 9.33 -17.98
C ILE E 312 -18.58 10.19 -18.39
N THR E 313 -18.04 10.93 -17.44
CA THR E 313 -16.98 11.91 -17.72
C THR E 313 -15.59 11.29 -17.84
N GLY E 314 -15.39 10.17 -17.16
CA GLY E 314 -14.08 9.54 -17.10
C GLY E 314 -13.18 10.20 -16.06
N GLN E 315 -13.76 11.06 -15.23
CA GLN E 315 -12.99 11.77 -14.22
C GLN E 315 -12.45 10.84 -13.15
N ARG E 316 -11.28 11.18 -12.63
CA ARG E 316 -10.68 10.46 -11.52
C ARG E 316 -10.84 11.28 -10.25
N HIS E 317 -11.29 10.64 -9.19
CA HIS E 317 -11.60 11.35 -7.95
C HIS E 317 -11.67 10.34 -6.82
N HIS E 318 -11.31 10.76 -5.61
CA HIS E 318 -11.34 9.88 -4.45
C HIS E 318 -12.79 9.65 -4.02
N GLN E 319 -13.68 10.55 -4.46
CA GLN E 319 -15.09 10.44 -4.16
C GLN E 319 -15.90 10.31 -5.44
N THR E 320 -17.22 10.26 -5.29
CA THR E 320 -18.11 10.20 -6.44
C THR E 320 -19.38 11.00 -6.17
N SER E 321 -20.05 11.41 -7.24
CA SER E 321 -21.32 12.13 -7.12
C SER E 321 -22.39 11.53 -8.01
N VAL E 322 -23.58 11.34 -7.45
CA VAL E 322 -24.72 10.79 -8.19
C VAL E 322 -25.89 11.77 -8.18
N VAL E 323 -26.88 11.52 -9.04
CA VAL E 323 -28.10 12.31 -9.04
C VAL E 323 -29.35 11.42 -9.16
N TYR E 324 -30.35 11.69 -8.33
CA TYR E 324 -31.61 10.98 -8.40
C TYR E 324 -32.67 11.83 -9.10
N GLU E 325 -33.40 11.22 -10.03
CA GLU E 325 -34.41 11.95 -10.79
C GLU E 325 -35.84 11.66 -10.32
N TYR E 326 -36.53 12.71 -9.90
CA TYR E 326 -37.92 12.62 -9.50
C TYR E 326 -38.80 13.35 -10.51
N PRO E 327 -39.73 12.62 -11.14
CA PRO E 327 -40.65 13.25 -12.10
C PRO E 327 -41.61 14.20 -11.39
N ARG E 328 -41.91 15.35 -12.01
CA ARG E 328 -42.76 16.36 -11.41
C ARG E 328 -43.73 16.95 -12.44
N ALA E 329 -44.97 17.17 -12.05
CA ALA E 329 -45.95 17.79 -12.93
C ALA E 329 -45.67 19.29 -13.12
N GLU E 330 -45.14 19.92 -12.08
CA GLU E 330 -44.88 21.35 -12.10
C GLU E 330 -43.39 21.65 -12.12
N GLY E 331 -43.02 22.84 -12.58
CA GLY E 331 -41.63 23.26 -12.60
C GLY E 331 -41.13 23.60 -13.99
N ASP E 332 -39.82 23.83 -14.11
CA ASP E 332 -39.23 24.10 -15.42
C ASP E 332 -39.58 22.99 -16.38
N PRO E 333 -40.03 23.35 -17.59
CA PRO E 333 -40.43 22.36 -18.61
C PRO E 333 -39.22 21.61 -19.16
N TYR E 334 -39.27 20.28 -19.13
CA TYR E 334 -38.19 19.47 -19.69
C TYR E 334 -38.66 18.56 -20.82
N TYR E 335 -39.85 17.98 -20.65
CA TYR E 335 -40.38 17.07 -21.66
C TYR E 335 -41.68 17.57 -22.27
N PRO E 336 -41.76 17.63 -23.60
CA PRO E 336 -43.08 17.77 -24.21
C PRO E 336 -43.85 16.49 -23.90
N VAL E 337 -45.18 16.56 -23.82
CA VAL E 337 -45.99 15.38 -23.50
C VAL E 337 -46.72 14.88 -24.73
N PRO E 338 -46.07 13.95 -25.47
CA PRO E 338 -46.50 13.47 -26.78
C PRO E 338 -47.76 12.62 -26.74
N ARG E 339 -48.90 13.25 -26.95
CA ARG E 339 -50.18 12.54 -27.02
C ARG E 339 -51.14 13.28 -27.95
N PRO E 340 -52.10 12.54 -28.52
CA PRO E 340 -53.05 13.07 -29.50
C PRO E 340 -53.66 14.43 -29.11
N GLU E 341 -54.21 14.53 -27.90
CA GLU E 341 -54.82 15.79 -27.46
C GLU E 341 -53.80 16.94 -27.43
N ASN E 342 -52.56 16.63 -27.08
CA ASN E 342 -51.53 17.66 -26.94
C ASN E 342 -50.94 18.09 -28.28
N ALA E 343 -50.86 17.15 -29.22
CA ALA E 343 -50.43 17.47 -30.57
C ALA E 343 -51.37 18.50 -31.18
N GLU E 344 -52.66 18.31 -30.93
CA GLU E 344 -53.69 19.23 -31.41
C GLU E 344 -53.48 20.63 -30.86
N LEU E 345 -53.37 20.72 -29.54
CA LEU E 345 -53.20 22.00 -28.86
C LEU E 345 -51.96 22.72 -29.37
N TYR E 346 -50.91 21.97 -29.67
CA TYR E 346 -49.68 22.60 -30.16
C TYR E 346 -49.88 23.24 -31.53
N LYS E 347 -50.58 22.53 -32.42
CA LYS E 347 -50.86 23.05 -33.76
C LYS E 347 -51.38 24.47 -33.77
N LYS E 348 -52.30 24.77 -32.85
CA LYS E 348 -52.90 26.09 -32.76
C LYS E 348 -51.84 27.13 -32.42
N TYR E 349 -50.98 26.78 -31.45
CA TYR E 349 -49.85 27.63 -31.11
C TYR E 349 -48.86 27.70 -32.27
N GLU E 350 -48.69 26.59 -32.98
CA GLU E 350 -47.79 26.56 -34.12
C GLU E 350 -48.27 27.50 -35.21
N ALA E 351 -49.59 27.52 -35.43
CA ALA E 351 -50.18 28.41 -36.41
C ALA E 351 -49.79 29.85 -36.10
N LEU E 352 -49.96 30.24 -34.84
CA LEU E 352 -49.54 31.56 -34.39
C LEU E 352 -48.04 31.76 -34.61
N ALA E 353 -47.28 30.67 -34.46
CA ALA E 353 -45.83 30.72 -34.59
C ALA E 353 -45.39 30.94 -36.03
N ASP E 354 -45.91 30.11 -36.93
CA ASP E 354 -45.62 30.26 -38.35
C ASP E 354 -46.15 31.61 -38.85
N ALA E 355 -47.06 32.19 -38.08
CA ALA E 355 -47.62 33.49 -38.40
C ALA E 355 -46.71 34.63 -37.95
N ALA E 356 -46.02 34.41 -36.83
CA ALA E 356 -45.11 35.41 -36.28
C ALA E 356 -44.16 35.95 -37.34
N GLN E 357 -44.31 37.23 -37.67
CA GLN E 357 -43.61 37.84 -38.80
C GLN E 357 -42.10 37.82 -38.62
N ASP E 358 -41.63 38.26 -37.45
CA ASP E 358 -40.21 38.44 -37.22
C ASP E 358 -39.63 37.56 -36.12
N VAL E 359 -40.21 36.38 -35.93
CA VAL E 359 -39.74 35.45 -34.92
C VAL E 359 -39.58 34.04 -35.47
N THR E 360 -38.42 33.44 -35.25
CA THR E 360 -38.17 32.07 -35.69
C THR E 360 -38.13 31.11 -34.49
N PHE E 361 -38.90 30.02 -34.57
CA PHE E 361 -39.02 29.08 -33.47
C PHE E 361 -38.20 27.81 -33.70
N VAL E 362 -37.27 27.54 -32.79
CA VAL E 362 -36.42 26.36 -32.87
C VAL E 362 -36.08 25.83 -31.47
N GLY E 363 -36.00 24.51 -31.34
CA GLY E 363 -35.66 23.90 -30.07
C GLY E 363 -36.65 22.85 -29.61
N ARG E 364 -36.28 22.15 -28.54
CA ARG E 364 -37.13 21.11 -27.96
C ARG E 364 -38.43 21.71 -27.44
N LEU E 365 -38.30 22.80 -26.68
CA LEU E 365 -39.45 23.45 -26.07
C LEU E 365 -40.26 24.26 -27.08
N ALA E 366 -39.57 25.04 -27.91
CA ALA E 366 -40.23 25.95 -28.84
C ALA E 366 -41.03 25.25 -29.94
N THR E 367 -40.54 24.13 -30.44
CA THR E 367 -41.27 23.40 -31.49
C THR E 367 -41.95 22.15 -30.94
N TYR E 368 -41.97 22.03 -29.62
CA TYR E 368 -42.66 20.95 -28.93
C TYR E 368 -42.26 19.57 -29.46
N ARG E 369 -40.96 19.34 -29.57
CA ARG E 369 -40.44 18.06 -30.04
C ARG E 369 -39.54 17.38 -29.01
N TYR E 370 -39.76 16.08 -28.83
CA TYR E 370 -38.98 15.27 -27.91
C TYR E 370 -37.61 14.96 -28.54
N TYR E 371 -36.76 15.97 -28.65
CA TYR E 371 -35.48 15.86 -29.37
C TYR E 371 -34.26 15.62 -28.48
N ASN E 372 -33.32 14.83 -29.00
CA ASN E 372 -32.01 14.68 -28.38
C ASN E 372 -31.11 15.85 -28.75
N MET E 373 -29.95 15.94 -28.11
CA MET E 373 -29.02 17.03 -28.35
C MET E 373 -28.60 17.11 -29.81
N ASP E 374 -28.33 15.96 -30.42
CA ASP E 374 -27.88 15.94 -31.81
C ASP E 374 -29.00 16.40 -32.75
N GLN E 375 -30.23 16.02 -32.43
CA GLN E 375 -31.38 16.38 -33.26
C GLN E 375 -31.65 17.88 -33.25
N VAL E 376 -31.48 18.49 -32.08
CA VAL E 376 -31.64 19.92 -31.95
C VAL E 376 -30.55 20.66 -32.70
N VAL E 377 -29.35 20.10 -32.72
CA VAL E 377 -28.24 20.71 -33.43
C VAL E 377 -28.51 20.67 -34.94
N ALA E 378 -29.05 19.55 -35.40
CA ALA E 378 -29.46 19.43 -36.80
C ALA E 378 -30.50 20.49 -37.14
N GLN E 379 -31.61 20.47 -36.42
CA GLN E 379 -32.71 21.39 -36.65
C GLN E 379 -32.27 22.85 -36.59
N ALA E 380 -31.26 23.14 -35.78
CA ALA E 380 -30.72 24.50 -35.68
C ALA E 380 -29.88 24.83 -36.90
N LEU E 381 -29.06 23.89 -37.33
CA LEU E 381 -28.22 24.07 -38.51
C LEU E 381 -29.09 24.19 -39.77
N ALA E 382 -30.15 23.39 -39.83
CA ALA E 382 -31.10 23.49 -40.93
C ALA E 382 -31.77 24.87 -40.95
N THR E 383 -32.22 25.30 -39.78
CA THR E 383 -32.86 26.61 -39.63
C THR E 383 -31.92 27.74 -40.05
N PHE E 384 -30.65 27.60 -39.76
CA PHE E 384 -29.66 28.59 -40.16
C PHE E 384 -29.62 28.74 -41.67
N ARG E 385 -29.59 27.62 -42.37
CA ARG E 385 -29.56 27.63 -43.83
C ARG E 385 -30.80 28.31 -44.41
N ARG E 386 -31.95 28.10 -43.77
CA ARG E 386 -33.19 28.74 -44.19
C ARG E 386 -33.12 30.26 -44.06
N LEU E 387 -32.47 30.73 -42.99
CA LEU E 387 -32.31 32.16 -42.75
C LEU E 387 -31.36 32.80 -43.78
N GLN E 388 -31.04 32.05 -44.83
CA GLN E 388 -30.20 32.58 -45.90
C GLN E 388 -30.71 32.11 -47.27
N GLY E 389 -32.01 31.82 -47.33
CA GLY E 389 -32.63 31.40 -48.58
C GLY E 389 -31.97 30.17 -49.18
N LYS F 28 48.81 -45.61 -1.39
CA LYS F 28 48.90 -46.71 -2.34
C LYS F 28 47.92 -46.47 -3.48
N GLY F 29 47.32 -45.28 -3.50
CA GLY F 29 46.36 -44.92 -4.53
C GLY F 29 44.94 -44.97 -4.03
N PHE F 30 44.00 -45.16 -4.96
CA PHE F 30 42.59 -45.22 -4.61
C PHE F 30 42.02 -46.58 -4.93
N ASP F 31 40.90 -46.90 -4.28
CA ASP F 31 40.19 -48.14 -4.56
C ASP F 31 39.31 -47.96 -5.79
N TYR F 32 38.74 -46.76 -5.93
CA TYR F 32 37.89 -46.43 -7.07
C TYR F 32 38.16 -45.01 -7.58
N LEU F 33 38.40 -44.89 -8.87
CA LEU F 33 38.38 -43.59 -9.54
C LEU F 33 37.05 -43.50 -10.26
N ILE F 34 36.20 -42.57 -9.83
CA ILE F 34 34.88 -42.41 -10.44
C ILE F 34 34.82 -41.21 -11.38
N VAL F 35 34.45 -41.47 -12.64
CA VAL F 35 34.39 -40.42 -13.66
C VAL F 35 33.00 -39.85 -13.83
N GLY F 36 32.85 -38.57 -13.51
CA GLY F 36 31.58 -37.88 -13.61
C GLY F 36 30.95 -37.71 -12.25
N ALA F 37 30.43 -36.53 -11.96
CA ALA F 37 29.86 -36.26 -10.64
C ALA F 37 28.36 -35.99 -10.66
N GLY F 38 27.67 -36.52 -11.66
CA GLY F 38 26.22 -36.46 -11.68
C GLY F 38 25.66 -37.47 -10.70
N PHE F 39 24.40 -37.86 -10.88
CA PHE F 39 23.78 -38.83 -9.99
C PHE F 39 24.53 -40.16 -10.00
N ALA F 40 24.83 -40.66 -11.20
CA ALA F 40 25.49 -41.96 -11.36
C ALA F 40 26.79 -42.06 -10.55
N GLY F 41 27.64 -41.05 -10.69
CA GLY F 41 28.94 -41.05 -10.03
C GLY F 41 28.85 -40.79 -8.54
N SER F 42 27.99 -39.85 -8.16
CA SER F 42 27.89 -39.46 -6.76
C SER F 42 27.29 -40.54 -5.87
N VAL F 43 26.21 -41.15 -6.33
CA VAL F 43 25.56 -42.21 -5.55
C VAL F 43 26.57 -43.31 -5.22
N LEU F 44 27.35 -43.72 -6.22
CA LEU F 44 28.35 -44.77 -6.03
C LEU F 44 29.52 -44.32 -5.15
N ALA F 45 29.93 -43.06 -5.29
CA ALA F 45 30.97 -42.52 -4.43
C ALA F 45 30.50 -42.56 -2.98
N GLU F 46 29.23 -42.23 -2.76
CA GLU F 46 28.67 -42.23 -1.42
C GLU F 46 28.60 -43.65 -0.85
N ARG F 47 28.02 -44.58 -1.60
CA ARG F 47 27.92 -45.98 -1.17
C ARG F 47 29.30 -46.61 -0.92
N LEU F 48 30.20 -46.42 -1.87
CA LEU F 48 31.54 -46.98 -1.78
C LEU F 48 32.32 -46.42 -0.59
N ALA F 49 32.25 -45.11 -0.38
CA ALA F 49 32.99 -44.49 0.72
C ALA F 49 32.48 -44.95 2.08
N SER F 50 31.18 -45.26 2.14
CA SER F 50 30.56 -45.66 3.40
C SER F 50 30.82 -47.14 3.67
N SER F 51 31.36 -47.82 2.67
CA SER F 51 31.74 -49.22 2.81
C SER F 51 33.22 -49.31 3.19
N GLY F 52 33.87 -48.15 3.29
CA GLY F 52 35.25 -48.07 3.71
C GLY F 52 36.24 -47.78 2.59
N GLN F 53 35.74 -47.75 1.36
CA GLN F 53 36.57 -47.55 0.20
C GLN F 53 37.16 -46.15 0.09
N ARG F 54 38.32 -46.05 -0.56
CA ARG F 54 38.91 -44.76 -0.88
C ARG F 54 38.47 -44.35 -2.28
N VAL F 55 37.71 -43.26 -2.36
CA VAL F 55 37.13 -42.84 -3.62
C VAL F 55 37.71 -41.50 -4.11
N LEU F 56 38.20 -41.50 -5.33
CA LEU F 56 38.49 -40.25 -6.02
C LEU F 56 37.42 -40.03 -7.07
N ILE F 57 36.65 -38.96 -6.94
CA ILE F 57 35.62 -38.63 -7.91
C ILE F 57 36.03 -37.43 -8.75
N VAL F 58 35.93 -37.58 -10.06
CA VAL F 58 36.45 -36.62 -11.02
C VAL F 58 35.33 -36.14 -11.94
N ASP F 59 35.42 -34.88 -12.36
CA ASP F 59 34.49 -34.35 -13.36
C ASP F 59 35.16 -33.21 -14.10
N ARG F 60 34.96 -33.17 -15.42
CA ARG F 60 35.61 -32.16 -16.23
C ARG F 60 34.94 -30.79 -16.11
N ARG F 61 33.76 -30.76 -15.50
CA ARG F 61 33.10 -29.50 -15.21
C ARG F 61 33.64 -28.89 -13.90
N PRO F 62 33.48 -27.56 -13.74
CA PRO F 62 33.94 -26.84 -12.55
C PRO F 62 33.02 -27.00 -11.34
N HIS F 63 32.03 -27.87 -11.44
CA HIS F 63 31.08 -28.10 -10.34
C HIS F 63 30.70 -29.57 -10.24
N ILE F 64 30.03 -29.94 -9.14
CA ILE F 64 29.47 -31.28 -8.99
C ILE F 64 28.01 -31.30 -9.47
N GLY F 65 27.41 -32.49 -9.50
CA GLY F 65 26.00 -32.63 -9.78
C GLY F 65 25.64 -32.92 -11.23
N GLY F 66 26.61 -32.89 -12.12
CA GLY F 66 26.37 -33.13 -13.53
C GLY F 66 25.28 -32.23 -14.10
N ASN F 67 24.25 -32.83 -14.68
CA ASN F 67 23.12 -32.11 -15.25
C ASN F 67 22.22 -31.48 -14.22
N ALA F 68 22.15 -32.11 -13.05
CA ALA F 68 21.19 -31.72 -12.02
C ALA F 68 21.73 -30.59 -11.15
N TYR F 69 22.89 -30.06 -11.50
CA TYR F 69 23.51 -28.96 -10.77
C TYR F 69 22.59 -27.74 -10.76
N ASP F 70 22.46 -27.10 -9.61
CA ASP F 70 21.78 -25.81 -9.55
C ASP F 70 22.60 -24.78 -8.77
N CYS F 71 22.33 -23.52 -9.05
CA CYS F 71 23.09 -22.43 -8.46
C CYS F 71 22.29 -21.13 -8.50
N TYR F 72 22.73 -20.17 -7.72
CA TYR F 72 22.13 -18.85 -7.71
C TYR F 72 22.74 -17.99 -8.81
N ASP F 73 21.89 -17.35 -9.60
CA ASP F 73 22.37 -16.50 -10.69
C ASP F 73 22.67 -15.08 -10.23
N ASP F 74 23.05 -14.22 -11.15
CA ASP F 74 23.45 -12.85 -10.82
C ASP F 74 22.36 -12.07 -10.09
N ALA F 75 21.11 -12.45 -10.32
CA ALA F 75 19.98 -11.75 -9.72
C ALA F 75 19.61 -12.31 -8.36
N GLY F 76 20.25 -13.42 -7.99
CA GLY F 76 19.97 -14.07 -6.73
C GLY F 76 18.85 -15.08 -6.83
N VAL F 77 18.49 -15.46 -8.06
CA VAL F 77 17.46 -16.47 -8.24
C VAL F 77 18.10 -17.85 -8.35
N LEU F 78 17.47 -18.84 -7.72
CA LEU F 78 17.95 -20.22 -7.78
C LEU F 78 17.49 -20.85 -9.08
N ILE F 79 18.45 -21.27 -9.91
CA ILE F 79 18.13 -21.79 -11.24
C ILE F 79 18.84 -23.10 -11.54
N HIS F 80 18.42 -23.77 -12.61
CA HIS F 80 19.13 -24.94 -13.14
C HIS F 80 19.76 -24.57 -14.47
N PRO F 81 21.09 -24.39 -14.49
CA PRO F 81 21.81 -24.03 -15.71
C PRO F 81 21.54 -24.98 -16.88
N TYR F 82 21.26 -26.25 -16.59
CA TYR F 82 21.07 -27.24 -17.65
C TYR F 82 19.61 -27.64 -17.79
N GLY F 83 18.71 -26.67 -17.71
CA GLY F 83 17.28 -26.95 -17.90
C GLY F 83 16.60 -27.48 -16.66
N PRO F 84 15.27 -27.46 -16.65
CA PRO F 84 14.47 -27.76 -15.46
C PRO F 84 14.59 -29.23 -15.05
N HIS F 85 15.01 -29.48 -13.82
CA HIS F 85 15.05 -30.83 -13.28
C HIS F 85 14.04 -30.99 -12.16
N ILE F 86 12.97 -31.73 -12.43
CA ILE F 86 11.94 -32.00 -11.45
C ILE F 86 12.04 -33.44 -10.96
N PHE F 87 12.19 -33.64 -9.64
CA PHE F 87 12.32 -34.98 -9.11
C PHE F 87 10.97 -35.66 -8.87
N HIS F 88 10.89 -36.92 -9.28
CA HIS F 88 9.68 -37.71 -9.14
C HIS F 88 10.04 -39.19 -9.15
N THR F 89 9.33 -39.98 -8.36
CA THR F 89 9.61 -41.42 -8.31
C THR F 89 8.43 -42.19 -7.72
N ASN F 90 8.34 -43.47 -8.07
CA ASN F 90 7.40 -44.37 -7.42
C ASN F 90 8.13 -45.26 -6.45
N SER F 91 9.45 -45.25 -6.57
CA SER F 91 10.32 -46.02 -5.69
C SER F 91 10.42 -45.37 -4.31
N LYS F 92 9.80 -46.01 -3.31
CA LYS F 92 9.92 -45.54 -1.95
C LYS F 92 11.37 -45.67 -1.50
N ASP F 93 12.06 -46.69 -2.00
CA ASP F 93 13.45 -46.92 -1.64
C ASP F 93 14.37 -45.81 -2.14
N VAL F 94 14.19 -45.41 -3.40
CA VAL F 94 14.97 -44.32 -3.96
C VAL F 94 14.69 -43.01 -3.23
N PHE F 95 13.43 -42.76 -2.91
CA PHE F 95 13.04 -41.51 -2.24
C PHE F 95 13.67 -41.42 -0.85
N GLU F 96 13.57 -42.51 -0.09
CA GLU F 96 14.10 -42.53 1.27
C GLU F 96 15.61 -42.51 1.30
N TYR F 97 16.25 -43.07 0.27
CA TYR F 97 17.70 -43.01 0.17
C TYR F 97 18.14 -41.55 0.00
N LEU F 98 17.58 -40.88 -0.99
CA LEU F 98 17.87 -39.48 -1.25
C LEU F 98 17.57 -38.63 -0.02
N SER F 99 16.56 -39.04 0.74
CA SER F 99 16.12 -38.28 1.91
C SER F 99 17.22 -38.14 2.96
N ARG F 100 18.25 -38.97 2.87
CA ARG F 100 19.34 -38.91 3.83
C ARG F 100 20.23 -37.70 3.61
N PHE F 101 20.10 -37.07 2.45
CA PHE F 101 21.00 -35.97 2.09
C PHE F 101 20.26 -34.67 1.82
N THR F 102 18.94 -34.67 1.99
CA THR F 102 18.17 -33.47 1.73
C THR F 102 16.78 -33.56 2.32
N GLU F 103 16.20 -32.40 2.57
CA GLU F 103 14.79 -32.32 2.93
C GLU F 103 14.02 -31.96 1.68
N TRP F 104 12.70 -32.06 1.75
CA TRP F 104 11.88 -31.99 0.55
C TRP F 104 10.82 -30.89 0.56
N ARG F 105 10.70 -30.21 -0.57
CA ARG F 105 9.59 -29.30 -0.81
C ARG F 105 8.60 -29.97 -1.76
N PRO F 106 7.41 -30.33 -1.23
CA PRO F 106 6.38 -30.98 -2.05
C PRO F 106 6.02 -30.14 -3.28
N TYR F 107 6.09 -30.75 -4.46
CA TYR F 107 5.80 -30.04 -5.70
C TYR F 107 5.40 -30.99 -6.82
N GLN F 108 4.20 -30.79 -7.35
CA GLN F 108 3.70 -31.58 -8.47
C GLN F 108 3.71 -30.74 -9.76
N HIS F 109 4.73 -30.95 -10.57
CA HIS F 109 4.94 -30.21 -11.82
C HIS F 109 3.71 -30.21 -12.72
N ARG F 110 3.37 -29.05 -13.26
CA ARG F 110 2.29 -28.95 -14.22
C ARG F 110 2.72 -28.20 -15.47
N VAL F 111 2.49 -28.82 -16.62
CA VAL F 111 2.93 -28.28 -17.91
C VAL F 111 1.77 -27.90 -18.80
N LEU F 112 1.94 -26.79 -19.51
CA LEU F 112 0.96 -26.29 -20.47
C LEU F 112 1.54 -26.26 -21.88
N ALA F 113 0.77 -26.72 -22.87
CA ALA F 113 1.22 -26.70 -24.25
C ALA F 113 0.52 -25.60 -25.04
N SER F 114 1.31 -24.78 -25.73
CA SER F 114 0.77 -23.70 -26.55
C SER F 114 0.29 -24.21 -27.91
N VAL F 115 -0.96 -24.65 -27.96
CA VAL F 115 -1.53 -25.19 -29.18
C VAL F 115 -2.74 -24.36 -29.61
N ASP F 116 -2.71 -23.87 -30.86
CA ASP F 116 -3.82 -23.08 -31.40
C ASP F 116 -4.16 -21.85 -30.57
N GLY F 117 -3.14 -21.15 -30.08
CA GLY F 117 -3.34 -19.89 -29.38
C GLY F 117 -3.83 -20.05 -27.94
N GLN F 118 -3.92 -21.29 -27.48
CA GLN F 118 -4.33 -21.55 -26.11
C GLN F 118 -3.22 -22.23 -25.34
N LEU F 119 -3.31 -22.21 -24.02
CA LEU F 119 -2.40 -22.98 -23.19
C LEU F 119 -3.17 -24.16 -22.60
N LEU F 120 -2.87 -25.35 -23.11
CA LEU F 120 -3.67 -26.54 -22.83
C LEU F 120 -2.86 -27.56 -22.05
N PRO F 121 -3.54 -28.35 -21.21
CA PRO F 121 -2.84 -29.36 -20.42
C PRO F 121 -2.17 -30.40 -21.31
N ILE F 122 -0.92 -30.74 -20.97
CA ILE F 122 -0.21 -31.86 -21.55
C ILE F 122 0.42 -32.61 -20.38
N PRO F 123 0.22 -33.94 -20.30
CA PRO F 123 -0.39 -34.88 -21.26
C PRO F 123 -1.81 -34.51 -21.62
N ILE F 124 -2.24 -34.99 -22.79
CA ILE F 124 -3.61 -34.79 -23.22
C ILE F 124 -4.57 -35.47 -22.24
N ASN F 125 -5.56 -34.71 -21.77
CA ASN F 125 -6.60 -35.26 -20.91
C ASN F 125 -7.98 -34.78 -21.34
N LEU F 126 -9.00 -35.12 -20.56
CA LEU F 126 -10.39 -34.77 -20.87
C LEU F 126 -10.54 -33.27 -21.13
N ASP F 127 -9.90 -32.46 -20.30
CA ASP F 127 -10.01 -31.01 -20.45
C ASP F 127 -9.33 -30.50 -21.74
N THR F 128 -8.21 -31.12 -22.10
CA THR F 128 -7.52 -30.74 -23.33
C THR F 128 -8.47 -30.85 -24.53
N VAL F 129 -9.13 -31.99 -24.64
CA VAL F 129 -10.02 -32.28 -25.75
C VAL F 129 -11.21 -31.33 -25.79
N ASN F 130 -11.88 -31.17 -24.66
CA ASN F 130 -13.02 -30.26 -24.57
C ASN F 130 -12.65 -28.81 -24.90
N ARG F 131 -11.57 -28.32 -24.29
CA ARG F 131 -11.17 -26.94 -24.50
C ARG F 131 -10.70 -26.68 -25.92
N LEU F 132 -10.06 -27.67 -26.53
CA LEU F 132 -9.50 -27.51 -27.85
C LEU F 132 -10.55 -27.56 -28.96
N TYR F 133 -11.58 -28.38 -28.76
CA TYR F 133 -12.60 -28.59 -29.78
C TYR F 133 -13.95 -27.95 -29.45
N GLY F 134 -14.07 -27.37 -28.26
CA GLY F 134 -15.33 -26.79 -27.83
C GLY F 134 -16.34 -27.87 -27.47
N LEU F 135 -15.83 -29.01 -27.04
CA LEU F 135 -16.65 -30.16 -26.67
C LEU F 135 -17.11 -30.13 -25.21
N ASN F 136 -17.98 -31.05 -24.84
CA ASN F 136 -18.45 -31.23 -23.47
C ASN F 136 -18.50 -32.69 -23.10
N LEU F 137 -17.45 -33.44 -23.45
CA LEU F 137 -17.41 -34.86 -23.19
C LEU F 137 -17.20 -35.17 -21.72
N THR F 138 -17.85 -36.22 -21.24
CA THR F 138 -17.56 -36.74 -19.91
C THR F 138 -16.37 -37.69 -20.04
N SER F 139 -15.83 -38.14 -18.91
CA SER F 139 -14.70 -39.07 -18.94
C SER F 139 -15.03 -40.32 -19.76
N PHE F 140 -16.23 -40.83 -19.55
CA PHE F 140 -16.68 -42.05 -20.22
C PHE F 140 -16.85 -41.84 -21.73
N GLN F 141 -17.23 -40.63 -22.12
CA GLN F 141 -17.45 -40.32 -23.53
C GLN F 141 -16.14 -40.12 -24.29
N VAL F 142 -15.16 -39.51 -23.66
CA VAL F 142 -13.92 -39.18 -24.35
C VAL F 142 -13.13 -40.44 -24.69
N GLU F 143 -13.41 -41.53 -23.99
CA GLU F 143 -12.80 -42.81 -24.30
C GLU F 143 -13.32 -43.34 -25.63
N GLU F 144 -14.62 -43.23 -25.84
CA GLU F 144 -15.22 -43.57 -27.12
C GLU F 144 -14.65 -42.69 -28.23
N PHE F 145 -14.59 -41.39 -27.94
CA PHE F 145 -14.08 -40.41 -28.89
C PHE F 145 -12.70 -40.79 -29.39
N PHE F 146 -11.81 -41.14 -28.47
CA PHE F 146 -10.47 -41.55 -28.86
C PHE F 146 -10.53 -42.78 -29.75
N ALA F 147 -11.37 -43.73 -29.37
CA ALA F 147 -11.51 -44.97 -30.11
C ALA F 147 -11.96 -44.70 -31.55
N SER F 148 -12.76 -43.64 -31.72
CA SER F 148 -13.28 -43.30 -33.04
C SER F 148 -12.23 -42.62 -33.94
N VAL F 149 -11.19 -42.04 -33.35
CA VAL F 149 -10.17 -41.35 -34.13
C VAL F 149 -8.84 -42.11 -34.16
N ALA F 150 -8.65 -43.00 -33.19
CA ALA F 150 -7.44 -43.80 -33.14
C ALA F 150 -7.38 -44.74 -34.34
N GLU F 151 -6.33 -44.62 -35.14
CA GLU F 151 -6.13 -45.57 -36.23
C GLU F 151 -5.17 -46.64 -35.77
N LYS F 152 -5.54 -47.88 -35.96
CA LYS F 152 -4.75 -48.94 -35.39
C LYS F 152 -3.59 -49.50 -36.19
N VAL F 153 -2.54 -49.78 -35.46
CA VAL F 153 -1.38 -50.44 -35.94
C VAL F 153 -1.49 -51.83 -35.38
N GLU F 154 -0.98 -52.80 -36.12
CA GLU F 154 -1.08 -54.15 -35.64
C GLU F 154 -0.04 -54.41 -34.58
N GLN F 155 1.15 -53.86 -34.77
CA GLN F 155 2.11 -53.88 -33.68
C GLN F 155 2.84 -52.58 -33.54
N VAL F 156 2.74 -52.00 -32.35
CA VAL F 156 3.32 -50.68 -32.07
C VAL F 156 4.83 -50.75 -31.93
N ARG F 157 5.54 -49.95 -32.72
CA ARG F 157 7.00 -50.00 -32.73
C ARG F 157 7.68 -48.62 -32.69
N THR F 158 6.98 -47.59 -33.13
CA THR F 158 7.59 -46.26 -33.22
C THR F 158 6.83 -45.20 -32.42
N SER F 159 7.44 -44.05 -32.23
CA SER F 159 6.82 -42.95 -31.48
C SER F 159 5.58 -42.44 -32.19
N GLU F 160 5.45 -42.75 -33.47
CA GLU F 160 4.24 -42.41 -34.21
C GLU F 160 3.10 -43.37 -33.84
N ASP F 161 3.40 -44.67 -33.89
CA ASP F 161 2.41 -45.71 -33.58
C ASP F 161 1.77 -45.50 -32.21
N VAL F 162 2.60 -45.19 -31.22
CA VAL F 162 2.13 -45.09 -29.85
C VAL F 162 1.06 -44.02 -29.71
N VAL F 163 1.34 -42.82 -30.20
CA VAL F 163 0.42 -41.71 -30.07
C VAL F 163 -0.82 -41.94 -30.92
N VAL F 164 -0.59 -42.16 -32.21
CA VAL F 164 -1.65 -42.28 -33.19
C VAL F 164 -2.66 -43.41 -32.90
N SER F 165 -2.15 -44.54 -32.40
CA SER F 165 -3.01 -45.68 -32.09
C SER F 165 -3.88 -45.47 -30.86
N LYS F 166 -3.72 -44.30 -30.21
CA LYS F 166 -4.51 -43.99 -29.02
C LYS F 166 -5.39 -42.75 -29.18
N VAL F 167 -4.82 -41.65 -29.66
CA VAL F 167 -5.53 -40.38 -29.74
C VAL F 167 -5.83 -39.95 -31.18
N GLY F 168 -5.23 -40.64 -32.14
CA GLY F 168 -5.53 -40.36 -33.53
C GLY F 168 -4.61 -39.34 -34.19
N ARG F 169 -4.81 -39.16 -35.48
CA ARG F 169 -3.89 -38.40 -36.32
C ARG F 169 -3.84 -36.91 -36.00
N ASP F 170 -5.00 -36.31 -35.74
CA ASP F 170 -5.08 -34.87 -35.55
C ASP F 170 -4.42 -34.42 -34.25
N LEU F 171 -4.77 -35.10 -33.15
CA LEU F 171 -4.18 -34.78 -31.86
C LEU F 171 -2.69 -35.03 -31.90
N TYR F 172 -2.29 -36.07 -32.64
CA TYR F 172 -0.89 -36.37 -32.85
C TYR F 172 -0.19 -35.21 -33.54
N ASN F 173 -0.77 -34.71 -34.62
CA ASN F 173 -0.18 -33.59 -35.35
C ASN F 173 -0.01 -32.36 -34.47
N LYS F 174 -0.95 -32.15 -33.56
CA LYS F 174 -1.01 -30.91 -32.78
C LYS F 174 -0.06 -30.83 -31.59
N PHE F 175 0.16 -31.95 -30.91
CA PHE F 175 0.92 -31.92 -29.67
C PHE F 175 2.28 -32.61 -29.77
N PHE F 176 2.39 -33.58 -30.66
CA PHE F 176 3.58 -34.44 -30.67
C PHE F 176 4.50 -34.28 -31.88
N ARG F 177 3.93 -34.29 -33.08
CA ARG F 177 4.74 -34.33 -34.29
C ARG F 177 5.69 -33.14 -34.40
N GLY F 178 5.15 -31.94 -34.33
CA GLY F 178 5.95 -30.73 -34.46
C GLY F 178 6.97 -30.62 -33.36
N TYR F 179 6.58 -30.97 -32.15
CA TYR F 179 7.47 -30.92 -31.00
C TYR F 179 8.60 -31.91 -31.18
N THR F 180 8.26 -33.17 -31.39
CA THR F 180 9.25 -34.23 -31.56
C THR F 180 10.24 -33.92 -32.68
N ARG F 181 9.73 -33.43 -33.81
CA ARG F 181 10.59 -33.10 -34.94
C ARG F 181 11.62 -32.05 -34.54
N LYS F 182 11.15 -31.02 -33.85
CA LYS F 182 12.00 -29.92 -33.40
C LYS F 182 13.01 -30.39 -32.36
N GLN F 183 12.55 -31.19 -31.41
CA GLN F 183 13.42 -31.66 -30.33
C GLN F 183 14.50 -32.60 -30.84
N TRP F 184 14.09 -33.58 -31.63
CA TRP F 184 14.96 -34.69 -32.02
C TRP F 184 15.61 -34.56 -33.39
N GLY F 185 15.06 -33.69 -34.23
CA GLY F 185 15.55 -33.57 -35.59
C GLY F 185 15.17 -34.78 -36.41
N LEU F 186 14.18 -35.52 -35.90
CA LEU F 186 13.69 -36.74 -36.52
C LEU F 186 12.17 -36.73 -36.47
N ASP F 187 11.53 -37.49 -37.35
CA ASP F 187 10.08 -37.66 -37.26
C ASP F 187 9.79 -38.72 -36.21
N PRO F 188 8.63 -38.62 -35.53
CA PRO F 188 8.28 -39.62 -34.51
C PRO F 188 8.32 -41.05 -35.05
N SER F 189 8.25 -41.20 -36.37
CA SER F 189 8.25 -42.52 -37.00
C SER F 189 9.64 -43.13 -37.01
N GLU F 190 10.67 -42.29 -36.90
CA GLU F 190 12.06 -42.75 -36.91
C GLU F 190 12.59 -42.91 -35.49
N LEU F 191 11.74 -42.68 -34.50
CA LEU F 191 12.14 -42.87 -33.11
C LEU F 191 11.41 -44.07 -32.53
N ASP F 192 12.05 -44.74 -31.59
CA ASP F 192 11.43 -45.89 -30.94
C ASP F 192 10.18 -45.46 -30.22
N ALA F 193 9.31 -46.42 -29.92
CA ALA F 193 8.06 -46.11 -29.22
C ALA F 193 8.31 -45.53 -27.83
N SER F 194 9.45 -45.86 -27.23
CA SER F 194 9.72 -45.48 -25.85
C SER F 194 9.80 -43.96 -25.61
N VAL F 195 10.11 -43.20 -26.65
CA VAL F 195 10.26 -41.76 -26.51
C VAL F 195 8.93 -41.06 -26.21
N THR F 196 7.99 -41.09 -27.15
CA THR F 196 6.69 -40.44 -26.94
C THR F 196 5.77 -41.18 -25.98
N ALA F 197 6.09 -42.44 -25.69
CA ALA F 197 5.33 -43.17 -24.68
C ALA F 197 5.60 -42.62 -23.28
N ARG F 198 6.63 -41.78 -23.16
CA ARG F 198 6.95 -41.14 -21.89
C ARG F 198 5.81 -40.22 -21.44
N VAL F 199 5.06 -39.69 -22.41
CA VAL F 199 3.94 -38.81 -22.14
C VAL F 199 2.63 -39.53 -22.47
N PRO F 200 2.07 -40.24 -21.48
CA PRO F 200 0.84 -41.03 -21.64
C PRO F 200 -0.34 -40.13 -21.94
N THR F 201 -1.44 -40.75 -22.35
CA THR F 201 -2.66 -40.02 -22.60
C THR F 201 -3.67 -40.39 -21.54
N ARG F 202 -4.52 -39.44 -21.17
CA ARG F 202 -5.46 -39.65 -20.08
C ARG F 202 -6.88 -39.37 -20.51
N THR F 203 -7.83 -40.08 -19.91
CA THR F 203 -9.24 -39.81 -20.14
C THR F 203 -9.83 -39.07 -18.95
N ASN F 204 -9.10 -39.04 -17.85
CA ASN F 204 -9.53 -38.31 -16.66
C ASN F 204 -9.14 -36.82 -16.74
N ARG F 205 -9.06 -36.15 -15.60
CA ARG F 205 -8.82 -34.70 -15.62
C ARG F 205 -7.54 -34.30 -14.87
N ASP F 206 -6.64 -35.27 -14.71
CA ASP F 206 -5.36 -35.05 -14.07
C ASP F 206 -4.47 -34.17 -14.95
N ASN F 207 -3.99 -33.07 -14.41
CA ASN F 207 -3.10 -32.20 -15.17
C ASN F 207 -1.65 -32.20 -14.68
N ARG F 208 -1.34 -33.12 -13.76
CA ARG F 208 0.03 -33.33 -13.33
C ARG F 208 0.83 -33.91 -14.49
N TYR F 209 2.09 -33.51 -14.63
CA TYR F 209 2.93 -34.07 -15.67
C TYR F 209 3.33 -35.49 -15.27
N PHE F 210 3.39 -35.74 -13.97
CA PHE F 210 3.66 -37.06 -13.43
C PHE F 210 2.56 -37.47 -12.47
N ALA F 211 2.29 -38.77 -12.41
CA ALA F 211 1.33 -39.29 -11.45
C ALA F 211 2.06 -40.13 -10.39
N ASP F 212 3.38 -39.95 -10.32
CA ASP F 212 4.21 -40.69 -9.37
C ASP F 212 3.82 -40.40 -7.93
N THR F 213 3.99 -41.40 -7.07
CA THR F 213 3.65 -41.32 -5.65
C THR F 213 4.41 -40.22 -4.92
N TYR F 214 5.70 -40.10 -5.22
CA TYR F 214 6.55 -39.16 -4.52
C TYR F 214 7.02 -38.05 -5.45
N GLN F 215 6.42 -36.87 -5.30
CA GLN F 215 6.83 -35.70 -6.07
C GLN F 215 7.20 -34.57 -5.11
N ALA F 216 8.48 -34.23 -5.10
CA ALA F 216 8.99 -33.17 -4.24
C ALA F 216 10.37 -32.72 -4.72
N MET F 217 10.73 -31.49 -4.39
CA MET F 217 12.01 -30.93 -4.79
C MET F 217 12.95 -30.84 -3.59
N PRO F 218 14.25 -31.04 -3.82
CA PRO F 218 15.23 -30.84 -2.74
C PRO F 218 15.04 -29.45 -2.15
N LEU F 219 14.80 -29.39 -0.84
CA LEU F 219 14.41 -28.15 -0.19
C LEU F 219 15.36 -26.99 -0.47
N HIS F 220 16.65 -27.29 -0.52
CA HIS F 220 17.66 -26.25 -0.73
C HIS F 220 18.40 -26.44 -2.05
N GLY F 221 17.79 -27.20 -2.96
CA GLY F 221 18.35 -27.42 -4.27
C GLY F 221 19.21 -28.67 -4.38
N TYR F 222 19.53 -29.04 -5.61
CA TYR F 222 20.29 -30.26 -5.89
C TYR F 222 21.73 -30.19 -5.40
N THR F 223 22.41 -29.10 -5.71
CA THR F 223 23.80 -28.95 -5.30
C THR F 223 23.97 -29.20 -3.80
N ARG F 224 23.11 -28.62 -2.99
CA ARG F 224 23.21 -28.79 -1.55
C ARG F 224 23.10 -30.27 -1.18
N MET F 225 22.24 -30.98 -1.89
CA MET F 225 22.07 -32.41 -1.70
C MET F 225 23.35 -33.16 -2.08
N PHE F 226 23.90 -32.83 -3.24
CA PHE F 226 25.13 -33.47 -3.70
C PHE F 226 26.30 -33.22 -2.74
N GLN F 227 26.38 -32.00 -2.21
CA GLN F 227 27.43 -31.68 -1.25
C GLN F 227 27.37 -32.63 -0.05
N ASN F 228 26.16 -32.91 0.42
CA ASN F 228 25.96 -33.87 1.50
C ASN F 228 26.33 -35.28 1.07
N MET F 229 26.09 -35.58 -0.21
CA MET F 229 26.32 -36.90 -0.75
C MET F 229 27.81 -37.22 -0.86
N LEU F 230 28.63 -36.18 -1.02
CA LEU F 230 30.06 -36.37 -1.18
C LEU F 230 30.85 -35.84 0.01
N SER F 231 30.18 -35.72 1.15
CA SER F 231 30.80 -35.17 2.36
C SER F 231 31.80 -36.12 3.01
N SER F 232 31.58 -37.42 2.82
CA SER F 232 32.43 -38.45 3.43
C SER F 232 33.93 -38.12 3.36
N PRO F 233 34.67 -38.46 4.42
CA PRO F 233 36.12 -38.23 4.45
C PRO F 233 36.87 -39.16 3.49
N ASN F 234 36.22 -40.25 3.10
CA ASN F 234 36.80 -41.20 2.14
C ASN F 234 36.64 -40.77 0.69
N ILE F 235 35.98 -39.63 0.47
CA ILE F 235 35.75 -39.13 -0.88
C ILE F 235 36.56 -37.88 -1.16
N LYS F 236 37.43 -37.96 -2.16
CA LYS F 236 38.16 -36.80 -2.64
C LYS F 236 37.55 -36.35 -3.97
N VAL F 237 37.30 -35.05 -4.09
CA VAL F 237 36.63 -34.51 -5.28
C VAL F 237 37.62 -33.71 -6.14
N MET F 238 37.63 -33.98 -7.44
CA MET F 238 38.54 -33.30 -8.35
C MET F 238 37.78 -32.72 -9.52
N LEU F 239 37.75 -31.40 -9.61
CA LEU F 239 36.97 -30.72 -10.64
C LEU F 239 37.86 -30.11 -11.74
N ASN F 240 37.24 -29.74 -12.85
CA ASN F 240 37.97 -29.16 -13.98
C ASN F 240 39.01 -30.14 -14.51
N THR F 241 38.67 -31.43 -14.46
CA THR F 241 39.60 -32.50 -14.81
C THR F 241 38.96 -33.56 -15.68
N ASP F 242 39.55 -33.81 -16.84
CA ASP F 242 39.17 -34.96 -17.66
C ASP F 242 39.96 -36.16 -17.14
N TYR F 243 39.29 -37.29 -16.93
CA TYR F 243 39.94 -38.45 -16.34
C TYR F 243 41.19 -38.84 -17.11
N ARG F 244 41.20 -38.57 -18.41
CA ARG F 244 42.33 -38.92 -19.26
C ARG F 244 43.59 -38.15 -18.91
N GLU F 245 43.44 -37.06 -18.15
CA GLU F 245 44.59 -36.22 -17.82
C GLU F 245 45.30 -36.68 -16.56
N ILE F 246 44.62 -37.49 -15.76
CA ILE F 246 45.23 -38.01 -14.54
C ILE F 246 45.40 -39.52 -14.58
N ALA F 247 44.67 -40.16 -15.49
CA ALA F 247 44.63 -41.62 -15.55
C ALA F 247 46.02 -42.24 -15.74
N ASP F 248 46.98 -41.44 -16.18
CA ASP F 248 48.32 -41.95 -16.46
C ASP F 248 49.23 -42.08 -15.24
N PHE F 249 48.93 -41.33 -14.18
CA PHE F 249 49.83 -41.30 -13.03
C PHE F 249 49.18 -41.45 -11.65
N ILE F 250 47.85 -41.35 -11.58
CA ILE F 250 47.17 -41.57 -10.30
C ILE F 250 46.65 -43.00 -10.19
N PRO F 251 47.09 -43.72 -9.15
CA PRO F 251 46.80 -45.14 -8.94
C PRO F 251 45.37 -45.38 -8.46
N PHE F 252 44.66 -46.25 -9.17
CA PHE F 252 43.35 -46.70 -8.72
C PHE F 252 43.19 -48.17 -9.07
N GLN F 253 42.40 -48.88 -8.27
CA GLN F 253 42.20 -50.31 -8.48
C GLN F 253 41.10 -50.57 -9.51
N HIS F 254 40.04 -49.79 -9.44
CA HIS F 254 38.88 -50.00 -10.30
C HIS F 254 38.32 -48.67 -10.74
N MET F 255 37.82 -48.61 -11.96
CA MET F 255 37.21 -47.38 -12.46
C MET F 255 35.70 -47.50 -12.63
N ILE F 256 35.00 -46.41 -12.35
CA ILE F 256 33.59 -46.29 -12.66
C ILE F 256 33.42 -45.10 -13.60
N TYR F 257 32.85 -45.36 -14.79
CA TYR F 257 32.74 -44.35 -15.82
C TYR F 257 31.28 -44.02 -16.12
N THR F 258 30.96 -42.73 -16.14
CA THR F 258 29.57 -42.29 -16.36
C THR F 258 29.40 -41.39 -17.58
N GLY F 259 30.49 -41.10 -18.28
CA GLY F 259 30.44 -40.31 -19.50
C GLY F 259 29.85 -41.08 -20.68
N PRO F 260 29.95 -40.50 -21.89
CA PRO F 260 29.46 -41.15 -23.12
C PRO F 260 30.31 -42.35 -23.48
N VAL F 261 29.69 -43.44 -23.91
CA VAL F 261 30.44 -44.68 -24.19
C VAL F 261 31.32 -44.58 -25.43
N ASP F 262 30.80 -43.97 -26.49
CA ASP F 262 31.56 -43.88 -27.72
C ASP F 262 32.88 -43.15 -27.51
N ALA F 263 32.85 -42.10 -26.70
CA ALA F 263 34.07 -41.33 -26.43
C ALA F 263 35.10 -42.14 -25.67
N PHE F 264 34.64 -43.01 -24.76
CA PHE F 264 35.53 -43.79 -23.93
C PHE F 264 36.40 -44.72 -24.75
N PHE F 265 35.83 -45.22 -25.85
CA PHE F 265 36.55 -46.12 -26.74
C PHE F 265 36.95 -45.40 -28.02
N ASP F 266 37.22 -44.11 -27.88
CA ASP F 266 37.78 -43.29 -28.95
C ASP F 266 36.99 -43.34 -30.25
N PHE F 267 35.69 -43.61 -30.14
CA PHE F 267 34.78 -43.56 -31.27
C PHE F 267 35.16 -44.58 -32.35
N CYS F 268 35.78 -45.67 -31.94
CA CYS F 268 36.29 -46.66 -32.89
C CYS F 268 35.21 -47.18 -33.86
N TYR F 269 33.96 -47.23 -33.40
CA TYR F 269 32.87 -47.68 -34.26
C TYR F 269 32.04 -46.53 -34.79
N GLY F 270 32.60 -45.32 -34.74
CA GLY F 270 31.87 -44.14 -35.18
C GLY F 270 31.06 -43.50 -34.08
N LYS F 271 30.59 -42.29 -34.34
CA LYS F 271 29.89 -41.49 -33.33
C LYS F 271 28.54 -42.07 -32.95
N LEU F 272 28.36 -42.35 -31.67
CA LEU F 272 27.05 -42.64 -31.11
C LEU F 272 26.26 -41.34 -31.04
N PRO F 273 25.11 -41.28 -31.71
CA PRO F 273 24.30 -40.06 -31.67
C PRO F 273 23.81 -39.74 -30.26
N TYR F 274 24.15 -38.56 -29.76
CA TYR F 274 23.55 -37.99 -28.56
C TYR F 274 22.97 -36.63 -28.95
N ARG F 275 21.73 -36.38 -28.54
CA ARG F 275 21.12 -35.09 -28.76
C ARG F 275 21.62 -34.09 -27.72
N SER F 276 21.80 -32.84 -28.12
CA SER F 276 22.30 -31.79 -27.22
C SER F 276 21.30 -30.64 -27.10
N LEU F 277 21.66 -29.62 -26.33
CA LEU F 277 20.78 -28.48 -26.09
C LEU F 277 21.57 -27.18 -25.89
N GLU F 278 20.93 -26.07 -26.23
CA GLU F 278 21.48 -24.76 -25.91
C GLU F 278 20.49 -24.05 -25.00
N PHE F 279 20.98 -23.55 -23.87
CA PHE F 279 20.10 -22.87 -22.92
C PHE F 279 20.29 -21.37 -22.98
N ARG F 280 19.19 -20.63 -23.13
CA ARG F 280 19.24 -19.18 -22.99
C ARG F 280 18.47 -18.77 -21.74
N HIS F 281 19.19 -18.21 -20.78
CA HIS F 281 18.62 -17.81 -19.50
C HIS F 281 18.27 -16.33 -19.52
N GLU F 282 17.27 -15.96 -18.74
CA GLU F 282 16.74 -14.62 -18.80
C GLU F 282 16.15 -14.24 -17.46
N THR F 283 16.49 -13.05 -16.98
CA THR F 283 15.92 -12.56 -15.73
C THR F 283 14.99 -11.40 -16.01
N HIS F 284 13.80 -11.44 -15.41
CA HIS F 284 12.78 -10.42 -15.68
C HIS F 284 12.38 -9.64 -14.43
N ASP F 285 12.21 -8.34 -14.60
CA ASP F 285 11.86 -7.45 -13.50
C ASP F 285 10.38 -7.57 -13.14
N THR F 286 9.95 -8.79 -12.84
CA THR F 286 8.59 -9.05 -12.39
C THR F 286 8.57 -10.35 -11.59
N GLU F 287 7.50 -10.55 -10.81
CA GLU F 287 7.46 -11.72 -9.94
C GLU F 287 7.11 -12.99 -10.69
N GLN F 288 6.32 -12.87 -11.75
CA GLN F 288 5.87 -14.05 -12.48
C GLN F 288 5.73 -13.80 -13.98
N LEU F 289 6.12 -14.80 -14.76
CA LEU F 289 6.06 -14.67 -16.21
C LEU F 289 5.14 -15.73 -16.80
N LEU F 290 5.18 -16.93 -16.22
CA LEU F 290 4.41 -18.07 -16.71
C LEU F 290 3.29 -18.48 -15.76
N PRO F 291 2.19 -19.02 -16.32
CA PRO F 291 1.05 -19.53 -15.55
C PRO F 291 1.39 -20.83 -14.82
N THR F 292 2.38 -21.55 -15.33
CA THR F 292 2.92 -22.73 -14.62
C THR F 292 4.42 -22.85 -14.83
N GLY F 293 4.98 -23.94 -14.30
CA GLY F 293 6.42 -24.13 -14.31
C GLY F 293 7.04 -24.13 -15.69
N THR F 294 6.41 -24.82 -16.63
CA THR F 294 6.95 -24.95 -17.97
C THR F 294 5.85 -24.79 -19.02
N VAL F 295 6.18 -24.11 -20.12
CA VAL F 295 5.28 -24.03 -21.27
C VAL F 295 5.92 -24.63 -22.51
N ASN F 296 5.27 -25.63 -23.09
CA ASN F 296 5.76 -26.28 -24.30
C ASN F 296 5.29 -25.61 -25.59
N TYR F 297 6.09 -25.75 -26.63
CA TYR F 297 5.80 -25.17 -27.93
C TYR F 297 5.96 -26.19 -29.05
N PRO F 298 4.92 -27.01 -29.27
CA PRO F 298 4.94 -28.04 -30.32
C PRO F 298 4.99 -27.46 -31.73
N ASN F 299 4.45 -26.26 -31.92
CA ASN F 299 4.25 -25.73 -33.25
C ASN F 299 4.75 -24.31 -33.48
N ASP F 300 5.52 -23.76 -32.56
CA ASP F 300 5.99 -22.39 -32.71
C ASP F 300 7.43 -22.21 -32.25
N TYR F 301 8.08 -21.17 -32.75
CA TYR F 301 9.41 -20.77 -32.31
C TYR F 301 10.48 -21.84 -32.52
N ALA F 302 11.73 -21.43 -32.29
CA ALA F 302 12.86 -22.33 -32.44
C ALA F 302 13.09 -23.16 -31.17
N TYR F 303 12.62 -22.66 -30.04
CA TYR F 303 12.79 -23.36 -28.77
C TYR F 303 11.62 -24.31 -28.49
N THR F 304 11.89 -25.36 -27.73
CA THR F 304 10.86 -26.34 -27.37
C THR F 304 10.01 -25.88 -26.20
N ARG F 305 10.58 -25.09 -25.29
CA ARG F 305 9.86 -24.72 -24.07
C ARG F 305 10.52 -23.62 -23.23
N VAL F 306 9.73 -23.06 -22.30
CA VAL F 306 10.21 -22.08 -21.33
C VAL F 306 9.95 -22.64 -19.93
N SER F 307 10.85 -22.38 -19.00
CA SER F 307 10.62 -22.76 -17.61
C SER F 307 10.90 -21.60 -16.67
N GLU F 308 10.08 -21.50 -15.64
CA GLU F 308 10.22 -20.45 -14.65
C GLU F 308 10.58 -21.09 -13.32
N PHE F 309 11.82 -20.91 -12.89
CA PHE F 309 12.36 -21.64 -11.74
C PHE F 309 11.64 -21.42 -10.42
N LYS F 310 11.10 -20.22 -10.20
CA LYS F 310 10.44 -19.93 -8.94
C LYS F 310 9.21 -20.82 -8.71
N HIS F 311 8.62 -21.31 -9.79
CA HIS F 311 7.50 -22.25 -9.67
C HIS F 311 7.98 -23.55 -9.05
N ILE F 312 9.19 -23.95 -9.44
CA ILE F 312 9.76 -25.25 -9.10
C ILE F 312 10.43 -25.26 -7.72
N THR F 313 11.17 -24.20 -7.41
CA THR F 313 11.93 -24.12 -6.17
C THR F 313 11.07 -23.67 -4.98
N GLY F 314 10.12 -22.79 -5.27
CA GLY F 314 9.31 -22.20 -4.22
C GLY F 314 9.84 -20.83 -3.82
N GLN F 315 11.05 -20.53 -4.30
CA GLN F 315 11.72 -19.30 -3.91
C GLN F 315 10.85 -18.06 -4.08
N ARG F 316 10.99 -17.13 -3.13
CA ARG F 316 10.34 -15.85 -3.21
C ARG F 316 11.36 -14.78 -3.58
N HIS F 317 11.04 -13.95 -4.56
CA HIS F 317 11.98 -12.97 -5.08
C HIS F 317 11.19 -11.84 -5.75
N HIS F 318 11.77 -10.65 -5.83
CA HIS F 318 11.08 -9.53 -6.47
C HIS F 318 11.19 -9.60 -7.99
N GLN F 319 12.05 -10.49 -8.47
CA GLN F 319 12.17 -10.76 -9.90
C GLN F 319 11.96 -12.24 -10.17
N THR F 320 12.24 -12.65 -11.41
CA THR F 320 12.03 -14.02 -11.81
C THR F 320 13.02 -14.42 -12.90
N SER F 321 13.40 -15.69 -12.92
CA SER F 321 14.33 -16.16 -13.94
C SER F 321 13.79 -17.34 -14.73
N VAL F 322 13.94 -17.27 -16.05
CA VAL F 322 13.40 -18.28 -16.95
C VAL F 322 14.50 -18.85 -17.83
N VAL F 323 14.22 -19.98 -18.46
CA VAL F 323 15.16 -20.57 -19.41
C VAL F 323 14.45 -21.10 -20.66
N TYR F 324 15.02 -20.78 -21.82
CA TYR F 324 14.55 -21.32 -23.09
C TYR F 324 15.50 -22.38 -23.61
N GLU F 325 14.95 -23.53 -24.00
CA GLU F 325 15.77 -24.62 -24.53
C GLU F 325 15.73 -24.68 -26.05
N TYR F 326 16.91 -24.71 -26.66
CA TYR F 326 17.03 -24.86 -28.10
C TYR F 326 17.73 -26.18 -28.42
N PRO F 327 17.03 -27.10 -29.08
CA PRO F 327 17.66 -28.36 -29.49
C PRO F 327 18.88 -28.14 -30.38
N ARG F 328 19.87 -29.03 -30.27
CA ARG F 328 21.09 -28.94 -31.05
C ARG F 328 21.61 -30.35 -31.34
N ALA F 329 22.26 -30.52 -32.49
CA ALA F 329 22.90 -31.78 -32.81
C ALA F 329 24.32 -31.80 -32.25
N GLU F 330 24.86 -30.59 -32.08
CA GLU F 330 26.22 -30.40 -31.59
C GLU F 330 26.23 -29.96 -30.13
N GLY F 331 27.26 -30.38 -29.41
CA GLY F 331 27.44 -29.96 -28.03
C GLY F 331 27.54 -31.14 -27.08
N ASP F 332 27.46 -30.85 -25.79
CA ASP F 332 27.54 -31.91 -24.78
C ASP F 332 26.35 -32.86 -24.93
N PRO F 333 26.58 -34.15 -24.69
CA PRO F 333 25.52 -35.15 -24.82
C PRO F 333 24.49 -35.00 -23.71
N TYR F 334 23.22 -34.81 -24.06
CA TYR F 334 22.16 -34.75 -23.05
C TYR F 334 21.15 -35.89 -23.19
N TYR F 335 20.89 -36.29 -24.42
CA TYR F 335 19.89 -37.33 -24.69
C TYR F 335 20.46 -38.46 -25.53
N PRO F 336 20.23 -39.71 -25.12
CA PRO F 336 20.43 -40.80 -26.07
C PRO F 336 19.34 -40.71 -27.14
N VAL F 337 19.58 -41.23 -28.34
CA VAL F 337 18.56 -41.20 -29.39
C VAL F 337 18.06 -42.61 -29.69
N PRO F 338 16.98 -43.03 -29.00
CA PRO F 338 16.46 -44.41 -29.07
C PRO F 338 15.83 -44.72 -30.41
N ARG F 339 16.53 -45.53 -31.21
CA ARG F 339 16.01 -45.98 -32.49
C ARG F 339 16.74 -47.26 -32.90
N PRO F 340 16.12 -48.07 -33.77
CA PRO F 340 16.67 -49.38 -34.15
C PRO F 340 18.15 -49.36 -34.55
N GLU F 341 18.58 -48.34 -35.27
CA GLU F 341 19.96 -48.31 -35.77
C GLU F 341 20.95 -47.87 -34.70
N ASN F 342 20.53 -46.93 -33.86
CA ASN F 342 21.37 -46.49 -32.75
C ASN F 342 21.51 -47.58 -31.71
N ALA F 343 20.44 -48.34 -31.50
CA ALA F 343 20.47 -49.47 -30.57
C ALA F 343 21.52 -50.49 -30.99
N GLU F 344 21.64 -50.72 -32.29
CA GLU F 344 22.62 -51.68 -32.80
C GLU F 344 24.04 -51.17 -32.63
N LEU F 345 24.30 -49.92 -32.95
CA LEU F 345 25.63 -49.36 -32.78
C LEU F 345 26.04 -49.45 -31.31
N TYR F 346 25.17 -48.99 -30.41
CA TYR F 346 25.47 -49.07 -28.99
C TYR F 346 25.89 -50.48 -28.53
N LYS F 347 25.12 -51.49 -28.93
CA LYS F 347 25.46 -52.88 -28.58
C LYS F 347 26.91 -53.20 -28.88
N LYS F 348 27.40 -52.73 -30.03
CA LYS F 348 28.80 -52.90 -30.39
C LYS F 348 29.71 -52.31 -29.31
N TYR F 349 29.44 -51.06 -28.95
CA TYR F 349 30.20 -50.40 -27.89
C TYR F 349 30.03 -51.10 -26.55
N GLU F 350 28.81 -51.59 -26.30
CA GLU F 350 28.50 -52.27 -25.05
C GLU F 350 29.35 -53.53 -24.90
N ALA F 351 29.55 -54.26 -26.00
CA ALA F 351 30.38 -55.45 -25.96
C ALA F 351 31.79 -55.13 -25.47
N LEU F 352 32.33 -54.00 -25.93
CA LEU F 352 33.63 -53.55 -25.47
C LEU F 352 33.60 -53.22 -23.98
N ALA F 353 32.47 -52.67 -23.53
CA ALA F 353 32.33 -52.25 -22.14
C ALA F 353 32.35 -53.45 -21.20
N ASP F 354 31.55 -54.46 -21.51
CA ASP F 354 31.50 -55.67 -20.69
C ASP F 354 32.84 -56.38 -20.70
N ALA F 355 33.59 -56.21 -21.78
CA ALA F 355 34.91 -56.82 -21.88
C ALA F 355 35.95 -56.04 -21.09
N ALA F 356 35.70 -54.76 -20.84
CA ALA F 356 36.64 -53.93 -20.09
C ALA F 356 36.88 -54.55 -18.71
N GLN F 357 38.15 -54.79 -18.39
CA GLN F 357 38.50 -55.52 -17.18
C GLN F 357 38.08 -54.82 -15.89
N ASP F 358 38.65 -53.65 -15.64
CA ASP F 358 38.46 -52.98 -14.37
C ASP F 358 37.71 -51.66 -14.54
N VAL F 359 36.76 -51.63 -15.46
CA VAL F 359 35.88 -50.48 -15.63
C VAL F 359 34.42 -50.90 -15.49
N THR F 360 33.67 -50.16 -14.69
CA THR F 360 32.24 -50.37 -14.59
C THR F 360 31.51 -49.18 -15.20
N PHE F 361 30.47 -49.46 -15.98
CA PHE F 361 29.73 -48.41 -16.65
C PHE F 361 28.36 -48.20 -16.02
N VAL F 362 27.95 -46.94 -15.92
CA VAL F 362 26.68 -46.61 -15.29
C VAL F 362 26.29 -45.16 -15.60
N GLY F 363 24.99 -44.91 -15.70
CA GLY F 363 24.50 -43.56 -15.97
C GLY F 363 23.77 -43.45 -17.29
N ARG F 364 23.04 -42.36 -17.48
CA ARG F 364 22.28 -42.13 -18.71
C ARG F 364 23.18 -42.14 -19.95
N LEU F 365 24.37 -41.56 -19.83
CA LEU F 365 25.29 -41.48 -20.96
C LEU F 365 26.05 -42.79 -21.18
N ALA F 366 26.54 -43.38 -20.10
CA ALA F 366 27.44 -44.52 -20.19
C ALA F 366 26.78 -45.83 -20.64
N THR F 367 25.46 -45.90 -20.50
CA THR F 367 24.73 -47.10 -20.91
C THR F 367 23.66 -46.73 -21.92
N TYR F 368 23.72 -45.50 -22.42
CA TYR F 368 22.84 -45.06 -23.49
C TYR F 368 21.37 -45.33 -23.15
N ARG F 369 20.92 -44.74 -22.05
CA ARG F 369 19.53 -44.91 -21.60
C ARG F 369 18.85 -43.57 -21.32
N TYR F 370 17.65 -43.41 -21.84
CA TYR F 370 16.84 -42.22 -21.61
C TYR F 370 16.23 -42.30 -20.21
N TYR F 371 17.08 -42.25 -19.18
CA TYR F 371 16.66 -42.43 -17.80
C TYR F 371 16.36 -41.12 -17.07
N ASN F 372 15.41 -41.17 -16.13
CA ASN F 372 15.15 -40.06 -15.22
C ASN F 372 16.11 -40.12 -14.04
N MET F 373 16.11 -39.06 -13.23
CA MET F 373 17.00 -38.97 -12.08
C MET F 373 16.84 -40.16 -11.13
N ASP F 374 15.60 -40.46 -10.73
CA ASP F 374 15.36 -41.55 -9.81
C ASP F 374 15.82 -42.90 -10.40
N GLN F 375 15.77 -43.02 -11.72
CA GLN F 375 16.16 -44.25 -12.38
C GLN F 375 17.66 -44.45 -12.39
N VAL F 376 18.41 -43.35 -12.55
CA VAL F 376 19.85 -43.43 -12.51
C VAL F 376 20.29 -43.79 -11.11
N VAL F 377 19.62 -43.21 -10.11
CA VAL F 377 19.90 -43.54 -8.72
C VAL F 377 19.67 -45.03 -8.48
N ALA F 378 18.57 -45.54 -9.00
CA ALA F 378 18.26 -46.96 -8.88
C ALA F 378 19.33 -47.82 -9.54
N GLN F 379 19.77 -47.42 -10.73
CA GLN F 379 20.79 -48.15 -11.47
C GLN F 379 22.11 -48.16 -10.71
N ALA F 380 22.44 -47.03 -10.09
CA ALA F 380 23.69 -46.91 -9.34
C ALA F 380 23.69 -47.74 -8.06
N LEU F 381 22.56 -47.76 -7.35
CA LEU F 381 22.46 -48.59 -6.16
C LEU F 381 22.62 -50.06 -6.53
N ALA F 382 21.95 -50.47 -7.61
CA ALA F 382 22.02 -51.86 -8.05
C ALA F 382 23.43 -52.24 -8.49
N THR F 383 24.12 -51.29 -9.14
CA THR F 383 25.51 -51.49 -9.56
C THR F 383 26.39 -51.66 -8.33
N PHE F 384 26.16 -50.81 -7.34
CA PHE F 384 26.89 -50.89 -6.08
C PHE F 384 26.82 -52.29 -5.48
N ARG F 385 25.63 -52.89 -5.49
CA ARG F 385 25.45 -54.23 -4.93
C ARG F 385 26.18 -55.31 -5.71
N ARG F 386 26.21 -55.18 -7.03
CA ARG F 386 26.96 -56.11 -7.85
C ARG F 386 28.45 -56.04 -7.53
N LEU F 387 28.98 -54.82 -7.44
CA LEU F 387 30.37 -54.61 -7.06
C LEU F 387 30.67 -55.29 -5.74
N GLN F 388 29.74 -55.17 -4.79
CA GLN F 388 29.96 -55.75 -3.48
C GLN F 388 29.75 -57.26 -3.46
N GLY F 389 29.00 -57.76 -4.44
CA GLY F 389 28.78 -59.19 -4.56
C GLY F 389 30.04 -59.92 -4.95
N GLN F 390 30.88 -59.25 -5.75
CA GLN F 390 32.15 -59.81 -6.19
C GLN F 390 33.02 -60.22 -5.02
N LYS G 28 -36.81 55.03 -17.91
CA LYS G 28 -36.75 53.60 -18.20
C LYS G 28 -35.35 53.01 -18.21
N GLY G 29 -35.25 51.76 -18.66
CA GLY G 29 -34.01 51.02 -18.71
C GLY G 29 -33.50 50.52 -17.37
N PHE G 30 -32.23 50.79 -17.09
CA PHE G 30 -31.62 50.43 -15.83
C PHE G 30 -31.30 51.68 -15.06
N ASP G 31 -31.24 51.57 -13.76
CA ASP G 31 -30.85 52.69 -12.91
C ASP G 31 -29.33 52.84 -12.93
N TYR G 32 -28.63 51.72 -13.08
CA TYR G 32 -27.18 51.73 -13.13
C TYR G 32 -26.62 50.86 -14.24
N LEU G 33 -25.58 51.36 -14.90
CA LEU G 33 -24.76 50.53 -15.78
C LEU G 33 -23.42 50.37 -15.11
N ILE G 34 -23.07 49.13 -14.76
CA ILE G 34 -21.81 48.87 -14.09
C ILE G 34 -20.82 48.20 -15.03
N VAL G 35 -19.69 48.85 -15.23
CA VAL G 35 -18.67 48.36 -16.15
C VAL G 35 -17.58 47.61 -15.42
N GLY G 36 -17.54 46.29 -15.61
CA GLY G 36 -16.57 45.44 -14.95
C GLY G 36 -17.17 44.63 -13.82
N ALA G 37 -17.02 43.31 -13.89
CA ALA G 37 -17.64 42.43 -12.89
C ALA G 37 -16.63 41.88 -11.88
N GLY G 38 -15.62 42.68 -11.54
CA GLY G 38 -14.69 42.31 -10.50
C GLY G 38 -15.23 42.70 -9.14
N PHE G 39 -14.34 42.85 -8.16
CA PHE G 39 -14.76 43.24 -6.82
C PHE G 39 -15.44 44.60 -6.79
N ALA G 40 -14.88 45.56 -7.50
CA ALA G 40 -15.45 46.91 -7.55
C ALA G 40 -16.89 46.89 -8.02
N GLY G 41 -17.10 46.40 -9.24
CA GLY G 41 -18.43 46.37 -9.82
C GLY G 41 -19.40 45.43 -9.14
N SER G 42 -18.90 44.28 -8.69
CA SER G 42 -19.77 43.27 -8.10
C SER G 42 -20.33 43.66 -6.74
N VAL G 43 -19.47 44.17 -5.87
CA VAL G 43 -19.94 44.65 -4.57
C VAL G 43 -21.03 45.70 -4.79
N LEU G 44 -20.78 46.63 -5.70
CA LEU G 44 -21.75 47.69 -6.00
C LEU G 44 -23.04 47.16 -6.63
N ALA G 45 -22.91 46.24 -7.57
CA ALA G 45 -24.08 45.60 -8.15
C ALA G 45 -24.97 45.06 -7.03
N GLU G 46 -24.36 44.28 -6.13
CA GLU G 46 -25.08 43.63 -5.05
C GLU G 46 -25.77 44.64 -4.14
N ARG G 47 -25.05 45.66 -3.72
CA ARG G 47 -25.58 46.67 -2.80
C ARG G 47 -26.71 47.50 -3.44
N LEU G 48 -26.51 47.90 -4.69
CA LEU G 48 -27.52 48.67 -5.41
C LEU G 48 -28.78 47.87 -5.65
N ALA G 49 -28.60 46.63 -6.09
CA ALA G 49 -29.73 45.75 -6.38
C ALA G 49 -30.52 45.46 -5.12
N SER G 50 -29.81 45.33 -4.01
CA SER G 50 -30.45 44.97 -2.75
C SER G 50 -31.39 46.07 -2.28
N SER G 51 -31.10 47.31 -2.68
CA SER G 51 -31.93 48.44 -2.29
C SER G 51 -33.04 48.70 -3.32
N GLY G 52 -33.21 47.76 -4.25
CA GLY G 52 -34.31 47.83 -5.20
C GLY G 52 -33.97 48.39 -6.58
N GLN G 53 -32.72 48.77 -6.78
CA GLN G 53 -32.28 49.38 -8.04
C GLN G 53 -32.08 48.33 -9.13
N ARG G 54 -32.41 48.71 -10.37
CA ARG G 54 -32.24 47.82 -11.52
C ARG G 54 -30.85 47.99 -12.13
N VAL G 55 -30.05 46.93 -12.08
CA VAL G 55 -28.64 47.01 -12.41
C VAL G 55 -28.25 46.19 -13.65
N LEU G 56 -27.42 46.78 -14.50
CA LEU G 56 -26.83 46.05 -15.62
C LEU G 56 -25.32 46.06 -15.46
N ILE G 57 -24.76 44.92 -15.06
CA ILE G 57 -23.32 44.79 -14.96
C ILE G 57 -22.77 44.11 -16.21
N VAL G 58 -21.71 44.69 -16.77
CA VAL G 58 -21.19 44.26 -18.05
C VAL G 58 -19.67 44.06 -17.95
N ASP G 59 -19.11 43.19 -18.79
CA ASP G 59 -17.66 42.94 -18.78
C ASP G 59 -17.18 42.47 -20.16
N ARG G 60 -16.03 43.00 -20.59
CA ARG G 60 -15.45 42.63 -21.88
C ARG G 60 -14.95 41.18 -21.86
N ARG G 61 -14.79 40.62 -20.67
CA ARG G 61 -14.37 39.23 -20.51
C ARG G 61 -15.56 38.28 -20.63
N PRO G 62 -15.29 36.98 -20.82
CA PRO G 62 -16.37 35.97 -20.90
C PRO G 62 -16.83 35.48 -19.53
N HIS G 63 -16.24 36.02 -18.46
CA HIS G 63 -16.57 35.56 -17.11
C HIS G 63 -16.70 36.73 -16.15
N ILE G 64 -17.27 36.47 -14.98
CA ILE G 64 -17.36 37.46 -13.92
C ILE G 64 -16.15 37.30 -13.01
N GLY G 65 -15.99 38.21 -12.05
CA GLY G 65 -14.94 38.08 -11.04
C GLY G 65 -13.68 38.87 -11.29
N GLY G 66 -13.53 39.42 -12.50
CA GLY G 66 -12.34 40.16 -12.84
C GLY G 66 -11.08 39.33 -12.67
N ASN G 67 -10.09 39.89 -11.98
CA ASN G 67 -8.82 39.20 -11.76
C ASN G 67 -8.95 38.04 -10.79
N ALA G 68 -9.92 38.15 -9.88
CA ALA G 68 -10.09 37.17 -8.82
C ALA G 68 -10.80 35.93 -9.31
N TYR G 69 -11.06 35.87 -10.62
CA TYR G 69 -11.76 34.74 -11.22
C TYR G 69 -10.96 33.45 -11.10
N ASP G 70 -11.61 32.39 -10.62
CA ASP G 70 -11.00 31.07 -10.63
C ASP G 70 -11.85 30.07 -11.40
N CYS G 71 -11.27 28.92 -11.73
CA CYS G 71 -11.95 27.91 -12.52
C CYS G 71 -11.17 26.61 -12.45
N TYR G 72 -11.72 25.55 -13.04
CA TYR G 72 -11.05 24.27 -13.07
C TYR G 72 -10.34 24.05 -14.41
N ASP G 73 -9.08 23.66 -14.35
CA ASP G 73 -8.29 23.42 -15.55
C ASP G 73 -8.57 22.02 -16.11
N ASP G 74 -7.91 21.69 -17.22
CA ASP G 74 -8.16 20.43 -17.90
C ASP G 74 -7.92 19.22 -16.99
N ALA G 75 -7.06 19.37 -15.99
CA ALA G 75 -6.74 18.28 -15.09
C ALA G 75 -7.72 18.16 -13.93
N GLY G 76 -8.59 19.16 -13.78
CA GLY G 76 -9.56 19.16 -12.71
C GLY G 76 -9.02 19.82 -11.45
N VAL G 77 -8.00 20.66 -11.64
CA VAL G 77 -7.39 21.39 -10.53
C VAL G 77 -7.90 22.84 -10.51
N LEU G 78 -8.31 23.30 -9.34
CA LEU G 78 -8.83 24.65 -9.18
C LEU G 78 -7.71 25.69 -9.17
N ILE G 79 -7.66 26.52 -10.20
CA ILE G 79 -6.57 27.47 -10.36
C ILE G 79 -7.11 28.90 -10.50
N HIS G 80 -6.22 29.87 -10.45
CA HIS G 80 -6.56 31.26 -10.78
C HIS G 80 -5.84 31.66 -12.06
N PRO G 81 -6.58 31.74 -13.17
CA PRO G 81 -6.01 32.10 -14.48
C PRO G 81 -5.15 33.36 -14.46
N TYR G 82 -5.41 34.28 -13.53
CA TYR G 82 -4.70 35.55 -13.51
C TYR G 82 -3.76 35.69 -12.32
N GLY G 83 -3.09 34.60 -11.96
CA GLY G 83 -2.15 34.64 -10.85
C GLY G 83 -2.83 34.36 -9.52
N PRO G 84 -2.04 34.03 -8.50
CA PRO G 84 -2.59 33.59 -7.22
C PRO G 84 -3.23 34.74 -6.44
N HIS G 85 -4.50 34.60 -6.12
CA HIS G 85 -5.20 35.59 -5.32
C HIS G 85 -5.45 35.06 -3.90
N ILE G 86 -4.78 35.66 -2.93
CA ILE G 86 -4.89 35.26 -1.53
C ILE G 86 -5.62 36.32 -0.71
N PHE G 87 -6.77 35.95 -0.16
CA PHE G 87 -7.58 36.92 0.58
C PHE G 87 -7.15 37.11 2.02
N HIS G 88 -6.98 38.37 2.40
CA HIS G 88 -6.54 38.72 3.75
C HIS G 88 -7.05 40.12 4.06
N THR G 89 -7.29 40.40 5.34
CA THR G 89 -7.83 41.69 5.73
C THR G 89 -7.76 41.92 7.24
N ASN G 90 -7.63 43.17 7.63
CA ASN G 90 -7.69 43.57 9.03
C ASN G 90 -9.08 44.09 9.37
N SER G 91 -9.89 44.26 8.34
CA SER G 91 -11.22 44.86 8.47
C SER G 91 -12.30 43.81 8.75
N LYS G 92 -12.87 43.87 9.95
CA LYS G 92 -13.92 42.96 10.35
C LYS G 92 -15.18 43.13 9.49
N ASP G 93 -15.47 44.36 9.11
CA ASP G 93 -16.67 44.67 8.33
C ASP G 93 -16.60 44.17 6.89
N VAL G 94 -15.41 44.19 6.30
CA VAL G 94 -15.22 43.68 4.95
C VAL G 94 -15.32 42.16 4.93
N PHE G 95 -14.79 41.53 5.97
CA PHE G 95 -14.80 40.08 6.03
C PHE G 95 -16.20 39.57 6.32
N GLU G 96 -16.93 40.29 7.16
CA GLU G 96 -18.30 39.90 7.47
C GLU G 96 -19.24 40.11 6.29
N TYR G 97 -19.01 41.18 5.54
CA TYR G 97 -19.76 41.39 4.31
C TYR G 97 -19.55 40.22 3.36
N LEU G 98 -18.30 39.91 3.05
CA LEU G 98 -17.97 38.81 2.17
C LEU G 98 -18.52 37.47 2.69
N SER G 99 -18.57 37.33 4.02
CA SER G 99 -19.01 36.07 4.65
C SER G 99 -20.47 35.72 4.32
N ARG G 100 -21.19 36.63 3.70
CA ARG G 100 -22.58 36.39 3.37
C ARG G 100 -22.72 35.70 2.01
N PHE G 101 -21.59 35.57 1.31
CA PHE G 101 -21.60 35.01 -0.03
C PHE G 101 -20.69 33.80 -0.16
N THR G 102 -20.02 33.43 0.93
CA THR G 102 -19.10 32.29 0.90
C THR G 102 -18.73 31.82 2.28
N GLU G 103 -18.39 30.55 2.40
CA GLU G 103 -17.76 30.04 3.60
C GLU G 103 -16.25 30.18 3.44
N TRP G 104 -15.51 29.83 4.48
CA TRP G 104 -14.09 30.12 4.50
C TRP G 104 -13.20 28.92 4.80
N ARG G 105 -12.04 28.90 4.17
CA ARG G 105 -10.99 27.94 4.48
C ARG G 105 -9.81 28.73 5.04
N PRO G 106 -9.60 28.66 6.36
CA PRO G 106 -8.50 29.39 7.01
C PRO G 106 -7.18 29.12 6.32
N TYR G 107 -6.45 30.16 6.00
CA TYR G 107 -5.18 30.01 5.28
C TYR G 107 -4.25 31.18 5.49
N GLN G 108 -3.02 30.89 5.94
CA GLN G 108 -2.01 31.92 6.12
C GLN G 108 -0.86 31.74 5.15
N HIS G 109 -0.96 32.44 4.02
CA HIS G 109 0.02 32.35 2.94
C HIS G 109 1.47 32.50 3.41
N ARG G 110 2.33 31.60 2.94
CA ARG G 110 3.76 31.67 3.24
C ARG G 110 4.59 31.65 1.96
N VAL G 111 5.52 32.61 1.86
CA VAL G 111 6.35 32.79 0.68
C VAL G 111 7.83 32.59 0.99
N LEU G 112 8.50 31.81 0.16
CA LEU G 112 9.95 31.60 0.26
C LEU G 112 10.66 32.34 -0.86
N ALA G 113 11.79 32.95 -0.57
CA ALA G 113 12.61 33.56 -1.60
C ALA G 113 13.84 32.71 -1.88
N SER G 114 14.12 32.49 -3.16
CA SER G 114 15.31 31.75 -3.56
C SER G 114 16.48 32.71 -3.64
N VAL G 115 17.33 32.70 -2.61
CA VAL G 115 18.50 33.56 -2.54
C VAL G 115 19.75 32.78 -2.15
N ASP G 116 20.85 33.01 -2.85
CA ASP G 116 22.10 32.32 -2.56
C ASP G 116 21.90 30.81 -2.45
N GLY G 117 21.04 30.27 -3.30
CA GLY G 117 20.84 28.82 -3.33
C GLY G 117 20.05 28.25 -2.16
N GLN G 118 19.37 29.12 -1.41
CA GLN G 118 18.52 28.68 -0.31
C GLN G 118 17.08 29.14 -0.51
N LEU G 119 16.16 28.50 0.19
CA LEU G 119 14.78 28.98 0.27
C LEU G 119 14.55 29.65 1.63
N LEU G 120 14.48 30.98 1.62
CA LEU G 120 14.47 31.79 2.83
C LEU G 120 13.13 32.49 3.03
N PRO G 121 12.78 32.80 4.28
CA PRO G 121 11.52 33.51 4.55
C PRO G 121 11.54 34.95 4.02
N ILE G 122 10.45 35.35 3.37
CA ILE G 122 10.24 36.75 2.96
C ILE G 122 8.79 37.09 3.31
N PRO G 123 8.55 38.20 4.05
CA PRO G 123 9.43 39.29 4.50
C PRO G 123 10.65 38.83 5.27
N ILE G 124 11.72 39.61 5.19
CA ILE G 124 12.94 39.31 5.92
C ILE G 124 12.67 39.35 7.42
N ASN G 125 13.11 38.31 8.12
CA ASN G 125 12.96 38.25 9.56
C ASN G 125 14.22 37.70 10.24
N LEU G 126 14.12 37.37 11.52
CA LEU G 126 15.26 36.85 12.27
C LEU G 126 15.87 35.66 11.54
N ASP G 127 15.00 34.76 11.05
CA ASP G 127 15.44 33.51 10.45
C ASP G 127 16.09 33.70 9.09
N THR G 128 15.59 34.68 8.34
CA THR G 128 16.21 35.02 7.05
C THR G 128 17.66 35.39 7.27
N VAL G 129 17.91 36.28 8.22
CA VAL G 129 19.27 36.76 8.46
C VAL G 129 20.15 35.66 9.04
N ASN G 130 19.66 35.00 10.09
CA ASN G 130 20.42 33.93 10.72
C ASN G 130 20.84 32.83 9.74
N ARG G 131 19.91 32.41 8.89
CA ARG G 131 20.19 31.34 7.95
C ARG G 131 21.09 31.83 6.81
N LEU G 132 20.86 33.06 6.35
CA LEU G 132 21.62 33.62 5.24
C LEU G 132 23.12 33.76 5.56
N TYR G 133 23.43 34.39 6.68
CA TYR G 133 24.82 34.70 7.03
C TYR G 133 25.42 33.70 8.00
N GLY G 134 24.65 32.67 8.35
CA GLY G 134 25.12 31.69 9.31
C GLY G 134 25.32 32.31 10.68
N LEU G 135 24.37 33.14 11.09
CA LEU G 135 24.43 33.81 12.39
C LEU G 135 23.56 33.12 13.42
N ASN G 136 23.64 33.59 14.66
CA ASN G 136 22.82 33.06 15.74
C ASN G 136 22.24 34.16 16.60
N LEU G 137 21.72 35.21 15.97
CA LEU G 137 21.20 36.35 16.69
C LEU G 137 19.82 36.09 17.30
N THR G 138 19.55 36.80 18.39
CA THR G 138 18.23 36.84 19.01
C THR G 138 17.48 38.02 18.42
N SER G 139 16.15 38.02 18.57
CA SER G 139 15.33 39.13 18.10
C SER G 139 15.90 40.47 18.57
N PHE G 140 16.43 40.49 19.79
CA PHE G 140 16.96 41.72 20.37
C PHE G 140 18.23 42.19 19.66
N GLN G 141 19.08 41.24 19.29
CA GLN G 141 20.35 41.53 18.62
C GLN G 141 20.18 41.97 17.17
N VAL G 142 19.15 41.47 16.50
CA VAL G 142 18.96 41.75 15.08
C VAL G 142 18.46 43.17 14.85
N GLU G 143 17.84 43.77 15.87
CA GLU G 143 17.47 45.18 15.81
C GLU G 143 18.74 46.01 15.72
N GLU G 144 19.73 45.64 16.53
CA GLU G 144 21.00 46.34 16.56
C GLU G 144 21.79 46.07 15.29
N PHE G 145 21.67 44.86 14.75
CA PHE G 145 22.35 44.50 13.51
C PHE G 145 21.81 45.30 12.32
N PHE G 146 20.49 45.29 12.15
CA PHE G 146 19.87 46.10 11.09
C PHE G 146 20.27 47.56 11.26
N ALA G 147 20.39 48.00 12.50
CA ALA G 147 20.73 49.38 12.79
C ALA G 147 22.16 49.71 12.37
N SER G 148 23.05 48.72 12.50
CA SER G 148 24.45 48.90 12.18
C SER G 148 24.72 48.94 10.68
N VAL G 149 23.82 48.36 9.90
CA VAL G 149 24.01 48.27 8.44
C VAL G 149 23.15 49.27 7.68
N ALA G 150 22.17 49.85 8.37
CA ALA G 150 21.21 50.74 7.73
C ALA G 150 21.83 52.06 7.27
N GLU G 151 21.58 52.43 6.02
CA GLU G 151 21.96 53.74 5.53
C GLU G 151 20.90 54.73 5.98
N LYS G 152 21.29 55.79 6.67
CA LYS G 152 20.30 56.77 7.08
C LYS G 152 19.90 57.64 5.89
N VAL G 153 18.60 57.74 5.67
CA VAL G 153 18.05 58.64 4.67
C VAL G 153 17.28 59.75 5.37
N GLU G 154 17.61 61.00 5.05
CA GLU G 154 16.96 62.15 5.66
C GLU G 154 15.45 62.09 5.54
N GLN G 155 14.95 62.14 4.30
CA GLN G 155 13.53 62.00 4.04
C GLN G 155 13.30 60.86 3.05
N VAL G 156 12.43 59.93 3.42
CA VAL G 156 12.20 58.71 2.66
C VAL G 156 11.12 58.86 1.59
N ARG G 157 11.52 58.80 0.31
CA ARG G 157 10.58 59.00 -0.79
C ARG G 157 10.50 57.85 -1.79
N THR G 158 11.57 57.08 -1.92
CA THR G 158 11.61 56.02 -2.94
C THR G 158 11.57 54.61 -2.34
N SER G 159 11.28 53.62 -3.18
CA SER G 159 11.27 52.23 -2.76
C SER G 159 12.65 51.74 -2.33
N GLU G 160 13.68 52.46 -2.77
CA GLU G 160 15.03 52.14 -2.32
C GLU G 160 15.23 52.63 -0.89
N ASP G 161 14.75 53.85 -0.62
CA ASP G 161 14.89 54.47 0.69
C ASP G 161 14.26 53.62 1.79
N VAL G 162 13.01 53.22 1.58
CA VAL G 162 12.27 52.43 2.57
C VAL G 162 13.01 51.15 2.95
N VAL G 163 13.60 50.50 1.97
CA VAL G 163 14.31 49.25 2.22
C VAL G 163 15.71 49.52 2.80
N VAL G 164 16.48 50.33 2.09
CA VAL G 164 17.87 50.61 2.46
C VAL G 164 18.02 51.28 3.83
N SER G 165 17.06 52.11 4.20
CA SER G 165 17.12 52.84 5.46
C SER G 165 16.77 51.96 6.66
N LYS G 166 16.44 50.70 6.40
CA LYS G 166 16.05 49.79 7.46
C LYS G 166 16.90 48.52 7.52
N VAL G 167 17.10 47.87 6.38
CA VAL G 167 17.83 46.60 6.36
C VAL G 167 19.25 46.72 5.82
N GLY G 168 19.59 47.88 5.27
CA GLY G 168 20.93 48.09 4.75
C GLY G 168 21.04 47.82 3.27
N ARG G 169 22.19 48.15 2.70
CA ARG G 169 22.42 48.05 1.27
C ARG G 169 22.48 46.61 0.77
N ASP G 170 23.23 45.76 1.47
CA ASP G 170 23.42 44.38 1.01
C ASP G 170 22.10 43.61 0.90
N LEU G 171 21.34 43.59 1.98
CA LEU G 171 20.06 42.87 2.00
C LEU G 171 19.08 43.42 0.96
N TYR G 172 19.17 44.72 0.70
CA TYR G 172 18.39 45.36 -0.35
C TYR G 172 18.72 44.71 -1.69
N ASN G 173 20.01 44.49 -1.94
CA ASN G 173 20.48 43.88 -3.19
C ASN G 173 19.99 42.45 -3.39
N LYS G 174 19.96 41.67 -2.31
CA LYS G 174 19.61 40.26 -2.39
C LYS G 174 18.13 39.99 -2.60
N PHE G 175 17.28 40.73 -1.90
CA PHE G 175 15.85 40.43 -1.89
C PHE G 175 14.98 41.39 -2.70
N PHE G 176 15.39 42.66 -2.77
CA PHE G 176 14.50 43.68 -3.34
C PHE G 176 14.88 44.21 -4.71
N ARG G 177 16.13 44.63 -4.88
CA ARG G 177 16.52 45.33 -6.10
C ARG G 177 16.29 44.52 -7.38
N GLY G 178 16.77 43.29 -7.39
CA GLY G 178 16.60 42.42 -8.53
C GLY G 178 15.14 42.15 -8.83
N TYR G 179 14.39 41.80 -7.80
CA TYR G 179 12.98 41.50 -7.95
C TYR G 179 12.24 42.70 -8.52
N THR G 180 12.41 43.85 -7.87
CA THR G 180 11.74 45.07 -8.29
C THR G 180 12.04 45.44 -9.75
N ARG G 181 13.33 45.41 -10.12
CA ARG G 181 13.71 45.74 -11.49
C ARG G 181 13.02 44.81 -12.48
N LYS G 182 12.95 43.54 -12.12
CA LYS G 182 12.32 42.55 -12.99
C LYS G 182 10.81 42.77 -13.09
N GLN G 183 10.19 43.07 -11.96
CA GLN G 183 8.73 43.24 -11.91
C GLN G 183 8.23 44.50 -12.58
N TRP G 184 8.93 45.61 -12.41
CA TRP G 184 8.46 46.91 -12.88
C TRP G 184 9.21 47.42 -14.11
N GLY G 185 10.43 46.93 -14.31
CA GLY G 185 11.28 47.47 -15.35
C GLY G 185 11.79 48.83 -14.89
N LEU G 186 11.63 49.10 -13.61
CA LEU G 186 12.09 50.34 -13.00
C LEU G 186 12.98 50.00 -11.82
N ASP G 187 13.92 50.88 -11.50
CA ASP G 187 14.76 50.71 -10.33
C ASP G 187 13.95 51.11 -9.11
N PRO G 188 14.14 50.41 -7.98
CA PRO G 188 13.45 50.80 -6.75
C PRO G 188 13.53 52.31 -6.51
N SER G 189 14.59 52.94 -6.99
CA SER G 189 14.79 54.37 -6.78
C SER G 189 13.86 55.21 -7.65
N GLU G 190 13.26 54.59 -8.65
CA GLU G 190 12.34 55.30 -9.54
C GLU G 190 10.89 55.03 -9.17
N LEU G 191 10.68 54.38 -8.02
CA LEU G 191 9.32 54.06 -7.57
C LEU G 191 9.04 54.67 -6.21
N ASP G 192 7.77 55.02 -5.99
CA ASP G 192 7.36 55.60 -4.73
C ASP G 192 7.58 54.60 -3.58
N ALA G 193 7.93 55.12 -2.42
CA ALA G 193 8.24 54.29 -1.26
C ALA G 193 7.15 53.28 -0.91
N SER G 194 5.93 53.50 -1.41
CA SER G 194 4.80 52.66 -1.04
C SER G 194 4.87 51.25 -1.64
N VAL G 195 5.55 51.13 -2.77
CA VAL G 195 5.66 49.85 -3.48
C VAL G 195 6.41 48.78 -2.66
N THR G 196 7.69 48.99 -2.40
CA THR G 196 8.47 48.03 -1.63
C THR G 196 8.15 48.11 -0.14
N ALA G 197 7.31 49.08 0.23
CA ALA G 197 6.85 49.20 1.62
C ALA G 197 5.72 48.21 1.92
N ARG G 198 5.16 47.60 0.88
CA ARG G 198 4.12 46.60 1.05
C ARG G 198 4.70 45.36 1.74
N VAL G 199 6.02 45.25 1.74
CA VAL G 199 6.70 44.10 2.33
C VAL G 199 7.62 44.54 3.46
N PRO G 200 7.06 44.61 4.67
CA PRO G 200 7.76 45.14 5.85
C PRO G 200 8.87 44.20 6.29
N THR G 201 9.89 44.73 6.96
CA THR G 201 10.95 43.88 7.51
C THR G 201 10.62 43.54 8.96
N ARG G 202 10.96 42.33 9.38
CA ARG G 202 10.64 41.93 10.73
C ARG G 202 11.89 41.63 11.55
N THR G 203 11.78 41.79 12.86
CA THR G 203 12.85 41.37 13.76
C THR G 203 12.40 40.14 14.54
N ASN G 204 11.14 39.76 14.36
CA ASN G 204 10.61 38.54 14.98
C ASN G 204 10.77 37.36 14.04
N ARG G 205 10.12 36.24 14.37
CA ARG G 205 10.28 35.03 13.58
C ARG G 205 9.01 34.68 12.81
N ASP G 206 8.15 35.67 12.64
CA ASP G 206 6.93 35.51 11.86
C ASP G 206 7.29 35.35 10.38
N ASN G 207 6.99 34.18 9.82
CA ASN G 207 7.25 33.92 8.41
C ASN G 207 6.01 34.04 7.53
N ARG G 208 4.92 34.58 8.08
CA ARG G 208 3.71 34.80 7.29
C ARG G 208 3.91 35.99 6.38
N TYR G 209 3.40 35.91 5.16
CA TYR G 209 3.50 37.03 4.24
C TYR G 209 2.66 38.21 4.73
N PHE G 210 1.49 37.90 5.31
CA PHE G 210 0.60 38.90 5.88
C PHE G 210 0.47 38.70 7.38
N ALA G 211 0.12 39.75 8.11
CA ALA G 211 -0.12 39.62 9.54
C ALA G 211 -1.55 40.01 9.92
N ASP G 212 -2.41 40.10 8.91
CA ASP G 212 -3.80 40.51 9.10
C ASP G 212 -4.57 39.62 10.06
N THR G 213 -5.71 40.11 10.55
CA THR G 213 -6.54 39.39 11.49
C THR G 213 -7.32 38.30 10.79
N TYR G 214 -7.80 38.61 9.59
CA TYR G 214 -8.62 37.68 8.84
C TYR G 214 -7.89 37.23 7.58
N GLN G 215 -7.49 35.96 7.58
CA GLN G 215 -6.82 35.36 6.45
C GLN G 215 -7.51 34.03 6.17
N ALA G 216 -8.20 33.96 5.04
CA ALA G 216 -8.95 32.77 4.68
C ALA G 216 -9.34 32.83 3.23
N MET G 217 -9.56 31.67 2.62
CA MET G 217 -9.94 31.59 1.22
C MET G 217 -11.40 31.21 1.08
N PRO G 218 -12.06 31.73 0.04
CA PRO G 218 -13.44 31.32 -0.23
C PRO G 218 -13.50 29.81 -0.42
N LEU G 219 -14.17 29.12 0.49
CA LEU G 219 -14.18 27.65 0.52
C LEU G 219 -14.25 27.00 -0.87
N HIS G 220 -15.09 27.55 -1.75
CA HIS G 220 -15.30 26.95 -3.06
C HIS G 220 -14.79 27.82 -4.19
N GLY G 221 -13.88 28.73 -3.88
CA GLY G 221 -13.32 29.62 -4.88
C GLY G 221 -14.08 30.93 -5.00
N TYR G 222 -13.48 31.87 -5.72
CA TYR G 222 -14.05 33.19 -5.86
C TYR G 222 -15.28 33.21 -6.77
N THR G 223 -15.20 32.47 -7.88
CA THR G 223 -16.28 32.49 -8.85
C THR G 223 -17.61 32.12 -8.19
N ARG G 224 -17.61 31.05 -7.40
CA ARG G 224 -18.81 30.63 -6.68
C ARG G 224 -19.33 31.76 -5.79
N MET G 225 -18.41 32.47 -5.16
CA MET G 225 -18.77 33.57 -4.29
C MET G 225 -19.40 34.71 -5.09
N PHE G 226 -18.74 35.10 -6.17
CA PHE G 226 -19.27 36.12 -7.07
C PHE G 226 -20.67 35.76 -7.58
N GLN G 227 -20.88 34.48 -7.90
CA GLN G 227 -22.16 34.04 -8.41
C GLN G 227 -23.27 34.34 -7.40
N ASN G 228 -22.96 34.19 -6.13
CA ASN G 228 -23.90 34.48 -5.06
C ASN G 228 -24.09 35.99 -4.91
N MET G 229 -23.02 36.72 -5.18
CA MET G 229 -23.02 38.17 -5.04
C MET G 229 -23.89 38.81 -6.14
N LEU G 230 -24.02 38.12 -7.26
CA LEU G 230 -24.78 38.65 -8.39
C LEU G 230 -26.07 37.86 -8.68
N SER G 231 -26.60 37.21 -7.65
CA SER G 231 -27.77 36.33 -7.84
C SER G 231 -29.10 37.08 -7.89
N SER G 232 -29.14 38.28 -7.32
CA SER G 232 -30.35 39.09 -7.30
C SER G 232 -31.05 39.15 -8.64
N PRO G 233 -32.39 39.14 -8.62
CA PRO G 233 -33.20 39.28 -9.84
C PRO G 233 -33.07 40.68 -10.43
N ASN G 234 -32.64 41.63 -9.61
CA ASN G 234 -32.42 43.00 -10.05
C ASN G 234 -31.04 43.18 -10.69
N ILE G 235 -30.37 42.08 -10.97
CA ILE G 235 -29.08 42.16 -11.65
C ILE G 235 -29.07 41.36 -12.96
N LYS G 236 -28.85 42.08 -14.05
CA LYS G 236 -28.65 41.47 -15.36
C LYS G 236 -27.16 41.44 -15.63
N VAL G 237 -26.66 40.34 -16.17
CA VAL G 237 -25.22 40.21 -16.41
C VAL G 237 -24.90 40.07 -17.88
N MET G 238 -24.04 40.96 -18.37
CA MET G 238 -23.67 40.94 -19.77
C MET G 238 -22.17 40.72 -19.90
N LEU G 239 -21.81 39.60 -20.51
CA LEU G 239 -20.41 39.22 -20.67
C LEU G 239 -19.98 39.32 -22.11
N ASN G 240 -18.66 39.37 -22.32
CA ASN G 240 -18.12 39.43 -23.67
C ASN G 240 -18.56 40.73 -24.32
N THR G 241 -18.78 41.75 -23.50
CA THR G 241 -19.30 43.03 -23.97
C THR G 241 -18.53 44.23 -23.43
N ASP G 242 -17.97 45.03 -24.33
CA ASP G 242 -17.40 46.32 -23.97
C ASP G 242 -18.56 47.29 -23.84
N TYR G 243 -18.54 48.10 -22.78
CA TYR G 243 -19.64 49.03 -22.53
C TYR G 243 -19.92 49.91 -23.74
N ARG G 244 -18.86 50.28 -24.46
CA ARG G 244 -19.01 51.14 -25.62
C ARG G 244 -19.88 50.55 -26.71
N GLU G 245 -20.03 49.23 -26.73
CA GLU G 245 -20.83 48.56 -27.75
C GLU G 245 -22.33 48.64 -27.46
N ILE G 246 -22.69 49.04 -26.25
CA ILE G 246 -24.10 49.09 -25.86
C ILE G 246 -24.52 50.42 -25.24
N ALA G 247 -23.54 51.28 -24.95
CA ALA G 247 -23.82 52.53 -24.26
C ALA G 247 -24.80 53.43 -25.00
N ASP G 248 -24.87 53.30 -26.31
CA ASP G 248 -25.65 54.22 -27.13
C ASP G 248 -27.15 53.89 -27.20
N PHE G 249 -27.50 52.62 -27.14
CA PHE G 249 -28.90 52.22 -27.27
C PHE G 249 -29.51 51.60 -26.01
N ILE G 250 -28.75 51.57 -24.92
CA ILE G 250 -29.27 51.06 -23.65
C ILE G 250 -29.44 52.17 -22.63
N PRO G 251 -30.68 52.35 -22.12
CA PRO G 251 -31.01 53.41 -21.17
C PRO G 251 -30.45 53.16 -19.78
N PHE G 252 -29.65 54.09 -19.27
CA PHE G 252 -29.21 54.04 -17.87
C PHE G 252 -29.03 55.44 -17.30
N GLN G 253 -29.38 55.60 -16.03
CA GLN G 253 -29.36 56.90 -15.39
C GLN G 253 -28.00 57.27 -14.83
N HIS G 254 -27.23 56.25 -14.42
CA HIS G 254 -25.92 56.48 -13.84
C HIS G 254 -25.00 55.32 -14.20
N MET G 255 -23.70 55.60 -14.28
CA MET G 255 -22.72 54.58 -14.63
C MET G 255 -21.67 54.42 -13.54
N ILE G 256 -21.34 53.17 -13.23
CA ILE G 256 -20.20 52.88 -12.37
C ILE G 256 -19.10 52.28 -13.23
N TYR G 257 -17.95 52.96 -13.28
CA TYR G 257 -16.84 52.53 -14.11
C TYR G 257 -15.69 52.00 -13.28
N THR G 258 -15.21 50.81 -13.62
CA THR G 258 -14.14 50.15 -12.87
C THR G 258 -12.94 49.78 -13.74
N GLY G 259 -12.98 50.15 -15.01
CA GLY G 259 -11.87 49.90 -15.93
C GLY G 259 -10.75 50.92 -15.76
N PRO G 260 -9.77 50.91 -16.67
CA PRO G 260 -8.66 51.87 -16.61
C PRO G 260 -9.14 53.30 -16.92
N VAL G 261 -8.61 54.31 -16.23
CA VAL G 261 -9.07 55.69 -16.41
C VAL G 261 -8.73 56.30 -17.76
N ASP G 262 -7.47 56.18 -18.16
CA ASP G 262 -7.04 56.79 -19.41
C ASP G 262 -7.87 56.31 -20.60
N ALA G 263 -8.25 55.04 -20.61
CA ALA G 263 -9.02 54.48 -21.71
C ALA G 263 -10.43 55.07 -21.77
N PHE G 264 -10.95 55.48 -20.62
CA PHE G 264 -12.29 56.05 -20.56
C PHE G 264 -12.34 57.43 -21.22
N PHE G 265 -11.28 58.21 -21.03
CA PHE G 265 -11.19 59.54 -21.63
C PHE G 265 -10.35 59.53 -22.90
N ASP G 266 -10.31 58.36 -23.55
CA ASP G 266 -9.63 58.21 -24.83
C ASP G 266 -8.19 58.72 -24.83
N PHE G 267 -7.52 58.55 -23.70
CA PHE G 267 -6.10 58.86 -23.58
C PHE G 267 -5.80 60.32 -23.93
N CYS G 268 -6.75 61.20 -23.68
CA CYS G 268 -6.59 62.61 -24.04
C CYS G 268 -5.27 63.22 -23.56
N TYR G 269 -4.82 62.84 -22.36
CA TYR G 269 -3.56 63.36 -21.82
C TYR G 269 -2.38 62.42 -22.09
N GLY G 270 -2.55 61.47 -23.00
CA GLY G 270 -1.54 60.46 -23.22
C GLY G 270 -1.82 59.26 -22.35
N LYS G 271 -1.00 58.21 -22.49
CA LYS G 271 -1.29 56.96 -21.81
C LYS G 271 -0.76 56.89 -20.36
N LEU G 272 -1.64 56.50 -19.44
CA LEU G 272 -1.25 56.22 -18.07
C LEU G 272 -0.50 54.89 -17.99
N PRO G 273 0.69 54.90 -17.39
CA PRO G 273 1.49 53.68 -17.27
C PRO G 273 0.84 52.63 -16.37
N TYR G 274 0.41 51.53 -16.98
CA TYR G 274 0.00 50.35 -16.24
C TYR G 274 1.00 49.24 -16.57
N ARG G 275 1.20 48.34 -15.63
CA ARG G 275 2.11 47.22 -15.81
C ARG G 275 1.29 45.95 -16.03
N SER G 276 1.80 45.03 -16.84
CA SER G 276 1.04 43.83 -17.17
C SER G 276 1.79 42.54 -16.83
N LEU G 277 1.17 41.40 -17.13
CA LEU G 277 1.76 40.10 -16.83
C LEU G 277 1.44 39.08 -17.92
N GLU G 278 2.36 38.14 -18.12
CA GLU G 278 2.03 36.92 -18.85
C GLU G 278 2.10 35.75 -17.88
N PHE G 279 1.12 34.87 -17.96
CA PHE G 279 1.03 33.73 -17.07
C PHE G 279 1.28 32.44 -17.84
N ARG G 280 2.19 31.61 -17.35
CA ARG G 280 2.40 30.30 -17.93
C ARG G 280 2.00 29.21 -16.94
N HIS G 281 0.91 28.51 -17.25
CA HIS G 281 0.36 27.49 -16.37
C HIS G 281 0.86 26.09 -16.73
N GLU G 282 1.19 25.30 -15.70
CA GLU G 282 1.64 23.92 -15.91
C GLU G 282 0.93 22.95 -14.97
N THR G 283 0.74 21.72 -15.43
CA THR G 283 0.24 20.65 -14.58
C THR G 283 1.32 19.58 -14.49
N HIS G 284 1.54 19.04 -13.30
CA HIS G 284 2.55 17.98 -13.12
C HIS G 284 1.95 16.74 -12.51
N ASP G 285 2.47 15.58 -12.91
CA ASP G 285 1.99 14.31 -12.40
C ASP G 285 2.66 13.98 -11.06
N THR G 286 2.48 14.87 -10.10
CA THR G 286 2.95 14.69 -8.74
C THR G 286 2.00 15.43 -7.81
N GLU G 287 1.90 14.98 -6.57
CA GLU G 287 0.98 15.62 -5.64
C GLU G 287 1.43 17.03 -5.25
N GLN G 288 2.73 17.19 -5.07
CA GLN G 288 3.25 18.47 -4.58
C GLN G 288 4.58 18.86 -5.22
N LEU G 289 4.62 20.07 -5.75
CA LEU G 289 5.81 20.58 -6.42
C LEU G 289 6.63 21.49 -5.51
N LEU G 290 5.97 22.45 -4.87
CA LEU G 290 6.66 23.42 -4.03
C LEU G 290 6.49 23.14 -2.52
N PRO G 291 7.39 23.70 -1.70
CA PRO G 291 7.34 23.60 -0.25
C PRO G 291 6.32 24.56 0.38
N THR G 292 5.98 25.64 -0.30
CA THR G 292 4.92 26.56 0.13
C THR G 292 4.10 27.04 -1.06
N GLY G 293 3.14 27.92 -0.79
CA GLY G 293 2.25 28.42 -1.82
C GLY G 293 2.95 29.16 -2.94
N THR G 294 4.00 29.90 -2.60
CA THR G 294 4.71 30.73 -3.56
C THR G 294 6.21 30.80 -3.30
N VAL G 295 7.00 30.64 -4.37
CA VAL G 295 8.43 30.83 -4.31
C VAL G 295 8.82 32.02 -5.19
N ASN G 296 9.52 32.99 -4.60
CA ASN G 296 9.98 34.18 -5.33
C ASN G 296 11.40 34.01 -5.87
N TYR G 297 11.65 34.62 -7.03
CA TYR G 297 13.00 34.60 -7.62
C TYR G 297 13.50 36.02 -7.84
N PRO G 298 14.09 36.62 -6.79
CA PRO G 298 14.62 37.99 -6.82
C PRO G 298 15.80 38.12 -7.77
N ASN G 299 16.51 37.03 -8.03
CA ASN G 299 17.80 37.11 -8.71
C ASN G 299 18.02 36.11 -9.85
N ASP G 300 17.05 35.25 -10.12
CA ASP G 300 17.19 34.25 -11.17
C ASP G 300 15.96 34.22 -12.05
N TYR G 301 16.12 33.71 -13.27
CA TYR G 301 14.99 33.45 -14.15
C TYR G 301 14.29 34.70 -14.67
N ALA G 302 13.44 34.49 -15.67
CA ALA G 302 12.71 35.58 -16.30
C ALA G 302 11.40 35.87 -15.57
N TYR G 303 10.91 34.86 -14.84
CA TYR G 303 9.70 35.02 -14.04
C TYR G 303 10.02 35.53 -12.64
N THR G 304 9.10 36.26 -12.04
CA THR G 304 9.30 36.81 -10.71
C THR G 304 9.00 35.77 -9.63
N ARG G 305 8.05 34.87 -9.90
CA ARG G 305 7.64 33.90 -8.90
C ARG G 305 6.91 32.69 -9.48
N VAL G 306 6.72 31.68 -8.65
CA VAL G 306 5.97 30.48 -9.00
C VAL G 306 4.96 30.17 -7.90
N SER G 307 3.75 29.80 -8.29
CA SER G 307 2.70 29.52 -7.31
C SER G 307 2.04 28.16 -7.55
N GLU G 308 1.70 27.47 -6.47
CA GLU G 308 1.04 26.18 -6.56
C GLU G 308 -0.33 26.26 -5.89
N PHE G 309 -1.38 26.21 -6.69
CA PHE G 309 -2.72 26.52 -6.20
C PHE G 309 -3.26 25.60 -5.09
N LYS G 310 -2.79 24.36 -5.03
CA LYS G 310 -3.29 23.44 -4.00
C LYS G 310 -2.97 23.89 -2.58
N HIS G 311 -1.85 24.58 -2.39
CA HIS G 311 -1.51 25.12 -1.08
C HIS G 311 -2.52 26.17 -0.65
N ILE G 312 -3.11 26.84 -1.64
CA ILE G 312 -4.00 27.95 -1.37
C ILE G 312 -5.46 27.49 -1.24
N THR G 313 -5.88 26.65 -2.17
CA THR G 313 -7.26 26.16 -2.20
C THR G 313 -7.51 25.06 -1.17
N GLY G 314 -6.50 24.22 -0.94
CA GLY G 314 -6.64 23.11 -0.04
C GLY G 314 -7.25 21.90 -0.74
N GLN G 315 -7.36 21.99 -2.06
CA GLN G 315 -7.92 20.92 -2.86
C GLN G 315 -7.08 19.65 -2.74
N ARG G 316 -7.74 18.51 -2.87
CA ARG G 316 -7.06 17.22 -2.86
C ARG G 316 -7.06 16.65 -4.26
N HIS G 317 -5.88 16.40 -4.82
CA HIS G 317 -5.77 15.97 -6.21
C HIS G 317 -4.50 15.14 -6.40
N HIS G 318 -4.55 14.17 -7.31
CA HIS G 318 -3.39 13.31 -7.54
C HIS G 318 -2.32 14.02 -8.37
N GLN G 319 -2.69 15.18 -8.91
CA GLN G 319 -1.76 15.99 -9.68
C GLN G 319 -1.68 17.39 -9.09
N THR G 320 -0.97 18.28 -9.78
CA THR G 320 -0.79 19.64 -9.27
C THR G 320 -0.65 20.64 -10.43
N SER G 321 -1.15 21.85 -10.23
CA SER G 321 -1.02 22.89 -11.24
C SER G 321 -0.34 24.12 -10.66
N VAL G 322 0.65 24.63 -11.39
CA VAL G 322 1.36 25.83 -10.96
C VAL G 322 1.25 26.93 -12.01
N VAL G 323 1.66 28.14 -11.66
CA VAL G 323 1.69 29.24 -12.62
C VAL G 323 2.97 30.07 -12.45
N TYR G 324 3.66 30.32 -13.55
CA TYR G 324 4.82 31.21 -13.55
C TYR G 324 4.42 32.57 -14.08
N GLU G 325 4.85 33.63 -13.41
CA GLU G 325 4.49 34.98 -13.81
C GLU G 325 5.63 35.74 -14.47
N TYR G 326 5.40 36.17 -15.70
CA TYR G 326 6.37 36.98 -16.43
C TYR G 326 5.89 38.42 -16.55
N PRO G 327 6.64 39.36 -15.96
CA PRO G 327 6.27 40.77 -16.05
C PRO G 327 6.32 41.23 -17.50
N ARG G 328 5.34 42.04 -17.91
CA ARG G 328 5.25 42.55 -19.27
C ARG G 328 4.99 44.06 -19.27
N ALA G 329 5.54 44.74 -20.27
CA ALA G 329 5.31 46.19 -20.39
C ALA G 329 3.98 46.44 -21.09
N GLU G 330 3.64 45.54 -22.00
CA GLU G 330 2.43 45.67 -22.80
C GLU G 330 1.44 44.59 -22.40
N GLY G 331 0.15 44.89 -22.50
CA GLY G 331 -0.88 43.91 -22.19
C GLY G 331 -2.00 44.51 -21.35
N ASP G 332 -2.87 43.65 -20.83
CA ASP G 332 -3.93 44.10 -19.95
C ASP G 332 -3.34 44.71 -18.69
N PRO G 333 -3.94 45.81 -18.21
CA PRO G 333 -3.43 46.52 -17.03
C PRO G 333 -3.68 45.72 -15.77
N TYR G 334 -2.64 45.53 -14.97
CA TYR G 334 -2.81 44.85 -13.69
C TYR G 334 -2.35 45.75 -12.54
N TYR G 335 -1.20 46.39 -12.71
CA TYR G 335 -0.63 47.23 -11.67
C TYR G 335 -0.53 48.69 -12.10
N PRO G 336 -1.08 49.61 -11.29
CA PRO G 336 -0.69 51.01 -11.47
C PRO G 336 0.80 51.13 -11.20
N VAL G 337 1.48 52.12 -11.78
CA VAL G 337 2.90 52.31 -11.52
C VAL G 337 3.13 53.54 -10.65
N PRO G 338 3.26 53.33 -9.33
CA PRO G 338 3.37 54.39 -8.33
C PRO G 338 4.68 55.17 -8.40
N ARG G 339 4.63 56.34 -9.03
CA ARG G 339 5.78 57.25 -9.07
C ARG G 339 5.31 58.68 -9.34
N PRO G 340 6.08 59.67 -8.84
CA PRO G 340 5.68 61.09 -8.81
C PRO G 340 5.12 61.62 -10.13
N GLU G 341 5.73 61.23 -11.25
CA GLU G 341 5.26 61.70 -12.55
C GLU G 341 3.96 61.01 -12.97
N ASN G 342 3.72 59.83 -12.42
CA ASN G 342 2.50 59.10 -12.73
C ASN G 342 1.33 59.56 -11.86
N ALA G 343 1.65 60.10 -10.68
CA ALA G 343 0.64 60.67 -9.80
C ALA G 343 0.09 61.94 -10.43
N GLU G 344 0.98 62.79 -10.93
CA GLU G 344 0.61 64.00 -11.65
C GLU G 344 -0.31 63.68 -12.81
N LEU G 345 0.10 62.73 -13.65
CA LEU G 345 -0.68 62.37 -14.82
C LEU G 345 -2.05 61.86 -14.43
N TYR G 346 -2.12 61.01 -13.40
CA TYR G 346 -3.41 60.49 -12.98
C TYR G 346 -4.34 61.61 -12.52
N LYS G 347 -3.81 62.54 -11.73
CA LYS G 347 -4.56 63.69 -11.26
C LYS G 347 -5.27 64.43 -12.41
N LYS G 348 -4.57 64.60 -13.53
CA LYS G 348 -5.16 65.27 -14.69
C LYS G 348 -6.37 64.48 -15.21
N TYR G 349 -6.32 63.17 -15.05
CA TYR G 349 -7.42 62.28 -15.44
C TYR G 349 -8.48 62.24 -14.35
N GLU G 350 -8.02 62.26 -13.10
CA GLU G 350 -8.89 62.29 -11.93
C GLU G 350 -9.76 63.54 -11.95
N ALA G 351 -9.23 64.62 -12.52
CA ALA G 351 -9.97 65.86 -12.63
C ALA G 351 -11.17 65.70 -13.57
N LEU G 352 -10.94 65.07 -14.71
CA LEU G 352 -12.03 64.81 -15.66
C LEU G 352 -13.05 63.88 -15.03
N ALA G 353 -12.56 62.92 -14.25
CA ALA G 353 -13.44 61.94 -13.62
C ALA G 353 -14.45 62.60 -12.69
N ASP G 354 -14.00 63.60 -11.94
CA ASP G 354 -14.86 64.30 -10.98
C ASP G 354 -15.91 65.16 -11.66
N ALA G 355 -15.59 65.68 -12.83
CA ALA G 355 -16.52 66.51 -13.59
C ALA G 355 -17.49 65.66 -14.42
N ALA G 356 -17.37 64.34 -14.28
CA ALA G 356 -18.23 63.41 -15.00
C ALA G 356 -19.69 63.59 -14.64
N GLN G 357 -19.98 63.58 -13.33
CA GLN G 357 -21.30 63.95 -12.83
C GLN G 357 -22.33 62.82 -12.90
N ASP G 358 -22.15 61.89 -13.83
CA ASP G 358 -23.03 60.75 -13.97
C ASP G 358 -22.25 59.46 -14.16
N VAL G 359 -20.95 59.54 -13.88
CA VAL G 359 -20.08 58.38 -13.89
C VAL G 359 -19.31 58.34 -12.58
N THR G 360 -19.35 57.19 -11.92
CA THR G 360 -18.60 57.01 -10.68
C THR G 360 -17.45 56.03 -10.90
N PHE G 361 -16.24 56.49 -10.59
CA PHE G 361 -15.05 55.68 -10.79
C PHE G 361 -14.66 54.98 -9.49
N VAL G 362 -14.46 53.67 -9.57
CA VAL G 362 -14.06 52.89 -8.42
C VAL G 362 -13.31 51.63 -8.82
N GLY G 363 -12.32 51.26 -8.02
CA GLY G 363 -11.55 50.05 -8.27
C GLY G 363 -10.07 50.30 -8.35
N ARG G 364 -9.31 49.27 -8.71
CA ARG G 364 -7.86 49.37 -8.84
C ARG G 364 -7.48 50.17 -10.07
N LEU G 365 -8.07 49.81 -11.20
CA LEU G 365 -7.77 50.46 -12.47
C LEU G 365 -8.40 51.84 -12.59
N ALA G 366 -9.65 51.96 -12.14
CA ALA G 366 -10.41 53.19 -12.32
C ALA G 366 -9.94 54.35 -11.44
N THR G 367 -9.33 54.03 -10.30
CA THR G 367 -8.83 55.09 -9.42
C THR G 367 -7.31 55.02 -9.29
N TYR G 368 -6.70 54.14 -10.08
CA TYR G 368 -5.25 54.05 -10.18
C TYR G 368 -4.61 53.83 -8.82
N ARG G 369 -5.14 52.87 -8.06
CA ARG G 369 -4.58 52.54 -6.75
C ARG G 369 -4.13 51.09 -6.67
N TYR G 370 -2.94 50.89 -6.11
CA TYR G 370 -2.37 49.56 -5.88
C TYR G 370 -3.11 48.90 -4.72
N TYR G 371 -4.36 48.50 -4.96
CA TYR G 371 -5.22 47.98 -3.91
C TYR G 371 -5.33 46.47 -3.87
N ASN G 372 -5.35 45.91 -2.66
CA ASN G 372 -5.67 44.51 -2.47
C ASN G 372 -7.17 44.30 -2.65
N MET G 373 -7.60 43.04 -2.63
CA MET G 373 -9.01 42.72 -2.83
C MET G 373 -9.89 43.35 -1.76
N ASP G 374 -9.47 43.24 -0.50
CA ASP G 374 -10.26 43.75 0.61
C ASP G 374 -10.36 45.28 0.60
N GLN G 375 -9.31 45.94 0.14
CA GLN G 375 -9.32 47.39 0.03
C GLN G 375 -10.30 47.85 -1.03
N VAL G 376 -10.43 47.06 -2.09
CA VAL G 376 -11.35 47.40 -3.16
C VAL G 376 -12.79 47.25 -2.65
N VAL G 377 -13.02 46.21 -1.87
CA VAL G 377 -14.34 45.98 -1.30
C VAL G 377 -14.74 47.16 -0.40
N ALA G 378 -13.82 47.57 0.46
CA ALA G 378 -14.07 48.73 1.32
C ALA G 378 -14.39 49.96 0.47
N GLN G 379 -13.52 50.26 -0.48
CA GLN G 379 -13.72 51.40 -1.37
C GLN G 379 -15.11 51.36 -1.99
N ALA G 380 -15.54 50.17 -2.40
CA ALA G 380 -16.85 50.01 -3.04
C ALA G 380 -18.00 50.17 -2.05
N LEU G 381 -17.85 49.59 -0.87
CA LEU G 381 -18.86 49.70 0.17
C LEU G 381 -19.05 51.16 0.57
N ALA G 382 -17.93 51.88 0.66
CA ALA G 382 -17.94 53.30 0.99
C ALA G 382 -18.64 54.11 -0.09
N THR G 383 -18.33 53.78 -1.35
CA THR G 383 -18.91 54.46 -2.49
C THR G 383 -20.42 54.23 -2.53
N PHE G 384 -20.82 53.02 -2.16
CA PHE G 384 -22.23 52.70 -2.05
C PHE G 384 -22.91 53.64 -1.06
N ARG G 385 -22.30 53.81 0.11
CA ARG G 385 -22.85 54.72 1.13
C ARG G 385 -23.01 56.14 0.59
N ARG G 386 -21.94 56.68 0.02
CA ARG G 386 -22.00 58.01 -0.58
C ARG G 386 -23.19 58.17 -1.53
N LEU G 387 -23.42 57.16 -2.37
CA LEU G 387 -24.49 57.21 -3.34
C LEU G 387 -25.88 57.19 -2.72
N GLN G 388 -25.99 56.66 -1.51
CA GLN G 388 -27.27 56.63 -0.81
C GLN G 388 -27.41 57.85 0.10
N GLY G 389 -26.34 58.64 0.18
CA GLY G 389 -26.33 59.83 1.02
C GLY G 389 -25.95 59.53 2.46
N GLN G 390 -25.80 58.25 2.78
CA GLN G 390 -25.55 57.82 4.16
C GLN G 390 -24.28 58.41 4.75
N LYS H 28 35.05 8.37 -52.68
CA LYS H 28 34.64 9.06 -53.90
C LYS H 28 34.46 8.09 -55.07
N GLY H 29 33.22 7.88 -55.48
CA GLY H 29 32.08 8.50 -54.85
C GLY H 29 31.25 7.47 -54.10
N PHE H 30 30.25 6.90 -54.77
CA PHE H 30 29.40 5.88 -54.17
C PHE H 30 29.05 4.78 -55.18
N ASP H 31 29.07 3.54 -54.73
CA ASP H 31 28.63 2.42 -55.57
C ASP H 31 27.11 2.46 -55.75
N TYR H 32 26.40 2.64 -54.63
CA TYR H 32 24.95 2.65 -54.64
C TYR H 32 24.37 3.88 -53.96
N LEU H 33 23.34 4.45 -54.56
CA LEU H 33 22.50 5.42 -53.87
C LEU H 33 21.16 4.77 -53.56
N ILE H 34 20.82 4.69 -52.28
CA ILE H 34 19.58 4.04 -51.86
C ILE H 34 18.54 5.05 -51.35
N VAL H 35 17.41 5.11 -52.05
CA VAL H 35 16.34 6.03 -51.71
C VAL H 35 15.29 5.39 -50.82
N GLY H 36 15.27 5.79 -49.55
CA GLY H 36 14.35 5.23 -48.58
C GLY H 36 15.10 4.37 -47.58
N ALA H 37 14.89 4.64 -46.29
CA ALA H 37 15.61 3.92 -45.25
C ALA H 37 14.71 3.00 -44.42
N GLY H 38 13.60 2.58 -45.02
CA GLY H 38 12.74 1.60 -44.38
C GLY H 38 13.39 0.23 -44.44
N PHE H 39 12.60 -0.82 -44.22
CA PHE H 39 13.10 -2.19 -44.31
C PHE H 39 13.80 -2.48 -45.64
N ALA H 40 13.16 -2.11 -46.75
CA ALA H 40 13.71 -2.41 -48.06
C ALA H 40 15.07 -1.76 -48.27
N GLY H 41 15.14 -0.45 -48.08
CA GLY H 41 16.38 0.28 -48.29
C GLY H 41 17.48 -0.15 -47.35
N SER H 42 17.14 -0.33 -46.07
CA SER H 42 18.12 -0.64 -45.04
C SER H 42 18.69 -2.05 -45.17
N VAL H 43 17.82 -3.02 -45.42
CA VAL H 43 18.27 -4.41 -45.57
C VAL H 43 19.31 -4.53 -46.68
N LEU H 44 19.08 -3.83 -47.78
CA LEU H 44 20.01 -3.84 -48.90
C LEU H 44 21.30 -3.11 -48.58
N ALA H 45 21.18 -1.98 -47.90
CA ALA H 45 22.36 -1.21 -47.49
C ALA H 45 23.33 -2.08 -46.69
N GLU H 46 22.77 -2.83 -45.74
CA GLU H 46 23.58 -3.68 -44.87
C GLU H 46 24.22 -4.84 -45.64
N ARG H 47 23.50 -5.39 -46.62
CA ARG H 47 24.03 -6.49 -47.43
C ARG H 47 25.15 -6.01 -48.36
N LEU H 48 24.88 -4.93 -49.09
CA LEU H 48 25.84 -4.36 -50.00
C LEU H 48 27.11 -3.90 -49.28
N ALA H 49 26.94 -3.27 -48.13
CA ALA H 49 28.07 -2.80 -47.33
C ALA H 49 28.87 -3.95 -46.73
N SER H 50 28.21 -5.05 -46.41
CA SER H 50 28.87 -6.20 -45.82
C SER H 50 29.72 -6.92 -46.87
N SER H 51 29.53 -6.54 -48.13
CA SER H 51 30.27 -7.13 -49.22
C SER H 51 31.20 -6.13 -49.88
N GLY H 52 31.46 -5.02 -49.20
CA GLY H 52 32.48 -4.07 -49.63
C GLY H 52 32.01 -2.86 -50.42
N GLN H 53 30.72 -2.81 -50.71
CA GLN H 53 30.16 -1.72 -51.49
C GLN H 53 29.97 -0.45 -50.67
N ARG H 54 30.35 0.69 -51.24
CA ARG H 54 30.12 1.99 -50.59
C ARG H 54 28.70 2.45 -50.84
N VAL H 55 27.93 2.60 -49.76
CA VAL H 55 26.51 2.94 -49.86
C VAL H 55 26.19 4.31 -49.28
N LEU H 56 25.40 5.08 -50.01
CA LEU H 56 24.75 6.26 -49.46
C LEU H 56 23.25 6.04 -49.40
N ILE H 57 22.70 5.94 -48.20
CA ILE H 57 21.26 5.78 -48.05
C ILE H 57 20.63 7.12 -47.63
N VAL H 58 19.62 7.54 -48.38
CA VAL H 58 18.98 8.83 -48.15
C VAL H 58 17.48 8.66 -47.90
N ASP H 59 16.90 9.56 -47.11
CA ASP H 59 15.47 9.52 -46.84
C ASP H 59 14.92 10.92 -46.63
N ARG H 60 13.74 11.18 -47.15
CA ARG H 60 13.13 12.50 -47.05
C ARG H 60 12.66 12.77 -45.62
N ARG H 61 12.52 11.71 -44.83
CA ARG H 61 12.15 11.85 -43.43
C ARG H 61 13.34 12.19 -42.54
N PRO H 62 13.07 12.73 -41.35
CA PRO H 62 14.16 13.13 -40.45
C PRO H 62 14.74 11.95 -39.66
N HIS H 63 14.36 10.73 -40.01
CA HIS H 63 14.78 9.56 -39.24
C HIS H 63 14.88 8.32 -40.12
N ILE H 64 15.55 7.28 -39.62
CA ILE H 64 15.63 6.01 -40.34
C ILE H 64 14.40 5.16 -40.01
N GLY H 65 14.27 4.00 -40.64
CA GLY H 65 13.24 3.04 -40.28
C GLY H 65 11.93 2.99 -41.06
N GLY H 66 11.67 4.01 -41.88
CA GLY H 66 10.40 4.06 -42.61
C GLY H 66 9.20 4.09 -41.68
N ASN H 67 8.10 3.47 -42.09
CA ASN H 67 6.92 3.36 -41.24
C ASN H 67 7.25 2.70 -39.92
N ALA H 68 8.28 1.86 -39.93
CA ALA H 68 8.58 1.00 -38.79
C ALA H 68 9.33 1.73 -37.69
N TYR H 69 9.63 3.00 -37.92
CA TYR H 69 10.36 3.82 -36.96
C TYR H 69 9.61 3.91 -35.63
N ASP H 70 10.34 3.83 -34.52
CA ASP H 70 9.74 4.03 -33.20
C ASP H 70 10.57 4.92 -32.29
N CYS H 71 9.90 5.60 -31.37
CA CYS H 71 10.54 6.57 -30.51
C CYS H 71 9.82 6.69 -29.17
N TYR H 72 10.40 7.48 -28.27
CA TYR H 72 9.81 7.75 -26.97
C TYR H 72 9.07 9.08 -27.00
N ASP H 73 7.77 9.04 -26.71
CA ASP H 73 6.94 10.24 -26.74
C ASP H 73 7.20 11.14 -25.53
N ASP H 74 6.53 12.28 -25.48
CA ASP H 74 6.74 13.23 -24.38
C ASP H 74 6.59 12.58 -23.00
N ALA H 75 5.74 11.56 -22.90
CA ALA H 75 5.48 10.91 -21.61
C ALA H 75 6.53 9.86 -21.23
N GLY H 76 7.43 9.56 -22.15
CA GLY H 76 8.45 8.56 -21.92
C GLY H 76 8.00 7.15 -22.26
N VAL H 77 7.01 7.04 -23.15
CA VAL H 77 6.50 5.74 -23.59
C VAL H 77 7.03 5.39 -24.97
N LEU H 78 7.36 4.12 -25.18
CA LEU H 78 7.82 3.64 -26.49
C LEU H 78 6.64 3.44 -27.44
N ILE H 79 6.54 4.29 -28.46
CA ILE H 79 5.41 4.26 -29.37
C ILE H 79 5.82 4.10 -30.83
N HIS H 80 4.83 3.88 -31.70
CA HIS H 80 5.04 3.79 -33.14
C HIS H 80 4.29 4.93 -33.80
N PRO H 81 5.02 5.96 -34.24
CA PRO H 81 4.43 7.15 -34.88
C PRO H 81 3.51 6.81 -36.05
N TYR H 82 3.79 5.73 -36.77
CA TYR H 82 3.00 5.41 -37.95
C TYR H 82 2.12 4.17 -37.77
N GLY H 83 1.60 3.98 -36.56
CA GLY H 83 0.72 2.88 -36.26
C GLY H 83 1.45 1.66 -35.77
N PRO H 84 0.73 0.71 -35.16
CA PRO H 84 1.29 -0.50 -34.56
C PRO H 84 1.99 -1.38 -35.58
N HIS H 85 3.28 -1.63 -35.37
CA HIS H 85 4.03 -2.57 -36.21
C HIS H 85 4.41 -3.82 -35.42
N ILE H 86 3.62 -4.87 -35.59
CA ILE H 86 3.87 -6.15 -34.92
C ILE H 86 4.61 -7.08 -35.87
N PHE H 87 5.76 -7.59 -35.46
CA PHE H 87 6.56 -8.45 -36.32
C PHE H 87 6.16 -9.93 -36.24
N HIS H 88 5.93 -10.53 -37.41
CA HIS H 88 5.57 -11.94 -37.52
C HIS H 88 6.08 -12.48 -38.84
N THR H 89 6.56 -13.73 -38.83
CA THR H 89 7.03 -14.37 -40.05
C THR H 89 6.96 -15.89 -39.93
N ASN H 90 6.83 -16.55 -41.09
CA ASN H 90 6.95 -17.99 -41.15
C ASN H 90 8.33 -18.40 -41.64
N SER H 91 9.11 -17.42 -42.08
CA SER H 91 10.43 -17.66 -42.65
C SER H 91 11.55 -17.71 -41.62
N LYS H 92 12.14 -18.89 -41.44
CA LYS H 92 13.28 -19.07 -40.55
C LYS H 92 14.41 -18.13 -40.96
N ASP H 93 14.74 -18.13 -42.26
CA ASP H 93 15.80 -17.29 -42.77
C ASP H 93 15.62 -15.82 -42.39
N VAL H 94 14.39 -15.32 -42.55
CA VAL H 94 14.11 -13.92 -42.23
C VAL H 94 14.30 -13.62 -40.74
N PHE H 95 13.74 -14.47 -39.89
CA PHE H 95 13.85 -14.27 -38.45
C PHE H 95 15.31 -14.31 -37.99
N GLU H 96 16.10 -15.19 -38.59
CA GLU H 96 17.50 -15.35 -38.22
C GLU H 96 18.36 -14.20 -38.74
N TYR H 97 18.06 -13.73 -39.93
CA TYR H 97 18.76 -12.57 -40.48
C TYR H 97 18.56 -11.35 -39.56
N LEU H 98 17.30 -11.06 -39.26
CA LEU H 98 16.97 -9.95 -38.36
C LEU H 98 17.55 -10.18 -36.96
N SER H 99 17.64 -11.45 -36.56
CA SER H 99 18.20 -11.81 -35.26
C SER H 99 19.60 -11.26 -35.05
N ARG H 100 20.28 -10.90 -36.13
CA ARG H 100 21.66 -10.45 -36.04
C ARG H 100 21.77 -8.99 -35.61
N PHE H 101 20.66 -8.27 -35.68
CA PHE H 101 20.66 -6.86 -35.37
C PHE H 101 19.77 -6.53 -34.18
N THR H 102 19.23 -7.56 -33.54
CA THR H 102 18.34 -7.34 -32.41
C THR H 102 18.01 -8.61 -31.63
N GLU H 103 17.62 -8.42 -30.37
CA GLU H 103 17.09 -9.50 -29.56
C GLU H 103 15.58 -9.39 -29.58
N TRP H 104 14.91 -10.36 -28.98
CA TRP H 104 13.48 -10.48 -29.17
C TRP H 104 12.67 -10.55 -27.89
N ARG H 105 11.54 -9.88 -27.90
CA ARG H 105 10.51 -10.06 -26.89
C ARG H 105 9.43 -10.94 -27.52
N PRO H 106 9.27 -12.17 -27.04
CA PRO H 106 8.21 -13.00 -27.60
C PRO H 106 6.86 -12.32 -27.39
N TYR H 107 6.03 -12.29 -28.42
CA TYR H 107 4.74 -11.61 -28.35
C TYR H 107 3.79 -12.12 -29.41
N GLN H 108 2.62 -12.54 -28.97
CA GLN H 108 1.58 -13.00 -29.88
C GLN H 108 0.41 -12.05 -29.84
N HIS H 109 0.24 -11.30 -30.93
CA HIS H 109 -0.70 -10.20 -31.01
C HIS H 109 -2.14 -10.69 -31.00
N ARG H 110 -2.99 -10.02 -30.24
CA ARG H 110 -4.41 -10.39 -30.18
C ARG H 110 -5.30 -9.17 -30.40
N VAL H 111 -6.32 -9.34 -31.23
CA VAL H 111 -7.18 -8.24 -31.61
C VAL H 111 -8.64 -8.53 -31.31
N LEU H 112 -9.37 -7.48 -30.96
CA LEU H 112 -10.79 -7.56 -30.64
C LEU H 112 -11.58 -6.57 -31.48
N ALA H 113 -12.64 -7.05 -32.11
CA ALA H 113 -13.53 -6.20 -32.89
C ALA H 113 -14.72 -5.81 -32.03
N SER H 114 -15.04 -4.51 -32.02
CA SER H 114 -16.19 -4.02 -31.28
C SER H 114 -17.45 -4.17 -32.10
N VAL H 115 -18.15 -5.28 -31.91
CA VAL H 115 -19.36 -5.56 -32.68
C VAL H 115 -20.55 -5.82 -31.76
N ASP H 116 -21.62 -5.06 -31.94
CA ASP H 116 -22.83 -5.21 -31.12
C ASP H 116 -22.56 -4.96 -29.65
N GLY H 117 -21.69 -4.00 -29.34
CA GLY H 117 -21.40 -3.66 -27.96
C GLY H 117 -20.59 -4.71 -27.23
N GLN H 118 -20.00 -5.65 -27.97
CA GLN H 118 -19.10 -6.63 -27.38
C GLN H 118 -17.71 -6.48 -27.98
N LEU H 119 -16.72 -7.11 -27.34
CA LEU H 119 -15.37 -7.19 -27.89
C LEU H 119 -15.06 -8.65 -28.21
N LEU H 120 -15.15 -8.98 -29.50
CA LEU H 120 -15.05 -10.36 -29.95
C LEU H 120 -13.76 -10.60 -30.73
N PRO H 121 -13.22 -11.83 -30.65
CA PRO H 121 -12.02 -12.21 -31.39
C PRO H 121 -12.17 -11.97 -32.90
N ILE H 122 -11.14 -11.40 -33.50
CA ILE H 122 -11.01 -11.31 -34.96
C ILE H 122 -9.55 -11.63 -35.24
N PRO H 123 -9.27 -12.58 -36.14
CA PRO H 123 -10.15 -13.37 -37.03
C PRO H 123 -11.32 -14.04 -36.33
N ILE H 124 -12.43 -14.17 -37.04
CA ILE H 124 -13.62 -14.85 -36.55
C ILE H 124 -13.32 -16.32 -36.25
N ASN H 125 -13.67 -16.77 -35.05
CA ASN H 125 -13.53 -18.18 -34.67
C ASN H 125 -14.75 -18.73 -33.94
N LEU H 126 -14.62 -19.94 -33.41
CA LEU H 126 -15.71 -20.61 -32.70
C LEU H 126 -16.31 -19.71 -31.62
N ASP H 127 -15.44 -19.11 -30.84
CA ASP H 127 -15.86 -18.22 -29.75
C ASP H 127 -16.53 -16.97 -30.29
N THR H 128 -16.03 -16.46 -31.41
CA THR H 128 -16.64 -15.28 -32.03
C THR H 128 -18.10 -15.58 -32.36
N VAL H 129 -18.33 -16.75 -32.95
CA VAL H 129 -19.69 -17.19 -33.30
C VAL H 129 -20.56 -17.45 -32.07
N ASN H 130 -20.12 -18.35 -31.21
CA ASN H 130 -20.88 -18.68 -30.01
C ASN H 130 -21.25 -17.46 -29.16
N ARG H 131 -20.30 -16.55 -28.99
CA ARG H 131 -20.54 -15.36 -28.16
C ARG H 131 -21.46 -14.35 -28.85
N LEU H 132 -21.30 -14.21 -30.16
CA LEU H 132 -22.09 -13.24 -30.91
C LEU H 132 -23.57 -13.60 -30.95
N TYR H 133 -23.87 -14.89 -31.09
CA TYR H 133 -25.24 -15.35 -31.27
C TYR H 133 -25.80 -16.05 -30.05
N GLY H 134 -24.98 -16.20 -29.01
CA GLY H 134 -25.37 -16.95 -27.84
C GLY H 134 -25.52 -18.43 -28.16
N LEU H 135 -24.64 -18.95 -29.00
CA LEU H 135 -24.69 -20.35 -29.40
C LEU H 135 -23.75 -21.24 -28.59
N ASN H 136 -23.91 -22.55 -28.74
CA ASN H 136 -23.04 -23.51 -28.07
C ASN H 136 -22.45 -24.55 -29.04
N LEU H 137 -21.96 -24.07 -30.18
CA LEU H 137 -21.38 -24.96 -31.18
C LEU H 137 -20.01 -25.48 -30.75
N THR H 138 -19.69 -26.71 -31.17
CA THR H 138 -18.35 -27.23 -31.05
C THR H 138 -17.62 -26.91 -32.35
N SER H 139 -16.33 -27.26 -32.42
CA SER H 139 -15.54 -26.96 -33.62
C SER H 139 -16.10 -27.64 -34.85
N PHE H 140 -16.57 -28.87 -34.69
CA PHE H 140 -17.15 -29.62 -35.80
C PHE H 140 -18.46 -29.00 -36.27
N GLN H 141 -19.30 -28.59 -35.32
CA GLN H 141 -20.59 -28.02 -35.64
C GLN H 141 -20.47 -26.66 -36.35
N VAL H 142 -19.55 -25.82 -35.89
CA VAL H 142 -19.43 -24.47 -36.43
C VAL H 142 -19.05 -24.50 -37.90
N GLU H 143 -18.42 -25.60 -38.33
CA GLU H 143 -18.04 -25.75 -39.73
C GLU H 143 -19.30 -25.91 -40.58
N GLU H 144 -20.25 -26.68 -40.08
CA GLU H 144 -21.52 -26.91 -40.78
C GLU H 144 -22.37 -25.65 -40.77
N PHE H 145 -22.36 -24.93 -39.64
CA PHE H 145 -23.08 -23.67 -39.54
C PHE H 145 -22.65 -22.70 -40.63
N PHE H 146 -21.35 -22.64 -40.88
CA PHE H 146 -20.80 -21.77 -41.92
C PHE H 146 -21.28 -22.22 -43.29
N ALA H 147 -21.32 -23.53 -43.51
CA ALA H 147 -21.76 -24.09 -44.78
C ALA H 147 -23.21 -23.72 -45.08
N SER H 148 -24.03 -23.62 -44.04
CA SER H 148 -25.46 -23.36 -44.20
C SER H 148 -25.78 -21.87 -44.38
N VAL H 149 -24.77 -21.02 -44.21
CA VAL H 149 -24.98 -19.58 -44.38
C VAL H 149 -24.11 -19.05 -45.51
N ALA H 150 -23.09 -19.81 -45.88
CA ALA H 150 -22.17 -19.40 -46.94
C ALA H 150 -22.88 -19.26 -48.28
N GLU H 151 -22.72 -18.11 -48.91
CA GLU H 151 -23.23 -17.92 -50.26
C GLU H 151 -22.29 -18.60 -51.25
N LYS H 152 -22.83 -19.06 -52.37
CA LYS H 152 -22.03 -19.79 -53.33
C LYS H 152 -21.45 -18.89 -54.41
N VAL H 153 -20.17 -19.10 -54.71
CA VAL H 153 -19.47 -18.33 -55.73
C VAL H 153 -18.69 -19.26 -56.65
N GLU H 154 -18.94 -19.14 -57.96
CA GLU H 154 -18.19 -19.90 -58.96
C GLU H 154 -16.72 -19.51 -58.93
N GLN H 155 -16.46 -18.21 -58.85
CA GLN H 155 -15.10 -17.70 -58.83
C GLN H 155 -14.87 -16.64 -57.76
N VAL H 156 -14.06 -16.98 -56.76
CA VAL H 156 -13.66 -16.01 -55.75
C VAL H 156 -12.68 -15.00 -56.32
N ARG H 157 -13.12 -13.76 -56.50
CA ARG H 157 -12.26 -12.73 -57.06
C ARG H 157 -12.12 -11.50 -56.18
N THR H 158 -13.21 -11.09 -55.54
CA THR H 158 -13.22 -9.86 -54.76
C THR H 158 -13.12 -10.13 -53.25
N SER H 159 -12.86 -9.06 -52.49
CA SER H 159 -12.81 -9.17 -51.04
C SER H 159 -14.16 -9.58 -50.46
N GLU H 160 -15.22 -9.25 -51.18
CA GLU H 160 -16.57 -9.70 -50.82
C GLU H 160 -16.68 -11.22 -50.96
N ASP H 161 -16.18 -11.74 -52.09
CA ASP H 161 -16.29 -13.17 -52.39
C ASP H 161 -15.64 -14.06 -51.33
N VAL H 162 -14.41 -13.74 -50.95
CA VAL H 162 -13.68 -14.55 -49.99
C VAL H 162 -14.40 -14.66 -48.66
N VAL H 163 -14.96 -13.56 -48.18
CA VAL H 163 -15.66 -13.59 -46.89
C VAL H 163 -17.03 -14.23 -47.02
N VAL H 164 -17.89 -13.60 -47.82
CA VAL H 164 -19.26 -14.05 -48.00
C VAL H 164 -19.40 -15.54 -48.35
N SER H 165 -18.39 -16.09 -49.03
CA SER H 165 -18.46 -17.47 -49.49
C SER H 165 -18.07 -18.50 -48.44
N LYS H 166 -17.52 -18.03 -47.32
CA LYS H 166 -17.14 -18.93 -46.23
C LYS H 166 -18.03 -18.76 -45.00
N VAL H 167 -18.36 -17.52 -44.66
CA VAL H 167 -19.04 -17.26 -43.39
C VAL H 167 -20.44 -16.67 -43.54
N GLY H 168 -20.85 -16.36 -44.77
CA GLY H 168 -22.18 -15.85 -45.00
C GLY H 168 -22.25 -14.33 -45.08
N ARG H 169 -23.46 -13.82 -45.28
CA ARG H 169 -23.70 -12.40 -45.55
C ARG H 169 -23.74 -11.56 -44.28
N ASP H 170 -24.19 -12.16 -43.19
CA ASP H 170 -24.33 -11.44 -41.92
C ASP H 170 -22.98 -11.15 -41.27
N LEU H 171 -22.20 -12.21 -41.02
CA LEU H 171 -20.87 -12.04 -40.46
C LEU H 171 -20.05 -11.10 -41.31
N TYR H 172 -20.20 -11.18 -42.63
CA TYR H 172 -19.55 -10.28 -43.56
C TYR H 172 -19.93 -8.84 -43.25
N ASN H 173 -21.22 -8.59 -43.13
CA ASN H 173 -21.70 -7.25 -42.82
C ASN H 173 -21.17 -6.75 -41.50
N LYS H 174 -21.10 -7.64 -40.51
CA LYS H 174 -20.75 -7.26 -39.16
C LYS H 174 -19.27 -6.99 -38.93
N PHE H 175 -18.41 -7.76 -39.60
CA PHE H 175 -16.98 -7.72 -39.33
C PHE H 175 -16.15 -7.10 -40.45
N PHE H 176 -16.62 -7.18 -41.69
CA PHE H 176 -15.80 -6.79 -42.83
C PHE H 176 -16.31 -5.60 -43.64
N ARG H 177 -17.58 -5.63 -44.03
CA ARG H 177 -18.10 -4.59 -44.94
C ARG H 177 -17.84 -3.18 -44.41
N GLY H 178 -18.37 -2.89 -43.22
CA GLY H 178 -18.20 -1.58 -42.63
C GLY H 178 -16.74 -1.19 -42.50
N TYR H 179 -15.94 -2.09 -41.94
CA TYR H 179 -14.52 -1.83 -41.74
C TYR H 179 -13.81 -1.49 -43.04
N THR H 180 -14.04 -2.31 -44.07
CA THR H 180 -13.36 -2.17 -45.35
C THR H 180 -13.72 -0.86 -46.05
N ARG H 181 -14.99 -0.51 -46.06
CA ARG H 181 -15.44 0.75 -46.66
C ARG H 181 -14.81 1.95 -45.98
N LYS H 182 -14.67 1.88 -44.66
CA LYS H 182 -14.05 2.95 -43.91
C LYS H 182 -12.57 3.06 -44.26
N GLN H 183 -11.88 1.92 -44.24
CA GLN H 183 -10.44 1.86 -44.46
C GLN H 183 -10.00 2.22 -45.89
N TRP H 184 -10.71 1.68 -46.88
CA TRP H 184 -10.27 1.78 -48.27
C TRP H 184 -11.02 2.84 -49.09
N GLY H 185 -12.22 3.21 -48.66
CA GLY H 185 -13.06 4.11 -49.43
C GLY H 185 -13.74 3.37 -50.56
N LEU H 186 -13.69 2.04 -50.50
CA LEU H 186 -14.25 1.15 -51.50
C LEU H 186 -15.04 0.03 -50.83
N ASP H 187 -16.00 -0.53 -51.56
CA ASP H 187 -16.68 -1.74 -51.12
C ASP H 187 -15.78 -2.94 -51.34
N PRO H 188 -15.86 -3.94 -50.46
CA PRO H 188 -15.07 -5.17 -50.61
C PRO H 188 -15.21 -5.84 -51.98
N SER H 189 -16.26 -5.49 -52.73
CA SER H 189 -16.43 -6.04 -54.08
C SER H 189 -15.64 -5.23 -55.11
N GLU H 190 -15.09 -4.09 -54.68
CA GLU H 190 -14.29 -3.25 -55.56
C GLU H 190 -12.79 -3.46 -55.32
N LEU H 191 -12.47 -4.41 -54.44
CA LEU H 191 -11.09 -4.75 -54.12
C LEU H 191 -10.83 -6.20 -54.47
N ASP H 192 -9.55 -6.53 -54.63
CA ASP H 192 -9.14 -7.90 -54.92
C ASP H 192 -9.27 -8.78 -53.66
N ALA H 193 -9.54 -10.06 -53.86
CA ALA H 193 -9.73 -10.99 -52.75
C ALA H 193 -8.53 -11.07 -51.82
N SER H 194 -7.37 -10.65 -52.30
CA SER H 194 -6.14 -10.70 -51.49
C SER H 194 -6.21 -9.83 -50.23
N VAL H 195 -7.05 -8.79 -50.25
CA VAL H 195 -7.16 -7.87 -49.12
C VAL H 195 -7.80 -8.50 -47.87
N THR H 196 -9.07 -8.87 -47.98
CA THR H 196 -9.76 -9.48 -46.84
C THR H 196 -9.32 -10.92 -46.61
N ALA H 197 -8.60 -11.49 -47.56
CA ALA H 197 -8.08 -12.85 -47.40
C ALA H 197 -6.94 -12.87 -46.39
N ARG H 198 -6.45 -11.68 -46.03
CA ARG H 198 -5.42 -11.54 -45.01
C ARG H 198 -5.93 -11.97 -43.64
N VAL H 199 -7.25 -11.87 -43.44
CA VAL H 199 -7.86 -12.21 -42.16
C VAL H 199 -8.75 -13.44 -42.27
N PRO H 200 -8.15 -14.60 -42.50
CA PRO H 200 -8.88 -15.84 -42.75
C PRO H 200 -9.67 -16.30 -41.55
N THR H 201 -10.86 -16.85 -41.79
CA THR H 201 -11.73 -17.30 -40.72
C THR H 201 -11.31 -18.68 -40.21
N ARG H 202 -11.64 -18.99 -38.96
CA ARG H 202 -11.23 -20.24 -38.33
C ARG H 202 -12.42 -20.98 -37.74
N THR H 203 -12.33 -22.30 -37.68
CA THR H 203 -13.34 -23.13 -37.04
C THR H 203 -12.89 -23.56 -35.65
N ASN H 204 -11.66 -23.20 -35.31
CA ASN H 204 -11.12 -23.50 -33.99
C ASN H 204 -11.25 -22.30 -33.07
N ARG H 205 -10.50 -22.30 -31.98
CA ARG H 205 -10.63 -21.27 -30.96
C ARG H 205 -9.37 -20.42 -30.82
N ASP H 206 -8.50 -20.50 -31.82
CA ASP H 206 -7.30 -19.68 -31.84
C ASP H 206 -7.70 -18.21 -31.90
N ASN H 207 -7.14 -17.39 -31.00
CA ASN H 207 -7.51 -15.98 -30.97
C ASN H 207 -6.39 -14.99 -31.32
N ARG H 208 -5.25 -15.48 -31.79
CA ARG H 208 -4.18 -14.59 -32.26
C ARG H 208 -4.48 -14.08 -33.65
N TYR H 209 -3.94 -12.91 -33.96
CA TYR H 209 -4.10 -12.31 -35.27
C TYR H 209 -3.26 -13.02 -36.33
N PHE H 210 -2.13 -13.58 -35.91
CA PHE H 210 -1.28 -14.36 -36.83
C PHE H 210 -1.05 -15.76 -36.30
N ALA H 211 -0.89 -16.72 -37.20
CA ALA H 211 -0.55 -18.09 -36.80
C ALA H 211 0.91 -18.37 -37.11
N ASP H 212 1.64 -17.33 -37.48
CA ASP H 212 3.04 -17.42 -37.86
C ASP H 212 3.90 -18.16 -36.83
N THR H 213 4.90 -18.88 -37.34
CA THR H 213 5.82 -19.64 -36.50
C THR H 213 6.64 -18.75 -35.57
N TYR H 214 7.09 -17.61 -36.08
CA TYR H 214 7.93 -16.70 -35.30
C TYR H 214 7.20 -15.39 -35.01
N GLN H 215 6.96 -15.11 -33.73
CA GLN H 215 6.28 -13.88 -33.33
C GLN H 215 6.96 -13.23 -32.13
N ALA H 216 7.53 -12.07 -32.38
CA ALA H 216 8.34 -11.39 -31.38
C ALA H 216 8.57 -9.95 -31.80
N MET H 217 8.82 -9.08 -30.82
CA MET H 217 9.17 -7.70 -31.10
C MET H 217 10.66 -7.48 -30.88
N PRO H 218 11.26 -6.58 -31.65
CA PRO H 218 12.65 -6.19 -31.37
C PRO H 218 12.74 -5.68 -29.93
N LEU H 219 13.53 -6.37 -29.12
CA LEU H 219 13.58 -6.10 -27.68
C LEU H 219 13.60 -4.63 -27.31
N HIS H 220 14.41 -3.85 -28.01
CA HIS H 220 14.59 -2.45 -27.67
C HIS H 220 14.00 -1.50 -28.71
N GLY H 221 13.19 -2.06 -29.61
CA GLY H 221 12.50 -1.26 -30.62
C GLY H 221 13.10 -1.42 -31.99
N TYR H 222 12.34 -1.03 -33.01
CA TYR H 222 12.79 -1.14 -34.39
C TYR H 222 13.98 -0.23 -34.68
N THR H 223 13.93 0.99 -34.15
CA THR H 223 14.98 1.96 -34.43
C THR H 223 16.36 1.45 -33.97
N ARG H 224 16.41 0.86 -32.79
CA ARG H 224 17.65 0.28 -32.30
C ARG H 224 18.15 -0.78 -33.27
N MET H 225 17.24 -1.61 -33.76
CA MET H 225 17.55 -2.63 -34.76
C MET H 225 18.11 -2.02 -36.05
N PHE H 226 17.42 -1.00 -36.57
CA PHE H 226 17.84 -0.34 -37.79
C PHE H 226 19.21 0.34 -37.66
N GLN H 227 19.47 0.90 -36.49
CA GLN H 227 20.74 1.56 -36.26
C GLN H 227 21.89 0.56 -36.36
N ASN H 228 21.68 -0.65 -35.83
CA ASN H 228 22.65 -1.72 -35.98
C ASN H 228 22.85 -2.12 -37.45
N MET H 229 21.76 -2.16 -38.21
CA MET H 229 21.81 -2.50 -39.63
C MET H 229 22.62 -1.48 -40.45
N LEU H 230 22.51 -0.21 -40.09
CA LEU H 230 23.14 0.86 -40.85
C LEU H 230 24.49 1.29 -40.27
N SER H 231 25.06 0.45 -39.40
CA SER H 231 26.21 0.85 -38.60
C SER H 231 27.57 0.63 -39.28
N SER H 232 27.58 -0.07 -40.41
CA SER H 232 28.80 -0.27 -41.17
C SER H 232 29.43 1.05 -41.62
N PRO H 233 30.77 1.10 -41.63
CA PRO H 233 31.55 2.26 -42.10
C PRO H 233 31.31 2.55 -43.57
N ASN H 234 30.84 1.55 -44.32
CA ASN H 234 30.56 1.72 -45.74
C ASN H 234 29.20 2.37 -46.02
N ILE H 235 28.43 2.61 -44.96
CA ILE H 235 27.11 3.20 -45.10
C ILE H 235 27.08 4.65 -44.62
N LYS H 236 26.72 5.56 -45.51
CA LYS H 236 26.50 6.95 -45.15
C LYS H 236 25.01 7.24 -45.12
N VAL H 237 24.52 7.84 -44.04
CA VAL H 237 23.10 8.10 -43.90
C VAL H 237 22.76 9.58 -44.04
N MET H 238 21.83 9.88 -44.93
CA MET H 238 21.40 11.25 -45.16
C MET H 238 19.90 11.38 -44.92
N LEU H 239 19.50 12.37 -44.13
CA LEU H 239 18.11 12.52 -43.69
C LEU H 239 17.54 13.88 -44.07
N ASN H 240 16.22 14.02 -43.98
CA ASN H 240 15.55 15.27 -44.32
C ASN H 240 15.86 15.67 -45.75
N THR H 241 16.07 14.67 -46.60
CA THR H 241 16.59 14.88 -47.95
C THR H 241 15.83 14.10 -49.03
N ASP H 242 15.30 14.81 -50.02
CA ASP H 242 14.72 14.15 -51.19
C ASP H 242 15.84 13.82 -52.15
N TYR H 243 15.90 12.56 -52.58
CA TYR H 243 17.00 12.11 -53.43
C TYR H 243 17.18 13.00 -54.65
N ARG H 244 16.08 13.56 -55.14
CA ARG H 244 16.11 14.45 -56.29
C ARG H 244 16.93 15.71 -56.04
N GLU H 245 17.10 16.06 -54.77
CA GLU H 245 17.82 17.27 -54.40
C GLU H 245 19.33 17.11 -54.53
N ILE H 246 19.81 15.86 -54.48
CA ILE H 246 21.24 15.62 -54.47
C ILE H 246 21.72 14.76 -55.63
N ALA H 247 20.79 14.18 -56.39
CA ALA H 247 21.16 13.23 -57.44
C ALA H 247 22.01 13.86 -58.55
N ASP H 248 22.01 15.19 -58.63
CA ASP H 248 22.77 15.90 -59.66
C ASP H 248 24.28 15.96 -59.40
N PHE H 249 24.68 16.06 -58.15
CA PHE H 249 26.09 16.26 -57.84
C PHE H 249 26.74 15.15 -57.02
N ILE H 250 26.02 14.05 -56.82
CA ILE H 250 26.59 12.93 -56.10
C ILE H 250 26.73 11.69 -56.98
N PRO H 251 27.98 11.39 -57.38
CA PRO H 251 28.32 10.25 -58.24
C PRO H 251 27.94 8.91 -57.61
N PHE H 252 27.12 8.14 -58.31
CA PHE H 252 26.82 6.77 -57.90
C PHE H 252 26.67 5.88 -59.13
N GLN H 253 27.03 4.61 -58.99
CA GLN H 253 26.95 3.68 -60.11
C GLN H 253 25.52 3.19 -60.31
N HIS H 254 24.84 2.88 -59.22
CA HIS H 254 23.51 2.28 -59.29
C HIS H 254 22.59 2.91 -58.26
N MET H 255 21.29 2.91 -58.54
CA MET H 255 20.30 3.41 -57.59
C MET H 255 19.31 2.31 -57.20
N ILE H 256 19.02 2.22 -55.91
CA ILE H 256 17.94 1.37 -55.43
C ILE H 256 16.84 2.29 -54.89
N TYR H 257 15.67 2.22 -55.49
CA TYR H 257 14.57 3.11 -55.13
C TYR H 257 13.43 2.35 -54.44
N THR H 258 12.96 2.88 -53.32
CA THR H 258 11.93 2.21 -52.53
C THR H 258 10.71 3.09 -52.25
N GLY H 259 10.61 4.22 -52.96
CA GLY H 259 9.45 5.10 -52.84
C GLY H 259 8.34 4.68 -53.78
N PRO H 260 7.25 5.46 -53.83
CA PRO H 260 6.15 5.13 -54.75
C PRO H 260 6.60 5.28 -56.21
N VAL H 261 6.21 4.33 -57.07
CA VAL H 261 6.66 4.33 -58.46
C VAL H 261 6.11 5.47 -59.29
N ASP H 262 4.81 5.74 -59.19
CA ASP H 262 4.23 6.77 -60.04
C ASP H 262 5.01 8.07 -59.93
N ALA H 263 5.45 8.39 -58.72
CA ALA H 263 6.20 9.61 -58.46
C ALA H 263 7.59 9.61 -59.11
N PHE H 264 8.21 8.44 -59.16
CA PHE H 264 9.53 8.31 -59.75
C PHE H 264 9.52 8.68 -61.24
N PHE H 265 8.40 8.40 -61.90
CA PHE H 265 8.27 8.72 -63.32
C PHE H 265 7.36 9.93 -63.51
N ASP H 266 7.38 10.83 -62.53
CA ASP H 266 6.64 12.08 -62.59
C ASP H 266 5.15 11.92 -62.92
N PHE H 267 4.57 10.81 -62.49
CA PHE H 267 3.14 10.60 -62.65
C PHE H 267 2.74 10.65 -64.12
N CYS H 268 3.64 10.21 -64.99
CA CYS H 268 3.43 10.32 -66.43
C CYS H 268 2.13 9.65 -66.92
N TYR H 269 1.72 8.57 -66.26
CA TYR H 269 0.51 7.86 -66.63
C TYR H 269 -0.69 8.19 -65.74
N GLY H 270 -0.54 9.21 -64.92
CA GLY H 270 -1.59 9.54 -63.96
C GLY H 270 -1.25 9.05 -62.57
N LYS H 271 -2.04 9.46 -61.58
CA LYS H 271 -1.75 9.11 -60.19
C LYS H 271 -2.08 7.65 -59.88
N LEU H 272 -1.08 6.92 -59.37
CA LEU H 272 -1.30 5.55 -58.92
C LEU H 272 -1.90 5.60 -57.53
N PRO H 273 -3.12 5.06 -57.36
CA PRO H 273 -3.80 5.18 -56.07
C PRO H 273 -3.06 4.53 -54.90
N TYR H 274 -2.71 5.34 -53.91
CA TYR H 274 -2.20 4.85 -52.64
C TYR H 274 -3.10 5.40 -51.54
N ARG H 275 -3.49 4.54 -50.61
CA ARG H 275 -4.29 4.96 -49.47
C ARG H 275 -3.36 5.50 -48.39
N SER H 276 -3.81 6.54 -47.69
CA SER H 276 -2.99 7.16 -46.64
C SER H 276 -3.62 7.01 -45.27
N LEU H 277 -3.03 7.66 -44.27
CA LEU H 277 -3.53 7.58 -42.91
C LEU H 277 -3.21 8.83 -42.10
N GLU H 278 -4.02 9.06 -41.09
CA GLU H 278 -3.78 10.12 -40.13
C GLU H 278 -3.81 9.52 -38.72
N PHE H 279 -2.84 9.86 -37.89
CA PHE H 279 -2.70 9.31 -36.57
C PHE H 279 -2.95 10.29 -35.47
N ARG H 280 -3.83 9.94 -34.57
CA ARG H 280 -4.03 10.71 -33.37
C ARG H 280 -3.49 9.96 -32.18
N HIS H 281 -2.47 10.52 -31.56
CA HIS H 281 -1.83 9.91 -30.41
C HIS H 281 -2.29 10.54 -29.13
N GLU H 282 -2.48 9.74 -28.09
CA GLU H 282 -2.88 10.24 -26.78
C GLU H 282 -2.20 9.49 -25.63
N THR H 283 -1.95 10.20 -24.54
CA THR H 283 -1.40 9.58 -23.34
C THR H 283 -2.41 9.73 -22.20
N HIS H 284 -2.65 8.64 -21.48
CA HIS H 284 -3.60 8.66 -20.37
C HIS H 284 -2.94 8.30 -19.03
N ASP H 285 -3.35 8.98 -17.96
CA ASP H 285 -2.80 8.68 -16.65
C ASP H 285 -3.43 7.42 -16.07
N THR H 286 -3.06 6.28 -16.65
CA THR H 286 -3.47 4.98 -16.13
C THR H 286 -2.50 3.95 -16.69
N GLU H 287 -2.44 2.79 -16.07
CA GLU H 287 -1.51 1.77 -16.53
C GLU H 287 -2.01 1.09 -17.80
N GLN H 288 -3.32 0.96 -17.92
CA GLN H 288 -3.90 0.21 -19.03
C GLN H 288 -5.23 0.78 -19.49
N LEU H 289 -5.40 0.89 -20.80
CA LEU H 289 -6.60 1.48 -21.38
C LEU H 289 -7.44 0.45 -22.13
N LEU H 290 -6.78 -0.50 -22.79
CA LEU H 290 -7.48 -1.50 -23.60
C LEU H 290 -7.22 -2.92 -23.10
N PRO H 291 -8.17 -3.83 -23.36
CA PRO H 291 -8.11 -5.25 -22.98
C PRO H 291 -6.99 -5.99 -23.69
N THR H 292 -6.68 -5.59 -24.92
CA THR H 292 -5.58 -6.16 -25.69
C THR H 292 -4.82 -5.07 -26.43
N GLY H 293 -3.89 -5.49 -27.28
CA GLY H 293 -3.07 -4.57 -28.04
C GLY H 293 -3.84 -3.65 -28.96
N THR H 294 -4.82 -4.19 -29.67
CA THR H 294 -5.59 -3.40 -30.63
C THR H 294 -7.08 -3.72 -30.61
N VAL H 295 -7.91 -2.69 -30.64
CA VAL H 295 -9.35 -2.86 -30.77
C VAL H 295 -9.83 -2.28 -32.10
N ASN H 296 -10.57 -3.08 -32.86
CA ASN H 296 -11.10 -2.67 -34.16
C ASN H 296 -12.53 -2.15 -34.08
N TYR H 297 -12.86 -1.19 -34.94
CA TYR H 297 -14.21 -0.61 -34.97
C TYR H 297 -14.82 -0.67 -36.37
N PRO H 298 -15.38 -1.84 -36.74
CA PRO H 298 -15.98 -2.02 -38.06
C PRO H 298 -17.19 -1.11 -38.30
N ASN H 299 -17.92 -0.78 -37.24
CA ASN H 299 -19.24 -0.19 -37.38
C ASN H 299 -19.47 1.13 -36.66
N ASP H 300 -18.46 1.62 -35.96
CA ASP H 300 -18.58 2.90 -35.26
C ASP H 300 -17.34 3.77 -35.46
N TYR H 301 -17.55 5.08 -35.33
CA TYR H 301 -16.47 6.05 -35.31
C TYR H 301 -15.79 6.30 -36.66
N ALA H 302 -15.11 7.44 -36.74
CA ALA H 302 -14.35 7.80 -37.93
C ALA H 302 -13.10 6.93 -38.06
N TYR H 303 -12.57 6.50 -36.92
CA TYR H 303 -11.34 5.72 -36.92
C TYR H 303 -11.60 4.23 -37.08
N THR H 304 -10.59 3.51 -37.56
CA THR H 304 -10.71 2.07 -37.80
C THR H 304 -10.28 1.23 -36.61
N ARG H 305 -9.42 1.80 -35.76
CA ARG H 305 -8.91 1.06 -34.61
C ARG H 305 -8.07 1.93 -33.67
N VAL H 306 -7.86 1.41 -32.46
CA VAL H 306 -6.99 2.01 -31.46
C VAL H 306 -5.96 0.96 -31.08
N SER H 307 -4.75 1.40 -30.74
CA SER H 307 -3.74 0.46 -30.25
C SER H 307 -3.06 0.98 -29.00
N GLU H 308 -2.68 0.06 -28.11
CA GLU H 308 -2.00 0.44 -26.88
C GLU H 308 -0.58 -0.13 -26.87
N PHE H 309 0.39 0.72 -27.16
CA PHE H 309 1.75 0.26 -27.40
C PHE H 309 2.37 -0.56 -26.26
N LYS H 310 1.97 -0.32 -25.02
CA LYS H 310 2.54 -1.10 -23.91
C LYS H 310 2.31 -2.60 -24.05
N HIS H 311 1.14 -2.99 -24.59
CA HIS H 311 0.82 -4.39 -24.82
C HIS H 311 1.84 -5.03 -25.75
N ILE H 312 2.35 -4.22 -26.68
CA ILE H 312 3.22 -4.70 -27.75
C ILE H 312 4.70 -4.63 -27.39
N THR H 313 5.13 -3.53 -26.78
CA THR H 313 6.53 -3.38 -26.38
C THR H 313 6.82 -4.14 -25.09
N GLY H 314 5.82 -4.26 -24.23
CA GLY H 314 5.99 -4.89 -22.94
C GLY H 314 6.52 -3.92 -21.90
N GLN H 315 6.61 -2.65 -22.27
CA GLN H 315 7.15 -1.63 -21.39
C GLN H 315 6.31 -1.47 -20.13
N ARG H 316 6.98 -1.11 -19.04
CA ARG H 316 6.31 -0.78 -17.81
C ARG H 316 6.42 0.72 -17.58
N HIS H 317 5.33 1.33 -17.16
CA HIS H 317 5.22 2.78 -17.09
C HIS H 317 3.96 3.11 -16.31
N HIS H 318 3.95 4.24 -15.61
CA HIS H 318 2.77 4.59 -14.82
C HIS H 318 1.64 5.18 -15.66
N GLN H 319 1.96 5.56 -16.89
CA GLN H 319 0.94 6.03 -17.83
C GLN H 319 0.89 5.13 -19.06
N THR H 320 0.05 5.48 -20.01
CA THR H 320 -0.08 4.70 -21.23
C THR H 320 -0.33 5.60 -22.43
N SER H 321 0.17 5.18 -23.59
CA SER H 321 -0.01 5.95 -24.81
C SER H 321 -0.70 5.09 -25.86
N VAL H 322 -1.70 5.66 -26.53
CA VAL H 322 -2.43 4.94 -27.57
C VAL H 322 -2.47 5.73 -28.86
N VAL H 323 -2.95 5.09 -29.91
CA VAL H 323 -3.06 5.74 -31.21
C VAL H 323 -4.37 5.41 -31.91
N TYR H 324 -5.01 6.43 -32.47
CA TYR H 324 -6.22 6.26 -33.26
C TYR H 324 -5.88 6.42 -34.73
N GLU H 325 -6.37 5.51 -35.57
CA GLU H 325 -6.07 5.55 -37.00
C GLU H 325 -7.24 6.04 -37.83
N TYR H 326 -7.03 7.12 -38.58
CA TYR H 326 -8.02 7.64 -39.50
C TYR H 326 -7.57 7.44 -40.94
N PRO H 327 -8.38 6.73 -41.73
CA PRO H 327 -8.11 6.62 -43.17
C PRO H 327 -8.23 7.96 -43.86
N ARG H 328 -7.30 8.25 -44.77
CA ARG H 328 -7.33 9.47 -45.56
C ARG H 328 -7.08 9.13 -47.02
N ALA H 329 -7.60 9.95 -47.93
CA ALA H 329 -7.40 9.73 -49.35
C ALA H 329 -6.12 10.39 -49.83
N GLU H 330 -5.79 11.53 -49.21
CA GLU H 330 -4.56 12.26 -49.51
C GLU H 330 -3.54 12.09 -48.39
N GLY H 331 -2.28 12.36 -48.70
CA GLY H 331 -1.22 12.31 -47.71
C GLY H 331 -0.14 11.31 -48.10
N ASP H 332 0.74 11.00 -47.15
CA ASP H 332 1.80 10.03 -47.41
C ASP H 332 1.24 8.68 -47.81
N PRO H 333 1.89 8.02 -48.78
CA PRO H 333 1.46 6.71 -49.28
C PRO H 333 1.75 5.61 -48.26
N TYR H 334 0.72 4.89 -47.82
CA TYR H 334 0.94 3.74 -46.93
C TYR H 334 0.44 2.44 -47.53
N TYR H 335 -0.66 2.49 -48.28
CA TYR H 335 -1.24 1.27 -48.84
C TYR H 335 -1.38 1.31 -50.36
N PRO H 336 -0.92 0.24 -51.03
CA PRO H 336 -1.34 0.03 -52.41
C PRO H 336 -2.82 -0.36 -52.38
N VAL H 337 -3.59 0.05 -53.38
CA VAL H 337 -5.00 -0.30 -53.44
C VAL H 337 -5.20 -1.43 -54.45
N PRO H 338 -5.14 -2.68 -53.96
CA PRO H 338 -5.16 -3.84 -54.86
C PRO H 338 -6.52 -4.05 -55.53
N ARG H 339 -6.65 -3.54 -56.75
CA ARG H 339 -7.82 -3.80 -57.58
C ARG H 339 -7.41 -3.77 -59.04
N PRO H 340 -8.14 -4.53 -59.87
CA PRO H 340 -7.81 -4.76 -61.29
C PRO H 340 -7.33 -3.50 -62.03
N GLU H 341 -8.05 -2.40 -61.91
CA GLU H 341 -7.71 -1.19 -62.64
C GLU H 341 -6.40 -0.58 -62.15
N ASN H 342 -6.06 -0.82 -60.89
CA ASN H 342 -4.79 -0.35 -60.34
C ASN H 342 -3.62 -1.26 -60.72
N ALA H 343 -3.84 -2.56 -60.67
CA ALA H 343 -2.83 -3.51 -61.12
C ALA H 343 -2.46 -3.20 -62.56
N GLU H 344 -3.47 -2.73 -63.30
CA GLU H 344 -3.33 -2.40 -64.69
C GLU H 344 -2.48 -1.15 -64.87
N LEU H 345 -2.74 -0.14 -64.04
CA LEU H 345 -1.97 1.09 -64.11
C LEU H 345 -0.54 0.81 -63.67
N TYR H 346 -0.39 0.03 -62.61
CA TYR H 346 0.93 -0.31 -62.13
C TYR H 346 1.77 -0.96 -63.23
N LYS H 347 1.17 -1.92 -63.93
CA LYS H 347 1.88 -2.60 -65.02
C LYS H 347 2.56 -1.62 -65.96
N LYS H 348 1.88 -0.51 -66.26
CA LYS H 348 2.44 0.52 -67.13
C LYS H 348 3.71 1.11 -66.53
N TYR H 349 3.63 1.52 -65.28
CA TYR H 349 4.79 2.03 -64.55
C TYR H 349 5.83 0.92 -64.38
N GLU H 350 5.36 -0.30 -64.15
CA GLU H 350 6.27 -1.43 -64.01
C GLU H 350 7.13 -1.55 -65.27
N ALA H 351 6.52 -1.33 -66.42
CA ALA H 351 7.24 -1.38 -67.69
C ALA H 351 8.28 -0.26 -67.84
N LEU H 352 7.97 0.91 -67.30
CA LEU H 352 8.95 2.00 -67.26
C LEU H 352 10.04 1.65 -66.26
N ALA H 353 9.62 1.18 -65.09
CA ALA H 353 10.58 0.74 -64.08
C ALA H 353 11.40 -0.38 -64.70
N ASP H 354 10.86 -0.95 -65.76
CA ASP H 354 11.50 -2.06 -66.47
C ASP H 354 12.61 -1.65 -67.42
N ALA H 355 12.49 -0.45 -68.01
CA ALA H 355 13.49 0.00 -68.96
C ALA H 355 14.69 0.62 -68.26
N ALA H 356 14.48 1.08 -67.04
CA ALA H 356 15.54 1.71 -66.27
C ALA H 356 16.55 0.66 -65.82
N GLN H 357 17.71 0.67 -66.48
CA GLN H 357 18.73 -0.34 -66.28
C GLN H 357 19.55 -0.07 -65.02
N ASP H 358 19.69 1.21 -64.69
CA ASP H 358 20.54 1.62 -63.59
C ASP H 358 19.78 1.81 -62.29
N VAL H 359 18.51 1.41 -62.28
CA VAL H 359 17.67 1.56 -61.10
C VAL H 359 17.01 0.24 -60.72
N THR H 360 17.05 -0.11 -59.45
CA THR H 360 16.36 -1.29 -58.94
C THR H 360 15.22 -0.86 -58.03
N PHE H 361 14.04 -1.42 -58.25
CA PHE H 361 12.87 -1.06 -57.46
C PHE H 361 12.51 -2.18 -56.48
N VAL H 362 12.44 -1.85 -55.19
CA VAL H 362 12.10 -2.84 -54.17
C VAL H 362 11.30 -2.21 -53.02
N GLY H 363 10.41 -3.00 -52.43
CA GLY H 363 9.61 -2.54 -51.30
C GLY H 363 8.13 -2.43 -51.57
N ARG H 364 7.37 -2.15 -50.51
CA ARG H 364 5.91 -2.01 -50.57
C ARG H 364 5.46 -1.00 -51.61
N LEU H 365 6.04 0.19 -51.58
CA LEU H 365 5.61 1.29 -52.43
C LEU H 365 6.20 1.22 -53.83
N ALA H 366 7.42 0.71 -53.93
CA ALA H 366 8.14 0.70 -55.20
C ALA H 366 7.67 -0.41 -56.14
N THR H 367 7.25 -1.53 -55.58
CA THR H 367 6.75 -2.62 -56.41
C THR H 367 5.25 -2.78 -56.22
N TYR H 368 4.66 -1.85 -55.47
CA TYR H 368 3.21 -1.79 -55.32
C TYR H 368 2.61 -3.10 -54.81
N ARG H 369 3.08 -3.54 -53.64
CA ARG H 369 2.60 -4.78 -53.06
C ARG H 369 2.21 -4.62 -51.60
N TYR H 370 1.03 -5.14 -51.25
CA TYR H 370 0.55 -5.15 -49.88
C TYR H 370 1.40 -6.13 -49.05
N TYR H 371 2.60 -5.70 -48.66
CA TYR H 371 3.59 -6.58 -48.01
C TYR H 371 3.83 -6.27 -46.52
N ASN H 372 3.90 -7.33 -45.71
CA ASN H 372 4.33 -7.20 -44.32
C ASN H 372 5.83 -6.93 -44.24
N MET H 373 6.31 -6.64 -43.03
CA MET H 373 7.73 -6.35 -42.84
C MET H 373 8.61 -7.53 -43.29
N ASP H 374 8.25 -8.73 -42.85
CA ASP H 374 9.04 -9.91 -43.18
C ASP H 374 9.07 -10.18 -44.68
N GLN H 375 8.02 -9.74 -45.37
CA GLN H 375 7.96 -9.91 -46.82
C GLN H 375 8.88 -8.94 -47.54
N VAL H 376 8.91 -7.68 -47.10
CA VAL H 376 9.83 -6.71 -47.66
C VAL H 376 11.29 -7.11 -47.43
N VAL H 377 11.56 -7.66 -46.25
CA VAL H 377 12.91 -8.11 -45.92
C VAL H 377 13.32 -9.23 -46.87
N ALA H 378 12.42 -10.18 -47.07
CA ALA H 378 12.70 -11.31 -47.97
C ALA H 378 12.94 -10.81 -49.39
N GLN H 379 12.06 -9.94 -49.87
CA GLN H 379 12.17 -9.36 -51.21
C GLN H 379 13.52 -8.66 -51.38
N ALA H 380 13.97 -8.00 -50.32
CA ALA H 380 15.23 -7.26 -50.36
C ALA H 380 16.43 -8.21 -50.38
N LEU H 381 16.32 -9.29 -49.61
CA LEU H 381 17.38 -10.30 -49.57
C LEU H 381 17.56 -11.00 -50.91
N ALA H 382 16.44 -11.30 -51.58
CA ALA H 382 16.50 -11.98 -52.87
C ALA H 382 17.01 -11.03 -53.95
N THR H 383 16.61 -9.77 -53.87
CA THR H 383 17.09 -8.73 -54.77
C THR H 383 18.59 -8.56 -54.64
N PHE H 384 19.09 -8.72 -53.42
CA PHE H 384 20.53 -8.64 -53.20
C PHE H 384 21.23 -9.79 -53.92
N ARG H 385 20.65 -10.98 -53.84
CA ARG H 385 21.19 -12.13 -54.55
C ARG H 385 21.29 -11.84 -56.05
N ARG H 386 20.20 -11.38 -56.65
CA ARG H 386 20.20 -11.03 -58.07
C ARG H 386 21.31 -10.02 -58.42
N LEU H 387 21.59 -9.10 -57.52
CA LEU H 387 22.62 -8.09 -57.75
C LEU H 387 24.04 -8.68 -57.75
N GLN H 388 24.30 -9.60 -56.85
CA GLN H 388 25.61 -10.25 -56.80
C GLN H 388 25.77 -11.21 -57.98
N GLY H 389 24.64 -11.61 -58.56
CA GLY H 389 24.62 -12.44 -59.75
C GLY H 389 25.26 -13.82 -59.63
N GLN H 390 24.74 -14.65 -58.72
CA GLN H 390 23.64 -14.27 -57.84
C GLN H 390 24.12 -14.21 -56.39
N SER I 27 -47.97 26.06 32.13
CA SER I 27 -48.93 24.99 31.85
C SER I 27 -49.50 24.41 33.14
N LYS I 28 -50.70 23.84 33.06
CA LYS I 28 -51.38 23.33 34.24
C LYS I 28 -51.55 21.81 34.22
N GLY I 29 -51.17 21.19 33.11
CA GLY I 29 -51.25 19.74 33.00
C GLY I 29 -50.94 19.26 31.59
N PHE I 30 -51.38 18.05 31.26
CA PHE I 30 -51.16 17.48 29.94
C PHE I 30 -52.46 17.07 29.27
N ASP I 31 -52.48 17.12 27.94
CA ASP I 31 -53.62 16.61 27.18
C ASP I 31 -53.50 15.09 27.05
N TYR I 32 -52.29 14.61 26.77
CA TYR I 32 -52.05 13.18 26.58
C TYR I 32 -50.87 12.64 27.38
N LEU I 33 -51.05 11.48 27.97
CA LEU I 33 -49.94 10.70 28.53
C LEU I 33 -49.70 9.48 27.67
N ILE I 34 -48.61 9.49 26.92
CA ILE I 34 -48.29 8.39 26.02
C ILE I 34 -47.28 7.45 26.63
N VAL I 35 -47.67 6.18 26.75
CA VAL I 35 -46.83 5.16 27.37
C VAL I 35 -46.11 4.35 26.29
N GLY I 36 -44.80 4.52 26.20
CA GLY I 36 -44.01 3.87 25.18
C GLY I 36 -43.49 4.88 24.16
N ALA I 37 -42.18 4.85 23.92
CA ALA I 37 -41.57 5.77 22.97
C ALA I 37 -41.06 5.06 21.70
N GLY I 38 -41.74 3.99 21.32
CA GLY I 38 -41.40 3.29 20.09
C GLY I 38 -42.07 4.00 18.93
N PHE I 39 -42.24 3.29 17.82
CA PHE I 39 -42.93 3.86 16.67
C PHE I 39 -44.38 4.26 17.00
N ALA I 40 -45.08 3.42 17.74
CA ALA I 40 -46.48 3.71 18.06
C ALA I 40 -46.59 5.02 18.83
N GLY I 41 -45.92 5.09 19.98
CA GLY I 41 -46.00 6.26 20.85
C GLY I 41 -45.43 7.54 20.24
N SER I 42 -44.31 7.43 19.54
CA SER I 42 -43.63 8.62 19.01
C SER I 42 -44.39 9.25 17.86
N VAL I 43 -44.86 8.41 16.94
CA VAL I 43 -45.64 8.90 15.80
C VAL I 43 -46.85 9.69 16.31
N LEU I 44 -47.65 9.07 17.17
CA LEU I 44 -48.81 9.73 17.75
C LEU I 44 -48.43 11.01 18.50
N ALA I 45 -47.31 10.98 19.22
CA ALA I 45 -46.83 12.17 19.92
C ALA I 45 -46.54 13.30 18.95
N GLU I 46 -45.79 12.99 17.89
CA GLU I 46 -45.42 14.00 16.90
C GLU I 46 -46.66 14.63 16.27
N ARG I 47 -47.64 13.80 15.93
CA ARG I 47 -48.88 14.27 15.32
C ARG I 47 -49.73 15.11 16.29
N LEU I 48 -50.07 14.52 17.42
CA LEU I 48 -50.81 15.23 18.46
C LEU I 48 -50.16 16.58 18.77
N ALA I 49 -48.85 16.57 18.97
CA ALA I 49 -48.12 17.77 19.35
C ALA I 49 -48.18 18.86 18.28
N SER I 50 -48.09 18.46 17.02
CA SER I 50 -48.14 19.41 15.91
C SER I 50 -49.52 20.06 15.80
N SER I 51 -50.53 19.41 16.38
CA SER I 51 -51.87 19.97 16.37
C SER I 51 -52.20 20.72 17.67
N GLY I 52 -51.15 21.13 18.39
CA GLY I 52 -51.31 22.00 19.54
C GLY I 52 -51.41 21.33 20.90
N GLN I 53 -51.51 20.01 20.92
CA GLN I 53 -51.69 19.28 22.18
C GLN I 53 -50.41 19.21 23.01
N ARG I 54 -50.56 19.17 24.32
CA ARG I 54 -49.43 18.98 25.22
C ARG I 54 -49.28 17.50 25.53
N VAL I 55 -48.12 16.95 25.17
CA VAL I 55 -47.91 15.51 25.31
C VAL I 55 -46.79 15.20 26.29
N LEU I 56 -47.04 14.25 27.18
CA LEU I 56 -46.00 13.69 28.02
C LEU I 56 -45.78 12.25 27.58
N ILE I 57 -44.60 11.98 27.04
CA ILE I 57 -44.28 10.63 26.57
C ILE I 57 -43.30 9.93 27.52
N VAL I 58 -43.72 8.76 28.01
CA VAL I 58 -42.94 8.03 29.00
C VAL I 58 -42.48 6.66 28.49
N ASP I 59 -41.32 6.22 28.97
CA ASP I 59 -40.83 4.89 28.67
C ASP I 59 -40.02 4.36 29.85
N ARG I 60 -40.19 3.08 30.16
CA ARG I 60 -39.44 2.46 31.25
C ARG I 60 -37.97 2.30 30.90
N ARG I 61 -37.67 2.32 29.60
CA ARG I 61 -36.30 2.26 29.13
C ARG I 61 -35.62 3.62 29.21
N PRO I 62 -34.29 3.62 29.32
CA PRO I 62 -33.48 4.84 29.46
C PRO I 62 -33.42 5.60 28.17
N HIS I 63 -33.99 5.02 27.11
CA HIS I 63 -33.88 5.59 25.77
C HIS I 63 -35.23 5.61 25.06
N ILE I 64 -35.33 6.46 24.04
CA ILE I 64 -36.50 6.50 23.16
C ILE I 64 -36.27 5.53 22.01
N GLY I 65 -37.30 5.30 21.20
CA GLY I 65 -37.16 4.51 20.00
C GLY I 65 -37.72 3.11 20.08
N GLY I 66 -38.02 2.66 21.29
CA GLY I 66 -38.49 1.31 21.49
C GLY I 66 -37.50 0.27 20.98
N ASN I 67 -38.00 -0.66 20.18
CA ASN I 67 -37.18 -1.73 19.61
C ASN I 67 -36.25 -1.25 18.51
N ALA I 68 -36.61 -0.14 17.89
CA ALA I 68 -35.88 0.35 16.73
C ALA I 68 -34.70 1.20 17.16
N TYR I 69 -34.53 1.34 18.47
CA TYR I 69 -33.42 2.10 19.02
C TYR I 69 -32.10 1.64 18.42
N ASP I 70 -31.26 2.60 18.00
CA ASP I 70 -29.90 2.27 17.59
C ASP I 70 -28.85 3.20 18.21
N CYS I 71 -27.65 2.67 18.41
CA CYS I 71 -26.58 3.40 19.08
C CYS I 71 -25.21 2.89 18.67
N TYR I 72 -24.18 3.68 18.95
CA TYR I 72 -22.80 3.29 18.68
C TYR I 72 -22.25 2.47 19.83
N ASP I 73 -21.65 1.33 19.53
CA ASP I 73 -21.10 0.47 20.58
C ASP I 73 -19.68 0.88 20.98
N ASP I 74 -19.03 0.05 21.79
CA ASP I 74 -17.71 0.39 22.31
C ASP I 74 -16.68 0.55 21.20
N ALA I 75 -16.86 -0.18 20.10
CA ALA I 75 -15.92 -0.14 18.99
C ALA I 75 -16.17 1.03 18.05
N GLY I 76 -17.29 1.73 18.26
CA GLY I 76 -17.61 2.87 17.42
C GLY I 76 -18.44 2.48 16.22
N VAL I 77 -19.01 1.28 16.27
CA VAL I 77 -19.86 0.78 15.20
C VAL I 77 -21.32 0.99 15.55
N LEU I 78 -22.06 1.61 14.63
CA LEU I 78 -23.49 1.82 14.80
C LEU I 78 -24.23 0.48 14.76
N ILE I 79 -24.91 0.13 15.84
CA ILE I 79 -25.60 -1.17 15.93
C ILE I 79 -27.06 -1.06 16.34
N HIS I 80 -27.75 -2.20 16.37
CA HIS I 80 -29.12 -2.29 16.89
C HIS I 80 -29.18 -3.22 18.09
N PRO I 81 -29.19 -2.65 19.29
CA PRO I 81 -29.15 -3.46 20.52
C PRO I 81 -30.21 -4.55 20.54
N TYR I 82 -31.36 -4.32 19.89
CA TYR I 82 -32.46 -5.29 19.95
C TYR I 82 -32.66 -6.05 18.65
N GLY I 83 -31.59 -6.27 17.90
CA GLY I 83 -31.68 -7.04 16.67
C GLY I 83 -31.80 -6.18 15.43
N PRO I 84 -31.50 -6.77 14.26
CA PRO I 84 -31.52 -6.08 12.97
C PRO I 84 -32.91 -5.53 12.64
N HIS I 85 -33.03 -4.21 12.50
CA HIS I 85 -34.29 -3.58 12.11
C HIS I 85 -34.18 -2.95 10.74
N ILE I 86 -34.68 -3.63 9.72
CA ILE I 86 -34.62 -3.13 8.35
C ILE I 86 -35.93 -2.48 7.91
N PHE I 87 -35.88 -1.24 7.46
CA PHE I 87 -37.11 -0.53 7.09
C PHE I 87 -37.56 -0.77 5.66
N HIS I 88 -38.85 -1.10 5.51
CA HIS I 88 -39.43 -1.36 4.21
C HIS I 88 -40.94 -1.07 4.25
N THR I 89 -41.50 -0.64 3.12
CA THR I 89 -42.92 -0.33 3.06
C THR I 89 -43.44 -0.25 1.64
N ASN I 90 -44.72 -0.56 1.46
CA ASN I 90 -45.38 -0.38 0.18
C ASN I 90 -46.21 0.89 0.20
N SER I 91 -46.27 1.51 1.37
CA SER I 91 -47.10 2.68 1.58
C SER I 91 -46.33 3.97 1.33
N LYS I 92 -46.68 4.65 0.24
CA LYS I 92 -46.10 5.95 -0.07
C LYS I 92 -46.30 6.91 1.10
N ASP I 93 -47.46 6.84 1.72
CA ASP I 93 -47.79 7.82 2.76
C ASP I 93 -46.98 7.64 4.04
N VAL I 94 -46.72 6.40 4.42
CA VAL I 94 -45.87 6.10 5.55
C VAL I 94 -44.43 6.55 5.28
N PHE I 95 -43.96 6.29 4.06
CA PHE I 95 -42.59 6.64 3.71
C PHE I 95 -42.40 8.14 3.68
N GLU I 96 -43.35 8.86 3.09
CA GLU I 96 -43.26 10.32 3.02
C GLU I 96 -43.43 10.99 4.37
N TYR I 97 -44.16 10.35 5.28
CA TYR I 97 -44.28 10.88 6.63
C TYR I 97 -42.94 10.75 7.35
N LEU I 98 -42.34 9.58 7.26
CA LEU I 98 -41.02 9.34 7.86
C LEU I 98 -39.95 10.24 7.24
N SER I 99 -40.10 10.55 5.96
CA SER I 99 -39.13 11.39 5.26
C SER I 99 -39.04 12.81 5.86
N ARG I 100 -40.01 13.16 6.69
CA ARG I 100 -40.00 14.48 7.30
C ARG I 100 -38.97 14.58 8.42
N PHE I 101 -38.47 13.43 8.89
CA PHE I 101 -37.58 13.42 10.05
C PHE I 101 -36.23 12.75 9.79
N THR I 102 -36.02 12.26 8.59
CA THR I 102 -34.76 11.59 8.26
C THR I 102 -34.49 11.52 6.76
N GLU I 103 -33.21 11.50 6.41
CA GLU I 103 -32.80 11.23 5.04
C GLU I 103 -32.60 9.72 4.89
N TRP I 104 -32.42 9.26 3.67
CA TRP I 104 -32.39 7.82 3.43
C TRP I 104 -31.11 7.30 2.78
N ARG I 105 -30.77 6.07 3.15
CA ARG I 105 -29.76 5.30 2.45
C ARG I 105 -30.48 4.11 1.81
N PRO I 106 -30.65 4.15 0.48
CA PRO I 106 -31.28 3.05 -0.27
C PRO I 106 -30.61 1.72 0.09
N TYR I 107 -31.41 0.75 0.49
CA TYR I 107 -30.87 -0.55 0.87
C TYR I 107 -31.92 -1.65 0.74
N GLN I 108 -31.58 -2.68 -0.04
CA GLN I 108 -32.46 -3.83 -0.17
C GLN I 108 -31.83 -5.03 0.51
N HIS I 109 -32.39 -5.36 1.67
CA HIS I 109 -31.87 -6.43 2.52
C HIS I 109 -31.84 -7.77 1.80
N ARG I 110 -30.77 -8.52 1.99
CA ARG I 110 -30.68 -9.87 1.44
C ARG I 110 -30.24 -10.89 2.48
N VAL I 111 -30.91 -12.03 2.50
CA VAL I 111 -30.68 -13.03 3.52
C VAL I 111 -30.27 -14.35 2.91
N LEU I 112 -29.28 -15.00 3.52
CA LEU I 112 -28.85 -16.32 3.09
C LEU I 112 -29.20 -17.34 4.16
N ALA I 113 -29.51 -18.55 3.73
CA ALA I 113 -29.82 -19.64 4.65
C ALA I 113 -28.74 -20.71 4.57
N SER I 114 -28.27 -21.12 5.74
CA SER I 114 -27.25 -22.15 5.83
C SER I 114 -27.91 -23.52 5.77
N VAL I 115 -28.01 -24.07 4.57
CA VAL I 115 -28.63 -25.37 4.38
C VAL I 115 -27.69 -26.31 3.63
N ASP I 116 -27.51 -27.52 4.16
CA ASP I 116 -26.64 -28.52 3.55
C ASP I 116 -25.23 -28.00 3.32
N GLY I 117 -24.75 -27.11 4.18
CA GLY I 117 -23.41 -26.57 4.01
C GLY I 117 -23.32 -25.52 2.92
N GLN I 118 -24.47 -25.06 2.45
CA GLN I 118 -24.51 -23.99 1.46
C GLN I 118 -25.16 -22.75 2.04
N LEU I 119 -24.84 -21.60 1.45
CA LEU I 119 -25.51 -20.36 1.77
C LEU I 119 -26.48 -20.02 0.65
N LEU I 120 -27.76 -20.27 0.89
CA LEU I 120 -28.78 -20.22 -0.16
C LEU I 120 -29.82 -19.11 0.05
N PRO I 121 -30.31 -18.53 -1.04
CA PRO I 121 -31.30 -17.45 -0.95
C PRO I 121 -32.61 -17.91 -0.30
N ILE I 122 -33.00 -17.21 0.75
CA ILE I 122 -34.33 -17.34 1.35
C ILE I 122 -34.91 -15.93 1.29
N PRO I 123 -36.14 -15.74 0.76
CA PRO I 123 -37.16 -16.72 0.33
C PRO I 123 -36.67 -17.66 -0.75
N ILE I 124 -37.22 -18.88 -0.73
CA ILE I 124 -36.93 -19.88 -1.73
C ILE I 124 -37.29 -19.37 -3.13
N ASN I 125 -36.33 -19.39 -4.04
CA ASN I 125 -36.56 -18.99 -5.42
C ASN I 125 -35.93 -19.98 -6.41
N LEU I 126 -35.83 -19.58 -7.66
CA LEU I 126 -35.30 -20.45 -8.71
C LEU I 126 -33.89 -20.92 -8.35
N ASP I 127 -33.04 -19.99 -7.94
CA ASP I 127 -31.64 -20.31 -7.70
C ASP I 127 -31.46 -21.22 -6.48
N THR I 128 -32.38 -21.10 -5.53
CA THR I 128 -32.36 -21.94 -4.34
C THR I 128 -32.54 -23.41 -4.71
N VAL I 129 -33.63 -23.69 -5.41
CA VAL I 129 -33.95 -25.03 -5.86
C VAL I 129 -32.82 -25.57 -6.74
N ASN I 130 -32.33 -24.73 -7.65
CA ASN I 130 -31.29 -25.13 -8.58
C ASN I 130 -29.98 -25.47 -7.91
N ARG I 131 -29.51 -24.63 -7.00
CA ARG I 131 -28.24 -24.87 -6.34
C ARG I 131 -28.32 -26.00 -5.32
N LEU I 132 -29.49 -26.17 -4.73
CA LEU I 132 -29.69 -27.18 -3.70
C LEU I 132 -29.65 -28.61 -4.25
N TYR I 133 -30.40 -28.83 -5.32
CA TYR I 133 -30.58 -30.17 -5.87
C TYR I 133 -29.69 -30.45 -7.08
N GLY I 134 -29.02 -29.42 -7.57
CA GLY I 134 -28.19 -29.54 -8.76
C GLY I 134 -28.98 -29.51 -10.06
N LEU I 135 -30.14 -28.85 -10.04
CA LEU I 135 -31.00 -28.76 -11.22
C LEU I 135 -30.63 -27.57 -12.11
N ASN I 136 -31.22 -27.55 -13.31
CA ASN I 136 -31.04 -26.44 -14.24
C ASN I 136 -32.37 -25.89 -14.76
N LEU I 137 -33.33 -25.75 -13.85
CA LEU I 137 -34.69 -25.37 -14.22
C LEU I 137 -34.81 -23.92 -14.67
N THR I 138 -35.87 -23.64 -15.42
CA THR I 138 -36.22 -22.27 -15.79
C THR I 138 -37.37 -21.85 -14.88
N SER I 139 -37.62 -20.53 -14.80
CA SER I 139 -38.72 -20.04 -14.00
C SER I 139 -39.99 -20.84 -14.29
N PHE I 140 -40.20 -21.14 -15.57
CA PHE I 140 -41.40 -21.88 -15.98
C PHE I 140 -41.39 -23.31 -15.45
N GLN I 141 -40.28 -24.00 -15.64
CA GLN I 141 -40.19 -25.39 -15.17
C GLN I 141 -40.31 -25.51 -13.65
N VAL I 142 -39.83 -24.50 -12.92
CA VAL I 142 -39.82 -24.60 -11.47
C VAL I 142 -41.23 -24.51 -10.90
N GLU I 143 -42.12 -23.83 -11.62
CA GLU I 143 -43.50 -23.71 -11.18
C GLU I 143 -44.15 -25.09 -11.15
N GLU I 144 -43.97 -25.84 -12.24
CA GLU I 144 -44.51 -27.20 -12.33
C GLU I 144 -43.84 -28.13 -11.33
N PHE I 145 -42.54 -27.91 -11.10
CA PHE I 145 -41.79 -28.71 -10.13
C PHE I 145 -42.37 -28.58 -8.73
N PHE I 146 -42.72 -27.35 -8.34
CA PHE I 146 -43.38 -27.14 -7.06
C PHE I 146 -44.71 -27.87 -7.03
N ALA I 147 -45.44 -27.77 -8.13
CA ALA I 147 -46.74 -28.41 -8.24
C ALA I 147 -46.65 -29.92 -8.05
N SER I 148 -45.49 -30.48 -8.39
CA SER I 148 -45.32 -31.93 -8.34
C SER I 148 -44.95 -32.47 -6.96
N VAL I 149 -44.41 -31.62 -6.11
CA VAL I 149 -44.07 -32.03 -4.74
C VAL I 149 -45.07 -31.50 -3.72
N ALA I 150 -45.75 -30.42 -4.08
CA ALA I 150 -46.71 -29.81 -3.16
C ALA I 150 -47.73 -30.81 -2.66
N GLU I 151 -48.00 -30.77 -1.36
CA GLU I 151 -49.10 -31.53 -0.80
C GLU I 151 -50.31 -30.63 -0.81
N LYS I 152 -51.44 -31.12 -1.26
CA LYS I 152 -52.60 -30.29 -1.23
C LYS I 152 -53.42 -30.49 0.01
N VAL I 153 -54.00 -29.40 0.44
CA VAL I 153 -54.67 -29.30 1.69
C VAL I 153 -56.00 -28.70 1.41
N GLU I 154 -57.04 -29.32 1.93
CA GLU I 154 -58.35 -28.79 1.76
C GLU I 154 -58.40 -27.32 2.13
N GLN I 155 -58.21 -27.02 3.41
CA GLN I 155 -58.25 -25.66 3.88
C GLN I 155 -56.95 -25.39 4.53
N VAL I 156 -56.30 -24.32 4.14
CA VAL I 156 -55.01 -23.96 4.72
C VAL I 156 -55.17 -23.13 5.99
N ARG I 157 -54.66 -23.65 7.11
CA ARG I 157 -54.84 -23.02 8.41
C ARG I 157 -53.54 -22.74 9.17
N THR I 158 -52.63 -23.71 9.16
CA THR I 158 -51.41 -23.64 9.96
C THR I 158 -50.20 -23.14 9.18
N SER I 159 -49.12 -22.87 9.90
CA SER I 159 -47.87 -22.44 9.28
C SER I 159 -47.24 -23.58 8.48
N GLU I 160 -47.65 -24.80 8.80
CA GLU I 160 -47.24 -25.96 8.03
C GLU I 160 -47.97 -25.95 6.68
N ASP I 161 -49.30 -25.79 6.73
CA ASP I 161 -50.12 -25.82 5.53
C ASP I 161 -49.63 -24.86 4.45
N VAL I 162 -49.37 -23.61 4.85
CA VAL I 162 -48.99 -22.58 3.89
C VAL I 162 -47.72 -22.91 3.11
N VAL I 163 -46.77 -23.58 3.76
CA VAL I 163 -45.53 -23.95 3.10
C VAL I 163 -45.67 -25.27 2.32
N VAL I 164 -46.05 -26.32 3.03
CA VAL I 164 -46.18 -27.64 2.43
C VAL I 164 -47.11 -27.65 1.20
N SER I 165 -48.12 -26.81 1.19
CA SER I 165 -49.06 -26.78 0.07
C SER I 165 -48.50 -26.04 -1.14
N LYS I 166 -47.31 -25.46 -1.00
CA LYS I 166 -46.72 -24.69 -2.08
C LYS I 166 -45.37 -25.22 -2.57
N VAL I 167 -44.53 -25.70 -1.67
CA VAL I 167 -43.21 -26.17 -2.05
C VAL I 167 -42.89 -27.59 -1.59
N GLY I 168 -43.92 -28.31 -1.16
CA GLY I 168 -43.73 -29.70 -0.76
C GLY I 168 -43.08 -29.85 0.59
N ARG I 169 -42.94 -31.10 1.04
CA ARG I 169 -42.51 -31.38 2.40
C ARG I 169 -41.00 -31.32 2.62
N ASP I 170 -40.22 -31.62 1.58
CA ASP I 170 -38.77 -31.64 1.74
C ASP I 170 -38.20 -30.24 1.93
N LEU I 171 -38.56 -29.32 1.04
CA LEU I 171 -38.15 -27.93 1.18
C LEU I 171 -38.69 -27.33 2.48
N TYR I 172 -39.88 -27.75 2.87
CA TYR I 172 -40.46 -27.36 4.16
C TYR I 172 -39.55 -27.80 5.30
N ASN I 173 -39.06 -29.04 5.23
CA ASN I 173 -38.19 -29.57 6.27
C ASN I 173 -36.84 -28.85 6.38
N LYS I 174 -36.29 -28.44 5.22
CA LYS I 174 -34.94 -27.87 5.18
C LYS I 174 -34.86 -26.39 5.54
N PHE I 175 -35.93 -25.64 5.27
CA PHE I 175 -35.89 -24.20 5.43
C PHE I 175 -36.83 -23.65 6.50
N PHE I 176 -37.92 -24.38 6.77
CA PHE I 176 -38.96 -23.85 7.65
C PHE I 176 -39.17 -24.57 8.99
N ARG I 177 -39.17 -25.90 8.97
CA ARG I 177 -39.52 -26.65 10.18
C ARG I 177 -38.55 -26.42 11.34
N GLY I 178 -37.26 -26.65 11.11
CA GLY I 178 -36.25 -26.50 12.13
C GLY I 178 -36.16 -25.06 12.63
N TYR I 179 -36.18 -24.12 11.68
CA TYR I 179 -36.12 -22.72 12.03
C TYR I 179 -37.29 -22.32 12.91
N THR I 180 -38.50 -22.68 12.48
CA THR I 180 -39.71 -22.30 13.20
C THR I 180 -39.72 -22.85 14.63
N ARG I 181 -39.37 -24.12 14.77
CA ARG I 181 -39.35 -24.75 16.09
C ARG I 181 -38.38 -24.08 17.03
N LYS I 182 -37.29 -23.55 16.48
CA LYS I 182 -36.26 -22.89 17.27
C LYS I 182 -36.72 -21.49 17.68
N GLN I 183 -37.38 -20.79 16.77
CA GLN I 183 -37.83 -19.43 17.03
C GLN I 183 -39.03 -19.37 17.99
N TRP I 184 -39.95 -20.31 17.84
CA TRP I 184 -41.22 -20.24 18.56
C TRP I 184 -41.39 -21.28 19.66
N GLY I 185 -40.51 -22.27 19.68
CA GLY I 185 -40.69 -23.40 20.58
C GLY I 185 -41.99 -24.11 20.24
N LEU I 186 -42.40 -23.96 18.99
CA LEU I 186 -43.65 -24.51 18.49
C LEU I 186 -43.42 -25.05 17.09
N ASP I 187 -43.96 -26.23 16.82
CA ASP I 187 -43.97 -26.75 15.46
C ASP I 187 -44.84 -25.83 14.62
N PRO I 188 -44.56 -25.74 13.31
CA PRO I 188 -45.38 -24.90 12.42
C PRO I 188 -46.85 -25.33 12.39
N SER I 189 -47.13 -26.60 12.64
CA SER I 189 -48.52 -27.06 12.70
C SER I 189 -49.26 -26.38 13.84
N GLU I 190 -48.50 -25.96 14.86
CA GLU I 190 -49.09 -25.34 16.05
C GLU I 190 -49.24 -23.82 15.90
N LEU I 191 -48.86 -23.28 14.75
CA LEU I 191 -48.93 -21.84 14.51
C LEU I 191 -49.84 -21.48 13.36
N ASP I 192 -50.44 -20.29 13.44
CA ASP I 192 -51.29 -19.80 12.37
C ASP I 192 -50.49 -19.59 11.08
N ALA I 193 -51.16 -19.79 9.94
CA ALA I 193 -50.53 -19.66 8.64
C ALA I 193 -49.91 -18.27 8.42
N SER I 194 -50.39 -17.27 9.16
CA SER I 194 -49.90 -15.91 9.00
C SER I 194 -48.41 -15.78 9.30
N VAL I 195 -47.88 -16.70 10.11
CA VAL I 195 -46.48 -16.62 10.51
C VAL I 195 -45.52 -16.94 9.37
N THR I 196 -45.55 -18.18 8.89
CA THR I 196 -44.63 -18.58 7.82
C THR I 196 -45.03 -17.98 6.47
N ALA I 197 -46.26 -17.48 6.38
CA ALA I 197 -46.70 -16.79 5.17
C ALA I 197 -45.96 -15.45 5.03
N ARG I 198 -45.22 -15.07 6.05
CA ARG I 198 -44.45 -13.83 6.02
C ARG I 198 -43.33 -13.87 4.98
N VAL I 199 -42.74 -15.05 4.79
CA VAL I 199 -41.77 -15.23 3.72
C VAL I 199 -42.33 -16.17 2.66
N PRO I 200 -42.91 -15.59 1.60
CA PRO I 200 -43.54 -16.28 0.48
C PRO I 200 -42.50 -16.87 -0.45
N THR I 201 -42.83 -17.99 -1.08
CA THR I 201 -41.91 -18.63 -2.01
C THR I 201 -42.08 -18.05 -3.41
N ARG I 202 -40.99 -18.02 -4.17
CA ARG I 202 -41.00 -17.46 -5.52
C ARG I 202 -40.57 -18.43 -6.59
N THR I 203 -41.03 -18.20 -7.81
CA THR I 203 -40.60 -18.98 -8.96
C THR I 203 -39.57 -18.22 -9.80
N ASN I 204 -39.37 -16.94 -9.48
CA ASN I 204 -38.37 -16.13 -10.19
C ASN I 204 -37.01 -16.17 -9.51
N ARG I 205 -36.17 -15.19 -9.79
CA ARG I 205 -34.81 -15.16 -9.24
C ARG I 205 -34.56 -13.93 -8.38
N ASP I 206 -35.63 -13.34 -7.86
CA ASP I 206 -35.51 -12.23 -6.92
C ASP I 206 -34.95 -12.74 -5.60
N ASN I 207 -33.86 -12.14 -5.13
CA ASN I 207 -33.24 -12.60 -3.89
C ASN I 207 -33.26 -11.59 -2.74
N ARG I 208 -34.04 -10.51 -2.88
CA ARG I 208 -34.23 -9.59 -1.76
C ARG I 208 -35.25 -10.19 -0.79
N TYR I 209 -35.10 -9.88 0.48
CA TYR I 209 -35.99 -10.40 1.50
C TYR I 209 -37.36 -9.73 1.39
N PHE I 210 -37.36 -8.50 0.90
CA PHE I 210 -38.60 -7.74 0.69
C PHE I 210 -38.72 -7.31 -0.75
N ALA I 211 -39.93 -7.35 -1.29
CA ALA I 211 -40.17 -6.82 -2.63
C ALA I 211 -40.87 -5.46 -2.55
N ASP I 212 -40.82 -4.85 -1.37
CA ASP I 212 -41.49 -3.57 -1.13
C ASP I 212 -41.02 -2.46 -2.05
N THR I 213 -41.93 -1.55 -2.38
CA THR I 213 -41.63 -0.41 -3.23
C THR I 213 -40.56 0.48 -2.60
N TYR I 214 -40.72 0.77 -1.32
CA TYR I 214 -39.79 1.65 -0.61
C TYR I 214 -38.91 0.89 0.38
N GLN I 215 -37.63 0.77 0.06
CA GLN I 215 -36.68 0.12 0.97
C GLN I 215 -35.45 0.99 1.17
N ALA I 216 -35.32 1.53 2.38
CA ALA I 216 -34.20 2.38 2.72
C ALA I 216 -34.00 2.43 4.22
N MET I 217 -32.78 2.69 4.65
CA MET I 217 -32.49 2.87 6.06
C MET I 217 -32.36 4.36 6.35
N PRO I 218 -32.74 4.77 7.56
CA PRO I 218 -32.53 6.16 8.01
C PRO I 218 -31.05 6.47 7.97
N LEU I 219 -30.67 7.48 7.20
CA LEU I 219 -29.27 7.78 6.93
C LEU I 219 -28.38 7.75 8.18
N HIS I 220 -28.82 8.43 9.23
CA HIS I 220 -27.99 8.56 10.43
C HIS I 220 -28.50 7.72 11.60
N GLY I 221 -29.41 6.78 11.32
CA GLY I 221 -29.93 5.90 12.34
C GLY I 221 -31.32 6.26 12.83
N TYR I 222 -31.98 5.31 13.47
CA TYR I 222 -33.33 5.51 13.97
C TYR I 222 -33.38 6.53 15.09
N THR I 223 -32.50 6.38 16.08
CA THR I 223 -32.49 7.26 17.22
C THR I 223 -32.46 8.72 16.77
N ARG I 224 -31.69 9.00 15.73
CA ARG I 224 -31.61 10.34 15.17
C ARG I 224 -32.98 10.77 14.65
N MET I 225 -33.64 9.86 13.96
CA MET I 225 -34.95 10.13 13.39
C MET I 225 -35.99 10.37 14.49
N PHE I 226 -36.01 9.48 15.47
CA PHE I 226 -36.90 9.64 16.62
C PHE I 226 -36.68 10.96 17.34
N GLN I 227 -35.42 11.35 17.50
CA GLN I 227 -35.11 12.62 18.15
C GLN I 227 -35.82 13.75 17.44
N ASN I 228 -35.93 13.64 16.12
CA ASN I 228 -36.61 14.66 15.33
C ASN I 228 -38.12 14.64 15.50
N MET I 229 -38.68 13.44 15.69
CA MET I 229 -40.13 13.32 15.89
C MET I 229 -40.56 13.92 17.22
N LEU I 230 -39.64 13.93 18.18
CA LEU I 230 -39.98 14.32 19.54
C LEU I 230 -39.48 15.72 19.88
N SER I 231 -38.96 16.44 18.90
CA SER I 231 -38.32 17.72 19.14
C SER I 231 -39.30 18.84 19.54
N SER I 232 -40.54 18.74 19.08
CA SER I 232 -41.59 19.70 19.44
C SER I 232 -41.52 20.10 20.92
N PRO I 233 -41.77 21.39 21.19
CA PRO I 233 -41.81 21.93 22.56
C PRO I 233 -43.08 21.50 23.28
N ASN I 234 -44.03 20.91 22.55
CA ASN I 234 -45.23 20.38 23.17
C ASN I 234 -45.04 18.92 23.58
N ILE I 235 -43.81 18.45 23.46
CA ILE I 235 -43.49 17.07 23.82
C ILE I 235 -42.44 16.98 24.93
N LYS I 236 -42.89 16.55 26.11
CA LYS I 236 -41.99 16.28 27.23
C LYS I 236 -41.69 14.79 27.28
N VAL I 237 -40.41 14.45 27.39
CA VAL I 237 -39.98 13.06 27.41
C VAL I 237 -39.53 12.63 28.80
N MET I 238 -40.10 11.52 29.28
CA MET I 238 -39.71 10.97 30.57
C MET I 238 -39.22 9.54 30.40
N LEU I 239 -37.98 9.29 30.79
CA LEU I 239 -37.37 7.98 30.62
C LEU I 239 -37.08 7.31 31.96
N ASN I 240 -36.83 6.01 31.91
CA ASN I 240 -36.52 5.21 33.09
C ASN I 240 -37.71 5.22 34.05
N THR I 241 -38.91 5.33 33.48
CA THR I 241 -40.12 5.57 34.24
C THR I 241 -41.27 4.67 33.82
N ASP I 242 -41.71 3.79 34.72
CA ASP I 242 -42.93 3.02 34.48
C ASP I 242 -44.11 3.96 34.59
N TYR I 243 -45.05 3.88 33.64
CA TYR I 243 -46.17 4.81 33.64
C TYR I 243 -46.93 4.79 34.95
N ARG I 244 -47.02 3.63 35.59
CA ARG I 244 -47.73 3.50 36.86
C ARG I 244 -47.07 4.30 37.99
N GLU I 245 -45.82 4.70 37.80
CA GLU I 245 -45.07 5.45 38.80
C GLU I 245 -45.49 6.92 38.89
N ILE I 246 -46.01 7.48 37.80
CA ILE I 246 -46.35 8.90 37.79
C ILE I 246 -47.82 9.17 37.46
N ALA I 247 -48.56 8.10 37.17
CA ALA I 247 -49.95 8.23 36.75
C ALA I 247 -50.85 8.84 37.83
N ASP I 248 -50.44 8.69 39.09
CA ASP I 248 -51.25 9.14 40.22
C ASP I 248 -51.18 10.64 40.48
N PHE I 249 -50.08 11.28 40.10
CA PHE I 249 -49.94 12.70 40.39
C PHE I 249 -49.59 13.60 39.20
N ILE I 250 -49.71 13.06 37.98
CA ILE I 250 -49.60 13.88 36.79
C ILE I 250 -50.95 13.96 36.07
N PRO I 251 -51.46 15.18 35.88
CA PRO I 251 -52.75 15.43 35.24
C PRO I 251 -52.73 15.22 33.73
N PHE I 252 -53.53 14.28 33.24
CA PHE I 252 -53.69 14.08 31.80
C PHE I 252 -55.14 13.75 31.43
N GLN I 253 -55.53 14.09 30.20
CA GLN I 253 -56.89 13.84 29.74
C GLN I 253 -57.09 12.46 29.15
N HIS I 254 -56.15 12.04 28.31
CA HIS I 254 -56.28 10.78 27.62
C HIS I 254 -54.94 10.06 27.60
N MET I 255 -54.98 8.74 27.71
CA MET I 255 -53.75 7.96 27.72
C MET I 255 -53.64 7.08 26.48
N ILE I 256 -52.47 7.11 25.86
CA ILE I 256 -52.16 6.21 24.76
C ILE I 256 -51.15 5.18 25.22
N TYR I 257 -51.59 3.93 25.30
CA TYR I 257 -50.77 2.84 25.83
C TYR I 257 -50.25 1.94 24.72
N THR I 258 -48.93 1.71 24.71
CA THR I 258 -48.33 0.87 23.68
C THR I 258 -47.52 -0.31 24.23
N GLY I 259 -47.77 -0.66 25.49
CA GLY I 259 -47.13 -1.83 26.08
C GLY I 259 -47.95 -3.10 25.87
N PRO I 260 -47.54 -4.21 26.50
CA PRO I 260 -48.27 -5.48 26.43
C PRO I 260 -49.67 -5.34 27.04
N VAL I 261 -50.68 -5.96 26.44
CA VAL I 261 -52.06 -5.77 26.89
C VAL I 261 -52.33 -6.47 28.22
N ASP I 262 -51.75 -7.66 28.39
CA ASP I 262 -52.04 -8.43 29.60
C ASP I 262 -51.50 -7.75 30.85
N ALA I 263 -50.33 -7.11 30.71
CA ALA I 263 -49.72 -6.42 31.84
C ALA I 263 -50.57 -5.22 32.27
N PHE I 264 -51.17 -4.54 31.29
CA PHE I 264 -51.98 -3.37 31.58
C PHE I 264 -53.17 -3.70 32.49
N PHE I 265 -53.71 -4.91 32.34
CA PHE I 265 -54.83 -5.35 33.17
C PHE I 265 -54.39 -6.33 34.25
N ASP I 266 -53.12 -6.25 34.62
CA ASP I 266 -52.60 -7.01 35.77
C ASP I 266 -52.70 -8.52 35.59
N PHE I 267 -52.56 -8.98 34.35
CA PHE I 267 -52.59 -10.41 34.03
C PHE I 267 -53.83 -11.10 34.61
N CYS I 268 -54.97 -10.43 34.53
CA CYS I 268 -56.19 -10.93 35.19
C CYS I 268 -56.80 -12.20 34.54
N TYR I 269 -56.56 -12.41 33.25
CA TYR I 269 -57.03 -13.62 32.58
C TYR I 269 -55.89 -14.60 32.35
N GLY I 270 -54.73 -14.30 32.92
CA GLY I 270 -53.53 -15.09 32.70
C GLY I 270 -52.56 -14.40 31.75
N LYS I 271 -51.33 -14.88 31.74
CA LYS I 271 -50.31 -14.31 30.87
C LYS I 271 -50.61 -14.54 29.40
N LEU I 272 -50.60 -13.46 28.62
CA LEU I 272 -50.60 -13.57 27.16
C LEU I 272 -49.21 -13.98 26.72
N PRO I 273 -49.10 -15.09 25.97
CA PRO I 273 -47.76 -15.50 25.54
C PRO I 273 -47.10 -14.46 24.63
N TYR I 274 -45.89 -14.05 25.00
CA TYR I 274 -45.05 -13.25 24.13
C TYR I 274 -43.71 -13.96 24.01
N ARG I 275 -43.22 -14.10 22.79
CA ARG I 275 -41.90 -14.67 22.57
C ARG I 275 -40.85 -13.61 22.84
N SER I 276 -39.73 -14.02 23.40
CA SER I 276 -38.65 -13.09 23.71
C SER I 276 -37.39 -13.48 22.95
N LEU I 277 -36.32 -12.71 23.15
CA LEU I 277 -35.07 -12.96 22.46
C LEU I 277 -33.88 -12.60 23.33
N GLU I 278 -32.77 -13.28 23.10
CA GLU I 278 -31.51 -12.90 23.75
C GLU I 278 -30.50 -12.55 22.66
N PHE I 279 -29.78 -11.46 22.88
CA PHE I 279 -28.84 -10.97 21.88
C PHE I 279 -27.40 -11.04 22.38
N ARG I 280 -26.56 -11.78 21.66
CA ARG I 280 -25.13 -11.74 21.92
C ARG I 280 -24.43 -10.90 20.84
N HIS I 281 -23.93 -9.73 21.25
CA HIS I 281 -23.22 -8.85 20.33
C HIS I 281 -21.73 -9.13 20.35
N GLU I 282 -21.08 -9.03 19.19
CA GLU I 282 -19.65 -9.25 19.08
C GLU I 282 -19.00 -8.26 18.13
N THR I 283 -17.74 -7.94 18.39
CA THR I 283 -16.95 -7.15 17.46
C THR I 283 -15.74 -7.97 17.00
N HIS I 284 -15.40 -7.86 15.72
CA HIS I 284 -14.27 -8.60 15.16
C HIS I 284 -13.27 -7.66 14.46
N ASP I 285 -11.99 -7.97 14.57
CA ASP I 285 -10.93 -7.13 13.99
C ASP I 285 -10.81 -7.31 12.49
N THR I 286 -11.93 -7.27 11.78
CA THR I 286 -11.92 -7.38 10.33
C THR I 286 -12.96 -6.43 9.75
N GLU I 287 -13.03 -6.32 8.43
CA GLU I 287 -13.96 -5.38 7.83
C GLU I 287 -15.29 -6.02 7.46
N GLN I 288 -15.26 -7.33 7.27
CA GLN I 288 -16.45 -8.04 6.87
C GLN I 288 -16.41 -9.50 7.29
N LEU I 289 -17.50 -9.93 7.93
CA LEU I 289 -17.57 -11.27 8.48
C LEU I 289 -18.58 -12.13 7.73
N LEU I 290 -19.60 -11.47 7.17
CA LEU I 290 -20.67 -12.17 6.45
C LEU I 290 -20.79 -11.66 5.02
N PRO I 291 -21.27 -12.52 4.11
CA PRO I 291 -21.51 -12.17 2.71
C PRO I 291 -22.69 -11.21 2.57
N THR I 292 -23.68 -11.33 3.47
CA THR I 292 -24.84 -10.46 3.43
C THR I 292 -25.19 -9.93 4.82
N GLY I 293 -26.27 -9.14 4.88
CA GLY I 293 -26.72 -8.58 6.14
C GLY I 293 -27.00 -9.65 7.17
N THR I 294 -27.66 -10.72 6.75
CA THR I 294 -28.10 -11.75 7.67
C THR I 294 -27.90 -13.15 7.12
N VAL I 295 -27.58 -14.09 8.01
CA VAL I 295 -27.52 -15.50 7.65
C VAL I 295 -28.42 -16.28 8.62
N ASN I 296 -29.37 -17.05 8.06
CA ASN I 296 -30.29 -17.83 8.87
C ASN I 296 -29.78 -19.25 9.08
N TYR I 297 -29.99 -19.79 10.27
CA TYR I 297 -29.57 -21.15 10.54
C TYR I 297 -30.76 -22.05 10.88
N PRO I 298 -31.48 -22.51 9.85
CA PRO I 298 -32.67 -23.34 10.08
C PRO I 298 -32.33 -24.62 10.85
N ASN I 299 -31.15 -25.17 10.63
CA ASN I 299 -30.88 -26.53 11.10
C ASN I 299 -29.64 -26.75 11.96
N ASP I 300 -28.95 -25.66 12.32
CA ASP I 300 -27.75 -25.78 13.15
C ASP I 300 -27.71 -24.69 14.22
N TYR I 301 -27.04 -25.00 15.32
CA TYR I 301 -26.79 -24.03 16.38
C TYR I 301 -28.02 -23.64 17.18
N ALA I 302 -27.77 -22.95 18.29
CA ALA I 302 -28.82 -22.46 19.16
C ALA I 302 -29.41 -21.16 18.63
N TYR I 303 -28.56 -20.31 18.04
CA TYR I 303 -29.05 -19.07 17.48
C TYR I 303 -29.83 -19.30 16.18
N THR I 304 -30.77 -18.41 15.88
CA THR I 304 -31.57 -18.52 14.67
C THR I 304 -30.86 -17.85 13.50
N ARG I 305 -30.06 -16.84 13.81
CA ARG I 305 -29.38 -16.08 12.77
C ARG I 305 -28.29 -15.17 13.32
N VAL I 306 -27.46 -14.66 12.40
CA VAL I 306 -26.45 -13.67 12.71
C VAL I 306 -26.62 -12.52 11.74
N SER I 307 -26.33 -11.30 12.18
CA SER I 307 -26.43 -10.16 11.30
C SER I 307 -25.21 -9.25 11.48
N GLU I 308 -24.76 -8.64 10.38
CA GLU I 308 -23.64 -7.72 10.43
C GLU I 308 -24.17 -6.32 10.08
N PHE I 309 -24.10 -5.41 11.04
CA PHE I 309 -24.75 -4.11 10.90
C PHE I 309 -24.18 -3.20 9.82
N LYS I 310 -22.89 -3.35 9.51
CA LYS I 310 -22.29 -2.51 8.48
C LYS I 310 -23.02 -2.68 7.14
N HIS I 311 -23.47 -3.91 6.86
CA HIS I 311 -24.25 -4.19 5.65
C HIS I 311 -25.52 -3.35 5.58
N ILE I 312 -26.12 -3.12 6.74
CA ILE I 312 -27.43 -2.47 6.82
C ILE I 312 -27.30 -0.95 6.87
N THR I 313 -26.33 -0.47 7.65
CA THR I 313 -26.13 0.96 7.82
C THR I 313 -25.25 1.53 6.71
N GLY I 314 -24.36 0.70 6.19
CA GLY I 314 -23.39 1.15 5.19
C GLY I 314 -22.25 1.93 5.81
N GLN I 315 -22.09 1.81 7.13
CA GLN I 315 -21.03 2.50 7.82
C GLN I 315 -19.65 1.98 7.39
N ARG I 316 -18.69 2.88 7.31
CA ARG I 316 -17.31 2.50 7.05
C ARG I 316 -16.55 2.42 8.37
N HIS I 317 -15.72 1.38 8.51
CA HIS I 317 -15.05 1.12 9.76
C HIS I 317 -14.03 0.01 9.54
N HIS I 318 -12.97 0.01 10.34
CA HIS I 318 -11.92 -1.00 10.21
C HIS I 318 -12.28 -2.27 10.95
N GLN I 319 -13.28 -2.20 11.83
CA GLN I 319 -13.79 -3.38 12.51
C GLN I 319 -15.25 -3.59 12.16
N THR I 320 -15.83 -4.67 12.66
CA THR I 320 -17.21 -5.01 12.33
C THR I 320 -17.94 -5.62 13.52
N SER I 321 -19.19 -5.23 13.70
CA SER I 321 -20.01 -5.75 14.79
C SER I 321 -21.18 -6.56 14.29
N VAL I 322 -21.44 -7.68 14.97
CA VAL I 322 -22.52 -8.59 14.60
C VAL I 322 -23.34 -8.95 15.82
N VAL I 323 -24.54 -9.48 15.60
CA VAL I 323 -25.37 -9.95 16.71
C VAL I 323 -25.98 -11.32 16.43
N TYR I 324 -25.86 -12.22 17.40
CA TYR I 324 -26.53 -13.52 17.33
C TYR I 324 -27.83 -13.49 18.14
N GLU I 325 -28.91 -14.00 17.56
CA GLU I 325 -30.21 -14.02 18.24
C GLU I 325 -30.57 -15.40 18.79
N TYR I 326 -30.88 -15.44 20.09
CA TYR I 326 -31.32 -16.67 20.75
C TYR I 326 -32.74 -16.49 21.25
N PRO I 327 -33.67 -17.32 20.74
CA PRO I 327 -35.07 -17.28 21.16
C PRO I 327 -35.24 -17.63 22.63
N ARG I 328 -36.18 -16.98 23.31
CA ARG I 328 -36.40 -17.19 24.73
C ARG I 328 -37.88 -17.27 25.07
N ALA I 329 -38.21 -18.09 26.07
CA ALA I 329 -39.57 -18.18 26.58
C ALA I 329 -39.85 -17.02 27.53
N GLU I 330 -38.86 -16.69 28.36
CA GLU I 330 -38.97 -15.58 29.30
C GLU I 330 -38.20 -14.34 28.81
N GLY I 331 -38.67 -13.16 29.23
CA GLY I 331 -38.00 -11.92 28.87
C GLY I 331 -38.95 -10.86 28.33
N ASP I 332 -38.40 -9.72 27.93
CA ASP I 332 -39.21 -8.64 27.37
C ASP I 332 -40.00 -9.12 26.17
N PRO I 333 -41.29 -8.76 26.09
CA PRO I 333 -42.15 -9.17 24.98
C PRO I 333 -41.66 -8.60 23.66
N TYR I 334 -41.35 -9.48 22.69
CA TYR I 334 -40.98 -9.02 21.36
C TYR I 334 -42.01 -9.45 20.32
N TYR I 335 -42.41 -10.73 20.38
CA TYR I 335 -43.35 -11.29 19.41
C TYR I 335 -44.64 -11.75 20.06
N PRO I 336 -45.78 -11.30 19.51
CA PRO I 336 -47.04 -11.98 19.81
C PRO I 336 -46.97 -13.39 19.22
N VAL I 337 -47.66 -14.36 19.82
CA VAL I 337 -47.63 -15.72 19.31
C VAL I 337 -48.95 -16.14 18.68
N PRO I 338 -49.12 -15.88 17.39
CA PRO I 338 -50.38 -16.12 16.66
C PRO I 338 -50.77 -17.60 16.58
N ARG I 339 -51.74 -18.00 17.39
CA ARG I 339 -52.35 -19.32 17.32
C ARG I 339 -53.77 -19.24 17.90
N PRO I 340 -54.64 -20.20 17.56
CA PRO I 340 -56.05 -20.13 17.99
C PRO I 340 -56.24 -19.84 19.47
N GLU I 341 -55.54 -20.56 20.34
CA GLU I 341 -55.72 -20.38 21.78
C GLU I 341 -55.27 -19.01 22.28
N ASN I 342 -54.17 -18.50 21.73
CA ASN I 342 -53.71 -17.17 22.11
C ASN I 342 -54.64 -16.06 21.61
N ALA I 343 -55.18 -16.24 20.41
CA ALA I 343 -56.18 -15.31 19.88
C ALA I 343 -57.37 -15.27 20.82
N GLU I 344 -57.75 -16.45 21.32
CA GLU I 344 -58.86 -16.59 22.25
C GLU I 344 -58.60 -15.79 23.51
N LEU I 345 -57.44 -16.03 24.13
CA LEU I 345 -57.05 -15.31 25.33
C LEU I 345 -57.01 -13.80 25.04
N TYR I 346 -56.45 -13.43 23.89
CA TYR I 346 -56.35 -12.00 23.57
C TYR I 346 -57.70 -11.32 23.45
N LYS I 347 -58.69 -12.06 22.94
CA LYS I 347 -60.02 -11.51 22.74
C LYS I 347 -60.61 -11.01 24.06
N LYS I 348 -60.30 -11.72 25.15
CA LYS I 348 -60.74 -11.36 26.48
C LYS I 348 -60.18 -10.00 26.88
N TYR I 349 -58.87 -9.84 26.72
CA TYR I 349 -58.21 -8.60 27.08
C TYR I 349 -58.69 -7.48 26.17
N GLU I 350 -58.97 -7.82 24.91
CA GLU I 350 -59.39 -6.84 23.93
C GLU I 350 -60.71 -6.20 24.33
N ALA I 351 -61.58 -6.97 24.97
CA ALA I 351 -62.85 -6.46 25.48
C ALA I 351 -62.63 -5.43 26.59
N LEU I 352 -61.72 -5.74 27.52
CA LEU I 352 -61.39 -4.81 28.59
C LEU I 352 -60.80 -3.53 28.03
N ALA I 353 -60.01 -3.66 26.97
CA ALA I 353 -59.37 -2.51 26.33
C ALA I 353 -60.41 -1.58 25.74
N ASP I 354 -61.29 -2.14 24.91
CA ASP I 354 -62.37 -1.37 24.31
C ASP I 354 -63.20 -0.66 25.38
N ALA I 355 -63.35 -1.32 26.53
CA ALA I 355 -64.11 -0.75 27.64
C ALA I 355 -63.39 0.38 28.36
N ALA I 356 -62.06 0.36 28.34
CA ALA I 356 -61.26 1.41 28.98
C ALA I 356 -61.65 2.77 28.43
N GLN I 357 -62.22 3.61 29.30
CA GLN I 357 -62.80 4.88 28.86
C GLN I 357 -61.80 5.78 28.12
N ASP I 358 -60.80 6.26 28.86
CA ASP I 358 -59.86 7.23 28.30
C ASP I 358 -58.48 6.66 28.04
N VAL I 359 -58.45 5.44 27.49
CA VAL I 359 -57.20 4.81 27.09
C VAL I 359 -57.32 4.32 25.66
N THR I 360 -56.30 4.58 24.86
CA THR I 360 -56.27 4.07 23.49
C THR I 360 -55.09 3.14 23.31
N PHE I 361 -55.34 1.98 22.72
CA PHE I 361 -54.29 1.00 22.51
C PHE I 361 -53.80 0.98 21.07
N VAL I 362 -52.48 1.16 20.91
CA VAL I 362 -51.87 1.14 19.60
C VAL I 362 -50.47 0.53 19.68
N GLY I 363 -50.11 -0.27 18.69
CA GLY I 363 -48.78 -0.85 18.62
C GLY I 363 -48.78 -2.35 18.54
N ARG I 364 -47.61 -2.93 18.25
CA ARG I 364 -47.45 -4.36 18.12
C ARG I 364 -47.82 -5.11 19.40
N LEU I 365 -47.43 -4.56 20.55
CA LEU I 365 -47.65 -5.24 21.83
C LEU I 365 -49.06 -5.03 22.38
N ALA I 366 -49.56 -3.81 22.25
CA ALA I 366 -50.83 -3.42 22.85
C ALA I 366 -52.01 -4.07 22.16
N THR I 367 -51.89 -4.28 20.85
CA THR I 367 -52.97 -4.90 20.07
C THR I 367 -52.62 -6.34 19.67
N TYR I 368 -51.47 -6.82 20.14
CA TYR I 368 -51.07 -8.21 19.95
C TYR I 368 -51.02 -8.57 18.46
N ARG I 369 -50.40 -7.71 17.66
CA ARG I 369 -50.29 -7.94 16.22
C ARG I 369 -48.82 -8.03 15.77
N TYR I 370 -48.51 -9.08 15.01
CA TYR I 370 -47.17 -9.29 14.46
C TYR I 370 -46.88 -8.23 13.39
N TYR I 371 -46.56 -7.02 13.82
CA TYR I 371 -46.41 -5.87 12.92
C TYR I 371 -44.98 -5.46 12.61
N ASN I 372 -44.75 -5.05 11.37
CA ASN I 372 -43.51 -4.41 10.98
C ASN I 372 -43.57 -2.92 11.30
N MET I 373 -42.41 -2.27 11.34
CA MET I 373 -42.34 -0.85 11.67
C MET I 373 -43.35 -0.03 10.88
N ASP I 374 -43.36 -0.18 9.55
CA ASP I 374 -44.22 0.63 8.70
C ASP I 374 -45.70 0.43 9.00
N GLN I 375 -46.08 -0.81 9.32
CA GLN I 375 -47.44 -1.13 9.70
C GLN I 375 -47.82 -0.45 11.00
N VAL I 376 -46.91 -0.45 11.96
CA VAL I 376 -47.16 0.24 13.21
C VAL I 376 -47.35 1.73 12.95
N VAL I 377 -46.50 2.30 12.11
CA VAL I 377 -46.59 3.71 11.77
C VAL I 377 -47.94 4.05 11.14
N ALA I 378 -48.41 3.16 10.29
CA ALA I 378 -49.69 3.35 9.63
C ALA I 378 -50.81 3.29 10.66
N GLN I 379 -50.71 2.31 11.56
CA GLN I 379 -51.72 2.14 12.60
C GLN I 379 -51.81 3.41 13.44
N ALA I 380 -50.66 3.97 13.77
CA ALA I 380 -50.61 5.18 14.60
C ALA I 380 -51.16 6.40 13.86
N LEU I 381 -50.82 6.54 12.59
CA LEU I 381 -51.37 7.61 11.78
C LEU I 381 -52.89 7.49 11.71
N ALA I 382 -53.39 6.27 11.54
CA ALA I 382 -54.82 6.05 11.48
C ALA I 382 -55.50 6.43 12.79
N THR I 383 -54.85 6.07 13.91
CA THR I 383 -55.40 6.37 15.22
C THR I 383 -55.45 7.87 15.47
N PHE I 384 -54.40 8.59 15.07
CA PHE I 384 -54.38 10.04 15.20
C PHE I 384 -55.56 10.66 14.45
N ARG I 385 -55.99 10.01 13.39
CA ARG I 385 -57.09 10.52 12.58
C ARG I 385 -58.46 10.39 13.27
N ARG I 386 -58.70 9.27 13.97
CA ARG I 386 -59.94 9.13 14.74
C ARG I 386 -59.97 10.23 15.78
N LEU I 387 -58.98 10.21 16.66
CA LEU I 387 -58.83 11.22 17.70
C LEU I 387 -59.02 12.63 17.17
N GLN I 388 -58.68 12.84 15.91
CA GLN I 388 -58.72 14.18 15.32
C GLN I 388 -60.08 14.51 14.71
N GLY I 389 -60.87 13.49 14.42
CA GLY I 389 -62.23 13.69 13.95
C GLY I 389 -62.55 13.13 12.57
N GLN I 390 -61.52 12.71 11.84
CA GLN I 390 -61.73 12.14 10.50
C GLN I 390 -62.21 10.71 10.58
N GLY J 29 8.73 -42.19 49.52
CA GLY J 29 8.28 -41.49 48.32
C GLY J 29 9.36 -40.68 47.64
N PHE J 30 9.62 -39.48 48.17
CA PHE J 30 10.56 -38.57 47.54
C PHE J 30 11.73 -38.18 48.45
N ASP J 31 12.88 -37.95 47.84
CA ASP J 31 14.05 -37.45 48.56
C ASP J 31 13.84 -35.99 48.96
N TYR J 32 13.13 -35.25 48.11
CA TYR J 32 12.93 -33.82 48.32
C TYR J 32 11.50 -33.37 48.02
N LEU J 33 10.98 -32.50 48.87
CA LEU J 33 9.75 -31.78 48.57
C LEU J 33 10.08 -30.31 48.44
N ILE J 34 9.91 -29.77 47.25
CA ILE J 34 10.27 -28.37 47.01
C ILE J 34 9.00 -27.55 46.92
N VAL J 35 8.94 -26.50 47.73
CA VAL J 35 7.74 -25.67 47.80
C VAL J 35 7.93 -24.34 47.07
N GLY J 36 7.25 -24.21 45.94
CA GLY J 36 7.39 -23.05 45.09
C GLY J 36 8.13 -23.42 43.82
N ALA J 37 7.50 -23.15 42.67
CA ALA J 37 8.09 -23.52 41.38
C ALA J 37 8.62 -22.30 40.61
N GLY J 38 9.10 -21.30 41.34
CA GLY J 38 9.76 -20.16 40.71
C GLY J 38 11.21 -20.49 40.44
N PHE J 39 12.03 -19.47 40.24
CA PHE J 39 13.45 -19.69 40.01
C PHE J 39 14.08 -20.50 41.14
N ALA J 40 13.80 -20.11 42.38
CA ALA J 40 14.38 -20.76 43.54
C ALA J 40 14.17 -22.28 43.50
N GLY J 41 12.91 -22.69 43.52
CA GLY J 41 12.57 -24.10 43.53
C GLY J 41 12.96 -24.86 42.28
N SER J 42 12.83 -24.22 41.12
CA SER J 42 13.10 -24.89 39.85
C SER J 42 14.58 -25.16 39.61
N VAL J 43 15.43 -24.19 39.95
CA VAL J 43 16.86 -24.39 39.80
C VAL J 43 17.35 -25.53 40.70
N LEU J 44 16.81 -25.60 41.91
CA LEU J 44 17.14 -26.69 42.82
C LEU J 44 16.47 -28.00 42.40
N ALA J 45 15.25 -27.92 41.90
CA ALA J 45 14.57 -29.11 41.43
C ALA J 45 15.36 -29.76 40.30
N GLU J 46 15.88 -28.94 39.40
CA GLU J 46 16.67 -29.42 38.28
C GLU J 46 18.03 -29.97 38.73
N ARG J 47 18.71 -29.21 39.58
CA ARG J 47 20.04 -29.59 40.05
C ARG J 47 20.03 -30.89 40.84
N LEU J 48 19.10 -31.00 41.79
CA LEU J 48 18.94 -32.22 42.59
C LEU J 48 18.55 -33.42 41.74
N ALA J 49 17.67 -33.20 40.77
CA ALA J 49 17.20 -34.29 39.92
C ALA J 49 18.28 -34.80 38.98
N SER J 50 19.16 -33.90 38.56
CA SER J 50 20.26 -34.28 37.68
C SER J 50 21.28 -35.11 38.45
N SER J 51 21.31 -34.95 39.77
CA SER J 51 22.18 -35.76 40.62
C SER J 51 21.45 -36.97 41.20
N GLY J 52 20.32 -37.32 40.59
CA GLY J 52 19.65 -38.57 40.89
C GLY J 52 18.64 -38.57 42.01
N GLN J 53 18.27 -37.39 42.49
CA GLN J 53 17.28 -37.29 43.56
C GLN J 53 15.86 -37.34 43.03
N ARG J 54 14.98 -38.01 43.76
CA ARG J 54 13.55 -38.02 43.46
C ARG J 54 12.94 -36.72 43.98
N VAL J 55 12.55 -35.84 43.08
CA VAL J 55 12.01 -34.54 43.48
C VAL J 55 10.52 -34.41 43.22
N LEU J 56 9.80 -33.89 44.21
CA LEU J 56 8.41 -33.52 44.04
C LEU J 56 8.30 -32.03 44.30
N ILE J 57 8.02 -31.26 43.26
CA ILE J 57 7.90 -29.82 43.41
C ILE J 57 6.43 -29.43 43.44
N VAL J 58 6.10 -28.51 44.34
CA VAL J 58 4.71 -28.15 44.57
C VAL J 58 4.54 -26.63 44.58
N ASP J 59 3.44 -26.17 44.00
CA ASP J 59 3.13 -24.74 43.99
C ASP J 59 1.62 -24.58 44.06
N ARG J 60 1.18 -23.57 44.79
CA ARG J 60 -0.24 -23.35 44.99
C ARG J 60 -0.92 -22.76 43.74
N ARG J 61 -0.12 -22.13 42.89
CA ARG J 61 -0.63 -21.61 41.63
C ARG J 61 -0.86 -22.75 40.65
N PRO J 62 -1.65 -22.49 39.60
CA PRO J 62 -1.94 -23.50 38.58
C PRO J 62 -0.89 -23.55 37.47
N HIS J 63 0.29 -22.97 37.72
CA HIS J 63 1.34 -22.93 36.71
C HIS J 63 2.71 -22.85 37.36
N ILE J 64 3.75 -23.17 36.60
CA ILE J 64 5.12 -23.09 37.10
C ILE J 64 5.70 -21.71 36.84
N GLY J 65 6.92 -21.47 37.33
CA GLY J 65 7.65 -20.25 37.03
C GLY J 65 7.47 -19.09 38.00
N GLY J 66 6.49 -19.20 38.89
CA GLY J 66 6.21 -18.15 39.85
C GLY J 66 6.03 -16.79 39.20
N ASN J 67 6.54 -15.75 39.84
CA ASN J 67 6.47 -14.39 39.33
C ASN J 67 6.82 -14.28 37.85
N ALA J 68 7.82 -15.07 37.42
CA ALA J 68 8.40 -14.92 36.09
C ALA J 68 7.67 -15.72 35.02
N TYR J 69 6.52 -16.29 35.38
CA TYR J 69 5.71 -17.04 34.43
C TYR J 69 5.22 -16.11 33.32
N ASP J 70 5.26 -16.60 32.08
CA ASP J 70 4.64 -15.84 30.99
C ASP J 70 3.68 -16.70 30.17
N CYS J 71 2.89 -16.05 29.32
CA CYS J 71 1.87 -16.77 28.57
C CYS J 71 1.28 -15.88 27.48
N TYR J 72 0.44 -16.48 26.64
CA TYR J 72 -0.24 -15.75 25.59
C TYR J 72 -1.65 -15.39 26.07
N ASP J 73 -2.04 -14.14 25.85
CA ASP J 73 -3.36 -13.69 26.28
C ASP J 73 -4.40 -13.94 25.19
N ASP J 74 -5.60 -13.39 25.40
CA ASP J 74 -6.72 -13.65 24.52
C ASP J 74 -6.46 -13.16 23.10
N ALA J 75 -5.48 -12.27 22.95
CA ALA J 75 -5.19 -11.65 21.66
C ALA J 75 -3.98 -12.27 20.96
N GLY J 76 -3.34 -13.23 21.62
CA GLY J 76 -2.19 -13.89 21.04
C GLY J 76 -0.89 -13.13 21.22
N VAL J 77 -0.86 -12.25 22.22
CA VAL J 77 0.34 -11.51 22.55
C VAL J 77 1.00 -12.16 23.76
N LEU J 78 2.32 -12.33 23.72
CA LEU J 78 3.04 -12.91 24.85
C LEU J 78 3.21 -11.87 25.96
N ILE J 79 2.69 -12.16 27.14
CA ILE J 79 2.74 -11.21 28.26
C ILE J 79 3.27 -11.85 29.52
N HIS J 80 3.59 -11.02 30.52
CA HIS J 80 3.90 -11.51 31.85
C HIS J 80 2.80 -11.07 32.82
N PRO J 81 1.99 -12.02 33.31
CA PRO J 81 0.84 -11.69 34.16
C PRO J 81 1.21 -11.08 35.52
N TYR J 82 2.50 -11.00 35.82
CA TYR J 82 2.95 -10.44 37.09
C TYR J 82 3.94 -9.29 36.91
N GLY J 83 3.79 -8.53 35.83
CA GLY J 83 4.67 -7.41 35.58
C GLY J 83 5.91 -7.79 34.78
N PRO J 84 6.54 -6.80 34.14
CA PRO J 84 7.68 -7.02 33.23
C PRO J 84 8.89 -7.62 33.93
N HIS J 85 9.31 -8.80 33.48
CA HIS J 85 10.54 -9.43 33.98
C HIS J 85 11.65 -9.36 32.93
N ILE J 86 12.64 -8.52 33.18
CA ILE J 86 13.74 -8.33 32.25
C ILE J 86 15.01 -8.98 32.80
N PHE J 87 15.58 -9.91 32.05
CA PHE J 87 16.75 -10.63 32.55
C PHE J 87 18.07 -9.88 32.32
N HIS J 88 18.90 -9.86 33.36
CA HIS J 88 20.18 -9.17 33.31
C HIS J 88 21.09 -9.76 34.38
N THR J 89 22.38 -9.85 34.06
CA THR J 89 23.35 -10.39 35.00
C THR J 89 24.78 -10.09 34.59
N ASN J 90 25.66 -10.05 35.58
CA ASN J 90 27.10 -9.94 35.32
C ASN J 90 27.76 -11.29 35.52
N SER J 91 27.01 -12.24 36.07
CA SER J 91 27.56 -13.56 36.32
C SER J 91 27.60 -14.43 35.06
N LYS J 92 28.80 -14.65 34.55
CA LYS J 92 28.98 -15.53 33.42
C LYS J 92 28.46 -16.94 33.73
N ASP J 93 28.58 -17.36 34.99
CA ASP J 93 28.13 -18.69 35.40
C ASP J 93 26.60 -18.83 35.36
N VAL J 94 25.90 -17.81 35.82
CA VAL J 94 24.44 -17.82 35.82
C VAL J 94 23.89 -17.80 34.40
N PHE J 95 24.47 -16.95 33.56
CA PHE J 95 23.98 -16.84 32.19
C PHE J 95 24.15 -18.15 31.43
N GLU J 96 25.24 -18.87 31.72
CA GLU J 96 25.51 -20.13 31.05
C GLU J 96 24.66 -21.30 31.57
N TYR J 97 24.35 -21.28 32.87
CA TYR J 97 23.48 -22.28 33.43
C TYR J 97 22.11 -22.17 32.77
N LEU J 98 21.60 -20.95 32.67
CA LEU J 98 20.30 -20.73 32.03
C LEU J 98 20.35 -21.05 30.53
N SER J 99 21.51 -20.87 29.92
CA SER J 99 21.67 -21.15 28.49
C SER J 99 21.38 -22.61 28.15
N ARG J 100 21.35 -23.47 29.16
CA ARG J 100 21.09 -24.88 28.94
C ARG J 100 19.62 -25.16 28.68
N PHE J 101 18.75 -24.19 28.96
CA PHE J 101 17.31 -24.41 28.89
C PHE J 101 16.58 -23.45 27.96
N THR J 102 17.33 -22.59 27.29
CA THR J 102 16.71 -21.57 26.44
C THR J 102 17.73 -20.91 25.54
N GLU J 103 17.27 -20.42 24.40
CA GLU J 103 18.07 -19.52 23.58
C GLU J 103 17.76 -18.11 24.01
N TRP J 104 18.47 -17.14 23.45
CA TRP J 104 18.32 -15.77 23.90
C TRP J 104 18.00 -14.78 22.79
N ARG J 105 17.19 -13.80 23.14
CA ARG J 105 16.98 -12.63 22.31
C ARG J 105 17.68 -11.47 23.00
N PRO J 106 18.74 -10.92 22.37
CA PRO J 106 19.44 -9.79 22.98
C PRO J 106 18.47 -8.65 23.25
N TYR J 107 18.59 -8.01 24.42
CA TYR J 107 17.71 -6.91 24.75
C TYR J 107 18.28 -6.06 25.87
N GLN J 108 18.44 -4.77 25.60
CA GLN J 108 18.89 -3.82 26.61
C GLN J 108 17.75 -2.88 26.95
N HIS J 109 17.11 -3.15 28.08
CA HIS J 109 15.92 -2.43 28.53
C HIS J 109 16.18 -0.94 28.70
N ARG J 110 15.24 -0.13 28.25
CA ARG J 110 15.32 1.32 28.43
C ARG J 110 14.03 1.89 29.00
N VAL J 111 14.14 2.44 30.21
CA VAL J 111 13.00 3.02 30.90
C VAL J 111 13.02 4.54 30.78
N LEU J 112 11.83 5.13 30.60
CA LEU J 112 11.66 6.58 30.54
C LEU J 112 10.80 7.04 31.71
N ALA J 113 11.10 8.21 32.25
CA ALA J 113 10.33 8.73 33.38
C ALA J 113 9.51 9.94 32.97
N SER J 114 8.24 9.94 33.33
CA SER J 114 7.37 11.09 33.03
C SER J 114 7.54 12.17 34.08
N VAL J 115 8.22 13.25 33.70
CA VAL J 115 8.50 14.34 34.63
C VAL J 115 8.33 15.68 33.89
N ASP J 116 7.67 16.63 34.54
CA ASP J 116 7.45 17.94 33.94
C ASP J 116 6.96 17.85 32.51
N GLY J 117 6.08 16.91 32.23
CA GLY J 117 5.54 16.75 30.89
C GLY J 117 6.58 16.34 29.85
N GLN J 118 7.62 15.67 30.27
CA GLN J 118 8.60 15.12 29.34
C GLN J 118 8.87 13.67 29.70
N LEU J 119 9.33 12.91 28.72
CA LEU J 119 9.78 11.55 28.96
C LEU J 119 11.30 11.57 28.98
N LEU J 120 11.85 11.63 30.18
CA LEU J 120 13.29 11.74 30.38
C LEU J 120 13.87 10.40 30.80
N PRO J 121 15.14 10.15 30.48
CA PRO J 121 15.83 8.91 30.84
C PRO J 121 15.95 8.72 32.35
N ILE J 122 15.71 7.50 32.81
CA ILE J 122 16.04 7.11 34.18
C ILE J 122 16.76 5.75 34.06
N PRO J 123 17.89 5.58 34.76
CA PRO J 123 18.57 6.44 35.73
C PRO J 123 18.87 7.84 35.20
N ILE J 124 19.08 8.77 36.11
CA ILE J 124 19.42 10.14 35.74
C ILE J 124 20.80 10.17 35.11
N ASN J 125 20.90 10.77 33.92
CA ASN J 125 22.19 10.94 33.24
C ASN J 125 22.40 12.36 32.75
N LEU J 126 23.41 12.57 31.92
CA LEU J 126 23.72 13.89 31.38
C LEU J 126 22.51 14.45 30.61
N ASP J 127 21.83 13.57 29.88
CA ASP J 127 20.72 14.00 29.02
C ASP J 127 19.48 14.37 29.82
N THR J 128 19.24 13.66 30.91
CA THR J 128 18.15 13.98 31.83
C THR J 128 18.31 15.39 32.38
N VAL J 129 19.51 15.70 32.86
CA VAL J 129 19.76 17.01 33.44
C VAL J 129 19.64 18.12 32.41
N ASN J 130 20.32 17.96 31.27
CA ASN J 130 20.32 18.99 30.24
C ASN J 130 18.92 19.27 29.73
N ARG J 131 18.17 18.20 29.48
CA ARG J 131 16.84 18.32 28.90
C ARG J 131 15.84 18.90 29.88
N LEU J 132 16.01 18.59 31.15
CA LEU J 132 15.08 19.02 32.19
C LEU J 132 15.20 20.51 32.51
N TYR J 133 16.43 21.03 32.50
CA TYR J 133 16.67 22.43 32.86
C TYR J 133 17.06 23.29 31.65
N GLY J 134 17.15 22.68 30.48
CA GLY J 134 17.57 23.39 29.29
C GLY J 134 19.03 23.77 29.34
N LEU J 135 19.83 22.91 29.97
CA LEU J 135 21.27 23.15 30.08
C LEU J 135 22.01 22.50 28.91
N ASN J 136 23.31 22.77 28.85
CA ASN J 136 24.18 22.16 27.86
C ASN J 136 25.45 21.64 28.47
N LEU J 137 25.34 21.10 29.68
CA LEU J 137 26.49 20.60 30.40
C LEU J 137 27.20 19.48 29.66
N THR J 138 28.51 19.40 29.82
CA THR J 138 29.27 18.25 29.35
C THR J 138 29.40 17.27 30.51
N SER J 139 29.79 16.04 30.23
CA SER J 139 29.89 15.02 31.27
C SER J 139 30.77 15.48 32.44
N PHE J 140 31.84 16.20 32.11
CA PHE J 140 32.75 16.68 33.16
C PHE J 140 32.07 17.78 33.97
N GLN J 141 31.29 18.62 33.30
CA GLN J 141 30.58 19.71 33.94
C GLN J 141 29.44 19.23 34.85
N VAL J 142 28.65 18.26 34.38
CA VAL J 142 27.51 17.78 35.15
C VAL J 142 27.98 17.15 36.46
N GLU J 143 29.21 16.66 36.46
CA GLU J 143 29.81 16.10 37.65
C GLU J 143 30.00 17.19 38.69
N GLU J 144 30.48 18.35 38.23
CA GLU J 144 30.59 19.52 39.09
C GLU J 144 29.21 19.97 39.56
N PHE J 145 28.27 20.07 38.62
CA PHE J 145 26.91 20.48 38.92
C PHE J 145 26.30 19.62 40.04
N PHE J 146 26.39 18.31 39.91
CA PHE J 146 25.91 17.41 40.96
C PHE J 146 26.54 17.75 42.31
N ALA J 147 27.86 17.97 42.31
CA ALA J 147 28.56 18.27 43.55
C ALA J 147 28.07 19.58 44.15
N SER J 148 27.69 20.52 43.28
CA SER J 148 27.24 21.83 43.72
C SER J 148 25.85 21.82 44.36
N VAL J 149 25.06 20.79 44.05
CA VAL J 149 23.70 20.72 44.59
C VAL J 149 23.53 19.54 45.55
N ALA J 150 24.55 18.71 45.66
CA ALA J 150 24.50 17.57 46.56
C ALA J 150 24.41 18.02 48.02
N GLU J 151 23.72 17.24 48.83
CA GLU J 151 23.58 17.54 50.23
C GLU J 151 24.48 16.61 50.99
N LYS J 152 25.28 17.15 51.90
CA LYS J 152 26.24 16.34 52.63
C LYS J 152 25.62 15.57 53.73
N VAL J 153 26.01 14.31 53.79
CA VAL J 153 25.39 13.45 54.80
C VAL J 153 26.55 12.82 55.60
N GLU J 154 26.45 13.03 56.89
CA GLU J 154 27.34 12.43 57.85
C GLU J 154 27.37 11.01 57.45
N GLN J 155 26.41 10.17 57.71
CA GLN J 155 26.41 8.70 57.32
C GLN J 155 25.29 8.32 56.47
N VAL J 156 25.43 7.65 55.36
CA VAL J 156 24.33 7.33 54.44
C VAL J 156 23.67 6.07 54.90
N ARG J 157 22.39 6.16 55.28
CA ARG J 157 21.69 5.00 55.82
C ARG J 157 20.32 4.78 55.18
N THR J 158 19.74 5.84 54.64
CA THR J 158 18.37 5.76 54.12
C THR J 158 18.28 6.02 52.63
N SER J 159 17.12 5.71 52.04
CA SER J 159 16.90 5.83 50.61
C SER J 159 16.87 7.28 50.17
N GLU J 160 16.53 8.18 51.08
CA GLU J 160 16.63 9.60 50.81
C GLU J 160 18.10 10.00 50.75
N ASP J 161 18.88 9.47 51.69
CA ASP J 161 20.31 9.79 51.79
C ASP J 161 21.09 9.44 50.52
N VAL J 162 20.96 8.20 50.06
CA VAL J 162 21.67 7.75 48.87
C VAL J 162 21.41 8.63 47.66
N VAL J 163 20.21 9.20 47.56
CA VAL J 163 19.86 9.98 46.38
C VAL J 163 20.23 11.45 46.54
N VAL J 164 19.82 12.01 47.66
CA VAL J 164 20.04 13.41 47.96
C VAL J 164 21.53 13.77 47.97
N SER J 165 22.37 12.85 48.45
CA SER J 165 23.81 13.10 48.53
C SER J 165 24.54 13.02 47.18
N LYS J 166 23.89 12.46 46.15
CA LYS J 166 24.48 12.42 44.83
C LYS J 166 23.96 13.56 43.95
N VAL J 167 22.64 13.64 43.82
CA VAL J 167 22.02 14.55 42.85
C VAL J 167 21.27 15.74 43.45
N GLY J 168 21.15 15.78 44.78
CA GLY J 168 20.56 16.92 45.44
C GLY J 168 19.07 16.83 45.70
N ARG J 169 18.51 17.89 46.26
CA ARG J 169 17.13 17.90 46.72
C ARG J 169 16.12 17.91 45.58
N ASP J 170 16.29 18.80 44.62
CA ASP J 170 15.34 18.91 43.51
C ASP J 170 15.18 17.63 42.71
N LEU J 171 16.31 17.09 42.23
CA LEU J 171 16.28 15.89 41.41
C LEU J 171 15.70 14.71 42.19
N TYR J 172 15.99 14.64 43.48
CA TYR J 172 15.39 13.66 44.37
C TYR J 172 13.86 13.82 44.37
N ASN J 173 13.39 15.06 44.53
CA ASN J 173 11.95 15.32 44.60
C ASN J 173 11.21 14.96 43.32
N LYS J 174 11.86 15.20 42.19
CA LYS J 174 11.23 14.99 40.89
C LYS J 174 11.17 13.53 40.46
N PHE J 175 12.17 12.74 40.82
CA PHE J 175 12.30 11.39 40.28
C PHE J 175 12.09 10.27 41.29
N PHE J 176 12.37 10.52 42.57
CA PHE J 176 12.45 9.43 43.54
C PHE J 176 11.42 9.48 44.68
N ARG J 177 11.13 10.67 45.19
CA ARG J 177 10.24 10.77 46.36
C ARG J 177 8.83 10.33 46.05
N GLY J 178 8.23 10.93 45.03
CA GLY J 178 6.88 10.59 44.62
C GLY J 178 6.75 9.10 44.28
N TYR J 179 7.67 8.60 43.47
CA TYR J 179 7.63 7.22 43.02
C TYR J 179 7.78 6.25 44.19
N THR J 180 8.82 6.46 45.00
CA THR J 180 9.10 5.59 46.14
C THR J 180 7.93 5.60 47.13
N ARG J 181 7.41 6.78 47.40
CA ARG J 181 6.30 6.93 48.33
C ARG J 181 5.08 6.15 47.84
N LYS J 182 4.82 6.24 46.55
CA LYS J 182 3.71 5.54 45.93
C LYS J 182 3.92 4.02 45.96
N GLN J 183 5.12 3.59 45.58
CA GLN J 183 5.45 2.18 45.49
C GLN J 183 5.40 1.46 46.84
N TRP J 184 5.95 2.09 47.87
CA TRP J 184 6.12 1.44 49.17
C TRP J 184 5.11 1.89 50.23
N GLY J 185 4.61 3.10 50.11
CA GLY J 185 3.74 3.67 51.12
C GLY J 185 4.57 4.25 52.26
N LEU J 186 5.86 4.43 52.00
CA LEU J 186 6.80 4.96 52.98
C LEU J 186 7.60 6.10 52.34
N ASP J 187 8.05 7.05 53.16
CA ASP J 187 8.98 8.06 52.68
C ASP J 187 10.35 7.38 52.54
N PRO J 188 11.14 7.81 51.54
CA PRO J 188 12.46 7.24 51.30
C PRO J 188 13.34 7.25 52.56
N SER J 189 13.16 8.26 53.41
CA SER J 189 13.89 8.33 54.67
C SER J 189 13.54 7.16 55.57
N GLU J 190 12.41 6.50 55.28
CA GLU J 190 11.96 5.36 56.09
C GLU J 190 12.37 4.02 55.50
N LEU J 191 13.17 4.05 54.43
CA LEU J 191 13.64 2.83 53.78
C LEU J 191 15.17 2.76 53.77
N ASP J 192 15.69 1.53 53.85
CA ASP J 192 17.12 1.31 53.80
C ASP J 192 17.72 1.87 52.51
N ALA J 193 18.93 2.43 52.61
CA ALA J 193 19.57 3.05 51.45
C ALA J 193 19.60 2.14 50.23
N SER J 194 19.56 0.83 50.46
CA SER J 194 19.66 -0.16 49.39
C SER J 194 18.54 -0.09 48.35
N VAL J 195 17.33 0.27 48.78
CA VAL J 195 16.19 0.33 47.86
C VAL J 195 16.40 1.29 46.69
N THR J 196 16.59 2.57 46.99
CA THR J 196 16.84 3.55 45.92
C THR J 196 18.26 3.42 45.34
N ALA J 197 19.12 2.71 46.05
CA ALA J 197 20.49 2.50 45.58
C ALA J 197 20.50 1.63 44.33
N ARG J 198 19.38 0.95 44.08
CA ARG J 198 19.25 0.08 42.91
C ARG J 198 19.34 0.86 41.60
N VAL J 199 18.81 2.08 41.61
CA VAL J 199 18.83 2.94 40.43
C VAL J 199 19.90 4.01 40.57
N PRO J 200 21.13 3.67 40.15
CA PRO J 200 22.30 4.53 40.33
C PRO J 200 22.18 5.77 39.47
N THR J 201 22.97 6.79 39.77
CA THR J 201 22.97 8.00 38.97
C THR J 201 24.23 8.02 38.12
N ARG J 202 24.12 8.59 36.92
CA ARG J 202 25.23 8.60 35.98
C ARG J 202 25.60 10.01 35.55
N THR J 203 26.84 10.18 35.13
CA THR J 203 27.27 11.46 34.55
C THR J 203 27.51 11.31 33.04
N ASN J 204 27.34 10.11 32.52
CA ASN J 204 27.51 9.87 31.10
C ASN J 204 26.15 9.92 30.38
N ARG J 205 26.09 9.38 29.17
CA ARG J 205 24.85 9.46 28.39
C ARG J 205 24.22 8.09 28.18
N ASP J 206 24.67 7.12 28.97
CA ASP J 206 24.10 5.78 28.95
C ASP J 206 22.63 5.82 29.38
N ASN J 207 21.72 5.42 28.49
CA ASN J 207 20.30 5.43 28.80
C ASN J 207 19.71 4.05 29.09
N ARG J 208 20.57 3.05 29.27
CA ARG J 208 20.10 1.70 29.61
C ARG J 208 19.69 1.64 31.08
N TYR J 209 18.71 0.81 31.40
CA TYR J 209 18.32 0.62 32.78
C TYR J 209 19.33 -0.23 33.51
N PHE J 210 20.00 -1.11 32.77
CA PHE J 210 21.01 -1.99 33.35
C PHE J 210 22.31 -1.87 32.56
N ALA J 211 23.44 -1.88 33.29
CA ALA J 211 24.74 -1.83 32.64
C ALA J 211 25.42 -3.19 32.70
N ASP J 212 24.64 -4.22 33.05
CA ASP J 212 25.16 -5.59 33.16
C ASP J 212 25.87 -6.05 31.90
N THR J 213 26.56 -7.17 32.00
CA THR J 213 27.30 -7.73 30.87
C THR J 213 26.39 -8.58 29.98
N TYR J 214 25.47 -9.31 30.60
CA TYR J 214 24.58 -10.20 29.87
C TYR J 214 23.12 -9.77 29.97
N GLN J 215 22.62 -9.19 28.89
CA GLN J 215 21.23 -8.75 28.86
C GLN J 215 20.51 -9.36 27.66
N ALA J 216 19.55 -10.24 27.94
CA ALA J 216 18.79 -10.92 26.90
C ALA J 216 17.56 -11.60 27.50
N MET J 217 16.53 -11.79 26.68
CA MET J 217 15.31 -12.47 27.11
C MET J 217 15.29 -13.91 26.61
N PRO J 218 14.67 -14.82 27.38
CA PRO J 218 14.47 -16.18 26.88
C PRO J 218 13.73 -16.12 25.55
N LEU J 219 14.35 -16.66 24.49
CA LEU J 219 13.83 -16.51 23.14
C LEU J 219 12.33 -16.81 23.01
N HIS J 220 11.87 -17.85 23.70
CA HIS J 220 10.46 -18.21 23.65
C HIS J 220 9.77 -18.00 25.00
N GLY J 221 10.30 -17.08 25.81
CA GLY J 221 9.68 -16.73 27.07
C GLY J 221 10.13 -17.59 28.23
N TYR J 222 9.67 -17.25 29.43
CA TYR J 222 10.13 -17.90 30.65
C TYR J 222 9.54 -19.29 30.85
N THR J 223 8.24 -19.41 30.60
CA THR J 223 7.56 -20.68 30.80
C THR J 223 8.21 -21.81 30.01
N ARG J 224 8.62 -21.51 28.78
CA ARG J 224 9.30 -22.50 27.95
C ARG J 224 10.62 -22.91 28.59
N MET J 225 11.37 -21.93 29.08
CA MET J 225 12.63 -22.19 29.75
C MET J 225 12.41 -23.06 31.00
N PHE J 226 11.38 -22.73 31.78
CA PHE J 226 11.05 -23.51 32.97
C PHE J 226 10.67 -24.94 32.64
N GLN J 227 9.94 -25.14 31.55
CA GLN J 227 9.52 -26.48 31.19
C GLN J 227 10.72 -27.36 30.89
N ASN J 228 11.73 -26.79 30.24
CA ASN J 228 12.97 -27.51 30.02
C ASN J 228 13.71 -27.81 31.34
N MET J 229 13.61 -26.88 32.29
CA MET J 229 14.23 -27.07 33.59
C MET J 229 13.62 -28.22 34.40
N LEU J 230 12.31 -28.41 34.29
CA LEU J 230 11.63 -29.42 35.10
C LEU J 230 11.29 -30.67 34.30
N SER J 231 12.04 -30.91 33.23
CA SER J 231 11.69 -31.98 32.29
C SER J 231 12.23 -33.37 32.68
N SER J 232 13.10 -33.41 33.68
CA SER J 232 13.70 -34.66 34.15
C SER J 232 12.65 -35.66 34.66
N PRO J 233 12.85 -36.95 34.36
CA PRO J 233 12.01 -38.04 34.87
C PRO J 233 11.97 -38.10 36.39
N ASN J 234 12.96 -37.51 37.06
CA ASN J 234 13.01 -37.53 38.51
C ASN J 234 12.17 -36.43 39.17
N ILE J 235 11.60 -35.56 38.35
CA ILE J 235 10.80 -34.45 38.88
C ILE J 235 9.32 -34.63 38.63
N LYS J 236 8.54 -34.61 39.71
CA LYS J 236 7.09 -34.63 39.59
C LYS J 236 6.61 -33.20 39.84
N VAL J 237 5.60 -32.76 39.10
CA VAL J 237 5.07 -31.43 39.29
C VAL J 237 3.63 -31.46 39.74
N MET J 238 3.36 -30.77 40.84
CA MET J 238 2.02 -30.76 41.42
C MET J 238 1.56 -29.32 41.55
N LEU J 239 0.44 -29.00 40.89
CA LEU J 239 -0.04 -27.63 40.83
C LEU J 239 -1.42 -27.46 41.46
N ASN J 240 -1.76 -26.20 41.73
CA ASN J 240 -2.99 -25.87 42.45
C ASN J 240 -3.00 -26.49 43.84
N THR J 241 -1.82 -26.65 44.42
CA THR J 241 -1.63 -27.35 45.69
C THR J 241 -0.79 -26.56 46.68
N ASP J 242 -1.36 -26.26 47.84
CA ASP J 242 -0.56 -25.72 48.94
C ASP J 242 0.17 -26.87 49.64
N TYR J 243 1.45 -26.70 49.92
CA TYR J 243 2.26 -27.77 50.50
C TYR J 243 1.64 -28.36 51.77
N ARG J 244 0.92 -27.52 52.51
CA ARG J 244 0.30 -27.96 53.75
C ARG J 244 -0.84 -28.94 53.51
N GLU J 245 -1.28 -29.06 52.27
CA GLU J 245 -2.40 -29.95 51.94
C GLU J 245 -1.94 -31.38 51.71
N ILE J 246 -0.64 -31.59 51.52
CA ILE J 246 -0.12 -32.92 51.22
C ILE J 246 0.94 -33.38 52.21
N ALA J 247 1.56 -32.44 52.91
CA ALA J 247 2.72 -32.75 53.74
C ALA J 247 2.44 -33.80 54.81
N ASP J 248 1.17 -34.04 55.10
CA ASP J 248 0.80 -35.06 56.08
C ASP J 248 1.01 -36.48 55.57
N PHE J 249 0.62 -36.73 54.32
CA PHE J 249 0.56 -38.10 53.81
C PHE J 249 1.51 -38.40 52.65
N ILE J 250 2.39 -37.46 52.32
CA ILE J 250 3.39 -37.72 51.29
C ILE J 250 4.80 -37.70 51.85
N PRO J 251 5.49 -38.85 51.80
CA PRO J 251 6.82 -39.05 52.38
C PRO J 251 7.91 -38.25 51.67
N PHE J 252 8.74 -37.57 52.44
CA PHE J 252 9.90 -36.87 51.90
C PHE J 252 11.01 -36.74 52.93
N GLN J 253 12.26 -36.85 52.48
CA GLN J 253 13.41 -36.79 53.38
C GLN J 253 13.72 -35.35 53.79
N HIS J 254 13.60 -34.43 52.84
CA HIS J 254 13.96 -33.03 53.09
C HIS J 254 13.03 -32.09 52.32
N MET J 255 12.83 -30.89 52.86
CA MET J 255 11.98 -29.89 52.21
C MET J 255 12.76 -28.62 51.90
N ILE J 256 12.66 -28.15 50.67
CA ILE J 256 13.12 -26.82 50.33
C ILE J 256 11.90 -25.89 50.26
N TYR J 257 11.93 -24.82 51.05
CA TYR J 257 10.81 -23.88 51.10
C TYR J 257 11.18 -22.54 50.46
N THR J 258 10.36 -22.09 49.53
CA THR J 258 10.62 -20.81 48.85
C THR J 258 9.50 -19.78 49.05
N GLY J 259 8.54 -20.08 49.91
CA GLY J 259 7.47 -19.15 50.21
C GLY J 259 7.89 -18.12 51.23
N PRO J 260 6.95 -17.26 51.67
CA PRO J 260 7.21 -16.23 52.68
C PRO J 260 7.47 -16.86 54.06
N VAL J 261 8.43 -16.35 54.81
CA VAL J 261 8.86 -17.01 56.05
C VAL J 261 7.82 -16.93 57.16
N ASP J 262 7.29 -15.74 57.43
CA ASP J 262 6.35 -15.58 58.53
C ASP J 262 5.18 -16.56 58.42
N ALA J 263 4.71 -16.81 57.20
CA ALA J 263 3.62 -17.75 56.98
C ALA J 263 4.03 -19.17 57.34
N PHE J 264 5.31 -19.49 57.17
CA PHE J 264 5.78 -20.83 57.42
C PHE J 264 5.73 -21.17 58.90
N PHE J 265 6.15 -20.22 59.72
CA PHE J 265 6.16 -20.37 61.17
C PHE J 265 4.90 -19.79 61.80
N ASP J 266 3.81 -19.84 61.03
CA ASP J 266 2.47 -19.49 61.51
C ASP J 266 2.32 -18.09 62.10
N PHE J 267 3.26 -17.20 61.79
CA PHE J 267 3.19 -15.81 62.20
C PHE J 267 3.38 -15.64 63.70
N CYS J 268 4.18 -16.52 64.29
CA CYS J 268 4.36 -16.56 65.74
C CYS J 268 4.98 -15.28 66.32
N TYR J 269 5.62 -14.49 65.47
CA TYR J 269 6.23 -13.24 65.90
C TYR J 269 5.52 -12.02 65.33
N GLY J 270 4.36 -12.25 64.74
CA GLY J 270 3.64 -11.19 64.06
C GLY J 270 3.85 -11.28 62.57
N LYS J 271 3.23 -10.37 61.83
CA LYS J 271 3.27 -10.40 60.38
C LYS J 271 4.47 -9.63 59.82
N LEU J 272 5.35 -10.33 59.12
CA LEU J 272 6.50 -9.72 58.47
C LEU J 272 5.97 -8.95 57.27
N PRO J 273 6.29 -7.65 57.17
CA PRO J 273 5.78 -6.81 56.08
C PRO J 273 6.27 -7.23 54.69
N TYR J 274 5.29 -7.55 53.82
CA TYR J 274 5.56 -7.80 52.40
C TYR J 274 4.71 -6.84 51.58
N ARG J 275 5.26 -6.35 50.48
CA ARG J 275 4.52 -5.43 49.62
C ARG J 275 3.92 -6.17 48.43
N SER J 276 2.70 -5.82 48.07
CA SER J 276 2.00 -6.48 46.97
C SER J 276 1.72 -5.53 45.80
N LEU J 277 1.19 -6.08 44.71
CA LEU J 277 0.87 -5.30 43.53
C LEU J 277 -0.45 -5.79 42.94
N GLU J 278 -1.11 -4.90 42.21
CA GLU J 278 -2.26 -5.27 41.40
C GLU J 278 -1.95 -4.91 39.95
N PHE J 279 -2.31 -5.81 39.03
CA PHE J 279 -2.01 -5.58 37.62
C PHE J 279 -3.26 -5.40 36.79
N ARG J 280 -3.29 -4.34 36.00
CA ARG J 280 -4.36 -4.17 35.02
C ARG J 280 -3.78 -4.29 33.61
N HIS J 281 -4.19 -5.34 32.93
CA HIS J 281 -3.73 -5.60 31.57
C HIS J 281 -4.70 -5.03 30.56
N GLU J 282 -4.16 -4.46 29.49
CA GLU J 282 -4.97 -3.91 28.41
C GLU J 282 -4.43 -4.35 27.05
N THR J 283 -5.33 -4.49 26.09
CA THR J 283 -4.93 -4.73 24.70
C THR J 283 -5.45 -3.59 23.84
N HIS J 284 -4.60 -3.08 22.96
CA HIS J 284 -4.98 -1.98 22.07
C HIS J 284 -4.82 -2.38 20.61
N ASP J 285 -5.77 -1.99 19.76
CA ASP J 285 -5.63 -2.25 18.34
C ASP J 285 -4.74 -1.21 17.70
N THR J 286 -3.45 -1.31 18.01
CA THR J 286 -2.41 -0.49 17.40
C THR J 286 -1.10 -1.26 17.56
N GLU J 287 -0.08 -0.87 16.79
CA GLU J 287 1.17 -1.64 16.81
C GLU J 287 2.05 -1.32 18.02
N GLN J 288 2.18 -0.03 18.34
CA GLN J 288 3.09 0.42 19.39
C GLN J 288 2.49 1.54 20.20
N LEU J 289 2.32 1.32 21.50
CA LEU J 289 1.68 2.31 22.37
C LEU J 289 2.70 3.21 23.06
N LEU J 290 3.81 2.62 23.51
CA LEU J 290 4.84 3.35 24.23
C LEU J 290 6.12 3.48 23.40
N PRO J 291 6.94 4.50 23.69
CA PRO J 291 8.22 4.75 22.98
C PRO J 291 9.31 3.77 23.38
N THR J 292 9.22 3.20 24.58
CA THR J 292 10.16 2.18 25.04
C THR J 292 9.43 1.11 25.85
N GLY J 293 10.20 0.20 26.45
CA GLY J 293 9.62 -0.90 27.21
C GLY J 293 8.78 -0.47 28.39
N THR J 294 9.19 0.61 29.07
CA THR J 294 8.50 1.03 30.30
C THR J 294 8.54 2.52 30.52
N VAL J 295 7.39 3.09 30.89
CA VAL J 295 7.32 4.48 31.33
C VAL J 295 6.96 4.57 32.80
N ASN J 296 7.75 5.34 33.55
CA ASN J 296 7.54 5.52 34.98
C ASN J 296 6.79 6.81 35.30
N TYR J 297 5.98 6.78 36.36
CA TYR J 297 5.19 7.96 36.76
C TYR J 297 5.39 8.31 38.23
N PRO J 298 6.54 8.94 38.55
CA PRO J 298 6.85 9.31 39.93
C PRO J 298 5.89 10.34 40.51
N ASN J 299 5.20 11.10 39.67
CA ASN J 299 4.46 12.25 40.16
C ASN J 299 3.00 12.39 39.68
N ASP J 300 2.52 11.43 38.90
CA ASP J 300 1.16 11.46 38.36
C ASP J 300 0.50 10.08 38.48
N TYR J 301 -0.84 10.05 38.51
CA TYR J 301 -1.59 8.80 38.47
C TYR J 301 -1.49 7.89 39.72
N ALA J 302 -2.31 6.84 39.74
CA ALA J 302 -2.37 5.91 40.86
C ALA J 302 -1.34 4.81 40.71
N TYR J 303 -1.05 4.45 39.47
CA TYR J 303 -0.10 3.38 39.18
C TYR J 303 1.32 3.94 39.06
N THR J 304 2.30 3.05 39.21
CA THR J 304 3.70 3.46 39.22
C THR J 304 4.30 3.53 37.83
N ARG J 305 3.83 2.64 36.94
CA ARG J 305 4.42 2.53 35.61
C ARG J 305 3.58 1.71 34.64
N VAL J 306 3.90 1.85 33.36
CA VAL J 306 3.29 1.08 32.28
C VAL J 306 4.37 0.36 31.50
N SER J 307 4.09 -0.88 31.12
CA SER J 307 5.03 -1.62 30.29
C SER J 307 4.32 -2.19 29.06
N GLU J 308 5.04 -2.24 27.94
CA GLU J 308 4.52 -2.83 26.72
C GLU J 308 5.37 -4.04 26.39
N PHE J 309 4.75 -5.22 26.39
CA PHE J 309 5.50 -6.46 26.32
C PHE J 309 6.20 -6.73 24.98
N LYS J 310 5.66 -6.19 23.90
CA LYS J 310 6.27 -6.39 22.58
C LYS J 310 7.69 -5.82 22.50
N HIS J 311 7.94 -4.73 23.21
CA HIS J 311 9.29 -4.16 23.27
C HIS J 311 10.25 -5.17 23.87
N ILE J 312 9.77 -5.85 24.90
CA ILE J 312 10.56 -6.80 25.70
C ILE J 312 10.78 -8.13 24.98
N THR J 313 9.72 -8.67 24.38
CA THR J 313 9.79 -9.99 23.77
C THR J 313 10.30 -9.91 22.34
N GLY J 314 9.90 -8.87 21.62
CA GLY J 314 10.25 -8.71 20.22
C GLY J 314 9.22 -9.36 19.33
N GLN J 315 8.11 -9.78 19.91
CA GLN J 315 7.02 -10.39 19.16
C GLN J 315 6.46 -9.41 18.13
N ARG J 316 6.13 -9.94 16.96
CA ARG J 316 5.46 -9.15 15.95
C ARG J 316 3.96 -9.44 15.99
N HIS J 317 3.16 -8.39 15.98
CA HIS J 317 1.73 -8.52 16.18
C HIS J 317 1.03 -7.26 15.72
N HIS J 318 -0.20 -7.38 15.24
CA HIS J 318 -0.94 -6.24 14.72
C HIS J 318 -1.59 -5.46 15.85
N GLN J 319 -1.59 -6.05 17.03
CA GLN J 319 -2.09 -5.35 18.22
C GLN J 319 -0.97 -5.23 19.23
N THR J 320 -1.30 -4.77 20.43
CA THR J 320 -0.33 -4.70 21.49
C THR J 320 -0.99 -4.82 22.86
N SER J 321 -0.27 -5.40 23.81
CA SER J 321 -0.76 -5.55 25.17
C SER J 321 0.16 -4.82 26.13
N VAL J 322 -0.41 -4.25 27.18
CA VAL J 322 0.35 -3.48 28.14
C VAL J 322 -0.12 -3.81 29.55
N VAL J 323 0.64 -3.38 30.55
CA VAL J 323 0.24 -3.60 31.93
C VAL J 323 0.47 -2.36 32.79
N TYR J 324 -0.49 -2.09 33.67
CA TYR J 324 -0.37 -0.99 34.62
C TYR J 324 -0.19 -1.59 36.01
N GLU J 325 0.79 -1.10 36.75
CA GLU J 325 1.06 -1.61 38.10
C GLU J 325 0.57 -0.67 39.21
N TYR J 326 -0.30 -1.19 40.07
CA TYR J 326 -0.78 -0.46 41.23
C TYR J 326 -0.27 -1.08 42.51
N PRO J 327 0.58 -0.33 43.25
CA PRO J 327 1.07 -0.80 44.55
C PRO J 327 -0.08 -1.13 45.48
N ARG J 328 0.06 -2.22 46.21
CA ARG J 328 -0.96 -2.64 47.15
C ARG J 328 -0.33 -3.06 48.48
N ALA J 329 -0.91 -2.58 49.57
CA ALA J 329 -0.45 -2.95 50.90
C ALA J 329 -0.81 -4.39 51.18
N GLU J 330 -1.96 -4.80 50.67
CA GLU J 330 -2.47 -6.14 50.90
C GLU J 330 -2.45 -6.95 49.60
N GLY J 331 -2.27 -8.26 49.72
CA GLY J 331 -2.22 -9.13 48.56
C GLY J 331 -1.04 -10.09 48.61
N ASP J 332 -0.91 -10.90 47.56
CA ASP J 332 0.22 -11.82 47.45
C ASP J 332 1.53 -11.05 47.60
N PRO J 333 2.46 -11.61 48.40
CA PRO J 333 3.76 -10.98 48.65
C PRO J 333 4.67 -10.95 47.42
N TYR J 334 5.10 -9.76 47.03
CA TYR J 334 6.02 -9.61 45.91
C TYR J 334 7.33 -8.94 46.33
N TYR J 335 7.26 -8.09 47.34
CA TYR J 335 8.43 -7.36 47.81
C TYR J 335 8.63 -7.53 49.30
N PRO J 336 9.86 -7.80 49.73
CA PRO J 336 10.21 -7.55 51.13
C PRO J 336 10.33 -6.04 51.33
N VAL J 337 10.17 -5.57 52.56
CA VAL J 337 10.26 -4.15 52.85
C VAL J 337 11.51 -3.83 53.67
N PRO J 338 12.62 -3.51 52.97
CA PRO J 338 13.93 -3.27 53.58
C PRO J 338 14.01 -2.01 54.44
N ARG J 339 13.79 -2.18 55.75
CA ARG J 339 14.00 -1.11 56.72
C ARG J 339 14.46 -1.72 58.03
N PRO J 340 15.12 -0.92 58.88
CA PRO J 340 15.70 -1.45 60.12
C PRO J 340 14.72 -2.33 60.91
N GLU J 341 13.52 -1.85 61.16
CA GLU J 341 12.57 -2.59 62.01
C GLU J 341 12.15 -3.94 61.43
N ASN J 342 12.04 -4.01 60.12
CA ASN J 342 11.72 -5.28 59.45
C ASN J 342 12.94 -6.19 59.38
N ALA J 343 14.11 -5.58 59.37
CA ALA J 343 15.36 -6.33 59.41
C ALA J 343 15.45 -7.11 60.72
N GLU J 344 15.08 -6.46 61.82
CA GLU J 344 15.06 -7.12 63.12
C GLU J 344 14.05 -8.25 63.11
N LEU J 345 12.80 -7.91 62.79
CA LEU J 345 11.72 -8.88 62.77
C LEU J 345 12.10 -10.14 61.99
N TYR J 346 12.73 -9.97 60.84
CA TYR J 346 13.12 -11.13 60.04
C TYR J 346 14.11 -12.02 60.78
N LYS J 347 15.06 -11.42 61.49
CA LYS J 347 16.07 -12.20 62.20
C LYS J 347 15.46 -13.18 63.20
N LYS J 348 14.32 -12.81 63.79
CA LYS J 348 13.58 -13.71 64.65
C LYS J 348 13.27 -14.99 63.88
N TYR J 349 12.62 -14.81 62.73
CA TYR J 349 12.24 -15.93 61.88
C TYR J 349 13.47 -16.63 61.31
N GLU J 350 14.49 -15.86 61.01
CA GLU J 350 15.73 -16.40 60.48
C GLU J 350 16.33 -17.40 61.46
N ALA J 351 16.24 -17.08 62.74
CA ALA J 351 16.72 -17.97 63.79
C ALA J 351 15.93 -19.27 63.80
N LEU J 352 14.62 -19.17 63.64
CA LEU J 352 13.78 -20.36 63.54
C LEU J 352 14.14 -21.16 62.30
N ALA J 353 14.42 -20.50 61.21
CA ALA J 353 14.76 -21.21 60.02
C ALA J 353 16.01 -22.01 60.18
N ASP J 354 17.09 -21.39 60.63
CA ASP J 354 18.34 -22.11 60.85
C ASP J 354 18.14 -23.27 61.81
N ALA J 355 17.17 -23.17 62.68
CA ALA J 355 16.87 -24.26 63.57
C ALA J 355 16.15 -25.36 62.84
N ALA J 356 15.22 -24.99 61.97
CA ALA J 356 14.40 -25.93 61.23
C ALA J 356 15.21 -27.14 60.85
N GLN J 357 14.65 -28.30 61.13
CA GLN J 357 15.36 -29.51 60.91
C GLN J 357 14.92 -30.03 59.58
N ASP J 358 15.87 -30.39 58.75
CA ASP J 358 15.60 -30.74 57.37
C ASP J 358 14.56 -29.87 56.66
N VAL J 359 14.81 -28.57 56.65
CA VAL J 359 14.15 -27.65 55.79
C VAL J 359 15.17 -26.65 55.43
N THR J 360 15.26 -26.37 54.15
CA THR J 360 16.15 -25.34 53.63
C THR J 360 15.34 -24.18 53.07
N PHE J 361 15.77 -22.96 53.37
CA PHE J 361 15.09 -21.77 52.89
C PHE J 361 15.90 -21.05 51.82
N VAL J 362 15.30 -20.87 50.65
CA VAL J 362 15.98 -20.19 49.56
C VAL J 362 14.99 -19.38 48.72
N GLY J 363 15.43 -18.22 48.23
CA GLY J 363 14.59 -17.40 47.38
C GLY J 363 14.26 -16.03 47.94
N ARG J 364 13.75 -15.15 47.08
CA ARG J 364 13.45 -13.76 47.47
C ARG J 364 12.53 -13.69 48.70
N LEU J 365 11.48 -14.50 48.70
CA LEU J 365 10.52 -14.49 49.80
C LEU J 365 11.04 -15.24 51.02
N ALA J 366 11.59 -16.44 50.79
CA ALA J 366 11.99 -17.32 51.89
C ALA J 366 13.18 -16.79 52.70
N THR J 367 14.04 -16.00 52.08
CA THR J 367 15.17 -15.43 52.80
C THR J 367 15.01 -13.92 52.98
N TYR J 368 13.84 -13.41 52.63
CA TYR J 368 13.52 -11.99 52.78
C TYR J 368 14.58 -11.10 52.15
N ARG J 369 14.79 -11.25 50.85
CA ARG J 369 15.79 -10.47 50.14
C ARG J 369 15.24 -9.88 48.84
N TYR J 370 15.50 -8.60 48.65
CA TYR J 370 15.10 -7.90 47.44
C TYR J 370 15.96 -8.36 46.26
N TYR J 371 15.83 -9.63 45.89
CA TYR J 371 16.67 -10.27 44.88
C TYR J 371 16.12 -10.25 43.45
N ASN J 372 16.99 -9.96 42.48
CA ASN J 372 16.65 -10.11 41.07
C ASN J 372 16.65 -11.59 40.64
N MET J 373 16.09 -11.87 39.48
CA MET J 373 16.03 -13.24 38.97
C MET J 373 17.40 -13.94 39.03
N ASP J 374 18.43 -13.27 38.53
CA ASP J 374 19.75 -13.89 38.44
C ASP J 374 20.38 -14.12 39.82
N GLN J 375 20.11 -13.22 40.75
CA GLN J 375 20.61 -13.37 42.12
C GLN J 375 19.94 -14.55 42.82
N VAL J 376 18.69 -14.81 42.48
CA VAL J 376 18.00 -15.98 43.01
C VAL J 376 18.54 -17.27 42.41
N VAL J 377 18.81 -17.27 41.11
CA VAL J 377 19.40 -18.44 40.47
C VAL J 377 20.74 -18.74 41.10
N ALA J 378 21.53 -17.69 41.34
CA ALA J 378 22.83 -17.83 41.97
C ALA J 378 22.72 -18.39 43.39
N GLN J 379 21.84 -17.78 44.19
CA GLN J 379 21.61 -18.24 45.56
C GLN J 379 21.21 -19.72 45.58
N ALA J 380 20.37 -20.13 44.64
CA ALA J 380 19.91 -21.51 44.58
C ALA J 380 21.04 -22.44 44.18
N LEU J 381 21.85 -22.02 43.21
CA LEU J 381 22.99 -22.81 42.77
C LEU J 381 23.98 -23.03 43.92
N ALA J 382 24.11 -22.03 44.77
CA ALA J 382 25.01 -22.13 45.92
C ALA J 382 24.44 -23.10 46.96
N THR J 383 23.12 -23.03 47.17
CA THR J 383 22.44 -23.90 48.12
C THR J 383 22.57 -25.35 47.68
N PHE J 384 22.62 -25.58 46.38
CA PHE J 384 22.75 -26.93 45.84
C PHE J 384 24.07 -27.54 46.27
N ARG J 385 25.13 -26.76 46.16
CA ARG J 385 26.46 -27.21 46.57
C ARG J 385 26.53 -27.48 48.06
N ARG J 386 26.14 -26.50 48.87
CA ARG J 386 26.09 -26.69 50.31
C ARG J 386 25.38 -28.01 50.65
N LEU J 387 24.30 -28.29 49.93
CA LEU J 387 23.54 -29.52 50.15
C LEU J 387 24.39 -30.77 49.92
N GLN J 388 25.34 -30.67 49.00
CA GLN J 388 26.19 -31.81 48.69
C GLN J 388 27.61 -31.66 49.23
N GLY J 389 28.58 -32.13 48.47
CA GLY J 389 29.98 -32.04 48.86
C GLY J 389 30.44 -30.60 49.00
N1 UDP K . -6.14 33.07 28.28
C2 UDP K . -5.47 33.89 27.37
N3 UDP K . -4.72 33.32 26.37
C4 UDP K . -4.63 31.95 26.25
C5 UDP K . -5.30 31.15 27.17
C6 UDP K . -5.88 31.73 28.29
O2 UDP K . -5.56 35.11 27.47
O4 UDP K . -3.96 31.45 25.34
C1' UDP K . -6.93 33.68 29.35
C2' UDP K . -8.34 33.98 28.86
O2' UDP K . -8.78 35.17 29.44
C3' UDP K . -9.16 32.84 29.43
C4' UDP K . -8.40 32.50 30.70
O4' UDP K . -7.04 32.79 30.44
O3' UDP K . -10.46 33.28 29.72
C5' UDP K . -8.56 31.04 31.08
O5' UDP K . -8.19 30.23 30.00
PA UDP K . -8.83 28.75 29.89
O1A UDP K . -8.49 27.97 31.09
O2A UDP K . -8.39 28.07 28.65
O3A UDP K . -10.40 29.09 29.91
PB UDP K . -11.50 28.01 29.43
O1B UDP K . -12.16 28.49 28.20
O2B UDP K . -12.48 27.87 30.53
O3B UDP K . -10.86 26.71 29.17
PA FAD L . -24.10 22.69 33.21
O1A FAD L . -24.25 23.93 32.36
O2A FAD L . -23.22 21.67 32.53
O5B FAD L . -25.56 22.09 33.50
C5B FAD L . -26.64 22.96 33.72
C4B FAD L . -27.88 22.37 33.08
O4B FAD L . -29.04 22.97 33.61
C3B FAD L . -27.90 22.60 31.57
O3B FAD L . -27.95 21.37 30.91
C2B FAD L . -29.18 23.36 31.32
O2B FAD L . -29.84 22.83 30.19
C1B FAD L . -30.00 23.09 32.57
N9A FAD L . -30.99 24.14 32.88
C8A FAD L . -30.74 25.46 33.10
N7A FAD L . -31.92 26.08 33.35
C5A FAD L . -32.91 25.17 33.30
C6A FAD L . -34.29 25.28 33.48
N6A FAD L . -34.84 26.48 33.63
N1A FAD L . -35.08 24.14 33.36
C2A FAD L . -34.48 22.93 33.08
N3A FAD L . -33.11 22.83 32.90
C4A FAD L . -32.34 23.94 33.00
N1 FAD L . -14.31 21.83 32.47
C2 FAD L . -13.20 21.02 32.64
O2 FAD L . -13.00 20.50 33.73
N3 FAD L . -12.33 20.80 31.59
C4 FAD L . -12.57 21.39 30.36
O4 FAD L . -11.79 21.19 29.42
C4X FAD L . -13.68 22.21 30.20
N5 FAD L . -13.93 22.81 28.97
C5X FAD L . -15.04 23.61 28.81
C6 FAD L . -15.29 24.21 27.59
C7 FAD L . -16.41 25.03 27.42
C7M FAD L . -16.66 25.66 26.09
C8 FAD L . -17.28 25.24 28.48
C8M FAD L . -18.48 26.11 28.31
C9 FAD L . -17.03 24.63 29.72
C9A FAD L . -15.91 23.82 29.88
N10 FAD L . -15.66 23.22 31.11
C10 FAD L . -14.55 22.42 31.26
C1' FAD L . -16.49 23.53 32.32
C2' FAD L . -17.55 22.46 32.50
O2' FAD L . -18.41 22.47 31.39
C3' FAD L . -18.34 22.76 33.77
O3' FAD L . -17.43 22.93 34.83
C4' FAD L . -19.32 21.67 34.20
O4' FAD L . -19.98 21.09 33.10
C5' FAD L . -20.35 22.27 35.15
O5' FAD L . -21.57 21.58 35.05
P FAD L . -22.91 22.14 35.75
O1P FAD L . -23.82 20.97 36.04
O2P FAD L . -22.61 22.92 37.00
O3P FAD L . -23.56 23.14 34.66
N1 UDP M . 37.95 20.40 -9.77
C2 UDP M . 38.52 19.74 -8.72
N3 UDP M . 37.73 19.09 -7.78
C4 UDP M . 36.36 19.10 -7.92
C5 UDP M . 35.78 19.76 -8.99
C6 UDP M . 36.60 20.29 -9.99
O2 UDP M . 39.74 19.74 -8.60
O4 UDP M . 35.67 18.51 -7.08
C1' UDP M . 38.85 21.07 -10.73
C2' UDP M . 39.33 20.06 -11.75
O2' UDP M . 40.66 20.34 -12.09
C3' UDP M . 38.42 20.32 -12.94
C4' UDP M . 38.13 21.81 -12.82
O4' UDP M . 38.19 22.10 -11.43
O3' UDP M . 39.07 20.02 -14.15
C5' UDP M . 36.77 22.21 -13.39
O5' UDP M . 35.89 21.11 -13.27
PA UDP M . 34.34 21.19 -13.71
O1A UDP M . 33.84 22.55 -13.40
O2A UDP M . 33.55 20.17 -12.99
O3A UDP M . 34.31 21.00 -15.31
PB UDP M . 34.04 19.59 -16.05
O1B UDP M . 35.00 18.57 -15.56
O2B UDP M . 34.22 19.81 -17.50
O3B UDP M . 32.66 19.12 -15.80
PA FAD N . 31.00 18.88 -30.13
O1A FAD N . 32.08 17.88 -29.78
O2A FAD N . 29.77 18.65 -29.29
O5B FAD N . 30.67 18.78 -31.70
C5B FAD N . 31.65 18.45 -32.66
C4B FAD N . 31.15 17.33 -33.56
O4B FAD N . 31.88 17.28 -34.77
C3B FAD N . 31.29 15.96 -32.91
O3B FAD N . 30.03 15.33 -32.85
C2B FAD N . 32.22 15.18 -33.82
O2B FAD N . 31.77 13.85 -33.97
C1B FAD N . 32.12 15.93 -35.13
N9A FAD N . 33.36 15.78 -35.94
C8A FAD N . 34.65 15.92 -35.50
N7A FAD N . 35.47 15.71 -36.57
C5A FAD N . 34.72 15.45 -37.66
C6A FAD N . 35.04 15.17 -38.99
N6A FAD N . 36.30 14.89 -39.32
N1A FAD N . 34.02 14.95 -39.90
C2A FAD N . 32.71 15.00 -39.49
N3A FAD N . 32.40 15.27 -38.18
C4A FAD N . 33.39 15.50 -37.27
N1 FAD N . 28.82 21.88 -21.00
C2 FAD N . 27.89 22.54 -20.22
O2 FAD N . 27.51 23.66 -20.53
N3 FAD N . 27.38 21.94 -19.09
C4 FAD N . 27.81 20.68 -18.72
O4 FAD N . 27.36 20.15 -17.71
C4X FAD N . 28.74 20.01 -19.50
N5 FAD N . 29.17 18.74 -19.15
C5X FAD N . 30.10 18.09 -19.94
C6 FAD N . 30.53 16.82 -19.58
C7 FAD N . 31.47 16.15 -20.36
C7M FAD N . 31.91 14.78 -19.95
C8 FAD N . 31.97 16.76 -21.50
C8M FAD N . 32.97 16.05 -22.36
C9 FAD N . 31.54 18.04 -21.87
C9A FAD N . 30.60 18.70 -21.08
N10 FAD N . 30.17 19.96 -21.43
C10 FAD N . 29.25 20.62 -20.64
C1' FAD N . 30.79 20.69 -22.58
C2' FAD N . 29.82 20.71 -23.76
O2' FAD N . 29.53 19.38 -24.14
C3' FAD N . 30.43 21.49 -24.91
O3' FAD N . 30.30 22.86 -24.62
C4' FAD N . 29.75 21.21 -26.25
O4' FAD N . 29.96 19.87 -26.63
C5' FAD N . 30.32 22.10 -27.35
O5' FAD N . 29.80 21.65 -28.58
P FAD N . 30.65 21.69 -29.96
O1P FAD N . 29.69 21.61 -31.12
O2P FAD N . 31.48 22.95 -30.00
O3P FAD N . 31.59 20.38 -29.92
N1 UDP O . 40.11 -3.49 18.66
C2 UDP O . 39.46 -3.06 19.81
N3 UDP O . 38.18 -2.54 19.73
C4 UDP O . 37.54 -2.44 18.51
C5 UDP O . 38.20 -2.86 17.36
C6 UDP O . 39.53 -3.28 17.44
O2 UDP O . 40.02 -3.15 20.89
O4 UDP O . 36.40 -1.98 18.44
C1' UDP O . 41.47 -4.05 18.75
C2' UDP O . 41.38 -5.53 19.08
O2' UDP O . 42.46 -5.89 19.88
C3' UDP O . 41.50 -6.20 17.74
C4' UDP O . 42.42 -5.24 16.98
O4' UDP O . 42.13 -3.96 17.50
O3' UDP O . 42.10 -7.47 17.88
C5' UDP O . 42.22 -5.29 15.47
O5' UDP O . 40.87 -5.10 15.12
PA UDP O . 40.33 -5.48 13.65
O1A UDP O . 41.00 -4.64 12.64
O2A UDP O . 38.86 -5.33 13.59
O3A UDP O . 40.80 -7.00 13.44
PB UDP O . 39.82 -8.17 12.97
O1B UDP O . 39.02 -8.66 14.12
O2B UDP O . 40.63 -9.29 12.44
O3B UDP O . 38.92 -7.69 11.90
PA FAD P . 43.22 -19.07 4.07
O1A FAD P . 42.85 -19.57 5.44
O2A FAD P . 42.09 -18.24 3.49
O5B FAD P . 43.57 -20.31 3.12
C5B FAD P . 44.26 -21.41 3.65
C4B FAD P . 43.55 -22.67 3.19
O4B FAD P . 44.41 -23.78 3.25
C3B FAD P . 42.35 -22.97 4.08
O3B FAD P . 41.16 -22.87 3.32
C2B FAD P . 42.57 -24.40 4.54
O2B FAD P . 41.40 -25.17 4.39
C1B FAD P . 43.66 -24.91 3.62
N9A FAD P . 44.50 -25.90 4.32
C8A FAD P . 45.11 -25.74 5.54
N7A FAD P . 45.78 -26.87 5.83
C5A FAD P . 45.62 -27.75 4.80
C6A FAD P . 46.08 -29.04 4.61
N6A FAD P . 46.60 -29.72 5.63
N1A FAD P . 45.73 -29.70 3.44
C2A FAD P . 44.92 -29.09 2.50
N3A FAD P . 44.47 -27.82 2.72
C4A FAD P . 44.81 -27.16 3.85
N1 FAD P . 40.85 -9.57 5.47
C2 FAD P . 40.47 -8.41 4.83
O2 FAD P . 41.20 -7.90 3.99
N3 FAD P . 39.27 -7.80 5.13
C4 FAD P . 38.43 -8.36 6.07
O4 FAD P . 37.35 -7.83 6.35
C4X FAD P . 38.81 -9.54 6.72
N5 FAD P . 37.96 -10.09 7.66
C5X FAD P . 38.33 -11.25 8.30
C6 FAD P . 37.47 -11.80 9.24
C7 FAD P . 37.82 -12.96 9.90
C7M FAD P . 36.88 -13.53 10.92
C8 FAD P . 39.03 -13.59 9.61
C8M FAD P . 39.40 -14.85 10.32
C9 FAD P . 39.89 -13.03 8.66
C9A FAD P . 39.55 -11.86 8.00
N10 FAD P . 40.39 -11.31 7.06
C10 FAD P . 40.02 -10.14 6.41
C1' FAD P . 41.72 -11.91 6.77
C2' FAD P . 41.59 -12.87 5.58
O2' FAD P . 40.74 -13.93 5.96
C3' FAD P . 42.96 -13.41 5.17
O3' FAD P . 43.75 -12.34 4.71
C4' FAD P . 42.84 -14.44 4.04
O4' FAD P . 42.06 -15.54 4.45
C5' FAD P . 44.21 -14.94 3.63
O5' FAD P . 44.05 -16.13 2.89
P FAD P . 45.14 -17.31 2.98
O1P FAD P . 45.17 -18.03 1.66
O2P FAD P . 46.51 -16.78 3.34
O3P FAD P . 44.61 -18.26 4.16
N1 UDP Q . -11.08 -42.61 5.11
C2 UDP Q . -10.56 -42.80 3.85
N3 UDP Q . -10.30 -41.73 3.02
C4 UDP Q . -10.55 -40.44 3.46
C5 UDP Q . -11.06 -40.24 4.74
C6 UDP Q . -11.31 -41.34 5.56
O2 UDP Q . -10.34 -43.94 3.46
O4 UDP Q . -10.31 -39.50 2.74
C1' UDP Q . -11.33 -43.77 5.97
C2' UDP Q . -10.03 -44.14 6.65
O2' UDP Q . -9.94 -45.54 6.76
C3' UDP Q . -10.14 -43.51 8.02
C4' UDP Q . -11.65 -43.57 8.27
O4' UDP Q . -12.25 -43.43 6.99
O3' UDP Q . -9.43 -44.27 8.96
C5' UDP Q . -12.12 -42.48 9.24
O5' UDP Q . -11.60 -41.23 8.86
PA UDP Q . -11.73 -39.94 9.83
O1A UDP Q . -13.16 -39.66 10.11
O2A UDP Q . -11.07 -38.77 9.21
O3A UDP Q . -11.04 -40.38 11.22
PB UDP Q . -9.69 -39.72 11.80
O1B UDP Q . -8.52 -40.18 11.01
O2B UDP Q . -9.53 -40.14 13.21
O3B UDP Q . -9.74 -38.24 11.73
PA FAD R . -6.59 -39.01 25.96
O1A FAD R . -5.52 -39.73 25.16
O2A FAD R . -6.77 -37.61 25.43
O5B FAD R . -6.17 -39.00 27.51
C5B FAD R . -5.53 -40.12 28.09
C4B FAD R . -4.39 -39.61 28.96
O4B FAD R . -4.02 -40.54 29.95
C3B FAD R . -3.15 -39.32 28.11
O3B FAD R . -2.81 -37.96 28.22
C2B FAD R . -2.08 -40.20 28.73
O2B FAD R . -0.83 -39.54 28.77
C1B FAD R . -2.61 -40.46 30.12
N9A FAD R . -2.06 -41.70 30.72
C8A FAD R . -2.02 -42.93 30.14
N7A FAD R . -1.43 -43.80 31.00
C5A FAD R . -1.09 -43.13 32.12
C6A FAD R . -0.46 -43.53 33.30
N6A FAD R . 0.23 -44.66 33.30
N1A FAD R . -0.24 -42.60 34.30
C2A FAD R . -0.63 -41.28 34.12
N3A FAD R . -1.25 -40.90 32.95
C4A FAD R . -1.48 -41.80 31.97
N1 FAD R . -11.93 -36.02 18.08
C2 FAD R . -12.89 -35.14 17.64
O2 FAD R . -13.99 -35.09 18.19
N3 FAD R . -12.61 -34.29 16.59
C4 FAD R . -11.38 -34.33 15.97
O4 FAD R . -11.14 -33.58 15.03
C4X FAD R . -10.41 -35.23 16.41
N5 FAD R . -9.18 -35.27 15.80
C5X FAD R . -8.23 -36.16 16.24
C6 FAD R . -6.99 -36.20 15.61
C7 FAD R . -6.02 -37.08 16.04
C7M FAD R . -4.69 -37.12 15.35
C8 FAD R . -6.29 -37.95 17.10
C8M FAD R . -5.24 -38.91 17.56
C9 FAD R . -7.53 -37.91 17.73
C9A FAD R . -8.50 -37.01 17.30
N10 FAD R . -9.75 -36.97 17.91
C10 FAD R . -10.70 -36.08 17.47
C1' FAD R . -10.12 -37.94 19.00
C2' FAD R . -9.85 -37.31 20.35
O2' FAD R . -8.46 -37.09 20.47
C3' FAD R . -10.33 -38.20 21.49
O3' FAD R . -11.75 -38.19 21.51
C4' FAD R . -9.81 -37.72 22.84
O4' FAD R . -8.42 -37.93 22.90
C5' FAD R . -10.45 -38.45 24.02
O5' FAD R . -9.70 -38.16 25.18
P FAD R . -9.40 -39.27 26.30
O1P FAD R . -9.37 -38.62 27.66
O2P FAD R . -10.44 -40.36 26.26
O3P FAD R . -7.95 -39.87 25.92
N1 UDP S . -38.88 3.57 -20.67
C2 UDP S . -39.37 2.58 -19.84
N3 UDP S . -38.51 1.79 -19.11
C4 UDP S . -37.15 1.99 -19.20
C5 UDP S . -36.66 2.99 -20.03
C6 UDP S . -37.53 3.72 -20.83
O2 UDP S . -40.58 2.39 -19.75
O4 UDP S . -36.37 1.28 -18.55
C1' UDP S . -39.82 4.40 -21.43
C2' UDP S . -40.25 5.58 -20.58
O2' UDP S . -41.62 5.85 -20.79
C3' UDP S . -39.41 6.72 -21.10
C4' UDP S . -39.20 6.35 -22.56
O4' UDP S . -39.19 4.94 -22.58
O3' UDP S . -40.09 7.95 -20.97
C5' UDP S . -37.92 6.93 -23.13
O5' UDP S . -36.83 6.71 -22.25
PA UDP S . -35.47 7.56 -22.46
O1A UDP S . -34.99 7.36 -23.84
O2A UDP S . -34.44 7.17 -21.48
O3A UDP S . -35.96 9.09 -22.29
PB UDP S . -35.19 10.14 -21.35
O1B UDP S . -35.81 10.12 -20.00
O2B UDP S . -35.30 11.49 -21.94
O3B UDP S . -33.78 9.75 -21.23
PA FAD T . -32.94 24.03 -23.71
O1A FAD T . -33.98 23.78 -22.64
O2A FAD T . -31.67 23.30 -23.40
O5B FAD T . -32.68 25.61 -23.84
C5B FAD T . -33.70 26.54 -23.58
C4B FAD T . -33.16 27.69 -22.73
O4B FAD T . -33.95 28.85 -22.93
C3B FAD T . -33.19 27.37 -21.25
O3B FAD T . -31.89 27.46 -20.71
C2B FAD T . -34.10 28.42 -20.63
O2B FAD T . -33.57 28.91 -19.43
C1B FAD T . -34.12 29.52 -21.69
N9A FAD T . -35.37 30.30 -21.63
C8A FAD T . -36.65 29.80 -21.61
N7A FAD T . -37.51 30.85 -21.55
C5A FAD T . -36.80 32.00 -21.54
C6A FAD T . -37.17 33.34 -21.48
N6A FAD T . -38.46 33.66 -21.53
N1A FAD T . -36.20 34.32 -21.47
C2A FAD T . -34.88 33.96 -21.52
N3A FAD T . -34.50 32.64 -21.57
C4A FAD T . -35.45 31.67 -21.58
N1 FAD T . -30.12 14.61 -24.95
C2 FAD T . -29.22 13.69 -25.44
O2 FAD T . -28.83 13.78 -26.60
N3 FAD T . -28.75 12.67 -24.62
C4 FAD T . -29.17 12.57 -23.32
O4 FAD T . -28.75 11.66 -22.60
C4X FAD T . -30.08 13.49 -22.83
N5 FAD T . -30.51 13.39 -21.51
C5X FAD T . -31.41 14.30 -21.03
C6 FAD T . -31.84 14.20 -19.70
C7 FAD T . -32.74 15.11 -19.19
C7M FAD T . -33.19 14.98 -17.77
C8 FAD T . -33.22 16.14 -20.00
C8M FAD T . -34.20 17.13 -19.44
C9 FAD T . -32.80 16.25 -21.32
C9A FAD T . -31.89 15.33 -21.83
N10 FAD T . -31.45 15.43 -23.15
C10 FAD T . -30.55 14.51 -23.63
C1' FAD T . -32.19 16.27 -24.14
C2' FAD T . -31.41 17.55 -24.33
O2' FAD T . -31.35 18.22 -23.09
C3' FAD T . -32.07 18.44 -25.37
O3' FAD T . -31.89 17.87 -26.65
C4' FAD T . -31.46 19.84 -25.40
O4' FAD T . -31.52 20.42 -24.12
C5' FAD T . -32.20 20.74 -26.38
O5' FAD T . -31.77 22.07 -26.14
P FAD T . -32.71 23.33 -26.48
O1P FAD T . -31.82 24.52 -26.78
O2P FAD T . -33.62 23.01 -27.63
O3P FAD T . -33.57 23.59 -25.13
N1 UDP U . 6.60 -34.72 -26.51
C2 UDP U . 5.84 -34.10 -27.48
N3 UDP U . 5.07 -33.00 -27.16
C4 UDP U . 5.06 -32.52 -25.87
C5 UDP U . 5.82 -33.15 -24.89
C6 UDP U . 6.46 -34.35 -25.20
O2 UDP U . 5.87 -34.53 -28.63
O4 UDP U . 4.36 -31.54 -25.59
C1' UDP U . 7.40 -35.89 -26.88
C2' UDP U . 8.75 -35.42 -27.40
O2' UDP U . 9.18 -36.30 -28.40
C3' UDP U . 9.66 -35.57 -26.21
C4' UDP U . 9.05 -36.77 -25.50
O4' UDP U . 7.66 -36.69 -25.75
O3' UDP U . 10.97 -35.83 -26.65
C5' UDP U . 9.33 -36.81 -24.02
O5' UDP U . 8.84 -35.67 -23.34
PA UDP U . 9.57 -35.23 -21.98
O1A UDP U . 9.69 -36.42 -21.10
O2A UDP U . 8.84 -34.13 -21.31
O3A UDP U . 11.03 -34.82 -22.49
PB UDP U . 12.20 -34.29 -21.53
O1B UDP U . 13.04 -33.34 -22.30
O2B UDP U . 13.01 -35.45 -21.09
O3B UDP U . 11.63 -33.58 -20.36
PA FAD V . 25.26 -36.66 -15.91
O1A FAD V . 25.39 -35.99 -17.26
O2A FAD V . 24.33 -35.88 -15.02
O5B FAD V . 26.72 -36.80 -15.25
C5B FAD V . 27.82 -37.22 -16.03
C4B FAD V . 29.01 -36.32 -15.73
O4B FAD V . 30.21 -36.91 -16.18
C3B FAD V . 28.90 -34.97 -16.43
O3B FAD V . 28.78 -33.95 -15.47
C2B FAD V . 30.21 -34.80 -17.17
O2B FAD V . 30.77 -33.54 -16.90
C1B FAD V . 31.09 -35.89 -16.60
N9A FAD V . 32.02 -36.39 -17.61
C8A FAD V . 31.72 -36.85 -18.86
N7A FAD V . 32.86 -37.21 -19.47
C5A FAD V . 33.89 -36.98 -18.64
C6A FAD V . 35.27 -37.16 -18.77
N6A FAD V . 35.77 -37.48 -19.96
N1A FAD V . 36.10 -36.82 -17.72
C2A FAD V . 35.57 -36.31 -16.55
N3A FAD V . 34.21 -36.12 -16.44
C4A FAD V . 33.39 -36.46 -17.46
N1 FAD V . 15.34 -36.11 -14.87
C2 FAD V . 14.25 -36.16 -14.04
O2 FAD V . 14.12 -37.11 -13.28
N3 FAD V . 13.31 -35.15 -14.08
C4 FAD V . 13.45 -34.08 -14.95
O4 FAD V . 12.60 -33.19 -14.96
C4X FAD V . 14.56 -34.03 -15.78
N5 FAD V . 14.73 -32.98 -16.66
C5X FAD V . 15.83 -32.94 -17.48
C6 FAD V . 16.01 -31.88 -18.37
C7 FAD V . 17.13 -31.84 -19.21
C7M FAD V . 17.31 -30.70 -20.16
C8 FAD V . 18.06 -32.86 -19.15
C8M FAD V . 19.27 -32.83 -20.06
C9 FAD V . 17.89 -33.93 -18.28
C9A FAD V . 16.78 -33.96 -17.44
N10 FAD V . 16.61 -35.01 -16.56
C10 FAD V . 15.50 -35.05 -15.75
C1' FAD V . 17.47 -36.23 -16.65
C2' FAD V . 18.55 -36.20 -15.57
O2' FAD V . 19.33 -35.03 -15.74
C3' FAD V . 19.42 -37.45 -15.70
O3' FAD V . 18.69 -38.55 -15.20
C4' FAD V . 20.72 -37.31 -14.93
O4' FAD V . 21.47 -36.25 -15.48
C5' FAD V . 21.57 -38.58 -15.04
O5' FAD V . 22.82 -38.32 -14.44
P FAD V . 24.17 -39.06 -14.90
O1P FAD V . 25.14 -39.06 -13.74
O2P FAD V . 23.87 -40.47 -15.37
O3P FAD V . 24.74 -38.18 -16.12
N1 UDP W . 9.28 42.82 -3.48
C2 UDP W . 10.59 42.41 -3.72
N3 UDP W . 10.98 41.13 -3.44
C4 UDP W . 10.09 40.23 -2.91
C5 UDP W . 8.78 40.62 -2.67
C6 UDP W . 8.37 41.90 -3.04
O2 UDP W . 11.39 43.22 -4.19
O4 UDP W . 10.44 39.07 -2.66
C1' UDP W . 8.86 44.19 -3.78
C2' UDP W . 8.56 44.33 -5.27
O2' UDP W . 9.02 45.59 -5.72
C3' UDP W . 7.06 44.26 -5.35
C4' UDP W . 6.64 44.86 -4.02
O4' UDP W . 7.65 44.48 -3.10
O3' UDP W . 6.58 45.03 -6.44
C5' UDP W . 5.28 44.36 -3.56
O5' UDP W . 5.32 42.97 -3.39
PA UDP W . 3.95 42.12 -3.47
O1A UDP W . 2.98 42.65 -2.47
O2A UDP W . 4.22 40.68 -3.25
O3A UDP W . 3.40 42.45 -4.94
PB UDP W . 2.20 41.66 -5.67
O1B UDP W . 2.56 41.41 -7.08
O2B UDP W . 0.98 42.51 -5.60
O3B UDP W . 1.94 40.37 -5.01
PA FAD X . -10.59 44.12 -11.93
O1A FAD X . -9.46 44.21 -12.92
O2A FAD X . -10.57 42.77 -11.24
O5B FAD X . -11.98 44.37 -12.71
C5B FAD X . -12.03 45.23 -13.82
C4B FAD X . -12.93 44.63 -14.89
O4B FAD X . -13.42 45.63 -15.75
C3B FAD X . -12.20 43.61 -15.76
O3B FAD X . -12.90 42.39 -15.73
C2B FAD X . -12.24 44.20 -17.16
O2B FAD X . -12.44 43.20 -18.14
C1B FAD X . -13.42 45.15 -17.08
N9A FAD X . -13.33 46.26 -18.05
C8A FAD X . -12.35 47.21 -18.12
N7A FAD X . -12.64 48.05 -19.14
C5A FAD X . -13.80 47.65 -19.72
C6A FAD X . -14.53 48.16 -20.79
N6A FAD X . -13.96 49.00 -21.64
N1A FAD X . -15.70 47.52 -21.15
C2A FAD X . -16.14 46.40 -20.47
N3A FAD X . -15.40 45.92 -19.41
C4A FAD X . -14.25 46.53 -19.04
N1 FAD X . -5.18 41.14 -4.10
C2 FAD X . -5.15 40.57 -2.84
O2 FAD X . -5.85 41.02 -1.93
N3 FAD X . -4.34 39.49 -2.58
C4 FAD X . -3.55 38.96 -3.59
O4 FAD X . -2.83 37.98 -3.37
C4X FAD X . -3.58 39.54 -4.86
N5 FAD X . -2.79 39.01 -5.86
C5X FAD X . -2.82 39.59 -7.12
C6 FAD X . -2.03 39.05 -8.12
C7 FAD X . -2.05 39.62 -9.39
C7M FAD X . -1.18 39.02 -10.47
C8 FAD X . -2.86 40.72 -9.65
C8M FAD X . -2.87 41.32 -11.03
C9 FAD X . -3.66 41.25 -8.64
C9A FAD X . -3.63 40.68 -7.38
N10 FAD X . -4.42 41.21 -6.36
C10 FAD X . -4.39 40.64 -5.11
C1' FAD X . -5.21 42.48 -6.58
C2' FAD X . -6.67 42.16 -6.86
O2' FAD X . -6.78 41.35 -8.00
C3' FAD X . -7.46 43.44 -7.09
O3' FAD X . -7.50 44.20 -5.90
C4' FAD X . -8.88 43.13 -7.53
O4' FAD X . -8.87 42.49 -8.78
C5' FAD X . -9.70 44.41 -7.64
O5' FAD X . -10.71 44.19 -8.61
P FAD X . -11.28 45.43 -9.49
O1P FAD X . -12.76 45.22 -9.69
O2P FAD X . -10.97 46.74 -8.79
O3P FAD X . -10.49 45.35 -10.89
N1 UDP Y . -10.57 -6.30 -42.28
C2 UDP Y . -11.89 -6.12 -41.95
N3 UDP Y . -12.28 -6.12 -40.63
C4 UDP Y . -11.34 -6.29 -39.64
C5 UDP Y . -10.00 -6.46 -39.99
C6 UDP Y . -9.67 -6.65 -41.32
O2 UDP Y . -12.73 -5.98 -42.84
O4 UDP Y . -11.67 -6.29 -38.45
C1' UDP Y . -10.18 -6.29 -43.71
C2' UDP Y . -9.95 -4.85 -44.12
O2' UDP Y . -10.45 -4.65 -45.42
C3' UDP Y . -8.44 -4.71 -44.13
C4' UDP Y . -8.00 -6.12 -44.48
O4' UDP Y . -8.95 -6.99 -43.91
O3' UDP Y . -8.02 -3.78 -45.09
C5' UDP Y . -6.61 -6.43 -43.95
O5' UDP Y . -6.59 -6.22 -42.57
PA UDP Y . -5.19 -5.98 -41.81
O1A UDP Y . -4.31 -7.15 -42.07
O2A UDP Y . -5.39 -5.77 -40.36
O3A UDP Y . -4.58 -4.70 -42.57
PB UDP Y . -3.63 -3.61 -41.87
O1B UDP Y . -4.39 -2.37 -41.62
O2B UDP Y . -2.49 -3.33 -42.77
O3B UDP Y . -3.11 -4.15 -40.59
PA FAD Z . 8.77 2.24 -46.16
O1A FAD Z . 7.62 3.20 -46.35
O2A FAD Z . 8.93 1.84 -44.72
O5B FAD Z . 10.11 2.94 -46.73
C5B FAD Z . 10.00 3.90 -47.76
C4B FAD Z . 10.86 5.10 -47.42
O4B FAD Z . 11.26 5.78 -48.60
C3B FAD Z . 10.12 6.13 -46.56
O3B FAD Z . 10.87 6.36 -45.38
C2B FAD Z . 10.08 7.39 -47.40
O2B FAD Z . 10.27 8.55 -46.63
C1B FAD Z . 11.24 7.17 -48.36
N9A FAD Z . 11.08 7.92 -49.63
C8A FAD Z . 10.04 7.83 -50.52
N7A FAD Z . 10.30 8.68 -51.54
C5A FAD Z . 11.47 9.30 -51.33
C6A FAD Z . 12.17 10.25 -52.06
N6A FAD Z . 11.50 11.02 -52.91
N1A FAD Z . 13.38 10.72 -51.59
C2A FAD Z . 13.88 10.23 -50.39
N3A FAD Z . 13.17 9.29 -49.66
C4A FAD Z . 11.98 8.83 -50.12
N1 FAD Z . 3.80 -4.77 -41.41
C2 FAD Z . 3.92 -5.89 -40.60
O2 FAD Z . 4.63 -6.84 -40.94
N3 FAD Z . 3.23 -5.96 -39.40
C4 FAD Z . 2.43 -4.90 -39.01
O4 FAD Z . 1.82 -4.97 -37.93
C4X FAD Z . 2.31 -3.79 -39.81
N5 FAD Z . 1.51 -2.73 -39.42
C5X FAD Z . 1.40 -1.62 -40.22
C6 FAD Z . 0.60 -0.56 -39.82
C7 FAD Z . 0.47 0.57 -40.63
C7M FAD Z . -0.41 1.70 -40.19
C8 FAD Z . 1.15 0.64 -41.84
C8M FAD Z . 1.01 1.87 -42.69
C9 FAD Z . 1.97 -0.42 -42.24
C9A FAD Z . 2.09 -1.55 -41.44
N10 FAD Z . 2.89 -2.61 -41.82
C10 FAD Z . 3.00 -3.72 -41.01
C1' FAD Z . 3.55 -2.62 -43.16
C2' FAD Z . 5.04 -2.35 -42.97
O2' FAD Z . 5.20 -1.04 -42.45
C3' FAD Z . 5.76 -2.46 -44.31
O3' FAD Z . 5.92 -3.83 -44.62
C4' FAD Z . 7.12 -1.80 -44.27
O4' FAD Z . 6.97 -0.42 -43.98
C5' FAD Z . 7.81 -1.94 -45.61
O5' FAD Z . 8.92 -1.05 -45.64
P FAD Z . 9.40 -0.38 -47.01
O1P FAD Z . 10.88 -0.06 -46.91
O2P FAD Z . 9.12 -1.30 -48.19
O3P FAD Z . 8.52 0.96 -47.13
N1 UDP AA . -39.01 -18.62 8.67
C2 UDP AA . -38.37 -19.83 8.54
N3 UDP AA . -37.09 -19.91 8.04
C4 UDP AA . -36.43 -18.75 7.66
C5 UDP AA . -37.07 -17.52 7.80
C6 UDP AA . -38.40 -17.48 8.22
O2 UDP AA . -38.96 -20.86 8.88
O4 UDP AA . -35.29 -18.83 7.22
C1' UDP AA . -40.38 -18.59 9.22
C2' UDP AA . -40.26 -18.57 10.74
O2' UDP AA . -41.29 -19.35 11.31
C3' UDP AA . -40.43 -17.11 11.07
C4' UDP AA . -41.37 -16.63 9.99
O4' UDP AA . -41.08 -17.42 8.85
O3' UDP AA . -40.96 -16.95 12.37
C5' UDP AA . -41.23 -15.14 9.66
O5' UDP AA . -39.90 -14.80 9.36
PA UDP AA . -39.40 -13.27 9.48
O1A UDP AA . -40.17 -12.40 8.57
O2A UDP AA . -37.95 -13.16 9.22
O3A UDP AA . -39.79 -12.87 10.99
PB UDP AA . -38.82 -12.02 11.97
O1B UDP AA . -38.06 -12.95 12.83
O2B UDP AA . -39.67 -11.13 12.79
O3B UDP AA . -37.89 -11.19 11.17
PA FAD BA . -42.13 -1.17 20.82
O1A FAD BA . -41.82 -2.43 21.59
O2A FAD BA . -41.01 -0.81 19.89
O5B FAD BA . -42.43 0.03 21.85
C5B FAD BA . -43.11 -0.22 23.07
C4B FAD BA . -42.42 0.55 24.19
O4B FAD BA . -43.29 0.66 25.31
C3B FAD BA . -41.16 -0.14 24.65
O3B FAD BA . -40.06 0.70 24.45
C2B FAD BA . -41.38 -0.39 26.13
O2B FAD BA . -40.22 -0.09 26.87
C1B FAD BA . -42.52 0.56 26.49
N9A FAD BA . -43.31 0.06 27.63
C8A FAD BA . -43.94 -1.15 27.74
N7A FAD BA . -44.57 -1.21 28.93
C5A FAD BA . -44.37 -0.05 29.59
C6A FAD BA . -44.78 0.40 30.83
N6A FAD BA . -45.29 -0.45 31.71
N1A FAD BA . -44.41 1.67 31.25
C2A FAD BA . -43.62 2.47 30.44
N3A FAD BA . -43.22 2.00 29.20
C4A FAD BA . -43.58 0.77 28.79
N1 FAD BA . -39.85 -4.42 11.85
C2 FAD BA . -39.55 -4.07 10.54
O2 FAD BA . -40.34 -3.38 9.89
N3 FAD BA . -38.40 -4.49 9.94
C4 FAD BA . -37.50 -5.27 10.64
O4 FAD BA . -36.45 -5.65 10.11
C4X FAD BA . -37.78 -5.61 11.96
N5 FAD BA . -36.88 -6.39 12.67
C5X FAD BA . -37.14 -6.75 13.97
C6 FAD BA . -36.21 -7.53 14.65
C7 FAD BA . -36.45 -7.91 15.96
C7M FAD BA . -35.44 -8.76 16.69
C8 FAD BA . -37.62 -7.50 16.60
C8M FAD BA . -37.85 -7.91 18.02
C9 FAD BA . -38.55 -6.71 15.92
C9A FAD BA . -38.31 -6.33 14.60
N10 FAD BA . -39.22 -5.55 13.89
C10 FAD BA . -38.95 -5.19 12.57
C1' FAD BA . -40.52 -5.14 14.50
C2' FAD BA . -40.43 -3.75 15.14
O2' FAD BA . -39.61 -3.81 16.28
C3' FAD BA . -41.83 -3.27 15.54
O3' FAD BA . -42.49 -2.79 14.40
C4' FAD BA . -41.78 -2.19 16.62
O4' FAD BA . -41.65 -2.82 17.86
C5' FAD BA . -43.06 -1.37 16.67
O5' FAD BA . -42.95 -0.43 17.74
P FAD BA . -44.04 -0.34 18.91
O1P FAD BA . -44.07 1.06 19.45
O2P FAD BA . -45.41 -0.75 18.41
O3P FAD BA . -43.52 -1.38 20.04
N1 UDP CA . 12.77 4.30 42.02
C2 UDP CA . 12.33 5.59 41.96
N3 UDP CA . 12.01 6.17 40.74
C4 UDP CA . 12.15 5.43 39.58
C5 UDP CA . 12.60 4.11 39.65
C6 UDP CA . 12.83 3.53 40.90
O2 UDP CA . 12.21 6.24 43.00
O4 UDP CA . 11.87 5.93 38.50
C1' UDP CA . 13.09 3.74 43.35
C2' UDP CA . 11.84 3.13 43.95
O2' UDP CA . 11.88 3.29 45.34
C3' UDP CA . 11.98 1.67 43.64
C4' UDP CA . 13.49 1.47 43.67
O4' UDP CA . 14.02 2.70 43.20
O3' UDP CA . 11.35 0.89 44.63
C5' UDP CA . 13.97 0.34 42.78
O5' UDP CA . 13.55 0.55 41.45
PA UDP CA . 13.33 -0.76 40.54
O1A UDP CA . 14.52 -1.62 40.59
O2A UDP CA . 12.95 -0.40 39.16
O3A UDP CA . 12.15 -1.52 41.35
PB UDP CA . 11.48 -2.87 40.81
O1B UDP CA . 10.02 -2.82 41.05
O2B UDP CA . 12.10 -4.00 41.55
O3B UDP CA . 11.73 -3.04 39.36
PA FAD DA . 8.72 -16.78 43.35
O1A FAD DA . 7.58 -15.93 43.86
O2A FAD DA . 8.91 -16.57 41.87
O5B FAD DA . 8.42 -18.32 43.69
C5B FAD DA . 7.80 -18.68 44.92
C4B FAD DA . 6.60 -19.56 44.66
O4B FAD DA . 6.25 -20.33 45.81
C3B FAD DA . 5.37 -18.75 44.30
O3B FAD DA . 5.08 -18.94 42.93
C2B FAD DA . 4.26 -19.32 45.16
O2B FAD DA . 3.11 -19.65 44.41
C1B FAD DA . 4.86 -20.57 45.80
N9A FAD DA . 4.35 -20.75 47.17
C8A FAD DA . 4.38 -19.80 48.16
N7A FAD DA . 3.83 -20.32 49.28
C5A FAD DA . 3.45 -21.59 49.03
C6A FAD DA . 2.85 -22.55 49.82
N6A FAD DA . 2.21 -22.16 50.92
N1A FAD DA . 2.56 -23.79 49.28
C2A FAD DA . 2.88 -24.06 47.97
N3A FAD DA . 3.49 -23.09 47.18
C4A FAD DA . 3.77 -21.87 47.70
N1 FAD DA . 13.86 -9.67 38.48
C2 FAD DA . 14.79 -9.36 37.51
O2 FAD DA . 15.87 -9.93 37.50
N3 FAD DA . 14.49 -8.42 36.54
C4 FAD DA . 13.26 -7.80 36.53
O4 FAD DA . 13.00 -6.96 35.66
C4X FAD DA . 12.32 -8.11 37.50
N5 FAD DA . 11.08 -7.49 37.52
C5X FAD DA . 10.16 -7.80 38.49
C6 FAD DA . 8.92 -7.17 38.49
C7 FAD DA . 7.98 -7.48 39.47
C7M FAD DA . 6.65 -6.79 39.46
C8 FAD DA . 8.28 -8.42 40.43
C8M FAD DA . 7.26 -8.75 41.48
C9 FAD DA . 9.52 -9.06 40.43
C9A FAD DA . 10.46 -8.75 39.47
N10 FAD DA . 11.69 -9.37 39.46
C10 FAD DA . 12.62 -9.05 38.48
C1' FAD DA . 12.15 -10.22 40.61
C2' FAD DA . 11.81 -11.69 40.35
O2' FAD DA . 10.41 -11.83 40.37
C3' FAD DA . 12.43 -12.58 41.42
O3' FAD DA . 13.83 -12.56 41.27
C4' FAD DA . 11.95 -14.03 41.30
O4' FAD DA . 10.56 -14.08 41.45
C5' FAD DA . 12.57 -14.92 42.37
O5' FAD DA . 11.88 -16.15 42.37
P FAD DA . 11.52 -16.95 43.73
O1P FAD DA . 11.44 -18.43 43.43
O2P FAD DA . 12.53 -16.67 44.82
O3P FAD DA . 10.06 -16.42 44.16
#